data_9BYK
#
_entry.id   9BYK
#
_cell.length_a   1.00
_cell.length_b   1.00
_cell.length_c   1.00
_cell.angle_alpha   90.00
_cell.angle_beta   90.00
_cell.angle_gamma   90.00
#
_symmetry.space_group_name_H-M   'P 1'
#
loop_
_entity.id
_entity.type
_entity.pdbx_description
1 polymer 'ATP synthase protein 8'
2 polymer 'ATP synthase subunit alpha'
3 polymer 'ATP synthase subunit beta'
4 polymer 'ATP synthase subunit gamma'
5 polymer 'ATP synthase F1 subunit delta'
6 polymer 'ATP synthase F1 subunit epsilon'
7 polymer 'ATPase inhibitor, mitochondrial'
8 polymer 'ATP synthase lipid-binding protein'
9 polymer 'ATP synthase subunit O, mitochondrial'
10 polymer 'ATP synthase subunit'
11 polymer 'ATP synthase subunit a'
12 polymer 'ATP synthase subunit b'
13 polymer 'ATP synthase-coupling factor 6, mitochondrial'
14 polymer 'ATP synthase subunit d, mitochondrial'
15 polymer 'ATP synthase subunit e, mitochondrial'
16 polymer 'ATP synthase membrane subunit K, mitochondrial'
17 polymer 'unkown protein'
18 polymer 'ATP synthase subunit f, mitochondrial'
19 non-polymer "ADENOSINE-5'-TRIPHOSPHATE"
20 non-polymer 'MAGNESIUM ION'
21 non-polymer "ADENOSINE-5'-DIPHOSPHATE"
#
loop_
_entity_poly.entity_id
_entity_poly.type
_entity_poly.pdbx_seq_one_letter_code
_entity_poly.pdbx_strand_id
1 'polypeptide(L)' MPQLDTSTWFITITSMIMTLFILFQLKISNYSYPASPESIELKTQKHSTPWEMKWTKIYLPLLLPPR 8
2 'polypeptide(L)'
;MISGPLKIMTADLLKGMVSKNALGSSFVAARNLHASNTRLQKTTTAEVSSILEERILGADTSVDLEETGRVLSIGDGIAR
VHGLRNVQAEEMVEFSSGLKGMSLNLEPDNVGVVVFGNDKLIKEGDIVKRTGAIVDVPVGEELLGRVVDALGNAIDGKGP
IGSKTRRRVGLKAPGIIPRISVREPMQTGIKAVDSLVPIGRGQRELIIGDRQTGKTSIAIDTIINQKRFNDGTDEKKKLY
CIYVAIGQKRSTVAQLVKRLTDADAMKYTIVVSATASDAAPLQYLAPYSGCSMGEYFRDNGKHALIIYDDLSKQAVAYRQ
MSLLLRRPPGREAYPGDVFYLHSRLLERAAKMNDAFGGGSLTALPVIETQAGDVSAYIPTNVISITDGQIFLETELFYKG
IRPAINVGLSVSRVGSAAQTRAMKQVAGTMKLELAQYREVAAFAQFGSDLDAATQQLLSRGVRLTELLKQGQYAPMAIEE
QVAVIYAGVRGYLDKLEPSKITKFENAFLSHVISQHQALLGKIRADGKISEETDAKLKEIVTNFLAGFEA
;
A,C,B
3 'polypeptide(L)'
;MLRVISSKMIQRTCLLQSRPRPQLRGVGGQTAAALSLYPGSAMLGFVGRVASASASGALRGLSPSAPLPQAQLLLRAAPA
ALQPARDYATQPSPSPKAGAATGRIVAVIGAVVDVQFDEGLPPILNALEVQGRETRLVLEVAQHLGESTVRTIAMDGTEG
LVRGQKVLDSGAPIKIPVGPETLGRIMNVIGEPIDERGPIKTKQFAAIHAEAPEFMEMSVEQEILVTGIKVVDLLAPYAK
GGKIGLFGGAGVGKTVLIMELINNVAKAHGGYSVFAGVGERTREGNDLYHEMIESGVINLKDATSKVALVYGQMNEPPGA
RARVALTGLTVAEYFRDQEGQDVLLFIDNIFRFTQAGSEVSALLGRIPSAVGYQPTLATDMGTMQERITTTKKGSITSVQ
AIYVPADDLTDPAPATTFAHLDATTVLSRAIAELGIYPAVDPLDSTSRIMDPNIVGSEHYDVARGVQKILQDYKSLQDII
AILGMDELSEEDKLTVSRARKIQRFLSQPFQVAEVFTGHLGKLVPLKETIKGFQQILAGEYDHLPEQAFYMVGPIEEAVA
KADKLAEEHS
;
D,E,F
4 'polypeptide(L)'
;MATLKDITRRLKSIKNIQKITKSMKMVAAAKYARAERDLKPARVYGIGSLALYEKADIKVPEDKKKHLIIGVSSDRGLCG
AIHSSVAKQIKSEVANLTAAGKEVKIVGVGDKIRGILHRTHSDQFLVTFKEVGRKPPTFGDASVIALELLNSGYEFDEGS
IIFNRFRSVISYKTEEKPIFSLDTVASAESMSIYDDIDADVLRNYQEYSLANIIYYSLKESTTSEQSARMTAMDNASKNA
SEMIDKLTLTFNRTRQAVITKELIEIISGAAAL
;
G
5 'polypeptide(L)'
;MLPATLLRRSGLGRVVRQARAYAEAAAAPASAAGPGQMSFTFASPTQVFFNGANVRQVDVPTQTGAFGILASHVPTLQVL
RPGLVVVHAEDGTTSKYFVSSGSVTVNADSSVQLLAEEAVTLDMLDPGVAKANLEKAQSELLGAADEASRAEIQIRIEAN
EALVKALE
;
H
6 'polypeptide(L)'
;FPFNNCREQTNSLNCLGLQAAPRWTGAEGLRPLLPGLSLGTHPGLSRTSAACHGVGSPRPSWAARSEPTLTGPRDSTRRA
HSSDIMVAYWRQAGLSYIRYSQICAKAVRDALKAEFKANAEKTSGSNVKIVKVKKE
;
I
7 'polypeptide(L)'
;MAATALAVRSRIGAWSVWAMQSRGFSSDTPEGVRSGAGAVRDAGGAFGKKEQADEERYFRARAREQLAALKKHHENEISH
HVKEIERLQKEIERHKQSIKKLKNDDDD
;
J
8 'polypeptide(L)'
;MFACTKLACTPALIRAGSRVAYRPISASVLSRPEARPGEGSTVFNGAQNGVSQPIQREFQTSAVSRDIDTAAKFIGAGAA
TVGVAGSGAGIGTVFGSLIIGYARNPSLKQQLFSYAILGFALSEAMGLFCLMVAFLILFAM
;
K,L,M,N,O,P,Q,R
9 'polypeptide(L)'
;MASQAVSGLSRQVRCFSTSVVRPFAKLVRPPVQIYGIEGRYATALYSAASKQNKLEQVEKELLRVAQILKEPKVAASIMN
PYVKRSIKVKSLSDMTAKEKFSPLTSNLINLLAENGRLSSTPGVISAFSTMMSVHRGEVPCSVTTASPLDEATLTELKTV
LKSFLSKGQILKLEVKVDPSIMGGMIVRIGEKYVDMSAKTKIQKLSRAMREIF
;
S
10 'polypeptide(L)'
;MAQFVRNLAEKAPVLVNAAVTYSKPRLATFWHYAKVELVPPTPAEIPTAIQSLKKIVNSAQTGSFKQLTVKEALLNGLVA
TEVLMWFYVGEIIARAQHGIPTI
;
T
11 'polypeptide(L)'
;MNENLFASFIAPTMMGLPIVTLIIMFPSLLFPTPKRLINNRTISIQQWLIQLTSKQMMAIHNQKGQTWSLMLMSLIMFIG
STNILGLLPHSFTPTTQLSMNLGMAIPLWSATVFTGFRYKTKTSLAHFLPQGTPALLIPMLVIIETISLFIQPVALAVRL
TANITAGHLLIHLIGGATLALLNINTMTAFITFTILILLTILEFAVALIQAYVFTLLVSLYLHDNT
;
a
12 'polypeptide(L)'
;ICIIATYRVLQATRIFHTGQPSLAPVPPLPEHGGKVRLGLIPEEFFQFLYPKTGVTGPYVLGTGLILYLLSKEIYVITAE
TFSAISTIGVLVYIVKKYGASIGAFADKLNEQKIAQLEEVKQASIKQIQDAIDLEKSQQALVQKRHYLFDVQRNNIAMAL
EVTYRERLHRVYKEIKNRLDYHISVQNMMRQKEQEHMIRWVEKHVVQSISAQQEKETIAKCIADLKLLAKKAQAQPVL
;
b
13 'polypeptide(L)' NKELDPVQKLFVDKIREYRTKRQTSGGPVDAGPEYQQDLDRELFKLKQMYGKADMNTFPNFTFEDPKFEAVEKPQS c
14 'polypeptide(L)'
;FHDLKMAGRKLALKAIDWVAFGEIIPRNQKAIANSLKSWNETLSTRLAALPEKPPAIDWAYYKATVAKAGLVDDFEKKFN
ALKVPVPEDKYTALVDAEEQEDVKRCAEFLSLSKARIEAYEKELEKMKNIIPFDQMTIEDLNEVFPETKLDKKKYPYWPH
RPIESL
;
d
15 'polypeptide(L)' MVPPVQVSPLIKLGRYSALFLGVAYGAKRYNYLKPRAEEERRIAAEEKKKQDELKRIERELAEAQEDSILK e
16 'polypeptide(L)' MAGPETDAQFQFTGIKKYFNSYTLTGRMNCVLATYGGIALLVLYFKLRSKKTPAVKAT i
17 'polypeptide(L)'
;(UNK)(UNK)(UNK)(UNK)(UNK)(UNK)(UNK)(UNK)(UNK)(UNK)(UNK)(UNK)(UNK)(UNK)(UNK)(UNK)
(UNK)(UNK)(UNK)(UNK)(UNK)(UNK)(UNK)(UNK)(UNK)(UNK)
;
k
18 'polypeptide(L)'
;MASVVPLKDRRLLEVKLGELPSWILMRDFTPSGIAGAFQRGYYRYYNKYVNVKKGSVAGLSMVLAAYVVFNYCRSYKELK
HERLRKYH
;
f
#
loop_
_chem_comp.id
_chem_comp.type
_chem_comp.name
_chem_comp.formula
ADP non-polymer ADENOSINE-5'-DIPHOSPHATE 'C10 H15 N5 O10 P2'
ATP non-polymer ADENOSINE-5'-TRIPHOSPHATE 'C10 H16 N5 O13 P3'
MG non-polymer 'MAGNESIUM ION' 'Mg 2'
#
# COMPACT_ATOMS: atom_id res chain seq x y z
N ASP A 5 -99.55 30.09 -25.39
CA ASP A 5 -98.52 29.92 -24.37
C ASP A 5 -97.98 28.50 -24.38
N THR A 6 -98.79 27.55 -23.91
CA THR A 6 -98.39 26.15 -23.92
C THR A 6 -98.18 25.67 -25.35
N SER A 7 -97.17 24.82 -25.53
CA SER A 7 -96.80 24.38 -26.86
C SER A 7 -97.82 23.38 -27.40
N THR A 8 -98.30 23.64 -28.62
CA THR A 8 -99.24 22.76 -29.30
C THR A 8 -98.78 22.56 -30.75
N TRP A 9 -99.64 21.98 -31.59
CA TRP A 9 -99.47 22.00 -33.04
C TRP A 9 -98.25 21.18 -33.47
N PHE A 10 -97.05 21.71 -33.25
CA PHE A 10 -95.79 21.03 -33.56
C PHE A 10 -95.72 20.59 -35.02
N ILE A 11 -95.70 21.58 -35.92
CA ILE A 11 -95.62 21.24 -37.34
C ILE A 11 -94.37 21.80 -38.00
N THR A 12 -94.25 23.13 -38.06
CA THR A 12 -93.14 23.74 -38.79
C THR A 12 -91.96 24.09 -37.91
N ILE A 13 -92.13 24.11 -36.59
CA ILE A 13 -91.00 24.38 -35.70
C ILE A 13 -89.97 23.25 -35.81
N THR A 14 -90.44 22.00 -35.85
CA THR A 14 -89.55 20.85 -35.94
C THR A 14 -89.05 20.58 -37.34
N SER A 15 -89.50 21.35 -38.34
CA SER A 15 -89.05 21.16 -39.71
C SER A 15 -87.90 22.07 -40.10
N MET A 16 -87.89 23.31 -39.61
CA MET A 16 -86.81 24.24 -39.97
C MET A 16 -85.52 23.87 -39.26
N ILE A 17 -85.59 23.12 -38.16
CA ILE A 17 -84.40 22.81 -37.39
C ILE A 17 -83.48 21.88 -38.17
N MET A 18 -84.04 20.98 -38.99
CA MET A 18 -83.20 20.12 -39.82
C MET A 18 -82.42 20.93 -40.86
N THR A 19 -83.10 21.89 -41.50
CA THR A 19 -82.42 22.76 -42.45
C THR A 19 -81.35 23.60 -41.75
N LEU A 20 -81.65 24.07 -40.54
CA LEU A 20 -80.65 24.81 -39.78
C LEU A 20 -79.49 23.93 -39.36
N PHE A 21 -79.76 22.65 -39.08
CA PHE A 21 -78.68 21.70 -38.80
C PHE A 21 -77.77 21.54 -40.01
N ILE A 22 -78.37 21.41 -41.19
CA ILE A 22 -77.59 21.32 -42.41
C ILE A 22 -76.73 22.56 -42.59
N LEU A 23 -77.33 23.73 -42.40
CA LEU A 23 -76.60 24.99 -42.56
C LEU A 23 -75.46 25.09 -41.55
N PHE A 24 -75.72 24.75 -40.29
CA PHE A 24 -74.72 24.87 -39.24
C PHE A 24 -73.56 23.90 -39.47
N GLN A 25 -73.86 22.66 -39.84
CA GLN A 25 -72.77 21.71 -40.07
C GLN A 25 -71.97 22.08 -41.31
N LEU A 26 -72.63 22.56 -42.36
CA LEU A 26 -71.90 23.05 -43.53
C LEU A 26 -70.99 24.22 -43.15
N LYS A 27 -71.49 25.13 -42.30
CA LYS A 27 -70.72 26.30 -41.91
C LYS A 27 -69.51 25.90 -41.05
N ILE A 28 -69.72 25.00 -40.09
CA ILE A 28 -68.65 24.64 -39.17
C ILE A 28 -67.65 23.67 -39.82
N SER A 29 -68.06 22.96 -40.88
CA SER A 29 -67.10 22.14 -41.61
C SER A 29 -65.97 22.99 -42.18
N ASN A 30 -66.29 24.23 -42.57
CA ASN A 30 -65.25 25.14 -43.03
C ASN A 30 -64.32 25.55 -41.90
N TYR A 31 -64.84 25.63 -40.67
CA TYR A 31 -63.98 25.89 -39.52
C TYR A 31 -62.98 24.76 -39.32
N SER A 32 -61.74 25.12 -39.04
CA SER A 32 -60.68 24.14 -38.83
C SER A 32 -59.71 24.67 -37.79
N TYR A 33 -59.04 23.75 -37.10
CA TYR A 33 -58.07 24.10 -36.08
C TYR A 33 -56.70 24.34 -36.68
N GLU B 47 54.51 -19.17 -53.38
CA GLU B 47 54.46 -17.84 -52.78
C GLU B 47 54.68 -17.90 -51.28
N VAL B 48 54.04 -18.88 -50.63
CA VAL B 48 54.09 -18.99 -49.17
C VAL B 48 55.52 -19.19 -48.69
N SER B 49 56.25 -20.11 -49.35
CA SER B 49 57.64 -20.32 -48.98
C SER B 49 58.48 -19.07 -49.26
N SER B 50 58.23 -18.42 -50.39
CA SER B 50 58.99 -17.22 -50.74
C SER B 50 58.76 -16.11 -49.73
N ILE B 51 57.48 -15.88 -49.36
CA ILE B 51 57.20 -14.82 -48.39
C ILE B 51 57.74 -15.19 -47.01
N LEU B 52 57.70 -16.47 -46.65
CA LEU B 52 58.28 -16.89 -45.38
C LEU B 52 59.77 -16.61 -45.34
N GLU B 53 60.48 -16.94 -46.42
CA GLU B 53 61.91 -16.67 -46.47
C GLU B 53 62.19 -15.17 -46.48
N GLU B 54 61.34 -14.39 -47.15
CA GLU B 54 61.48 -12.94 -47.12
C GLU B 54 61.32 -12.40 -45.70
N ARG B 55 60.33 -12.92 -44.96
CA ARG B 55 60.15 -12.51 -43.57
C ARG B 55 61.38 -12.85 -42.73
N ILE B 56 61.90 -14.07 -42.89
CA ILE B 56 62.99 -14.50 -42.03
C ILE B 56 64.28 -13.74 -42.37
N LEU B 57 64.49 -13.39 -43.64
CA LEU B 57 65.65 -12.58 -43.98
C LEU B 57 65.45 -11.14 -43.52
N GLY B 58 64.21 -10.66 -43.48
CA GLY B 58 63.95 -9.34 -42.95
C GLY B 58 64.24 -9.24 -41.47
N ALA B 59 63.95 -10.30 -40.72
CA ALA B 59 64.24 -10.32 -39.30
C ALA B 59 65.74 -10.42 -39.06
N ASP B 60 66.26 -9.56 -38.18
CA ASP B 60 67.67 -9.50 -37.87
C ASP B 60 67.90 -10.01 -36.45
N THR B 61 68.80 -10.98 -36.31
CA THR B 61 69.08 -11.60 -35.01
C THR B 61 70.20 -10.85 -34.29
N SER B 62 69.88 -9.63 -33.87
CA SER B 62 70.85 -8.81 -33.15
C SER B 62 71.00 -9.28 -31.71
N VAL B 63 72.19 -9.05 -31.15
CA VAL B 63 72.48 -9.35 -29.75
C VAL B 63 73.11 -8.12 -29.11
N ASP B 64 72.95 -8.00 -27.80
CA ASP B 64 73.42 -6.82 -27.08
C ASP B 64 73.47 -7.14 -25.60
N LEU B 65 74.07 -6.23 -24.83
CA LEU B 65 74.10 -6.34 -23.39
C LEU B 65 72.68 -6.23 -22.82
N GLU B 66 72.53 -6.67 -21.57
CA GLU B 66 71.24 -6.59 -20.90
C GLU B 66 71.49 -6.49 -19.40
N GLU B 67 70.40 -6.40 -18.65
CA GLU B 67 70.42 -6.50 -17.19
C GLU B 67 69.58 -7.71 -16.82
N THR B 68 70.17 -8.64 -16.07
CA THR B 68 69.55 -9.94 -15.85
C THR B 68 69.57 -10.31 -14.37
N GLY B 69 68.66 -11.19 -14.00
CA GLY B 69 68.60 -11.69 -12.64
C GLY B 69 68.03 -13.09 -12.62
N ARG B 70 68.25 -13.78 -11.49
CA ARG B 70 67.82 -15.16 -11.32
C ARG B 70 66.55 -15.22 -10.49
N VAL B 71 65.74 -16.24 -10.75
CA VAL B 71 64.48 -16.44 -10.04
C VAL B 71 64.77 -17.20 -8.75
N LEU B 72 64.67 -16.52 -7.62
CA LEU B 72 64.86 -17.19 -6.33
C LEU B 72 63.70 -18.15 -6.04
N SER B 73 62.47 -17.69 -6.22
CA SER B 73 61.31 -18.49 -5.90
C SER B 73 60.15 -18.06 -6.80
N ILE B 74 59.50 -19.04 -7.43
CA ILE B 74 58.37 -18.79 -8.32
C ILE B 74 57.17 -19.57 -7.80
N GLY B 75 56.04 -18.88 -7.67
CA GLY B 75 54.84 -19.51 -7.19
C GLY B 75 53.60 -18.64 -7.30
N ASP B 76 52.50 -19.22 -7.78
CA ASP B 76 51.23 -18.52 -7.90
C ASP B 76 51.35 -17.29 -8.80
N GLY B 77 52.17 -17.40 -9.85
CA GLY B 77 52.34 -16.31 -10.77
C GLY B 77 53.22 -15.18 -10.26
N ILE B 78 53.87 -15.35 -9.12
CA ILE B 78 54.75 -14.35 -8.55
C ILE B 78 56.15 -14.93 -8.49
N ALA B 79 57.10 -14.24 -9.10
CA ALA B 79 58.50 -14.68 -9.15
C ALA B 79 59.35 -13.70 -8.35
N ARG B 80 60.10 -14.23 -7.39
CA ARG B 80 61.07 -13.44 -6.64
C ARG B 80 62.41 -13.52 -7.35
N VAL B 81 62.89 -12.39 -7.87
CA VAL B 81 64.07 -12.36 -8.71
C VAL B 81 65.22 -11.73 -7.94
N HIS B 82 66.34 -12.45 -7.88
CA HIS B 82 67.58 -11.91 -7.33
C HIS B 82 68.31 -11.11 -8.39
N GLY B 83 68.97 -10.04 -7.96
CA GLY B 83 69.70 -9.21 -8.90
C GLY B 83 68.81 -8.14 -9.51
N LEU B 84 69.06 -7.79 -10.76
CA LEU B 84 68.31 -6.75 -11.46
C LEU B 84 68.32 -5.45 -10.67
N ARG B 85 69.52 -4.91 -10.47
CA ARG B 85 69.66 -3.72 -9.63
C ARG B 85 69.01 -2.51 -10.28
N ASN B 86 69.22 -2.32 -11.58
CA ASN B 86 68.76 -1.09 -12.25
C ASN B 86 67.42 -1.31 -12.96
N VAL B 87 66.43 -1.72 -12.17
CA VAL B 87 65.07 -1.92 -12.67
C VAL B 87 64.18 -0.82 -12.13
N GLN B 88 63.41 -0.20 -13.02
CA GLN B 88 62.42 0.78 -12.60
C GLN B 88 61.19 0.08 -12.04
N ALA B 89 60.48 0.77 -11.17
CA ALA B 89 59.21 0.26 -10.68
C ALA B 89 58.19 0.22 -11.81
N GLU B 90 57.38 -0.84 -11.85
CA GLU B 90 56.37 -1.03 -12.88
C GLU B 90 57.01 -1.04 -14.27
N GLU B 91 58.08 -1.81 -14.41
CA GLU B 91 58.83 -1.92 -15.65
C GLU B 91 58.70 -3.33 -16.22
N MET B 92 58.47 -3.41 -17.52
CA MET B 92 58.33 -4.71 -18.17
C MET B 92 59.66 -5.44 -18.21
N VAL B 93 59.66 -6.70 -17.79
CA VAL B 93 60.83 -7.58 -17.87
C VAL B 93 60.38 -8.91 -18.46
N GLU B 94 61.26 -9.54 -19.24
CA GLU B 94 60.95 -10.79 -19.90
C GLU B 94 61.80 -11.92 -19.32
N PHE B 95 61.18 -13.08 -19.15
CA PHE B 95 61.86 -14.25 -18.61
C PHE B 95 62.58 -15.01 -19.72
N SER B 96 63.34 -16.03 -19.31
CA SER B 96 64.03 -16.87 -20.28
C SER B 96 63.05 -17.64 -21.15
N SER B 97 61.96 -18.12 -20.56
CA SER B 97 60.97 -18.91 -21.29
C SER B 97 60.22 -18.11 -22.34
N GLY B 98 60.33 -16.78 -22.33
CA GLY B 98 59.63 -15.93 -23.26
C GLY B 98 58.47 -15.17 -22.65
N LEU B 99 58.02 -15.57 -21.47
CA LEU B 99 56.96 -14.85 -20.78
C LEU B 99 57.45 -13.48 -20.34
N LYS B 100 56.57 -12.49 -20.44
CA LYS B 100 56.89 -11.15 -19.97
C LYS B 100 56.42 -10.98 -18.54
N GLY B 101 56.83 -9.87 -17.92
CA GLY B 101 56.50 -9.62 -16.54
C GLY B 101 56.60 -8.15 -16.20
N MET B 102 56.08 -7.81 -15.02
CA MET B 102 56.05 -6.43 -14.55
C MET B 102 56.64 -6.39 -13.15
N SER B 103 57.75 -5.65 -13.00
CA SER B 103 58.43 -5.56 -11.71
C SER B 103 57.69 -4.55 -10.83
N LEU B 104 56.90 -5.05 -9.90
CA LEU B 104 56.11 -4.21 -9.01
C LEU B 104 56.82 -3.92 -7.69
N ASN B 105 57.19 -4.96 -6.95
CA ASN B 105 57.83 -4.79 -5.65
C ASN B 105 59.34 -4.77 -5.84
N LEU B 106 59.96 -3.62 -5.55
CA LEU B 106 61.41 -3.48 -5.62
C LEU B 106 62.01 -3.58 -4.22
N GLU B 107 61.85 -4.77 -3.62
CA GLU B 107 62.39 -5.00 -2.29
C GLU B 107 63.91 -5.02 -2.35
N PRO B 108 64.57 -4.79 -1.21
CA PRO B 108 66.05 -4.75 -1.22
C PRO B 108 66.68 -6.04 -1.70
N ASP B 109 66.31 -7.18 -1.12
CA ASP B 109 66.97 -8.43 -1.46
C ASP B 109 66.53 -8.94 -2.83
N ASN B 110 65.26 -8.79 -3.17
CA ASN B 110 64.74 -9.34 -4.41
C ASN B 110 63.73 -8.36 -5.01
N VAL B 111 63.46 -8.54 -6.30
CA VAL B 111 62.45 -7.76 -7.01
C VAL B 111 61.29 -8.68 -7.33
N GLY B 112 60.11 -8.34 -6.81
CA GLY B 112 58.93 -9.13 -7.07
C GLY B 112 58.28 -8.78 -8.40
N VAL B 113 58.17 -9.75 -9.30
CA VAL B 113 57.65 -9.53 -10.63
C VAL B 113 56.45 -10.45 -10.85
N VAL B 114 55.38 -9.89 -11.41
CA VAL B 114 54.19 -10.64 -11.77
C VAL B 114 54.42 -11.25 -13.15
N VAL B 115 53.82 -12.41 -13.39
CA VAL B 115 54.06 -13.16 -14.62
C VAL B 115 52.87 -13.01 -15.55
N PHE B 116 53.15 -12.68 -16.81
CA PHE B 116 52.11 -12.58 -17.84
C PHE B 116 51.83 -13.93 -18.47
N GLY B 117 51.54 -14.93 -17.66
CA GLY B 117 51.24 -16.24 -18.20
C GLY B 117 51.25 -17.29 -17.10
N ASN B 118 51.24 -18.54 -17.55
CA ASN B 118 51.30 -19.67 -16.62
C ASN B 118 52.67 -19.73 -15.95
N ASP B 119 52.66 -20.01 -14.66
CA ASP B 119 53.88 -20.03 -13.86
C ASP B 119 54.68 -21.32 -14.01
N LYS B 120 54.14 -22.34 -14.70
CA LYS B 120 54.86 -23.59 -14.85
C LYS B 120 56.10 -23.44 -15.73
N LEU B 121 56.14 -22.42 -16.59
CA LEU B 121 57.27 -22.22 -17.49
C LEU B 121 58.42 -21.46 -16.84
N ILE B 122 58.27 -21.05 -15.58
CA ILE B 122 59.31 -20.33 -14.85
C ILE B 122 59.84 -21.25 -13.78
N LYS B 123 61.14 -21.53 -13.83
CA LYS B 123 61.79 -22.39 -12.87
C LYS B 123 62.76 -21.58 -12.01
N GLU B 124 63.10 -22.13 -10.84
CA GLU B 124 64.06 -21.49 -9.96
C GLU B 124 65.42 -21.44 -10.64
N GLY B 125 66.01 -20.24 -10.70
CA GLY B 125 67.28 -20.05 -11.35
C GLY B 125 67.20 -19.53 -12.77
N ASP B 126 66.00 -19.41 -13.33
CA ASP B 126 65.87 -18.90 -14.69
C ASP B 126 66.28 -17.43 -14.75
N ILE B 127 66.72 -17.01 -15.94
CA ILE B 127 67.28 -15.68 -16.13
C ILE B 127 66.17 -14.74 -16.57
N VAL B 128 66.07 -13.60 -15.88
CA VAL B 128 65.06 -12.59 -16.16
C VAL B 128 65.75 -11.38 -16.77
N LYS B 129 65.59 -11.18 -18.07
CA LYS B 129 66.19 -10.04 -18.73
C LYS B 129 65.38 -8.78 -18.46
N ARG B 130 66.00 -7.63 -18.71
CA ARG B 130 65.38 -6.33 -18.49
C ARG B 130 65.10 -5.68 -19.83
N THR B 131 63.83 -5.37 -20.08
CA THR B 131 63.47 -4.70 -21.32
C THR B 131 63.91 -3.24 -21.31
N GLY B 132 63.83 -2.59 -20.15
CA GLY B 132 64.27 -1.22 -20.01
C GLY B 132 63.20 -0.16 -20.21
N ALA B 133 61.93 -0.55 -20.31
CA ALA B 133 60.86 0.41 -20.54
C ALA B 133 59.63 0.03 -19.74
N ILE B 134 58.89 1.04 -19.31
CA ILE B 134 57.60 0.82 -18.66
C ILE B 134 56.63 0.23 -19.66
N VAL B 135 55.69 -0.57 -19.16
CA VAL B 135 54.74 -1.28 -20.03
C VAL B 135 54.00 -0.28 -20.91
N ASP B 136 53.93 -0.59 -22.20
CA ASP B 136 53.26 0.26 -23.18
C ASP B 136 52.56 -0.63 -24.19
N VAL B 137 51.54 -0.07 -24.84
CA VAL B 137 50.70 -0.85 -25.74
C VAL B 137 50.65 -0.16 -27.11
N PRO B 138 50.52 -0.92 -28.20
CA PRO B 138 50.37 -0.28 -29.51
C PRO B 138 49.09 0.55 -29.56
N VAL B 139 49.15 1.67 -30.28
CA VAL B 139 48.05 2.62 -30.32
C VAL B 139 47.91 3.17 -31.72
N GLY B 140 46.71 3.66 -32.04
CA GLY B 140 46.44 4.26 -33.32
C GLY B 140 45.15 3.82 -33.96
N GLU B 141 44.90 4.29 -35.18
CA GLU B 141 43.70 3.89 -35.92
C GLU B 141 43.75 2.44 -36.37
N GLU B 142 44.95 1.84 -36.38
CA GLU B 142 45.09 0.47 -36.88
C GLU B 142 44.42 -0.55 -35.96
N LEU B 143 44.19 -0.21 -34.70
CA LEU B 143 43.56 -1.14 -33.77
C LEU B 143 42.07 -1.30 -34.05
N LEU B 144 41.46 -0.37 -34.79
CA LEU B 144 40.03 -0.46 -35.06
C LEU B 144 39.72 -1.72 -35.86
N GLY B 145 38.67 -2.42 -35.45
CA GLY B 145 38.28 -3.66 -36.10
C GLY B 145 39.07 -4.88 -35.66
N ARG B 146 39.90 -4.75 -34.63
CA ARG B 146 40.77 -5.82 -34.19
C ARG B 146 40.47 -6.19 -32.75
N VAL B 147 40.61 -7.47 -32.42
CA VAL B 147 40.53 -7.95 -31.05
C VAL B 147 41.95 -8.19 -30.56
N VAL B 148 42.34 -7.51 -29.49
CA VAL B 148 43.70 -7.58 -28.98
C VAL B 148 43.67 -7.94 -27.50
N ASP B 149 44.79 -8.49 -27.03
CA ASP B 149 44.93 -8.86 -25.63
C ASP B 149 45.28 -7.61 -24.81
N ALA B 150 45.67 -7.82 -23.55
CA ALA B 150 46.01 -6.69 -22.69
C ALA B 150 47.25 -5.95 -23.18
N LEU B 151 48.14 -6.64 -23.89
CA LEU B 151 49.37 -6.03 -24.38
C LEU B 151 49.27 -5.54 -25.82
N GLY B 152 48.10 -5.62 -26.44
CA GLY B 152 47.90 -5.16 -27.79
C GLY B 152 48.17 -6.20 -28.86
N ASN B 153 48.65 -7.39 -28.49
CA ASN B 153 48.87 -8.44 -29.48
C ASN B 153 47.54 -8.91 -30.05
N ALA B 154 47.52 -9.07 -31.37
CA ALA B 154 46.29 -9.48 -32.04
C ALA B 154 45.95 -10.92 -31.71
N ILE B 155 44.71 -11.16 -31.31
CA ILE B 155 44.21 -12.50 -31.04
C ILE B 155 43.06 -12.90 -31.94
N ASP B 156 42.69 -12.06 -32.90
CA ASP B 156 41.67 -12.38 -33.88
C ASP B 156 42.22 -13.10 -35.11
N GLY B 157 43.53 -13.33 -35.15
CA GLY B 157 44.12 -14.03 -36.28
C GLY B 157 43.99 -13.31 -37.60
N LYS B 158 44.02 -11.98 -37.59
CA LYS B 158 43.90 -11.19 -38.81
C LYS B 158 45.20 -10.47 -39.16
N GLY B 159 46.34 -10.99 -38.70
CA GLY B 159 47.62 -10.40 -39.02
C GLY B 159 48.08 -9.44 -37.96
N PRO B 160 49.34 -9.01 -38.04
CA PRO B 160 49.88 -8.08 -37.05
C PRO B 160 49.23 -6.71 -37.15
N ILE B 161 49.20 -6.02 -36.01
CA ILE B 161 48.69 -4.66 -35.98
C ILE B 161 49.70 -3.72 -36.62
N GLY B 162 49.25 -2.92 -37.57
CA GLY B 162 50.13 -1.97 -38.24
C GLY B 162 50.35 -0.70 -37.45
N SER B 163 50.40 -0.82 -36.13
CA SER B 163 50.54 0.35 -35.27
C SER B 163 51.89 1.02 -35.48
N LYS B 164 51.86 2.34 -35.65
CA LYS B 164 53.06 3.14 -35.82
C LYS B 164 53.49 3.86 -34.56
N THR B 165 52.64 3.89 -33.54
CA THR B 165 52.93 4.63 -32.31
C THR B 165 52.77 3.71 -31.10
N ARG B 166 53.55 3.99 -30.06
CA ARG B 166 53.57 3.20 -28.85
C ARG B 166 53.35 4.14 -27.67
N ARG B 167 52.33 3.83 -26.85
CA ARG B 167 51.93 4.70 -25.76
C ARG B 167 51.88 3.91 -24.45
N ARG B 168 52.32 4.54 -23.37
CA ARG B 168 52.35 3.88 -22.07
C ARG B 168 50.94 3.70 -21.52
N VAL B 169 50.86 2.95 -20.41
CA VAL B 169 49.57 2.65 -19.79
C VAL B 169 49.37 3.38 -18.47
N GLY B 170 50.40 4.06 -17.96
CA GLY B 170 50.28 4.70 -16.66
C GLY B 170 50.47 6.20 -16.72
N LEU B 171 50.14 6.81 -17.85
CA LEU B 171 50.27 8.26 -17.99
C LEU B 171 49.24 8.97 -17.13
N LYS B 172 49.65 10.12 -16.59
CA LYS B 172 48.76 10.90 -15.72
C LYS B 172 47.59 11.47 -16.52
N ALA B 173 46.47 11.63 -15.83
CA ALA B 173 45.30 12.25 -16.43
C ALA B 173 45.54 13.75 -16.62
N PRO B 174 44.83 14.36 -17.57
CA PRO B 174 44.95 15.82 -17.73
C PRO B 174 44.48 16.56 -16.49
N GLY B 175 45.11 17.70 -16.24
CA GLY B 175 44.83 18.48 -15.05
C GLY B 175 43.55 19.29 -15.17
N ILE B 176 43.39 20.20 -14.22
CA ILE B 176 42.19 21.04 -14.18
C ILE B 176 42.13 21.93 -15.41
N ILE B 177 43.25 22.58 -15.75
CA ILE B 177 43.26 23.56 -16.82
C ILE B 177 42.90 22.95 -18.18
N PRO B 178 43.53 21.86 -18.63
CA PRO B 178 43.24 21.37 -19.99
C PRO B 178 41.80 20.96 -20.21
N ARG B 179 41.05 20.60 -19.17
CA ARG B 179 39.71 20.11 -19.36
C ARG B 179 38.72 21.26 -19.56
N ILE B 180 37.54 20.91 -20.07
CA ILE B 180 36.45 21.84 -20.27
C ILE B 180 35.16 21.15 -19.83
N SER B 181 34.13 21.96 -19.57
CA SER B 181 32.86 21.41 -19.12
C SER B 181 32.20 20.59 -20.23
N VAL B 182 31.62 19.47 -19.84
CA VAL B 182 31.01 18.55 -20.80
C VAL B 182 29.71 19.15 -21.31
N ARG B 183 29.59 19.29 -22.62
CA ARG B 183 28.38 19.83 -23.23
C ARG B 183 27.84 18.94 -24.34
N GLU B 184 28.71 18.31 -25.12
CA GLU B 184 28.26 17.54 -26.27
C GLU B 184 27.61 16.24 -25.80
N PRO B 185 26.44 15.88 -26.31
CA PRO B 185 25.79 14.64 -25.90
C PRO B 185 26.53 13.42 -26.42
N MET B 186 26.37 12.31 -25.70
CA MET B 186 26.87 11.00 -26.12
C MET B 186 25.66 10.09 -26.22
N GLN B 187 25.05 10.05 -27.40
CA GLN B 187 23.78 9.34 -27.57
C GLN B 187 23.99 7.84 -27.43
N THR B 188 23.39 7.26 -26.39
CA THR B 188 23.48 5.82 -26.16
C THR B 188 22.44 5.02 -26.96
N GLY B 189 21.43 5.69 -27.53
CA GLY B 189 20.39 5.01 -28.26
C GLY B 189 19.26 4.47 -27.41
N ILE B 190 19.37 4.55 -26.09
CA ILE B 190 18.31 4.10 -25.19
C ILE B 190 17.50 5.30 -24.75
N LYS B 191 16.17 5.19 -24.85
CA LYS B 191 15.31 6.30 -24.47
C LYS B 191 15.49 6.68 -23.01
N ALA B 192 15.57 5.68 -22.14
CA ALA B 192 15.71 5.96 -20.71
C ALA B 192 17.01 6.69 -20.41
N VAL B 193 18.11 6.25 -21.01
CA VAL B 193 19.40 6.89 -20.76
C VAL B 193 19.44 8.29 -21.34
N ASP B 194 19.16 8.41 -22.64
CA ASP B 194 19.25 9.71 -23.30
C ASP B 194 18.19 10.68 -22.79
N SER B 195 17.17 10.20 -22.09
CA SER B 195 16.13 11.07 -21.56
C SER B 195 16.40 11.48 -20.11
N LEU B 196 16.53 10.50 -19.22
CA LEU B 196 16.58 10.78 -17.79
C LEU B 196 17.98 10.74 -17.19
N VAL B 197 18.89 9.98 -17.79
CA VAL B 197 20.26 9.89 -17.28
C VAL B 197 21.22 10.19 -18.42
N PRO B 198 21.27 11.42 -18.91
CA PRO B 198 22.09 11.71 -20.09
C PRO B 198 23.58 11.58 -19.79
N ILE B 199 24.33 11.25 -20.85
CA ILE B 199 25.77 11.07 -20.77
C ILE B 199 26.43 11.98 -21.78
N GLY B 200 27.39 12.78 -21.32
CA GLY B 200 28.14 13.66 -22.18
C GLY B 200 29.49 13.06 -22.56
N ARG B 201 30.14 13.71 -23.52
CA ARG B 201 31.45 13.27 -23.97
C ARG B 201 32.52 13.81 -23.04
N GLY B 202 33.20 12.93 -22.33
CA GLY B 202 34.13 13.30 -21.29
C GLY B 202 33.65 13.01 -19.88
N GLN B 203 32.58 12.26 -19.72
CA GLN B 203 31.97 11.99 -18.42
C GLN B 203 32.07 10.52 -18.08
N ARG B 204 32.44 10.24 -16.83
CA ARG B 204 32.51 8.87 -16.33
C ARG B 204 31.14 8.50 -15.78
N GLU B 205 30.39 7.73 -16.56
CA GLU B 205 29.07 7.25 -16.16
C GLU B 205 29.15 5.77 -15.84
N LEU B 206 28.62 5.39 -14.69
CA LEU B 206 28.74 4.02 -14.18
C LEU B 206 27.52 3.22 -14.63
N ILE B 207 27.75 1.97 -15.00
CA ILE B 207 26.65 1.04 -15.30
C ILE B 207 26.71 -0.02 -14.20
N ILE B 208 25.93 0.19 -13.14
CA ILE B 208 26.01 -0.60 -11.93
C ILE B 208 24.72 -1.41 -11.78
N GLY B 209 24.86 -2.62 -11.26
CA GLY B 209 23.72 -3.49 -11.06
C GLY B 209 24.19 -4.90 -10.82
N ASP B 210 23.22 -5.74 -10.44
CA ASP B 210 23.51 -7.15 -10.19
C ASP B 210 23.76 -7.88 -11.50
N ARG B 211 24.12 -9.16 -11.39
CA ARG B 211 24.39 -9.95 -12.58
C ARG B 211 23.09 -10.28 -13.30
N GLN B 212 23.20 -10.45 -14.63
CA GLN B 212 22.06 -10.75 -15.49
C GLN B 212 20.98 -9.67 -15.38
N THR B 213 21.38 -8.43 -15.61
CA THR B 213 20.45 -7.31 -15.56
C THR B 213 20.48 -6.44 -16.81
N GLY B 214 21.47 -6.57 -17.67
CA GLY B 214 21.54 -5.82 -18.90
C GLY B 214 22.64 -4.79 -19.01
N LYS B 215 23.67 -4.86 -18.17
CA LYS B 215 24.77 -3.91 -18.26
C LYS B 215 25.53 -4.07 -19.57
N THR B 216 25.92 -5.31 -19.90
CA THR B 216 26.62 -5.56 -21.14
C THR B 216 25.74 -5.22 -22.34
N SER B 217 24.43 -5.47 -22.23
CA SER B 217 23.53 -5.10 -23.31
C SER B 217 23.49 -3.57 -23.50
N ILE B 218 23.47 -2.83 -22.39
CA ILE B 218 23.48 -1.37 -22.49
C ILE B 218 24.76 -0.89 -23.16
N ALA B 219 25.90 -1.43 -22.75
CA ALA B 219 27.17 -1.03 -23.36
C ALA B 219 27.20 -1.38 -24.84
N ILE B 220 26.72 -2.56 -25.20
CA ILE B 220 26.81 -3.01 -26.59
C ILE B 220 25.85 -2.22 -27.47
N ASP B 221 24.68 -1.83 -26.96
CA ASP B 221 23.79 -1.02 -27.79
C ASP B 221 24.28 0.42 -27.88
N THR B 222 24.97 0.91 -26.83
CA THR B 222 25.65 2.19 -26.96
C THR B 222 26.71 2.15 -28.04
N ILE B 223 27.47 1.04 -28.11
CA ILE B 223 28.46 0.88 -29.17
C ILE B 223 27.77 0.83 -30.53
N ILE B 224 26.67 0.08 -30.64
CA ILE B 224 25.98 -0.06 -31.92
C ILE B 224 25.39 1.27 -32.37
N ASN B 225 24.84 2.05 -31.44
CA ASN B 225 24.15 3.28 -31.81
C ASN B 225 25.08 4.26 -32.52
N GLN B 226 26.36 4.27 -32.17
CA GLN B 226 27.28 5.24 -32.75
C GLN B 226 27.55 4.99 -34.23
N LYS B 227 26.93 3.97 -34.83
CA LYS B 227 27.14 3.70 -36.25
C LYS B 227 26.63 4.86 -37.10
N ARG B 228 25.48 5.44 -36.73
CA ARG B 228 24.86 6.48 -37.55
C ARG B 228 25.73 7.72 -37.64
N PHE B 229 26.61 7.94 -36.66
CA PHE B 229 27.50 9.09 -36.69
C PHE B 229 28.82 8.77 -37.39
N ASN B 230 29.36 7.57 -37.18
CA ASN B 230 30.67 7.23 -37.73
C ASN B 230 30.65 7.14 -39.24
N ASP B 231 29.68 6.43 -39.81
CA ASP B 231 29.62 6.29 -41.27
C ASP B 231 29.13 7.55 -41.97
N GLY B 232 28.65 8.54 -41.23
CA GLY B 232 28.19 9.79 -41.79
C GLY B 232 29.33 10.68 -42.24
N THR B 233 29.09 11.99 -42.21
CA THR B 233 30.06 12.97 -42.67
C THR B 233 30.53 13.93 -41.57
N ASP B 234 29.67 14.24 -40.60
CA ASP B 234 30.05 15.16 -39.54
C ASP B 234 31.16 14.55 -38.68
N GLU B 235 32.35 15.15 -38.75
CA GLU B 235 33.50 14.60 -38.04
C GLU B 235 33.35 14.74 -36.53
N LYS B 236 32.83 15.88 -36.07
CA LYS B 236 32.77 16.13 -34.62
C LYS B 236 31.71 15.29 -33.92
N LYS B 237 31.02 14.41 -34.64
CA LYS B 237 30.04 13.52 -34.01
C LYS B 237 30.48 12.06 -33.98
N LYS B 238 31.50 11.69 -34.76
CA LYS B 238 31.97 10.31 -34.75
C LYS B 238 32.52 9.94 -33.38
N LEU B 239 32.23 8.71 -32.95
CA LEU B 239 32.67 8.21 -31.65
C LEU B 239 33.24 6.82 -31.83
N TYR B 240 34.52 6.67 -31.49
CA TYR B 240 35.20 5.38 -31.60
C TYR B 240 35.07 4.63 -30.28
N CYS B 241 34.41 3.49 -30.31
CA CYS B 241 34.15 2.70 -29.11
C CYS B 241 35.32 1.77 -28.83
N ILE B 242 35.60 1.57 -27.55
CA ILE B 242 36.64 0.64 -27.11
C ILE B 242 36.06 -0.19 -25.98
N TYR B 243 35.84 -1.48 -26.24
CA TYR B 243 35.24 -2.39 -25.28
C TYR B 243 36.34 -3.23 -24.66
N VAL B 244 36.51 -3.12 -23.34
CA VAL B 244 37.51 -3.90 -22.61
C VAL B 244 36.79 -4.97 -21.82
N ALA B 245 37.08 -6.23 -22.14
CA ALA B 245 36.47 -7.37 -21.47
C ALA B 245 37.44 -7.88 -20.40
N ILE B 246 36.97 -7.93 -19.16
CA ILE B 246 37.79 -8.34 -18.03
C ILE B 246 37.14 -9.55 -17.37
N GLY B 247 37.90 -10.63 -17.25
CA GLY B 247 37.43 -11.81 -16.54
C GLY B 247 36.17 -12.44 -17.13
N GLN B 248 36.10 -12.53 -18.45
CA GLN B 248 34.95 -13.12 -19.12
C GLN B 248 35.43 -14.22 -20.07
N LYS B 249 34.64 -15.28 -20.15
CA LYS B 249 35.04 -16.42 -20.97
C LYS B 249 35.13 -16.03 -22.44
N ARG B 250 36.06 -16.68 -23.14
CA ARG B 250 36.32 -16.34 -24.54
C ARG B 250 35.09 -16.53 -25.41
N SER B 251 34.21 -17.45 -25.04
CA SER B 251 32.97 -17.64 -25.81
C SER B 251 32.09 -16.40 -25.75
N THR B 252 31.99 -15.78 -24.57
CA THR B 252 31.20 -14.55 -24.46
C THR B 252 31.78 -13.43 -25.30
N VAL B 253 33.10 -13.28 -25.28
CA VAL B 253 33.74 -12.25 -26.08
C VAL B 253 33.53 -12.53 -27.56
N ALA B 254 33.59 -13.79 -27.97
CA ALA B 254 33.34 -14.14 -29.35
C ALA B 254 31.90 -13.83 -29.76
N GLN B 255 30.95 -14.11 -28.88
CA GLN B 255 29.56 -13.76 -29.15
C GLN B 255 29.40 -12.26 -29.30
N LEU B 256 30.05 -11.48 -28.43
CA LEU B 256 29.97 -10.03 -28.53
C LEU B 256 30.59 -9.52 -29.82
N VAL B 257 31.72 -10.09 -30.22
CA VAL B 257 32.38 -9.68 -31.46
C VAL B 257 31.50 -10.01 -32.66
N LYS B 258 30.87 -11.19 -32.65
CA LYS B 258 29.96 -11.54 -33.74
C LYS B 258 28.77 -10.59 -33.77
N ARG B 259 28.23 -10.24 -32.61
CA ARG B 259 27.12 -9.30 -32.55
C ARG B 259 27.51 -7.95 -33.14
N LEU B 260 28.71 -7.47 -32.80
CA LEU B 260 29.18 -6.21 -33.35
C LEU B 260 29.41 -6.31 -34.86
N THR B 261 29.98 -7.42 -35.32
CA THR B 261 30.28 -7.57 -36.74
C THR B 261 29.01 -7.64 -37.57
N ASP B 262 27.97 -8.32 -37.06
CA ASP B 262 26.70 -8.38 -37.77
C ASP B 262 26.05 -7.00 -37.87
N ALA B 263 26.30 -6.13 -36.88
CA ALA B 263 25.77 -4.78 -36.90
C ALA B 263 26.69 -3.78 -37.57
N ASP B 264 27.80 -4.23 -38.14
CA ASP B 264 28.77 -3.35 -38.80
C ASP B 264 29.29 -2.29 -37.85
N ALA B 265 29.53 -2.68 -36.60
CA ALA B 265 30.05 -1.77 -35.59
C ALA B 265 31.50 -2.04 -35.24
N MET B 266 32.08 -3.14 -35.69
CA MET B 266 33.48 -3.44 -35.40
C MET B 266 34.44 -2.51 -36.13
N LYS B 267 34.02 -1.92 -37.25
CA LYS B 267 34.94 -1.13 -38.06
C LYS B 267 35.38 0.15 -37.36
N TYR B 268 34.78 0.49 -36.22
CA TYR B 268 35.23 1.62 -35.41
C TYR B 268 35.36 1.24 -33.94
N THR B 269 35.56 -0.05 -33.65
CA THR B 269 35.58 -0.54 -32.28
C THR B 269 36.82 -1.39 -32.03
N ILE B 270 37.40 -1.22 -30.84
CA ILE B 270 38.55 -2.00 -30.40
C ILE B 270 38.10 -2.86 -29.23
N VAL B 271 38.36 -4.15 -29.32
CA VAL B 271 37.96 -5.10 -28.28
C VAL B 271 39.23 -5.59 -27.59
N VAL B 272 39.56 -5.00 -26.46
CA VAL B 272 40.68 -5.44 -25.64
C VAL B 272 40.18 -6.55 -24.73
N SER B 273 40.75 -7.75 -24.89
CA SER B 273 40.26 -8.94 -24.23
C SER B 273 41.29 -9.43 -23.21
N ALA B 274 40.88 -9.55 -21.95
CA ALA B 274 41.67 -10.18 -20.90
C ALA B 274 40.73 -11.18 -20.23
N THR B 275 40.66 -12.38 -20.79
CA THR B 275 39.68 -13.36 -20.37
C THR B 275 40.05 -13.95 -19.01
N ALA B 276 39.15 -14.79 -18.49
CA ALA B 276 39.38 -15.43 -17.20
C ALA B 276 40.56 -16.39 -17.25
N SER B 277 40.83 -16.99 -18.41
CA SER B 277 41.98 -17.87 -18.54
C SER B 277 43.28 -17.11 -18.41
N ASP B 278 43.32 -15.85 -18.85
CA ASP B 278 44.53 -15.06 -18.79
C ASP B 278 44.93 -14.79 -17.35
N ALA B 279 46.23 -14.55 -17.15
CA ALA B 279 46.76 -14.33 -15.82
C ALA B 279 46.20 -13.03 -15.24
N ALA B 280 46.17 -12.97 -13.91
CA ALA B 280 45.68 -11.78 -13.22
C ALA B 280 46.35 -10.49 -13.65
N PRO B 281 47.68 -10.42 -13.89
CA PRO B 281 48.27 -9.16 -14.36
C PRO B 281 47.68 -8.67 -15.67
N LEU B 282 47.34 -9.57 -16.59
CA LEU B 282 46.72 -9.14 -17.85
C LEU B 282 45.37 -8.50 -17.59
N GLN B 283 44.56 -9.10 -16.71
CA GLN B 283 43.27 -8.51 -16.37
C GLN B 283 43.45 -7.18 -15.67
N TYR B 284 44.50 -7.04 -14.87
CA TYR B 284 44.78 -5.77 -14.21
C TYR B 284 45.16 -4.69 -15.23
N LEU B 285 45.96 -5.06 -16.23
CA LEU B 285 46.45 -4.10 -17.23
C LEU B 285 45.42 -3.75 -18.29
N ALA B 286 44.47 -4.65 -18.58
CA ALA B 286 43.55 -4.41 -19.70
C ALA B 286 42.82 -3.07 -19.60
N PRO B 287 42.25 -2.65 -18.46
CA PRO B 287 41.64 -1.32 -18.42
C PRO B 287 42.60 -0.20 -18.76
N TYR B 288 43.86 -0.29 -18.32
CA TYR B 288 44.83 0.76 -18.61
C TYR B 288 45.21 0.75 -20.08
N SER B 289 45.33 -0.43 -20.68
CA SER B 289 45.61 -0.50 -22.11
C SER B 289 44.48 0.12 -22.92
N GLY B 290 43.24 -0.22 -22.60
CA GLY B 290 42.12 0.40 -23.28
C GLY B 290 42.05 1.90 -23.04
N CYS B 291 42.41 2.33 -21.84
CA CYS B 291 42.40 3.76 -21.53
C CYS B 291 43.45 4.49 -22.34
N SER B 292 44.62 3.90 -22.54
CA SER B 292 45.62 4.51 -23.40
C SER B 292 45.18 4.55 -24.85
N MET B 293 44.54 3.46 -25.31
CA MET B 293 44.04 3.43 -26.68
C MET B 293 42.98 4.51 -26.90
N GLY B 294 42.19 4.80 -25.86
CA GLY B 294 41.26 5.91 -25.94
C GLY B 294 41.92 7.27 -25.79
N GLU B 295 42.99 7.35 -25.01
CA GLU B 295 43.72 8.59 -24.86
C GLU B 295 44.34 9.03 -26.18
N TYR B 296 44.73 8.08 -27.02
CA TYR B 296 45.25 8.45 -28.33
C TYR B 296 44.20 9.23 -29.13
N PHE B 297 42.97 8.73 -29.17
CA PHE B 297 41.89 9.45 -29.86
C PHE B 297 41.59 10.77 -29.16
N ARG B 298 41.63 10.77 -27.82
CA ARG B 298 41.32 11.98 -27.08
C ARG B 298 42.30 13.10 -27.38
N ASP B 299 43.59 12.76 -27.49
CA ASP B 299 44.61 13.79 -27.70
C ASP B 299 44.59 14.33 -29.13
N ASN B 300 44.13 13.55 -30.10
CA ASN B 300 44.14 13.96 -31.49
C ASN B 300 42.85 14.63 -31.93
N GLY B 301 42.04 15.09 -30.99
CA GLY B 301 40.81 15.77 -31.32
C GLY B 301 39.63 14.87 -31.60
N LYS B 302 39.85 13.56 -31.73
CA LYS B 302 38.76 12.64 -31.94
C LYS B 302 38.08 12.31 -30.62
N HIS B 303 36.93 11.65 -30.72
CA HIS B 303 36.13 11.30 -29.55
C HIS B 303 36.09 9.78 -29.42
N ALA B 304 36.50 9.30 -28.25
CA ALA B 304 36.56 7.86 -28.00
C ALA B 304 35.65 7.49 -26.83
N LEU B 305 35.09 6.29 -26.91
CA LEU B 305 34.26 5.73 -25.86
C LEU B 305 34.93 4.47 -25.34
N ILE B 306 35.18 4.41 -24.04
CA ILE B 306 35.84 3.28 -23.40
C ILE B 306 34.89 2.67 -22.40
N ILE B 307 34.70 1.35 -22.49
CA ILE B 307 33.75 0.63 -21.66
C ILE B 307 34.54 -0.43 -20.91
N TYR B 308 34.86 -0.17 -19.65
CA TYR B 308 35.52 -1.17 -18.81
C TYR B 308 34.45 -2.12 -18.30
N ASP B 309 34.34 -3.28 -18.92
CA ASP B 309 33.35 -4.26 -18.49
C ASP B 309 33.88 -5.04 -17.30
N ASP B 310 33.09 -5.05 -16.21
CA ASP B 310 33.45 -5.75 -14.98
C ASP B 310 34.77 -5.23 -14.40
N LEU B 311 34.77 -3.96 -13.99
CA LEU B 311 35.90 -3.44 -13.25
C LEU B 311 36.05 -4.13 -11.90
N SER B 312 34.97 -4.75 -11.40
CA SER B 312 35.06 -5.53 -10.19
C SER B 312 36.01 -6.72 -10.36
N LYS B 313 35.99 -7.35 -11.54
CA LYS B 313 36.91 -8.44 -11.80
C LYS B 313 38.35 -7.96 -11.90
N GLN B 314 38.57 -6.77 -12.45
CA GLN B 314 39.92 -6.18 -12.43
C GLN B 314 40.36 -5.93 -10.99
N ALA B 315 39.45 -5.46 -10.15
CA ALA B 315 39.78 -5.26 -8.74
C ALA B 315 40.11 -6.59 -8.07
N VAL B 316 39.38 -7.65 -8.42
CA VAL B 316 39.67 -8.97 -7.87
C VAL B 316 41.06 -9.43 -8.29
N ALA B 317 41.41 -9.23 -9.56
CA ALA B 317 42.73 -9.62 -10.05
C ALA B 317 43.83 -8.83 -9.34
N TYR B 318 43.62 -7.53 -9.15
CA TYR B 318 44.61 -6.71 -8.45
C TYR B 318 44.72 -7.14 -6.99
N ARG B 319 43.61 -7.51 -6.37
CA ARG B 319 43.64 -8.03 -5.01
C ARG B 319 44.46 -9.31 -4.95
N GLN B 320 44.27 -10.20 -5.93
CA GLN B 320 45.07 -11.42 -5.97
C GLN B 320 46.55 -11.12 -6.09
N MET B 321 46.91 -10.20 -7.00
CA MET B 321 48.31 -9.84 -7.16
C MET B 321 48.89 -9.26 -5.87
N SER B 322 48.14 -8.36 -5.22
CA SER B 322 48.63 -7.73 -4.01
C SER B 322 48.80 -8.74 -2.88
N LEU B 323 47.83 -9.64 -2.71
CA LEU B 323 47.93 -10.65 -1.66
C LEU B 323 49.10 -11.60 -1.92
N LEU B 324 49.29 -12.00 -3.17
CA LEU B 324 50.40 -12.90 -3.49
C LEU B 324 51.75 -12.20 -3.37
N LEU B 325 51.77 -10.87 -3.50
CA LEU B 325 52.97 -10.10 -3.26
C LEU B 325 53.18 -9.77 -1.79
N ARG B 326 52.34 -10.31 -0.90
CA ARG B 326 52.41 -10.10 0.54
C ARG B 326 52.20 -8.63 0.92
N ARG B 327 51.61 -7.84 0.03
CA ARG B 327 51.24 -6.49 0.39
C ARG B 327 50.13 -6.52 1.43
N PRO B 328 50.15 -5.62 2.41
CA PRO B 328 49.18 -5.68 3.50
C PRO B 328 47.76 -5.54 2.98
N PRO B 329 46.84 -6.35 3.48
CA PRO B 329 45.45 -6.28 3.01
C PRO B 329 44.62 -5.26 3.76
N GLY B 330 43.37 -5.12 3.37
CA GLY B 330 42.45 -4.18 4.01
C GLY B 330 41.06 -4.78 4.04
N ARG B 331 40.06 -3.90 3.92
CA ARG B 331 38.68 -4.35 3.91
C ARG B 331 38.43 -5.30 2.74
N GLU B 332 37.81 -6.44 3.03
CA GLU B 332 37.54 -7.46 2.03
C GLU B 332 38.81 -7.93 1.32
N ALA B 333 39.93 -7.94 2.03
CA ALA B 333 41.24 -8.37 1.58
C ALA B 333 41.80 -7.51 0.46
N TYR B 334 41.10 -6.44 0.05
CA TYR B 334 41.65 -5.57 -0.96
C TYR B 334 42.80 -4.75 -0.39
N PRO B 335 43.81 -4.44 -1.19
CA PRO B 335 44.91 -3.60 -0.70
C PRO B 335 44.46 -2.17 -0.47
N GLY B 336 45.29 -1.42 0.25
CA GLY B 336 44.96 -0.05 0.55
C GLY B 336 44.85 0.82 -0.69
N ASP B 337 45.69 0.56 -1.69
CA ASP B 337 45.69 1.34 -2.92
C ASP B 337 44.80 0.70 -3.98
N VAL B 338 43.55 0.43 -3.63
CA VAL B 338 42.57 -0.09 -4.57
C VAL B 338 41.65 1.02 -5.07
N PHE B 339 41.38 2.01 -4.22
CA PHE B 339 40.72 3.23 -4.69
C PHE B 339 41.62 3.98 -5.65
N TYR B 340 42.93 3.96 -5.39
CA TYR B 340 43.90 4.56 -6.30
C TYR B 340 43.85 3.89 -7.67
N LEU B 341 43.72 2.56 -7.68
CA LEU B 341 43.70 1.80 -8.93
C LEU B 341 42.63 2.31 -9.88
N HIS B 342 41.40 2.41 -9.41
CA HIS B 342 40.30 2.87 -10.26
C HIS B 342 40.31 4.39 -10.42
N SER B 343 40.79 5.13 -9.43
CA SER B 343 40.78 6.59 -9.52
C SER B 343 41.73 7.08 -10.60
N ARG B 344 42.97 6.59 -10.60
CA ARG B 344 43.92 7.03 -11.61
C ARG B 344 43.59 6.51 -12.98
N LEU B 345 42.64 5.57 -13.10
CA LEU B 345 42.18 5.07 -14.38
C LEU B 345 41.02 5.88 -14.94
N LEU B 346 40.01 6.13 -14.12
CA LEU B 346 38.82 6.84 -14.59
C LEU B 346 39.05 8.33 -14.77
N GLU B 347 39.96 8.92 -13.98
CA GLU B 347 40.25 10.34 -14.16
C GLU B 347 40.83 10.64 -15.52
N ARG B 348 41.40 9.65 -16.21
CA ARG B 348 41.90 9.84 -17.55
C ARG B 348 40.78 10.07 -18.56
N ALA B 349 39.53 9.85 -18.17
CA ALA B 349 38.39 10.19 -19.01
C ALA B 349 38.07 11.66 -18.83
N ALA B 350 38.20 12.44 -19.90
CA ALA B 350 38.04 13.88 -19.79
C ALA B 350 37.65 14.45 -21.14
N LYS B 351 37.17 15.70 -21.10
CA LYS B 351 36.79 16.45 -22.29
C LYS B 351 37.78 17.61 -22.44
N MET B 352 38.75 17.44 -23.33
CA MET B 352 39.78 18.46 -23.52
C MET B 352 39.18 19.70 -24.16
N ASN B 353 39.78 20.86 -23.87
CA ASN B 353 39.35 22.11 -24.45
C ASN B 353 39.84 22.22 -25.90
N ASP B 354 39.48 23.33 -26.55
CA ASP B 354 39.88 23.52 -27.94
C ASP B 354 41.39 23.70 -28.07
N ALA B 355 42.05 24.26 -27.05
CA ALA B 355 43.49 24.46 -27.13
C ALA B 355 44.25 23.14 -27.25
N PHE B 356 43.73 22.10 -26.60
CA PHE B 356 44.38 20.79 -26.62
C PHE B 356 43.85 19.89 -27.72
N GLY B 357 42.95 20.37 -28.57
CA GLY B 357 42.46 19.57 -29.67
C GLY B 357 40.96 19.44 -29.71
N GLY B 358 40.32 19.49 -28.54
CA GLY B 358 38.88 19.33 -28.46
C GLY B 358 38.40 17.91 -28.42
N GLY B 359 39.28 16.94 -28.21
CA GLY B 359 38.89 15.55 -28.14
C GLY B 359 38.21 15.20 -26.82
N SER B 360 37.91 13.92 -26.68
CA SER B 360 37.19 13.46 -25.50
C SER B 360 37.44 11.98 -25.29
N LEU B 361 37.10 11.51 -24.10
CA LEU B 361 37.18 10.10 -23.75
C LEU B 361 36.11 9.81 -22.71
N THR B 362 35.05 9.13 -23.12
CA THR B 362 33.93 8.81 -22.24
C THR B 362 34.10 7.41 -21.68
N ALA B 363 34.02 7.30 -20.36
CA ALA B 363 34.24 6.02 -19.67
C ALA B 363 32.90 5.49 -19.15
N LEU B 364 32.67 4.21 -19.35
CA LEU B 364 31.46 3.53 -18.90
C LEU B 364 31.87 2.30 -18.10
N PRO B 365 32.35 2.47 -16.88
CA PRO B 365 32.68 1.31 -16.05
C PRO B 365 31.44 0.50 -15.71
N VAL B 366 31.65 -0.80 -15.51
CA VAL B 366 30.59 -1.73 -15.16
C VAL B 366 30.94 -2.36 -13.82
N ILE B 367 30.02 -2.27 -12.86
CA ILE B 367 30.21 -2.82 -11.53
C ILE B 367 29.12 -3.85 -11.27
N GLU B 368 29.52 -5.05 -10.85
CA GLU B 368 28.60 -6.15 -10.60
C GLU B 368 28.37 -6.24 -9.10
N THR B 369 27.33 -5.55 -8.62
CA THR B 369 27.00 -5.60 -7.21
C THR B 369 26.44 -6.96 -6.83
N GLN B 370 26.53 -7.28 -5.54
CA GLN B 370 26.03 -8.54 -5.00
C GLN B 370 24.78 -8.23 -4.17
N ALA B 371 23.63 -8.74 -4.63
CA ALA B 371 22.35 -8.51 -3.97
C ALA B 371 22.05 -7.02 -3.83
N GLY B 372 22.45 -6.25 -4.84
CA GLY B 372 22.17 -4.82 -4.83
C GLY B 372 22.85 -4.04 -3.73
N ASP B 373 23.92 -4.58 -3.15
CA ASP B 373 24.62 -3.94 -2.04
C ASP B 373 25.63 -2.95 -2.63
N VAL B 374 25.24 -1.67 -2.71
CA VAL B 374 26.13 -0.63 -3.19
C VAL B 374 27.06 -0.12 -2.10
N SER B 375 26.90 -0.57 -0.87
CA SER B 375 27.77 -0.17 0.23
C SER B 375 29.06 -0.99 0.29
N ALA B 376 29.24 -1.96 -0.61
CA ALA B 376 30.46 -2.73 -0.65
C ALA B 376 31.64 -1.85 -1.03
N TYR B 377 32.85 -2.41 -0.89
CA TYR B 377 34.07 -1.62 -1.05
C TYR B 377 34.21 -1.09 -2.46
N ILE B 378 34.34 -1.98 -3.44
CA ILE B 378 34.52 -1.55 -4.83
C ILE B 378 33.33 -0.77 -5.36
N PRO B 379 32.08 -1.17 -5.14
CA PRO B 379 30.97 -0.32 -5.58
C PRO B 379 31.01 1.08 -4.99
N THR B 380 31.34 1.23 -3.70
CA THR B 380 31.44 2.56 -3.12
C THR B 380 32.57 3.35 -3.77
N ASN B 381 33.72 2.72 -3.98
CA ASN B 381 34.84 3.42 -4.62
C ASN B 381 34.44 3.93 -5.99
N VAL B 382 33.85 3.07 -6.82
CA VAL B 382 33.53 3.46 -8.19
C VAL B 382 32.42 4.49 -8.21
N ILE B 383 31.44 4.37 -7.31
CA ILE B 383 30.38 5.36 -7.24
C ILE B 383 30.95 6.72 -6.86
N SER B 384 31.90 6.75 -5.91
CA SER B 384 32.52 8.01 -5.52
C SER B 384 33.35 8.60 -6.66
N ILE B 385 34.06 7.75 -7.42
CA ILE B 385 34.95 8.24 -8.45
C ILE B 385 34.15 8.82 -9.62
N THR B 386 33.13 8.11 -10.07
CA THR B 386 32.44 8.49 -11.30
C THR B 386 31.48 9.64 -11.04
N ASP B 387 30.96 10.19 -12.13
CA ASP B 387 30.00 11.29 -12.03
C ASP B 387 28.62 10.78 -11.62
N GLY B 388 28.05 9.87 -12.41
CA GLY B 388 26.77 9.29 -12.08
C GLY B 388 26.75 7.79 -12.28
N GLN B 389 25.57 7.18 -12.20
CA GLN B 389 25.45 5.75 -12.44
C GLN B 389 24.11 5.46 -13.09
N ILE B 390 24.07 4.38 -13.86
CA ILE B 390 22.85 3.86 -14.44
C ILE B 390 22.55 2.56 -13.69
N PHE B 391 21.50 2.58 -12.88
CA PHE B 391 21.21 1.49 -11.96
C PHE B 391 20.20 0.53 -12.58
N LEU B 392 20.54 -0.75 -12.58
CA LEU B 392 19.67 -1.80 -13.10
C LEU B 392 19.26 -2.72 -11.96
N GLU B 393 18.01 -3.16 -11.98
CA GLU B 393 17.46 -4.01 -10.93
C GLU B 393 16.81 -5.24 -11.53
N THR B 394 17.04 -6.38 -10.88
CA THR B 394 16.43 -7.64 -11.32
C THR B 394 14.91 -7.57 -11.23
N GLU B 395 14.39 -6.96 -10.16
CA GLU B 395 12.95 -6.85 -9.99
C GLU B 395 12.32 -6.10 -11.15
N LEU B 396 12.91 -4.97 -11.55
CA LEU B 396 12.41 -4.24 -12.70
C LEU B 396 12.62 -5.02 -13.99
N PHE B 397 13.70 -5.80 -14.08
CA PHE B 397 13.94 -6.58 -15.28
C PHE B 397 12.84 -7.61 -15.50
N TYR B 398 12.42 -8.28 -14.44
CA TYR B 398 11.36 -9.29 -14.54
C TYR B 398 9.97 -8.71 -14.33
N LYS B 399 9.84 -7.40 -14.12
CA LYS B 399 8.55 -6.75 -14.04
C LYS B 399 8.07 -6.25 -15.39
N GLY B 400 8.80 -6.54 -16.46
CA GLY B 400 8.49 -6.04 -17.78
C GLY B 400 9.20 -4.77 -18.15
N ILE B 401 9.92 -4.15 -17.21
CA ILE B 401 10.63 -2.90 -17.48
C ILE B 401 12.02 -3.30 -17.97
N ARG B 402 12.13 -3.55 -19.27
CA ARG B 402 13.40 -3.86 -19.92
C ARG B 402 13.70 -2.78 -20.94
N PRO B 403 14.83 -2.05 -20.83
CA PRO B 403 15.94 -2.22 -19.88
C PRO B 403 15.54 -1.94 -18.43
N ALA B 404 16.27 -2.51 -17.48
CA ALA B 404 15.91 -2.47 -16.07
C ALA B 404 16.40 -1.21 -15.37
N ILE B 405 16.59 -0.13 -16.11
CA ILE B 405 17.11 1.11 -15.53
C ILE B 405 16.14 1.62 -14.48
N ASN B 406 16.62 1.74 -13.24
CA ASN B 406 15.83 2.29 -12.15
C ASN B 406 16.07 3.80 -12.14
N VAL B 407 15.12 4.55 -12.70
CA VAL B 407 15.29 5.99 -12.85
C VAL B 407 15.32 6.69 -11.50
N GLY B 408 14.77 6.08 -10.45
CA GLY B 408 14.83 6.68 -9.14
C GLY B 408 16.24 6.74 -8.59
N LEU B 409 17.02 5.68 -8.80
CA LEU B 409 18.39 5.62 -8.30
C LEU B 409 19.43 6.06 -9.31
N SER B 410 19.13 5.96 -10.60
CA SER B 410 20.08 6.38 -11.63
C SER B 410 20.16 7.90 -11.66
N VAL B 411 21.38 8.43 -11.62
CA VAL B 411 21.62 9.86 -11.59
C VAL B 411 22.69 10.23 -12.60
N SER B 412 22.74 11.51 -12.95
CA SER B 412 23.74 12.04 -13.86
C SER B 412 24.12 13.43 -13.36
N ARG B 413 25.31 13.55 -12.79
CA ARG B 413 25.71 14.83 -12.20
C ARG B 413 25.96 15.89 -13.27
N VAL B 414 26.36 15.50 -14.47
CA VAL B 414 26.47 16.47 -15.55
C VAL B 414 25.09 17.01 -15.92
N GLY B 415 24.04 16.24 -15.68
CA GLY B 415 22.69 16.73 -15.84
C GLY B 415 22.30 16.99 -17.28
N SER B 416 21.37 17.93 -17.45
CA SER B 416 20.81 18.23 -18.76
C SER B 416 21.77 18.96 -19.68
N ALA B 417 22.93 19.38 -19.16
CA ALA B 417 23.91 20.06 -20.00
C ALA B 417 24.46 19.16 -21.09
N ALA B 418 24.26 17.85 -20.98
CA ALA B 418 24.71 16.89 -21.98
C ALA B 418 23.59 16.41 -22.88
N GLN B 419 22.64 17.28 -23.20
CA GLN B 419 21.50 16.93 -24.03
C GLN B 419 21.29 17.96 -25.13
N THR B 420 20.67 17.54 -26.21
CA THR B 420 20.20 18.48 -27.21
C THR B 420 19.01 19.26 -26.67
N ARG B 421 18.75 20.41 -27.29
CA ARG B 421 17.69 21.29 -26.77
C ARG B 421 16.33 20.62 -26.82
N ALA B 422 16.01 19.91 -27.89
CA ALA B 422 14.73 19.22 -27.97
C ALA B 422 14.63 18.10 -26.95
N MET B 423 15.68 17.29 -26.84
CA MET B 423 15.68 16.21 -25.86
C MET B 423 15.62 16.77 -24.45
N LYS B 424 16.34 17.86 -24.18
CA LYS B 424 16.26 18.49 -22.86
C LYS B 424 14.85 18.99 -22.58
N GLN B 425 14.22 19.62 -23.57
CA GLN B 425 12.88 20.18 -23.39
C GLN B 425 11.87 19.09 -23.06
N VAL B 426 11.92 17.97 -23.79
CA VAL B 426 10.98 16.89 -23.49
C VAL B 426 11.37 16.18 -22.19
N ALA B 427 12.67 16.07 -21.91
CA ALA B 427 13.14 15.27 -20.79
C ALA B 427 12.89 15.95 -19.45
N GLY B 428 12.93 17.28 -19.39
CA GLY B 428 12.58 17.93 -18.14
C GLY B 428 11.16 17.61 -17.71
N THR B 429 10.21 17.74 -18.64
CA THR B 429 8.82 17.40 -18.34
C THR B 429 8.67 15.92 -18.00
N MET B 430 9.32 15.05 -18.78
CA MET B 430 9.20 13.62 -18.50
C MET B 430 9.76 13.27 -17.13
N LYS B 431 10.90 13.86 -16.77
CA LYS B 431 11.51 13.60 -15.47
C LYS B 431 10.61 14.08 -14.34
N LEU B 432 10.07 15.29 -14.47
CA LEU B 432 9.17 15.80 -13.43
C LEU B 432 7.94 14.90 -13.27
N GLU B 433 7.33 14.51 -14.40
CA GLU B 433 6.14 13.67 -14.32
C GLU B 433 6.44 12.29 -13.76
N LEU B 434 7.60 11.72 -14.12
CA LEU B 434 7.95 10.40 -13.60
C LEU B 434 8.29 10.47 -12.11
N ALA B 435 8.91 11.56 -11.66
CA ALA B 435 9.12 11.73 -10.23
C ALA B 435 7.79 11.82 -9.49
N GLN B 436 6.84 12.58 -10.05
CA GLN B 436 5.52 12.67 -9.43
C GLN B 436 4.85 11.30 -9.38
N TYR B 437 4.97 10.52 -10.44
CA TYR B 437 4.39 9.18 -10.46
C TYR B 437 5.04 8.27 -9.43
N ARG B 438 6.37 8.27 -9.36
CA ARG B 438 7.08 7.43 -8.39
C ARG B 438 6.74 7.85 -6.97
N GLU B 439 6.39 9.11 -6.76
CA GLU B 439 5.91 9.52 -5.44
C GLU B 439 4.62 8.81 -5.07
N VAL B 440 3.72 8.64 -6.03
CA VAL B 440 2.39 8.05 -5.77
C VAL B 440 2.27 6.63 -6.30
N ALA B 441 3.39 5.95 -6.53
CA ALA B 441 3.33 4.59 -7.07
C ALA B 441 2.87 3.57 -6.03
N ALA B 442 2.86 3.94 -4.75
CA ALA B 442 2.46 2.98 -3.72
C ALA B 442 0.97 2.68 -3.77
N PHE B 443 0.17 3.65 -4.20
CA PHE B 443 -1.27 3.51 -4.22
C PHE B 443 -1.81 2.86 -5.49
N ALA B 444 -0.93 2.42 -6.39
CA ALA B 444 -1.39 1.82 -7.64
C ALA B 444 -2.21 0.57 -7.41
N GLN B 445 -1.95 -0.15 -6.32
CA GLN B 445 -2.73 -1.36 -6.02
C GLN B 445 -4.18 -1.01 -5.73
N PHE B 446 -4.42 0.08 -5.00
CA PHE B 446 -5.76 0.52 -4.67
C PHE B 446 -6.04 1.89 -5.29
N GLY B 447 -5.62 2.08 -6.54
CA GLY B 447 -5.80 3.36 -7.19
C GLY B 447 -7.19 3.65 -7.68
N SER B 448 -8.07 2.65 -7.71
CA SER B 448 -9.44 2.89 -8.17
C SER B 448 -10.17 3.85 -7.25
N ASP B 449 -10.03 3.66 -5.94
CA ASP B 449 -10.67 4.53 -4.96
C ASP B 449 -9.66 5.56 -4.45
N LEU B 450 -9.23 6.42 -5.37
CA LEU B 450 -8.26 7.47 -5.07
C LEU B 450 -8.73 8.78 -5.69
N ASP B 451 -7.97 9.84 -5.41
CA ASP B 451 -8.27 11.15 -5.95
C ASP B 451 -8.09 11.16 -7.46
N ALA B 452 -8.79 12.09 -8.12
CA ALA B 452 -8.67 12.22 -9.57
C ALA B 452 -7.25 12.61 -9.97
N ALA B 453 -6.62 13.51 -9.22
CA ALA B 453 -5.24 13.88 -9.51
C ALA B 453 -4.31 12.69 -9.35
N THR B 454 -4.49 11.90 -8.29
CA THR B 454 -3.65 10.72 -8.10
C THR B 454 -3.82 9.72 -9.23
N GLN B 455 -5.06 9.50 -9.67
CA GLN B 455 -5.30 8.57 -10.78
C GLN B 455 -4.70 9.10 -12.07
N GLN B 456 -4.80 10.40 -12.31
CA GLN B 456 -4.17 10.99 -13.49
C GLN B 456 -2.66 10.80 -13.46
N LEU B 457 -2.05 11.04 -12.30
CA LEU B 457 -0.61 10.84 -12.17
C LEU B 457 -0.23 9.37 -12.40
N LEU B 458 -1.03 8.45 -11.85
CA LEU B 458 -0.76 7.03 -12.06
C LEU B 458 -0.82 6.68 -13.54
N SER B 459 -1.85 7.15 -14.23
CA SER B 459 -2.00 6.84 -15.65
C SER B 459 -0.84 7.42 -16.47
N ARG B 460 -0.49 8.68 -16.21
CA ARG B 460 0.61 9.31 -16.94
C ARG B 460 1.92 8.58 -16.67
N GLY B 461 2.18 8.22 -15.42
CA GLY B 461 3.40 7.51 -15.10
C GLY B 461 3.47 6.13 -15.71
N VAL B 462 2.35 5.40 -15.73
CA VAL B 462 2.32 4.09 -16.36
C VAL B 462 2.60 4.21 -17.85
N ARG B 463 2.00 5.20 -18.51
CA ARG B 463 2.25 5.39 -19.94
C ARG B 463 3.70 5.78 -20.20
N LEU B 464 4.27 6.66 -19.37
CA LEU B 464 5.67 7.03 -19.55
C LEU B 464 6.58 5.83 -19.34
N THR B 465 6.29 5.00 -18.34
CA THR B 465 7.09 3.81 -18.11
C THR B 465 7.01 2.85 -19.28
N GLU B 466 5.80 2.69 -19.85
CA GLU B 466 5.67 1.88 -21.05
C GLU B 466 6.46 2.48 -22.21
N LEU B 467 6.55 3.80 -22.27
CA LEU B 467 7.39 4.44 -23.29
C LEU B 467 8.86 4.15 -23.07
N LEU B 468 9.30 4.08 -21.81
CA LEU B 468 10.72 3.87 -21.52
C LEU B 468 11.20 2.47 -21.91
N LYS B 469 10.29 1.52 -22.05
CA LYS B 469 10.70 0.17 -22.44
C LYS B 469 11.25 0.18 -23.86
N GLN B 470 12.26 -0.67 -24.09
CA GLN B 470 12.92 -0.72 -25.38
C GLN B 470 13.50 -2.11 -25.59
N GLY B 471 13.49 -2.57 -26.84
CA GLY B 471 14.04 -3.87 -27.16
C GLY B 471 15.55 -3.86 -27.21
N GLN B 472 16.11 -5.07 -27.24
CA GLN B 472 17.56 -5.23 -27.22
C GLN B 472 18.13 -5.13 -28.63
N TYR B 473 19.34 -4.55 -28.72
CA TYR B 473 20.04 -4.35 -29.98
C TYR B 473 19.24 -3.52 -30.97
N ALA B 474 18.41 -2.61 -30.47
CA ALA B 474 17.60 -1.73 -31.32
C ALA B 474 17.72 -0.29 -30.81
N PRO B 475 18.89 0.33 -30.99
CA PRO B 475 19.04 1.73 -30.58
C PRO B 475 18.20 2.65 -31.46
N MET B 476 17.79 3.77 -30.88
CA MET B 476 16.93 4.73 -31.55
C MET B 476 17.67 6.04 -31.75
N ALA B 477 17.41 6.69 -32.88
CA ALA B 477 17.97 7.99 -33.16
C ALA B 477 17.38 9.04 -32.21
N ILE B 478 18.13 10.13 -32.03
CA ILE B 478 17.74 11.14 -31.06
C ILE B 478 16.40 11.79 -31.46
N GLU B 479 16.21 12.03 -32.76
CA GLU B 479 14.95 12.61 -33.21
C GLU B 479 13.78 11.67 -32.96
N GLU B 480 13.97 10.37 -33.20
CA GLU B 480 12.89 9.41 -32.93
C GLU B 480 12.54 9.39 -31.45
N GLN B 481 13.56 9.39 -30.59
CA GLN B 481 13.31 9.41 -29.15
C GLN B 481 12.58 10.67 -28.73
N VAL B 482 13.00 11.83 -29.25
CA VAL B 482 12.37 13.08 -28.86
C VAL B 482 10.93 13.12 -29.36
N ALA B 483 10.67 12.56 -30.54
CA ALA B 483 9.30 12.50 -31.04
C ALA B 483 8.42 11.61 -30.16
N VAL B 484 8.94 10.45 -29.77
CA VAL B 484 8.16 9.55 -28.91
C VAL B 484 7.87 10.19 -27.57
N ILE B 485 8.90 10.81 -26.96
CA ILE B 485 8.72 11.42 -25.66
C ILE B 485 7.77 12.61 -25.76
N TYR B 486 7.81 13.35 -26.88
CA TYR B 486 6.85 14.43 -27.09
C TYR B 486 5.43 13.88 -27.16
N ALA B 487 5.24 12.81 -27.94
CA ALA B 487 3.91 12.21 -28.04
C ALA B 487 3.43 11.70 -26.69
N GLY B 488 4.35 11.33 -25.81
CA GLY B 488 3.97 10.85 -24.50
C GLY B 488 3.65 11.93 -23.48
N VAL B 489 4.57 12.88 -23.29
CA VAL B 489 4.42 13.87 -22.23
C VAL B 489 3.28 14.83 -22.50
N ARG B 490 2.98 15.10 -23.78
CA ARG B 490 1.94 16.05 -24.14
C ARG B 490 0.53 15.47 -24.01
N GLY B 491 0.38 14.33 -23.36
CA GLY B 491 -0.93 13.74 -23.13
C GLY B 491 -1.64 13.24 -24.37
N TYR B 492 -0.92 12.59 -25.28
CA TYR B 492 -1.53 11.94 -26.43
C TYR B 492 -1.69 10.44 -26.23
N LEU B 493 -1.46 9.94 -25.02
CA LEU B 493 -1.57 8.52 -24.74
C LEU B 493 -2.50 8.21 -23.57
N ASP B 494 -3.08 9.23 -22.93
CA ASP B 494 -3.90 8.98 -21.75
C ASP B 494 -5.12 8.13 -22.08
N LYS B 495 -5.78 8.41 -23.20
CA LYS B 495 -6.92 7.59 -23.61
C LYS B 495 -6.50 6.20 -24.05
N LEU B 496 -5.30 6.08 -24.62
CA LEU B 496 -4.83 4.80 -25.14
C LEU B 496 -4.62 3.79 -24.01
N GLU B 497 -4.86 2.52 -24.33
CA GLU B 497 -4.66 1.46 -23.36
C GLU B 497 -3.18 1.35 -22.99
N PRO B 498 -2.86 1.19 -21.71
CA PRO B 498 -1.45 1.08 -21.32
C PRO B 498 -0.70 -0.07 -21.98
N SER B 499 -1.39 -1.19 -22.24
CA SER B 499 -0.70 -2.32 -22.90
C SER B 499 -0.44 -2.04 -24.36
N LYS B 500 -1.16 -1.12 -24.98
CA LYS B 500 -1.02 -0.85 -26.40
C LYS B 500 0.01 0.23 -26.70
N ILE B 501 0.72 0.74 -25.69
CA ILE B 501 1.71 1.78 -25.93
C ILE B 501 2.84 1.27 -26.82
N THR B 502 3.33 0.06 -26.55
CA THR B 502 4.46 -0.47 -27.31
C THR B 502 4.11 -0.62 -28.80
N LYS B 503 2.94 -1.21 -29.08
CA LYS B 503 2.50 -1.32 -30.46
C LYS B 503 2.32 0.06 -31.10
N PHE B 504 1.71 0.98 -30.36
CA PHE B 504 1.57 2.34 -30.85
C PHE B 504 2.92 2.99 -31.08
N GLU B 505 3.87 2.77 -30.16
CA GLU B 505 5.19 3.36 -30.30
C GLU B 505 5.87 2.87 -31.57
N ASN B 506 5.83 1.55 -31.81
CA ASN B 506 6.48 1.00 -33.00
C ASN B 506 5.81 1.51 -34.27
N ALA B 507 4.47 1.50 -34.30
CA ALA B 507 3.77 1.96 -35.49
C ALA B 507 4.02 3.43 -35.75
N PHE B 508 4.03 4.25 -34.70
CA PHE B 508 4.28 5.67 -34.86
C PHE B 508 5.70 5.93 -35.32
N LEU B 509 6.67 5.18 -34.80
CA LEU B 509 8.05 5.30 -35.28
C LEU B 509 8.14 4.97 -36.76
N SER B 510 7.50 3.88 -37.18
CA SER B 510 7.52 3.52 -38.59
C SER B 510 6.89 4.60 -39.45
N HIS B 511 5.76 5.16 -38.98
CA HIS B 511 5.07 6.18 -39.75
C HIS B 511 5.91 7.44 -39.89
N VAL B 512 6.50 7.90 -38.78
CA VAL B 512 7.27 9.15 -38.83
C VAL B 512 8.56 8.95 -39.63
N ILE B 513 9.17 7.76 -39.56
CA ILE B 513 10.37 7.51 -40.35
C ILE B 513 10.02 7.47 -41.83
N SER B 514 8.92 6.81 -42.18
CA SER B 514 8.56 6.65 -43.59
C SER B 514 8.07 7.95 -44.21
N GLN B 515 6.98 8.50 -43.67
CA GLN B 515 6.30 9.61 -44.33
C GLN B 515 6.81 10.99 -43.90
N HIS B 516 7.20 11.15 -42.64
CA HIS B 516 7.58 12.45 -42.10
C HIS B 516 9.08 12.54 -41.82
N GLN B 517 9.89 11.99 -42.74
CA GLN B 517 11.33 12.03 -42.57
C GLN B 517 11.86 13.45 -42.54
N ALA B 518 11.19 14.37 -43.24
CA ALA B 518 11.65 15.75 -43.30
C ALA B 518 11.65 16.40 -41.92
N LEU B 519 10.58 16.18 -41.14
CA LEU B 519 10.52 16.76 -39.81
C LEU B 519 11.62 16.20 -38.91
N LEU B 520 11.85 14.89 -38.98
CA LEU B 520 12.91 14.29 -38.17
C LEU B 520 14.27 14.83 -38.56
N GLY B 521 14.52 14.98 -39.86
CA GLY B 521 15.78 15.56 -40.31
C GLY B 521 15.94 17.00 -39.85
N LYS B 522 14.86 17.78 -39.88
CA LYS B 522 14.94 19.16 -39.42
C LYS B 522 15.21 19.22 -37.93
N ILE B 523 14.58 18.34 -37.15
CA ILE B 523 14.84 18.29 -35.71
C ILE B 523 16.29 17.92 -35.46
N ARG B 524 16.81 16.92 -36.19
CA ARG B 524 18.18 16.48 -35.99
C ARG B 524 19.17 17.60 -36.33
N ALA B 525 18.96 18.27 -37.46
CA ALA B 525 19.90 19.31 -37.89
C ALA B 525 19.83 20.52 -36.97
N ASP B 526 18.61 21.01 -36.69
CA ASP B 526 18.46 22.16 -35.83
C ASP B 526 18.86 21.84 -34.39
N GLY B 527 18.54 20.63 -33.93
CA GLY B 527 18.84 20.23 -32.57
C GLY B 527 17.84 20.67 -31.54
N LYS B 528 16.77 21.37 -31.93
CA LYS B 528 15.76 21.83 -31.01
C LYS B 528 14.39 21.68 -31.65
N ILE B 529 13.36 21.51 -30.81
CA ILE B 529 11.98 21.42 -31.27
C ILE B 529 11.40 22.83 -31.20
N SER B 530 11.47 23.53 -32.32
CA SER B 530 10.98 24.89 -32.40
C SER B 530 9.45 24.91 -32.44
N GLU B 531 8.89 26.12 -32.34
CA GLU B 531 7.44 26.26 -32.28
C GLU B 531 6.78 25.75 -33.55
N GLU B 532 7.36 26.06 -34.71
CA GLU B 532 6.82 25.52 -35.96
C GLU B 532 6.90 24.00 -35.98
N THR B 533 8.05 23.45 -35.59
CA THR B 533 8.17 22.01 -35.47
C THR B 533 7.23 21.46 -34.39
N ASP B 534 6.99 22.24 -33.34
CA ASP B 534 6.05 21.81 -32.31
C ASP B 534 4.64 21.67 -32.89
N ALA B 535 4.22 22.65 -33.68
CA ALA B 535 2.90 22.57 -34.31
C ALA B 535 2.83 21.41 -35.30
N LYS B 536 3.89 21.20 -36.09
CA LYS B 536 3.89 20.10 -37.02
C LYS B 536 3.82 18.76 -36.31
N LEU B 537 4.57 18.61 -35.21
CA LEU B 537 4.50 17.39 -34.42
C LEU B 537 3.11 17.20 -33.82
N LYS B 538 2.50 18.29 -33.35
CA LYS B 538 1.15 18.21 -32.82
C LYS B 538 0.17 17.68 -33.86
N GLU B 539 0.24 18.23 -35.08
CA GLU B 539 -0.62 17.77 -36.15
C GLU B 539 -0.39 16.29 -36.46
N ILE B 540 0.89 15.88 -36.54
CA ILE B 540 1.20 14.51 -36.91
C ILE B 540 0.73 13.53 -35.85
N VAL B 541 0.99 13.85 -34.58
CA VAL B 541 0.59 12.93 -33.51
C VAL B 541 -0.93 12.88 -33.40
N THR B 542 -1.60 14.01 -33.60
CA THR B 542 -3.06 14.00 -33.56
C THR B 542 -3.63 13.13 -34.67
N ASN B 543 -3.10 13.27 -35.89
CA ASN B 543 -3.59 12.46 -37.00
C ASN B 543 -3.33 10.98 -36.76
N PHE B 544 -2.13 10.63 -36.29
CA PHE B 544 -1.83 9.20 -36.09
C PHE B 544 -2.66 8.63 -34.95
N LEU B 545 -2.87 9.40 -33.88
CA LEU B 545 -3.71 8.92 -32.79
C LEU B 545 -5.16 8.73 -33.25
N ALA B 546 -5.66 9.65 -34.08
CA ALA B 546 -7.01 9.48 -34.61
C ALA B 546 -7.11 8.24 -35.49
N GLY B 547 -6.11 8.00 -36.33
CA GLY B 547 -6.13 6.85 -37.21
C GLY B 547 -5.62 5.55 -36.63
N PHE B 548 -5.19 5.54 -35.37
CA PHE B 548 -4.59 4.34 -34.78
C PHE B 548 -5.60 3.22 -34.65
N GLU B 549 -6.83 3.53 -34.24
CA GLU B 549 -7.85 2.51 -34.03
C GLU B 549 -8.30 1.87 -35.33
N ALA C 101 65.30 -37.55 -11.36
CA ALA C 101 65.59 -36.68 -10.23
C ALA C 101 64.95 -37.21 -8.95
N THR C 102 65.75 -37.39 -7.91
CA THR C 102 65.26 -37.89 -6.62
C THR C 102 65.37 -36.78 -5.59
N GLY C 103 64.28 -36.54 -4.87
CA GLY C 103 64.27 -35.56 -3.81
C GLY C 103 63.83 -36.18 -2.51
N ARG C 104 64.11 -35.46 -1.42
CA ARG C 104 63.81 -35.91 -0.08
C ARG C 104 62.71 -35.04 0.53
N ILE C 105 61.85 -35.67 1.32
CA ILE C 105 60.79 -34.95 2.01
C ILE C 105 61.39 -34.26 3.24
N VAL C 106 61.15 -32.96 3.36
CA VAL C 106 61.65 -32.20 4.49
C VAL C 106 60.54 -31.67 5.39
N ALA C 107 59.31 -31.56 4.90
CA ALA C 107 58.19 -31.09 5.71
C ALA C 107 56.92 -31.82 5.29
N VAL C 108 56.19 -32.34 6.28
CA VAL C 108 54.96 -33.09 6.02
C VAL C 108 53.81 -32.44 6.76
N ILE C 109 53.84 -31.10 6.87
CA ILE C 109 52.82 -30.37 7.62
C ILE C 109 51.49 -30.51 6.88
N GLY C 110 50.56 -31.26 7.47
CA GLY C 110 49.25 -31.43 6.87
C GLY C 110 49.31 -32.17 5.54
N ALA C 111 48.44 -31.76 4.62
CA ALA C 111 48.45 -32.34 3.28
C ALA C 111 49.50 -31.71 2.38
N VAL C 112 50.23 -30.72 2.87
CA VAL C 112 51.28 -30.06 2.09
C VAL C 112 52.62 -30.70 2.45
N VAL C 113 53.31 -31.21 1.44
CA VAL C 113 54.59 -31.89 1.61
C VAL C 113 55.66 -31.08 0.90
N ASP C 114 56.74 -30.76 1.61
CA ASP C 114 57.86 -30.03 1.04
C ASP C 114 58.96 -31.00 0.70
N VAL C 115 59.40 -30.97 -0.56
CA VAL C 115 60.42 -31.89 -1.06
C VAL C 115 61.61 -31.07 -1.54
N GLN C 116 62.80 -31.45 -1.10
CA GLN C 116 64.04 -30.76 -1.46
C GLN C 116 64.79 -31.60 -2.47
N PHE C 117 65.06 -31.02 -3.64
CA PHE C 117 65.87 -31.66 -4.65
C PHE C 117 67.28 -31.08 -4.64
N ASP C 118 68.20 -31.78 -5.29
CA ASP C 118 69.58 -31.32 -5.36
C ASP C 118 70.08 -31.18 -6.79
N GLU C 119 69.72 -32.11 -7.68
CA GLU C 119 70.22 -32.11 -9.05
C GLU C 119 69.21 -31.51 -10.02
N GLY C 120 68.00 -32.05 -10.09
CA GLY C 120 66.99 -31.56 -11.01
C GLY C 120 65.73 -31.10 -10.32
N LEU C 121 65.45 -29.81 -10.37
CA LEU C 121 64.25 -29.27 -9.75
C LEU C 121 63.05 -29.43 -10.69
N PRO C 122 61.99 -30.11 -10.28
CA PRO C 122 60.86 -30.29 -11.19
C PRO C 122 60.09 -29.00 -11.35
N PRO C 123 59.53 -28.75 -12.53
CA PRO C 123 58.72 -27.55 -12.73
C PRO C 123 57.41 -27.63 -11.95
N ILE C 124 56.77 -26.47 -11.81
CA ILE C 124 55.48 -26.42 -11.12
C ILE C 124 54.46 -27.26 -11.90
N LEU C 125 53.49 -27.82 -11.17
CA LEU C 125 52.47 -28.69 -11.73
C LEU C 125 53.09 -29.95 -12.33
N ASN C 126 53.93 -30.62 -11.54
CA ASN C 126 54.54 -31.88 -11.91
C ASN C 126 54.17 -32.95 -10.90
N ALA C 127 53.88 -34.15 -11.40
CA ALA C 127 53.49 -35.25 -10.53
C ALA C 127 54.74 -35.91 -9.95
N LEU C 128 54.78 -36.03 -8.62
CA LEU C 128 55.90 -36.62 -7.92
C LEU C 128 55.48 -37.93 -7.29
N GLU C 129 56.27 -38.98 -7.51
CA GLU C 129 55.99 -40.31 -6.98
C GLU C 129 56.79 -40.51 -5.69
N VAL C 130 56.11 -40.85 -4.61
CA VAL C 130 56.74 -41.06 -3.32
C VAL C 130 57.14 -42.52 -3.19
N GLN C 131 58.44 -42.77 -3.12
CA GLN C 131 58.95 -44.13 -3.02
C GLN C 131 58.79 -44.65 -1.59
N GLY C 132 58.58 -45.96 -1.48
CA GLY C 132 58.40 -46.59 -0.20
C GLY C 132 56.96 -46.70 0.27
N ARG C 133 55.99 -46.24 -0.51
CA ARG C 133 54.59 -46.32 -0.15
C ARG C 133 54.00 -47.62 -0.66
N GLU C 134 53.15 -48.25 0.17
CA GLU C 134 52.50 -49.48 -0.25
C GLU C 134 51.56 -49.23 -1.43
N THR C 135 50.85 -48.10 -1.42
CA THR C 135 50.04 -47.67 -2.53
C THR C 135 50.81 -46.65 -3.36
N ARG C 136 50.14 -46.01 -4.30
CA ARG C 136 50.75 -44.99 -5.14
C ARG C 136 50.35 -43.62 -4.60
N LEU C 137 51.32 -42.90 -4.05
CA LEU C 137 51.10 -41.54 -3.57
C LEU C 137 51.74 -40.56 -4.54
N VAL C 138 50.95 -39.58 -4.99
CA VAL C 138 51.39 -38.61 -5.99
C VAL C 138 51.35 -37.22 -5.37
N LEU C 139 52.46 -36.50 -5.51
CA LEU C 139 52.55 -35.12 -5.06
C LEU C 139 52.64 -34.21 -6.27
N GLU C 140 51.84 -33.15 -6.29
CA GLU C 140 51.84 -32.18 -7.37
C GLU C 140 52.61 -30.95 -6.93
N VAL C 141 53.62 -30.57 -7.70
CA VAL C 141 54.43 -29.41 -7.36
C VAL C 141 53.58 -28.16 -7.48
N ALA C 142 53.47 -27.41 -6.40
CA ALA C 142 52.66 -26.20 -6.35
C ALA C 142 53.47 -24.92 -6.29
N GLN C 143 54.59 -24.92 -5.56
CA GLN C 143 55.42 -23.73 -5.43
C GLN C 143 56.89 -24.13 -5.45
N HIS C 144 57.72 -23.17 -5.82
CA HIS C 144 59.17 -23.28 -5.67
C HIS C 144 59.57 -22.42 -4.49
N LEU C 145 59.80 -23.07 -3.33
CA LEU C 145 60.13 -22.35 -2.11
C LEU C 145 61.53 -21.77 -2.12
N GLY C 146 62.34 -22.10 -3.12
CA GLY C 146 63.73 -21.70 -3.14
C GLY C 146 64.61 -22.69 -2.41
N GLU C 147 65.91 -22.43 -2.49
CA GLU C 147 66.94 -23.32 -1.94
C GLU C 147 66.74 -24.74 -2.47
N SER C 148 66.33 -24.85 -3.73
CA SER C 148 66.07 -26.14 -4.37
C SER C 148 65.05 -26.96 -3.60
N THR C 149 64.01 -26.30 -3.08
CA THR C 149 62.95 -26.95 -2.35
C THR C 149 61.61 -26.56 -2.96
N VAL C 150 60.75 -27.55 -3.20
CA VAL C 150 59.46 -27.33 -3.81
C VAL C 150 58.37 -27.71 -2.83
N ARG C 151 57.30 -26.92 -2.81
CA ARG C 151 56.14 -27.18 -1.98
C ARG C 151 55.08 -27.89 -2.81
N THR C 152 54.59 -29.02 -2.31
CA THR C 152 53.73 -29.90 -3.07
C THR C 152 52.45 -30.18 -2.32
N ILE C 153 51.42 -30.55 -3.07
CA ILE C 153 50.12 -30.94 -2.51
C ILE C 153 49.93 -32.43 -2.76
N ALA C 154 49.55 -33.15 -1.71
CA ALA C 154 49.41 -34.60 -1.80
C ALA C 154 48.06 -34.96 -2.39
N MET C 155 48.06 -35.97 -3.26
CA MET C 155 46.84 -36.50 -3.84
C MET C 155 46.25 -37.65 -3.04
N ASP C 156 46.87 -38.03 -1.93
CA ASP C 156 46.34 -39.07 -1.05
C ASP C 156 46.74 -38.72 0.37
N GLY C 157 46.43 -39.62 1.31
CA GLY C 157 46.76 -39.35 2.69
C GLY C 157 48.27 -39.26 2.89
N THR C 158 48.66 -38.35 3.80
CA THR C 158 50.07 -38.13 4.11
C THR C 158 50.54 -38.95 5.31
N GLU C 159 49.68 -39.78 5.88
CA GLU C 159 50.08 -40.58 7.03
C GLU C 159 51.15 -41.59 6.64
N GLY C 160 52.13 -41.76 7.52
CA GLY C 160 53.21 -42.68 7.28
C GLY C 160 54.43 -42.05 6.63
N LEU C 161 54.31 -40.86 6.07
CA LEU C 161 55.45 -40.19 5.47
C LEU C 161 56.47 -39.82 6.54
N VAL C 162 57.75 -39.92 6.18
CA VAL C 162 58.85 -39.64 7.10
C VAL C 162 59.84 -38.71 6.38
N ARG C 163 60.35 -37.73 7.12
CA ARG C 163 61.33 -36.81 6.56
C ARG C 163 62.54 -37.58 6.04
N GLY C 164 63.01 -37.20 4.85
CA GLY C 164 64.09 -37.90 4.19
C GLY C 164 63.67 -39.00 3.25
N GLN C 165 62.38 -39.31 3.18
CA GLN C 165 61.90 -40.33 2.26
C GLN C 165 62.08 -39.88 0.81
N LYS C 166 62.49 -40.82 -0.04
CA LYS C 166 62.81 -40.47 -1.41
C LYS C 166 61.55 -40.17 -2.22
N VAL C 167 61.67 -39.23 -3.14
CA VAL C 167 60.57 -38.82 -4.01
C VAL C 167 61.11 -38.69 -5.43
N LEU C 168 60.45 -39.34 -6.37
CA LEU C 168 60.79 -39.24 -7.78
C LEU C 168 59.95 -38.15 -8.45
N ASP C 169 60.36 -37.80 -9.68
CA ASP C 169 59.62 -36.86 -10.50
C ASP C 169 59.24 -37.52 -11.80
N SER C 170 57.99 -37.34 -12.22
CA SER C 170 57.52 -37.96 -13.46
C SER C 170 58.07 -37.26 -14.68
N GLY C 171 58.43 -35.99 -14.57
CA GLY C 171 58.81 -35.19 -15.71
C GLY C 171 57.64 -34.60 -16.46
N ALA C 172 56.43 -34.77 -15.96
CA ALA C 172 55.22 -34.29 -16.61
C ALA C 172 54.11 -34.22 -15.58
N PRO C 173 53.06 -33.44 -15.81
CA PRO C 173 51.94 -33.41 -14.88
C PRO C 173 51.24 -34.76 -14.79
N ILE C 174 50.24 -34.82 -13.92
CA ILE C 174 49.45 -36.03 -13.72
C ILE C 174 48.86 -36.48 -15.05
N LYS C 175 49.26 -37.66 -15.52
CA LYS C 175 48.78 -38.20 -16.77
C LYS C 175 47.79 -39.33 -16.50
N ILE C 176 46.61 -39.23 -17.09
CA ILE C 176 45.53 -40.18 -16.85
C ILE C 176 45.39 -41.09 -18.06
N PRO C 177 44.97 -42.34 -17.89
CA PRO C 177 44.66 -43.19 -19.06
C PRO C 177 43.39 -42.67 -19.73
N VAL C 178 43.53 -42.24 -20.98
CA VAL C 178 42.43 -41.62 -21.71
C VAL C 178 42.28 -42.33 -23.05
N GLY C 179 41.08 -42.21 -23.61
CA GLY C 179 40.75 -42.87 -24.86
C GLY C 179 39.36 -43.46 -24.83
N PRO C 180 39.01 -44.24 -25.84
CA PRO C 180 37.73 -44.96 -25.82
C PRO C 180 37.71 -46.12 -24.84
N GLU C 181 38.86 -46.49 -24.27
CA GLU C 181 38.94 -47.60 -23.35
C GLU C 181 38.54 -47.24 -21.93
N THR C 182 38.31 -45.96 -21.64
CA THR C 182 37.90 -45.53 -20.31
C THR C 182 36.39 -45.49 -20.14
N LEU C 183 35.63 -45.88 -21.16
CA LEU C 183 34.18 -45.88 -21.05
C LEU C 183 33.72 -47.00 -20.14
N GLY C 184 32.85 -46.67 -19.20
CA GLY C 184 32.37 -47.64 -18.23
C GLY C 184 33.34 -47.93 -17.10
N ARG C 185 34.45 -47.21 -17.03
CA ARG C 185 35.47 -47.45 -16.01
C ARG C 185 35.55 -46.25 -15.08
N ILE C 186 35.47 -46.50 -13.78
CA ILE C 186 35.70 -45.46 -12.79
C ILE C 186 37.19 -45.35 -12.56
N MET C 187 37.69 -44.11 -12.48
CA MET C 187 39.11 -43.88 -12.29
C MET C 187 39.32 -42.83 -11.21
N ASN C 188 40.49 -42.90 -10.57
CA ASN C 188 40.82 -42.04 -9.44
C ASN C 188 41.29 -40.69 -9.96
N VAL C 189 41.73 -39.82 -9.04
CA VAL C 189 42.26 -38.52 -9.43
C VAL C 189 43.49 -38.68 -10.31
N ILE C 190 44.38 -39.61 -9.95
CA ILE C 190 45.61 -39.83 -10.70
C ILE C 190 45.46 -40.83 -11.83
N GLY C 191 44.24 -41.24 -12.14
CA GLY C 191 43.97 -42.10 -13.27
C GLY C 191 43.84 -43.58 -12.94
N GLU C 192 44.17 -43.98 -11.72
CA GLU C 192 44.09 -45.39 -11.36
C GLU C 192 42.64 -45.86 -11.38
N PRO C 193 42.36 -47.03 -11.93
CA PRO C 193 40.98 -47.55 -11.92
C PRO C 193 40.59 -48.02 -10.53
N ILE C 194 39.40 -47.63 -10.08
CA ILE C 194 38.90 -47.97 -8.77
C ILE C 194 37.65 -48.83 -8.84
N ASP C 195 37.36 -49.41 -10.00
CA ASP C 195 36.19 -50.27 -10.17
C ASP C 195 36.53 -51.75 -10.10
N GLU C 196 37.77 -52.10 -9.76
CA GLU C 196 38.20 -53.48 -9.55
C GLU C 196 38.03 -54.33 -10.81
N ARG C 197 38.03 -53.69 -11.98
CA ARG C 197 37.91 -54.39 -13.25
C ARG C 197 39.23 -54.48 -14.01
N GLY C 198 40.34 -54.23 -13.33
CA GLY C 198 41.64 -54.32 -13.97
C GLY C 198 42.11 -52.98 -14.49
N PRO C 199 43.32 -52.96 -15.06
CA PRO C 199 43.87 -51.70 -15.57
C PRO C 199 43.09 -51.19 -16.78
N ILE C 200 43.14 -49.88 -16.98
CA ILE C 200 42.48 -49.23 -18.12
C ILE C 200 43.50 -49.24 -19.25
N LYS C 201 43.53 -50.33 -20.00
CA LYS C 201 44.51 -50.51 -21.08
C LYS C 201 44.14 -49.58 -22.23
N THR C 202 44.86 -48.48 -22.36
CA THR C 202 44.64 -47.53 -23.44
C THR C 202 45.98 -47.10 -24.02
N LYS C 203 45.93 -46.64 -25.26
CA LYS C 203 47.13 -46.23 -25.98
C LYS C 203 47.49 -44.77 -25.78
N GLN C 204 46.66 -44.00 -25.09
CA GLN C 204 46.87 -42.57 -24.96
C GLN C 204 46.92 -42.17 -23.50
N PHE C 205 47.77 -41.20 -23.18
CA PHE C 205 47.85 -40.60 -21.85
C PHE C 205 47.92 -39.09 -22.01
N ALA C 206 47.08 -38.37 -21.28
CA ALA C 206 46.99 -36.93 -21.38
C ALA C 206 47.18 -36.29 -20.01
N ALA C 207 47.93 -35.19 -19.98
CA ALA C 207 48.13 -34.44 -18.75
C ALA C 207 46.86 -33.68 -18.39
N ILE C 208 46.50 -33.72 -17.10
CA ILE C 208 45.26 -33.07 -16.68
C ILE C 208 45.37 -31.55 -16.70
N HIS C 209 46.59 -31.01 -16.76
CA HIS C 209 46.80 -29.57 -16.87
C HIS C 209 47.13 -29.23 -18.31
N ALA C 210 46.35 -28.33 -18.90
CA ALA C 210 46.54 -27.94 -20.29
C ALA C 210 46.04 -26.53 -20.49
N GLU C 211 46.49 -25.92 -21.58
CA GLU C 211 46.09 -24.55 -21.90
C GLU C 211 44.65 -24.50 -22.37
N ALA C 212 43.98 -23.40 -22.06
CA ALA C 212 42.62 -23.19 -22.53
C ALA C 212 42.63 -22.93 -24.03
N PRO C 213 41.54 -23.28 -24.73
CA PRO C 213 41.48 -23.01 -26.17
C PRO C 213 41.57 -21.53 -26.46
N GLU C 214 42.18 -21.21 -27.60
CA GLU C 214 42.42 -19.83 -27.97
C GLU C 214 41.11 -19.15 -28.38
N PHE C 215 41.19 -17.83 -28.58
CA PHE C 215 40.01 -17.06 -28.96
C PHE C 215 39.50 -17.48 -30.33
N MET C 216 40.42 -17.73 -31.28
CA MET C 216 40.01 -18.12 -32.62
C MET C 216 39.33 -19.48 -32.67
N GLU C 217 39.51 -20.30 -31.65
CA GLU C 217 38.91 -21.64 -31.63
C GLU C 217 37.49 -21.65 -31.10
N MET C 218 37.00 -20.53 -30.56
CA MET C 218 35.66 -20.49 -30.01
C MET C 218 34.61 -20.60 -31.10
N SER C 219 33.55 -21.35 -30.81
CA SER C 219 32.44 -21.53 -31.73
C SER C 219 31.26 -20.68 -31.26
N VAL C 220 30.77 -19.83 -32.15
CA VAL C 220 29.72 -18.88 -31.79
C VAL C 220 28.31 -19.44 -32.00
N GLU C 221 28.17 -20.55 -32.71
CA GLU C 221 26.86 -21.12 -32.94
C GLU C 221 26.26 -21.67 -31.66
N GLN C 222 24.94 -21.66 -31.57
CA GLN C 222 24.24 -22.11 -30.37
C GLN C 222 22.83 -22.54 -30.76
N GLU C 223 22.57 -23.84 -30.71
CA GLU C 223 21.23 -24.38 -30.89
C GLU C 223 20.51 -24.39 -29.54
N ILE C 224 19.36 -25.05 -29.48
CA ILE C 224 18.62 -25.21 -28.23
C ILE C 224 18.50 -26.69 -27.92
N LEU C 225 18.88 -27.07 -26.70
CA LEU C 225 18.83 -28.46 -26.25
C LEU C 225 17.57 -28.63 -25.41
N VAL C 226 16.55 -29.25 -26.01
CA VAL C 226 15.32 -29.53 -25.28
C VAL C 226 15.57 -30.68 -24.31
N THR C 227 15.23 -30.47 -23.04
CA THR C 227 15.48 -31.45 -22.00
C THR C 227 14.24 -32.15 -21.50
N GLY C 228 13.06 -31.62 -21.79
CA GLY C 228 11.82 -32.20 -21.32
C GLY C 228 11.33 -31.67 -19.98
N ILE C 229 12.13 -30.88 -19.29
CA ILE C 229 11.71 -30.26 -18.04
C ILE C 229 11.07 -28.92 -18.35
N LYS C 230 9.89 -28.69 -17.76
CA LYS C 230 9.07 -27.54 -18.15
C LYS C 230 9.77 -26.22 -17.82
N VAL C 231 10.27 -26.08 -16.59
CA VAL C 231 10.90 -24.82 -16.19
C VAL C 231 12.14 -24.57 -17.03
N VAL C 232 12.99 -25.59 -17.19
CA VAL C 232 14.24 -25.43 -17.93
C VAL C 232 13.95 -25.11 -19.39
N ASP C 233 13.10 -25.91 -20.03
CA ASP C 233 12.84 -25.70 -21.44
C ASP C 233 12.00 -24.46 -21.71
N LEU C 234 11.39 -23.87 -20.68
CA LEU C 234 10.53 -22.71 -20.88
C LEU C 234 11.27 -21.39 -20.59
N LEU C 235 11.87 -21.28 -19.42
CA LEU C 235 12.41 -20.00 -18.97
C LEU C 235 13.92 -19.87 -19.18
N ALA C 236 14.67 -20.94 -18.98
CA ALA C 236 16.13 -20.94 -19.14
C ALA C 236 16.54 -22.11 -20.02
N PRO C 237 16.25 -22.05 -21.32
CA PRO C 237 16.54 -23.19 -22.18
C PRO C 237 18.03 -23.45 -22.29
N TYR C 238 18.38 -24.72 -22.43
CA TYR C 238 19.78 -25.13 -22.54
C TYR C 238 20.20 -25.15 -24.01
N ALA C 239 21.46 -24.83 -24.26
CA ALA C 239 22.01 -24.76 -25.61
C ALA C 239 22.96 -25.92 -25.85
N LYS C 240 22.83 -26.54 -27.02
CA LYS C 240 23.76 -27.59 -27.41
C LYS C 240 25.18 -27.03 -27.46
N GLY C 241 26.10 -27.74 -26.84
CA GLY C 241 27.47 -27.24 -26.76
C GLY C 241 27.60 -25.97 -25.95
N GLY C 242 26.91 -25.91 -24.82
CA GLY C 242 26.96 -24.73 -23.97
C GLY C 242 27.09 -25.12 -22.51
N LYS C 243 27.61 -24.19 -21.73
CA LYS C 243 27.88 -24.42 -20.32
C LYS C 243 26.61 -24.15 -19.50
N ILE C 244 26.26 -25.10 -18.63
CA ILE C 244 25.02 -25.10 -17.89
C ILE C 244 25.32 -25.12 -16.40
N GLY C 245 24.61 -24.29 -15.65
CA GLY C 245 24.81 -24.18 -14.21
C GLY C 245 23.58 -24.61 -13.45
N LEU C 246 23.80 -25.21 -12.28
CA LEU C 246 22.76 -25.77 -11.42
C LEU C 246 22.91 -25.25 -10.00
N PHE C 247 23.02 -23.93 -9.85
CA PHE C 247 23.19 -23.33 -8.53
C PHE C 247 22.10 -23.77 -7.58
N GLY C 248 22.49 -24.13 -6.37
CA GLY C 248 21.52 -24.54 -5.37
C GLY C 248 22.21 -24.79 -4.04
N GLY C 249 21.40 -24.73 -2.98
CA GLY C 249 21.88 -24.98 -1.64
C GLY C 249 21.94 -26.45 -1.31
N ALA C 250 22.00 -26.73 -0.01
CA ALA C 250 22.11 -28.10 0.49
C ALA C 250 20.71 -28.69 0.64
N GLY C 251 20.36 -29.61 -0.26
CA GLY C 251 19.08 -30.27 -0.22
C GLY C 251 18.02 -29.70 -1.14
N VAL C 252 18.39 -28.77 -2.02
CA VAL C 252 17.39 -28.18 -2.91
C VAL C 252 17.08 -29.09 -4.08
N GLY C 253 17.99 -29.99 -4.43
CA GLY C 253 17.74 -30.93 -5.51
C GLY C 253 18.69 -30.87 -6.68
N LYS C 254 19.93 -30.45 -6.43
CA LYS C 254 20.93 -30.41 -7.50
C LYS C 254 21.25 -31.80 -8.02
N THR C 255 21.50 -32.75 -7.10
CA THR C 255 21.86 -34.10 -7.52
C THR C 255 20.73 -34.78 -8.26
N VAL C 256 19.49 -34.65 -7.76
CA VAL C 256 18.35 -35.27 -8.45
C VAL C 256 18.16 -34.64 -9.81
N LEU C 257 18.29 -33.31 -9.90
CA LEU C 257 18.12 -32.64 -11.18
C LEU C 257 19.17 -33.09 -12.20
N ILE C 258 20.43 -33.20 -11.76
CA ILE C 258 21.47 -33.61 -12.70
C ILE C 258 21.30 -35.09 -13.07
N MET C 259 20.81 -35.92 -12.16
CA MET C 259 20.52 -37.30 -12.50
C MET C 259 19.40 -37.39 -13.53
N GLU C 260 18.36 -36.57 -13.38
CA GLU C 260 17.29 -36.55 -14.37
C GLU C 260 17.80 -36.05 -15.72
N LEU C 261 18.70 -35.06 -15.69
CA LEU C 261 19.29 -34.58 -16.94
C LEU C 261 20.11 -35.68 -17.61
N ILE C 262 20.86 -36.45 -16.82
CA ILE C 262 21.61 -37.58 -17.38
C ILE C 262 20.65 -38.59 -18.00
N ASN C 263 19.56 -38.90 -17.30
CA ASN C 263 18.58 -39.84 -17.83
C ASN C 263 17.98 -39.35 -19.14
N ASN C 264 17.63 -38.07 -19.20
CA ASN C 264 16.94 -37.55 -20.37
C ASN C 264 17.85 -37.31 -21.56
N VAL C 265 19.10 -36.91 -21.32
CA VAL C 265 19.98 -36.42 -22.39
C VAL C 265 21.04 -37.44 -22.76
N ALA C 266 21.70 -38.03 -21.77
CA ALA C 266 22.85 -38.90 -22.06
C ALA C 266 22.44 -40.11 -22.89
N LYS C 267 21.29 -40.72 -22.56
CA LYS C 267 20.83 -41.85 -23.35
C LYS C 267 20.48 -41.43 -24.77
N ALA C 268 19.84 -40.26 -24.92
CA ALA C 268 19.50 -39.75 -26.23
C ALA C 268 20.68 -39.10 -26.95
N HIS C 269 21.81 -38.94 -26.27
CA HIS C 269 22.96 -38.29 -26.90
C HIS C 269 23.73 -39.27 -27.76
N GLY C 270 23.98 -38.90 -29.01
CA GLY C 270 24.74 -39.76 -29.90
C GLY C 270 26.18 -39.92 -29.47
N GLY C 271 26.79 -38.84 -28.99
CA GLY C 271 28.17 -38.86 -28.59
C GLY C 271 28.37 -39.46 -27.21
N TYR C 272 29.60 -39.34 -26.72
CA TYR C 272 29.98 -39.87 -25.42
C TYR C 272 29.59 -38.90 -24.30
N SER C 273 29.74 -39.37 -23.07
CA SER C 273 29.44 -38.58 -21.89
C SER C 273 30.46 -38.88 -20.81
N VAL C 274 30.72 -37.88 -19.96
CA VAL C 274 31.67 -37.99 -18.87
C VAL C 274 31.04 -37.42 -17.61
N PHE C 275 31.07 -38.18 -16.52
CA PHE C 275 30.62 -37.72 -15.22
C PHE C 275 31.82 -37.60 -14.30
N ALA C 276 31.99 -36.44 -13.67
CA ALA C 276 33.13 -36.16 -12.81
C ALA C 276 32.61 -35.75 -11.43
N GLY C 277 32.40 -36.73 -10.56
CA GLY C 277 31.98 -36.45 -9.21
C GLY C 277 33.09 -35.84 -8.37
N VAL C 278 32.96 -34.57 -8.02
CA VAL C 278 33.99 -33.82 -7.32
C VAL C 278 33.50 -33.57 -5.90
N GLY C 279 34.17 -34.20 -4.94
CA GLY C 279 33.93 -33.92 -3.53
C GLY C 279 32.51 -34.17 -3.05
N GLU C 280 31.88 -35.24 -3.49
CA GLU C 280 30.53 -35.57 -3.10
C GLU C 280 30.52 -36.91 -2.34
N ARG C 281 29.32 -37.37 -2.02
CA ARG C 281 29.18 -38.59 -1.24
C ARG C 281 29.50 -39.81 -2.09
N THR C 282 30.19 -40.78 -1.49
CA THR C 282 30.48 -42.02 -2.19
C THR C 282 29.22 -42.86 -2.38
N ARG C 283 28.25 -42.71 -1.49
CA ARG C 283 26.97 -43.39 -1.66
C ARG C 283 26.29 -42.97 -2.94
N GLU C 284 26.30 -41.67 -3.24
CA GLU C 284 25.71 -41.19 -4.48
C GLU C 284 26.47 -41.74 -5.69
N GLY C 285 27.79 -41.83 -5.59
CA GLY C 285 28.57 -42.39 -6.68
C GLY C 285 28.23 -43.86 -6.93
N ASN C 286 28.11 -44.64 -5.87
CA ASN C 286 27.73 -46.04 -6.02
C ASN C 286 26.33 -46.17 -6.62
N ASP C 287 25.40 -45.32 -6.16
CA ASP C 287 24.05 -45.36 -6.70
C ASP C 287 24.05 -45.05 -8.19
N LEU C 288 24.80 -44.01 -8.60
CA LEU C 288 24.86 -43.67 -10.01
C LEU C 288 25.51 -44.79 -10.82
N TYR C 289 26.57 -45.39 -10.29
CA TYR C 289 27.23 -46.48 -11.00
C TYR C 289 26.29 -47.65 -11.22
N HIS C 290 25.56 -48.05 -10.18
CA HIS C 290 24.62 -49.16 -10.33
C HIS C 290 23.45 -48.81 -11.24
N GLU C 291 22.95 -47.57 -11.15
CA GLU C 291 21.85 -47.15 -12.01
C GLU C 291 22.27 -47.17 -13.47
N MET C 292 23.48 -46.69 -13.78
CA MET C 292 23.92 -46.70 -15.17
C MET C 292 24.30 -48.10 -15.63
N ILE C 293 24.68 -48.97 -14.70
CA ILE C 293 24.90 -50.37 -15.08
C ILE C 293 23.57 -51.03 -15.46
N GLU C 294 22.54 -50.81 -14.66
CA GLU C 294 21.25 -51.43 -14.96
C GLU C 294 20.47 -50.70 -16.04
N SER C 295 20.88 -49.48 -16.40
CA SER C 295 20.22 -48.75 -17.48
C SER C 295 20.87 -48.98 -18.83
N GLY C 296 21.94 -49.79 -18.89
CA GLY C 296 22.61 -50.07 -20.14
C GLY C 296 23.62 -49.02 -20.57
N VAL C 297 23.71 -47.90 -19.87
CA VAL C 297 24.67 -46.87 -20.24
C VAL C 297 26.09 -47.35 -20.00
N ILE C 298 26.31 -48.06 -18.91
CA ILE C 298 27.58 -48.73 -18.64
C ILE C 298 27.34 -50.23 -18.72
N ASN C 299 28.04 -50.88 -19.65
CA ASN C 299 27.90 -52.32 -19.85
C ASN C 299 29.23 -52.99 -19.55
N LEU C 300 29.24 -53.83 -18.52
CA LEU C 300 30.47 -54.52 -18.12
C LEU C 300 30.84 -55.65 -19.06
N LYS C 301 29.85 -56.27 -19.71
CA LYS C 301 30.11 -57.48 -20.48
C LYS C 301 30.87 -57.16 -21.77
N ASP C 302 30.44 -56.14 -22.49
CA ASP C 302 31.08 -55.77 -23.75
C ASP C 302 31.32 -54.26 -23.78
N ALA C 303 32.09 -53.82 -24.77
CA ALA C 303 32.55 -52.44 -24.87
C ALA C 303 31.55 -51.58 -25.64
N THR C 304 30.36 -51.44 -25.07
CA THR C 304 29.33 -50.55 -25.62
C THR C 304 28.93 -49.48 -24.62
N SER C 305 29.77 -49.19 -23.63
CA SER C 305 29.48 -48.16 -22.66
C SER C 305 29.61 -46.78 -23.28
N LYS C 306 28.84 -45.83 -22.76
CA LYS C 306 28.81 -44.48 -23.28
C LYS C 306 29.17 -43.41 -22.26
N VAL C 307 29.43 -43.78 -21.01
CA VAL C 307 29.72 -42.81 -19.95
C VAL C 307 31.01 -43.23 -19.24
N ALA C 308 31.95 -42.31 -19.15
CA ALA C 308 33.14 -42.49 -18.32
C ALA C 308 32.91 -41.85 -16.96
N LEU C 309 33.60 -42.38 -15.95
CA LEU C 309 33.42 -41.93 -14.58
C LEU C 309 34.77 -41.54 -13.98
N VAL C 310 34.81 -40.36 -13.37
CA VAL C 310 35.96 -39.89 -12.60
C VAL C 310 35.43 -39.47 -11.24
N TYR C 311 35.97 -40.06 -10.18
CA TYR C 311 35.40 -39.91 -8.85
C TYR C 311 36.47 -39.56 -7.83
N GLY C 312 36.41 -38.33 -7.31
CA GLY C 312 37.12 -37.98 -6.09
C GLY C 312 36.14 -37.43 -5.08
N GLN C 313 35.91 -38.18 -4.01
CA GLN C 313 34.83 -37.88 -3.08
C GLN C 313 35.35 -37.14 -1.86
N MET C 314 34.41 -36.78 -0.96
CA MET C 314 34.75 -35.94 0.17
C MET C 314 35.66 -36.62 1.18
N ASN C 315 35.84 -37.95 1.11
CA ASN C 315 36.80 -38.60 1.97
C ASN C 315 38.23 -38.37 1.51
N GLU C 316 38.41 -37.97 0.25
CA GLU C 316 39.75 -37.72 -0.27
C GLU C 316 40.33 -36.46 0.35
N PRO C 317 41.65 -36.36 0.44
CA PRO C 317 42.28 -35.13 0.94
C PRO C 317 42.00 -33.96 0.00
N PRO C 318 42.16 -32.73 0.48
CA PRO C 318 41.83 -31.58 -0.38
C PRO C 318 42.63 -31.52 -1.67
N GLY C 319 43.83 -32.08 -1.68
CA GLY C 319 44.59 -32.13 -2.93
C GLY C 319 43.89 -32.92 -4.01
N ALA C 320 43.25 -34.03 -3.63
CA ALA C 320 42.57 -34.87 -4.60
C ALA C 320 41.31 -34.20 -5.14
N ARG C 321 40.51 -33.60 -4.26
CA ARG C 321 39.27 -32.95 -4.69
C ARG C 321 39.51 -31.71 -5.53
N ALA C 322 40.72 -31.16 -5.54
CA ALA C 322 41.05 -30.01 -6.35
C ALA C 322 41.56 -30.38 -7.73
N ARG C 323 41.55 -31.68 -8.08
CA ARG C 323 42.08 -32.12 -9.36
C ARG C 323 41.17 -33.10 -10.10
N VAL C 324 40.13 -33.64 -9.47
CA VAL C 324 39.26 -34.59 -10.16
C VAL C 324 38.49 -33.90 -11.26
N ALA C 325 38.08 -32.65 -11.04
CA ALA C 325 37.43 -31.89 -12.10
C ALA C 325 38.34 -31.77 -13.31
N LEU C 326 39.64 -31.55 -13.07
CA LEU C 326 40.59 -31.49 -14.16
C LEU C 326 40.69 -32.83 -14.89
N THR C 327 40.67 -33.94 -14.15
CA THR C 327 40.74 -35.25 -14.79
C THR C 327 39.52 -35.51 -15.65
N GLY C 328 38.32 -35.23 -15.13
CA GLY C 328 37.12 -35.42 -15.90
C GLY C 328 37.06 -34.55 -17.13
N LEU C 329 37.42 -33.26 -16.98
CA LEU C 329 37.41 -32.39 -18.13
C LEU C 329 38.52 -32.73 -19.10
N THR C 330 39.58 -33.40 -18.64
CA THR C 330 40.60 -33.87 -19.56
C THR C 330 40.11 -35.04 -20.40
N VAL C 331 39.38 -35.96 -19.78
CA VAL C 331 38.74 -37.01 -20.56
C VAL C 331 37.77 -36.42 -21.56
N ALA C 332 36.99 -35.42 -21.13
CA ALA C 332 36.09 -34.73 -22.05
C ALA C 332 36.86 -34.03 -23.17
N GLU C 333 38.00 -33.43 -22.85
CA GLU C 333 38.81 -32.77 -23.86
C GLU C 333 39.32 -33.74 -24.90
N TYR C 334 39.75 -34.94 -24.46
CA TYR C 334 40.15 -35.95 -25.43
C TYR C 334 38.97 -36.35 -26.31
N PHE C 335 37.80 -36.58 -25.70
CA PHE C 335 36.64 -36.97 -26.49
C PHE C 335 36.18 -35.85 -27.42
N ARG C 336 36.58 -34.61 -27.13
CA ARG C 336 36.18 -33.48 -27.97
C ARG C 336 37.16 -33.23 -29.10
N ASP C 337 38.47 -33.27 -28.80
CA ASP C 337 39.49 -32.87 -29.76
C ASP C 337 40.00 -34.04 -30.61
N GLN C 338 40.49 -35.09 -29.95
CA GLN C 338 41.04 -36.22 -30.70
C GLN C 338 39.95 -36.89 -31.53
N GLU C 339 38.76 -37.03 -30.98
CA GLU C 339 37.60 -37.51 -31.71
C GLU C 339 36.59 -36.38 -31.87
N GLY C 340 36.01 -36.29 -33.06
CA GLY C 340 35.12 -35.19 -33.38
C GLY C 340 33.72 -35.27 -32.81
N GLN C 341 33.45 -36.28 -31.98
CA GLN C 341 32.11 -36.47 -31.45
C GLN C 341 31.78 -35.41 -30.40
N ASP C 342 30.47 -35.24 -30.16
CA ASP C 342 30.00 -34.37 -29.11
C ASP C 342 30.20 -35.03 -27.74
N VAL C 343 30.38 -34.21 -26.72
CA VAL C 343 30.69 -34.69 -25.38
C VAL C 343 29.73 -34.07 -24.39
N LEU C 344 29.34 -34.87 -23.39
CA LEU C 344 28.55 -34.42 -22.26
C LEU C 344 29.42 -34.53 -21.01
N LEU C 345 29.56 -33.42 -20.28
CA LEU C 345 30.40 -33.38 -19.09
C LEU C 345 29.54 -32.97 -17.90
N PHE C 346 29.19 -33.94 -17.07
CA PHE C 346 28.40 -33.68 -15.87
C PHE C 346 29.34 -33.63 -14.68
N ILE C 347 29.33 -32.51 -13.97
CA ILE C 347 30.18 -32.29 -12.80
C ILE C 347 29.29 -32.06 -11.59
N ASP C 348 29.55 -32.80 -10.51
CA ASP C 348 28.79 -32.64 -9.28
C ASP C 348 29.68 -33.09 -8.13
N ASN C 349 30.12 -32.14 -7.31
CA ASN C 349 29.78 -30.72 -7.37
C ASN C 349 31.03 -29.90 -7.62
N ILE C 350 30.92 -28.89 -8.49
CA ILE C 350 32.08 -28.10 -8.87
C ILE C 350 32.56 -27.18 -7.76
N PHE C 351 31.72 -26.89 -6.76
CA PHE C 351 32.13 -26.02 -5.67
C PHE C 351 33.26 -26.65 -4.86
N ARG C 352 33.31 -27.98 -4.78
CA ARG C 352 34.34 -28.64 -3.99
C ARG C 352 35.74 -28.38 -4.54
N PHE C 353 35.84 -28.09 -5.84
CA PHE C 353 37.12 -27.67 -6.41
C PHE C 353 37.61 -26.39 -5.74
N THR C 354 36.75 -25.38 -5.67
CA THR C 354 37.08 -24.15 -4.95
C THR C 354 37.29 -24.42 -3.47
N GLN C 355 36.45 -25.26 -2.87
CA GLN C 355 36.60 -25.54 -1.45
C GLN C 355 37.92 -26.25 -1.16
N ALA C 356 38.31 -27.18 -2.03
CA ALA C 356 39.59 -27.86 -1.87
C ALA C 356 40.75 -26.89 -2.03
N GLY C 357 40.66 -26.00 -3.03
CA GLY C 357 41.68 -24.98 -3.18
C GLY C 357 41.81 -24.11 -1.94
N SER C 358 40.68 -23.71 -1.36
CA SER C 358 40.69 -22.93 -0.13
C SER C 358 41.31 -23.71 1.02
N GLU C 359 40.99 -25.00 1.10
CA GLU C 359 41.54 -25.83 2.17
C GLU C 359 43.05 -25.92 2.08
N VAL C 360 43.60 -26.03 0.87
CA VAL C 360 45.05 -26.13 0.71
C VAL C 360 45.74 -24.76 0.73
N SER C 361 45.00 -23.67 0.51
CA SER C 361 45.62 -22.36 0.36
C SER C 361 46.36 -21.93 1.61
N ALA C 362 45.76 -22.13 2.79
CA ALA C 362 46.37 -21.64 4.02
C ALA C 362 47.73 -22.28 4.24
N LEU C 363 47.84 -23.59 4.05
CA LEU C 363 49.12 -24.26 4.20
C LEU C 363 50.06 -23.97 3.03
N LEU C 364 49.52 -23.60 1.87
CA LEU C 364 50.38 -23.23 0.75
C LEU C 364 51.16 -21.95 1.02
N GLY C 365 50.75 -21.15 2.00
CA GLY C 365 51.47 -19.93 2.32
C GLY C 365 50.91 -18.70 1.64
N ARG C 366 49.59 -18.53 1.72
CA ARG C 366 48.90 -17.42 1.07
C ARG C 366 48.09 -16.64 2.10
N ILE C 367 48.11 -15.33 1.99
CA ILE C 367 47.24 -14.50 2.82
C ILE C 367 45.79 -14.75 2.42
N PRO C 368 44.89 -15.08 3.35
CA PRO C 368 43.53 -15.42 2.97
C PRO C 368 42.82 -14.25 2.31
N SER C 369 42.00 -14.57 1.30
CA SER C 369 41.17 -13.58 0.64
C SER C 369 39.86 -13.42 1.41
N ALA C 370 38.88 -12.75 0.81
CA ALA C 370 37.60 -12.56 1.47
C ALA C 370 36.93 -13.90 1.76
N VAL C 371 36.10 -13.91 2.81
CA VAL C 371 35.42 -15.09 3.36
C VAL C 371 36.36 -16.30 3.43
N GLY C 372 37.65 -16.06 3.58
CA GLY C 372 38.60 -17.13 3.82
C GLY C 372 38.97 -17.95 2.61
N TYR C 373 38.61 -17.50 1.41
CA TYR C 373 38.98 -18.20 0.19
C TYR C 373 40.43 -17.89 -0.18
N GLN C 374 40.94 -18.65 -1.13
CA GLN C 374 42.28 -18.40 -1.62
C GLN C 374 42.30 -17.12 -2.45
N PRO C 375 43.41 -16.37 -2.43
CA PRO C 375 43.50 -15.19 -3.30
C PRO C 375 43.43 -15.52 -4.78
N THR C 376 43.79 -16.73 -5.18
CA THR C 376 43.77 -17.13 -6.58
C THR C 376 42.47 -17.82 -6.98
N LEU C 377 41.37 -17.53 -6.28
CA LEU C 377 40.10 -18.20 -6.53
C LEU C 377 39.65 -18.01 -7.98
N ALA C 378 39.47 -16.75 -8.39
CA ALA C 378 38.98 -16.47 -9.73
C ALA C 378 39.93 -16.99 -10.79
N THR C 379 41.25 -16.87 -10.54
CA THR C 379 42.23 -17.30 -11.54
C THR C 379 42.14 -18.80 -11.80
N ASP C 380 42.17 -19.61 -10.74
CA ASP C 380 42.11 -21.06 -10.94
C ASP C 380 40.75 -21.49 -11.46
N MET C 381 39.68 -20.87 -10.96
CA MET C 381 38.35 -21.22 -11.47
C MET C 381 38.23 -20.94 -12.95
N GLY C 382 38.73 -19.78 -13.39
CA GLY C 382 38.71 -19.48 -14.82
C GLY C 382 39.59 -20.41 -15.62
N THR C 383 40.78 -20.73 -15.11
CA THR C 383 41.66 -21.65 -15.80
C THR C 383 41.00 -23.00 -16.01
N MET C 384 40.23 -23.46 -15.01
CA MET C 384 39.50 -24.71 -15.17
C MET C 384 38.33 -24.56 -16.14
N GLN C 385 37.56 -23.47 -16.02
CA GLN C 385 36.31 -23.35 -16.75
C GLN C 385 36.54 -23.12 -18.23
N GLU C 386 37.54 -22.30 -18.59
CA GLU C 386 37.76 -21.99 -19.99
C GLU C 386 38.10 -23.22 -20.81
N ARG C 387 38.69 -24.24 -20.17
CA ARG C 387 38.96 -25.48 -20.88
C ARG C 387 37.67 -26.20 -21.26
N ILE C 388 36.61 -26.01 -20.49
CA ILE C 388 35.32 -26.66 -20.78
C ILE C 388 34.55 -25.72 -21.67
N THR C 389 34.85 -25.78 -22.96
CA THR C 389 34.20 -24.91 -23.95
C THR C 389 34.01 -25.69 -25.24
N THR C 390 33.06 -25.21 -26.05
CA THR C 390 32.85 -25.76 -27.38
C THR C 390 33.81 -25.10 -28.36
N THR C 391 34.69 -25.91 -28.94
CA THR C 391 35.65 -25.42 -29.92
C THR C 391 35.13 -25.71 -31.33
N LYS C 392 35.95 -25.37 -32.32
CA LYS C 392 35.59 -25.70 -33.69
C LYS C 392 35.78 -27.19 -33.97
N LYS C 393 36.68 -27.85 -33.24
CA LYS C 393 36.88 -29.28 -33.43
C LYS C 393 35.71 -30.08 -32.89
N GLY C 394 35.20 -29.69 -31.72
CA GLY C 394 34.09 -30.43 -31.11
C GLY C 394 33.36 -29.55 -30.12
N SER C 395 32.28 -30.12 -29.58
CA SER C 395 31.42 -29.41 -28.65
C SER C 395 31.26 -30.22 -27.37
N ILE C 396 31.42 -29.55 -26.23
CA ILE C 396 31.25 -30.17 -24.92
C ILE C 396 30.08 -29.47 -24.24
N THR C 397 29.01 -30.23 -23.99
CA THR C 397 27.86 -29.72 -23.25
C THR C 397 28.09 -30.04 -21.77
N SER C 398 28.38 -29.01 -20.98
CA SER C 398 28.73 -29.20 -19.58
C SER C 398 27.53 -28.83 -18.71
N VAL C 399 27.13 -29.75 -17.84
CA VAL C 399 26.06 -29.54 -16.87
C VAL C 399 26.69 -29.64 -15.50
N GLN C 400 27.08 -28.50 -14.93
CA GLN C 400 27.80 -28.45 -13.67
C GLN C 400 26.84 -28.11 -12.53
N ALA C 401 26.89 -28.91 -11.48
CA ALA C 401 26.15 -28.63 -10.26
C ALA C 401 27.02 -27.81 -9.33
N ILE C 402 26.48 -26.70 -8.83
CA ILE C 402 27.23 -25.74 -8.04
C ILE C 402 26.58 -25.61 -6.67
N TYR C 403 27.31 -25.99 -5.64
CA TYR C 403 26.82 -25.86 -4.27
C TYR C 403 26.94 -24.42 -3.81
N VAL C 404 25.85 -23.88 -3.29
CA VAL C 404 25.81 -22.51 -2.78
C VAL C 404 25.81 -22.57 -1.26
N PRO C 405 26.89 -22.20 -0.58
CA PRO C 405 26.92 -22.30 0.88
C PRO C 405 25.88 -21.40 1.52
N ALA C 406 25.15 -21.96 2.48
CA ALA C 406 24.13 -21.25 3.26
C ALA C 406 23.06 -20.61 2.38
N ASP C 407 22.91 -21.11 1.15
CA ASP C 407 21.96 -20.55 0.19
C ASP C 407 22.20 -19.05 -0.03
N ASP C 408 23.47 -18.65 -0.02
CA ASP C 408 23.87 -17.26 -0.21
C ASP C 408 24.60 -17.18 -1.54
N LEU C 409 23.87 -16.76 -2.58
CA LEU C 409 24.45 -16.69 -3.92
C LEU C 409 25.46 -15.55 -4.07
N THR C 410 25.56 -14.68 -3.08
CA THR C 410 26.58 -13.64 -3.10
C THR C 410 27.92 -14.14 -2.59
N ASP C 411 28.01 -15.39 -2.17
CA ASP C 411 29.28 -15.97 -1.80
C ASP C 411 30.20 -15.99 -3.01
N PRO C 412 31.50 -15.71 -2.82
CA PRO C 412 32.39 -15.62 -4.00
C PRO C 412 32.45 -16.86 -4.85
N ALA C 413 32.42 -18.05 -4.26
CA ALA C 413 32.56 -19.29 -5.03
C ALA C 413 31.43 -19.46 -6.03
N PRO C 414 30.16 -19.32 -5.64
CA PRO C 414 29.10 -19.37 -6.65
C PRO C 414 28.99 -18.09 -7.47
N ALA C 415 29.38 -16.94 -6.91
CA ALA C 415 29.27 -15.69 -7.66
C ALA C 415 30.18 -15.68 -8.87
N THR C 416 31.41 -16.18 -8.72
CA THR C 416 32.35 -16.16 -9.84
C THR C 416 31.93 -17.12 -10.95
N THR C 417 31.17 -18.15 -10.61
CA THR C 417 30.78 -19.15 -11.61
C THR C 417 29.72 -18.61 -12.57
N PHE C 418 29.00 -17.55 -12.17
CA PHE C 418 27.92 -17.04 -13.03
C PHE C 418 28.46 -16.54 -14.36
N ALA C 419 29.61 -15.87 -14.34
CA ALA C 419 30.20 -15.37 -15.58
C ALA C 419 30.73 -16.49 -16.47
N HIS C 420 30.83 -17.72 -15.95
CA HIS C 420 31.37 -18.83 -16.71
C HIS C 420 30.32 -19.73 -17.34
N LEU C 421 29.04 -19.40 -17.20
CA LEU C 421 27.95 -20.26 -17.64
C LEU C 421 27.00 -19.50 -18.55
N ASP C 422 26.56 -20.15 -19.62
CA ASP C 422 25.59 -19.54 -20.52
C ASP C 422 24.19 -19.59 -19.92
N ALA C 423 23.71 -20.79 -19.63
CA ALA C 423 22.41 -20.98 -19.00
C ALA C 423 22.61 -21.36 -17.54
N THR C 424 21.89 -20.69 -16.64
CA THR C 424 22.00 -20.93 -15.21
C THR C 424 20.63 -21.31 -14.66
N THR C 425 20.63 -22.29 -13.76
CA THR C 425 19.41 -22.78 -13.12
C THR C 425 19.61 -22.71 -11.62
N VAL C 426 18.90 -21.78 -10.98
CA VAL C 426 19.04 -21.54 -9.55
C VAL C 426 17.88 -22.26 -8.86
N LEU C 427 18.20 -23.28 -8.08
CA LEU C 427 17.21 -23.96 -7.26
C LEU C 427 17.16 -23.31 -5.88
N SER C 428 15.97 -22.89 -5.47
CA SER C 428 15.78 -22.14 -4.24
C SER C 428 15.11 -23.00 -3.19
N ARG C 429 15.48 -22.80 -1.94
CA ARG C 429 14.92 -23.59 -0.85
C ARG C 429 13.46 -23.23 -0.59
N ALA C 430 13.08 -21.97 -0.79
CA ALA C 430 11.71 -21.55 -0.53
C ALA C 430 10.73 -22.28 -1.44
N ILE C 431 11.09 -22.44 -2.71
CA ILE C 431 10.22 -23.15 -3.65
C ILE C 431 10.17 -24.63 -3.30
N ALA C 432 11.30 -25.21 -2.90
CA ALA C 432 11.32 -26.62 -2.53
C ALA C 432 10.44 -26.88 -1.31
N GLU C 433 10.47 -25.97 -0.32
CA GLU C 433 9.66 -26.15 0.87
C GLU C 433 8.17 -26.11 0.56
N LEU C 434 7.78 -25.43 -0.53
CA LEU C 434 6.39 -25.44 -0.96
C LEU C 434 5.99 -26.76 -1.60
N GLY C 435 6.94 -27.66 -1.84
CA GLY C 435 6.66 -28.92 -2.49
C GLY C 435 6.85 -28.91 -4.00
N ILE C 436 7.17 -27.76 -4.58
CA ILE C 436 7.35 -27.65 -6.02
C ILE C 436 8.72 -28.22 -6.37
N TYR C 437 8.73 -29.38 -7.03
CA TYR C 437 9.95 -29.99 -7.51
C TYR C 437 9.89 -30.15 -9.02
N PRO C 438 10.91 -29.72 -9.77
CA PRO C 438 12.19 -29.15 -9.30
C PRO C 438 12.04 -27.76 -8.69
N ALA C 439 12.96 -27.37 -7.82
CA ALA C 439 12.89 -26.11 -7.09
C ALA C 439 13.49 -24.96 -7.89
N VAL C 440 13.52 -25.07 -9.22
CA VAL C 440 14.08 -24.03 -10.05
C VAL C 440 13.38 -22.70 -9.78
N ASP C 441 14.17 -21.65 -9.58
CA ASP C 441 13.61 -20.33 -9.34
C ASP C 441 13.28 -19.68 -10.68
N PRO C 442 11.99 -19.48 -10.99
CA PRO C 442 11.63 -18.90 -12.29
C PRO C 442 12.17 -17.49 -12.49
N LEU C 443 12.28 -16.69 -11.44
CA LEU C 443 12.71 -15.31 -11.55
C LEU C 443 14.21 -15.14 -11.33
N ASP C 444 14.97 -16.22 -11.24
CA ASP C 444 16.41 -16.16 -11.09
C ASP C 444 17.16 -16.92 -12.16
N SER C 445 16.56 -17.93 -12.77
CA SER C 445 17.22 -18.67 -13.83
C SER C 445 17.35 -17.80 -15.09
N THR C 446 18.49 -17.92 -15.75
CA THR C 446 18.77 -17.15 -16.96
C THR C 446 19.40 -18.05 -18.01
N SER C 447 19.20 -17.68 -19.27
CA SER C 447 19.80 -18.41 -20.40
C SER C 447 20.18 -17.41 -21.47
N ARG C 448 21.35 -17.61 -22.08
CA ARG C 448 21.79 -16.71 -23.13
C ARG C 448 20.91 -16.83 -24.38
N ILE C 449 20.43 -18.04 -24.67
CA ILE C 449 19.60 -18.24 -25.86
C ILE C 449 18.16 -17.78 -25.67
N MET C 450 17.81 -17.30 -24.47
CA MET C 450 16.47 -16.74 -24.27
C MET C 450 16.37 -15.40 -24.98
N ASP C 451 15.90 -15.43 -26.22
CA ASP C 451 15.85 -14.26 -27.09
C ASP C 451 14.90 -14.54 -28.25
N PRO C 452 14.05 -13.59 -28.62
CA PRO C 452 13.08 -13.86 -29.71
C PRO C 452 13.73 -14.22 -31.02
N ASN C 453 14.93 -13.71 -31.30
CA ASN C 453 15.63 -14.06 -32.53
C ASN C 453 16.15 -15.49 -32.54
N ILE C 454 16.16 -16.16 -31.39
CA ILE C 454 16.69 -17.52 -31.28
C ILE C 454 15.58 -18.53 -31.00
N VAL C 455 14.85 -18.35 -29.90
CA VAL C 455 13.80 -19.30 -29.53
C VAL C 455 12.45 -18.99 -30.14
N GLY C 456 12.36 -17.95 -30.96
CA GLY C 456 11.09 -17.59 -31.56
C GLY C 456 10.32 -16.59 -30.72
N SER C 457 9.42 -15.85 -31.37
CA SER C 457 8.66 -14.83 -30.67
C SER C 457 7.71 -15.45 -29.65
N GLU C 458 7.06 -16.56 -30.00
CA GLU C 458 6.07 -17.16 -29.12
C GLU C 458 6.68 -17.65 -27.81
N HIS C 459 7.82 -18.35 -27.91
CA HIS C 459 8.47 -18.87 -26.71
C HIS C 459 8.91 -17.74 -25.79
N TYR C 460 9.53 -16.70 -26.37
CA TYR C 460 9.99 -15.57 -25.58
C TYR C 460 8.81 -14.85 -24.93
N ASP C 461 7.72 -14.66 -25.67
CA ASP C 461 6.56 -14.00 -25.10
C ASP C 461 5.96 -14.80 -23.95
N VAL C 462 5.86 -16.13 -24.11
CA VAL C 462 5.30 -16.95 -23.05
C VAL C 462 6.19 -16.89 -21.80
N ALA C 463 7.50 -17.03 -21.99
CA ALA C 463 8.40 -17.00 -20.85
C ALA C 463 8.37 -15.66 -20.13
N ARG C 464 8.39 -14.56 -20.90
CA ARG C 464 8.36 -13.24 -20.28
C ARG C 464 7.03 -12.98 -19.58
N GLY C 465 5.92 -13.45 -20.16
CA GLY C 465 4.64 -13.31 -19.48
C GLY C 465 4.59 -14.08 -18.17
N VAL C 466 5.13 -15.30 -18.18
CA VAL C 466 5.18 -16.09 -16.94
C VAL C 466 5.99 -15.37 -15.88
N GLN C 467 7.18 -14.88 -16.26
CA GLN C 467 8.03 -14.18 -15.30
C GLN C 467 7.35 -12.92 -14.79
N LYS C 468 6.71 -12.15 -15.68
CA LYS C 468 6.05 -10.92 -15.27
C LYS C 468 4.90 -11.20 -14.31
N ILE C 469 4.08 -12.22 -14.60
CA ILE C 469 2.96 -12.50 -13.72
C ILE C 469 3.46 -13.03 -12.38
N LEU C 470 4.55 -13.79 -12.36
CA LEU C 470 5.11 -14.24 -11.08
C LEU C 470 5.66 -13.08 -10.28
N GLN C 471 6.31 -12.12 -10.94
CA GLN C 471 6.78 -10.93 -10.24
C GLN C 471 5.62 -10.12 -9.68
N ASP C 472 4.53 -9.99 -10.44
CA ASP C 472 3.36 -9.28 -9.95
C ASP C 472 2.74 -10.02 -8.77
N TYR C 473 2.77 -11.35 -8.80
CA TYR C 473 2.30 -12.14 -7.66
C TYR C 473 3.16 -11.89 -6.44
N LYS C 474 4.48 -11.82 -6.63
CA LYS C 474 5.36 -11.47 -5.51
C LYS C 474 5.01 -10.11 -4.94
N SER C 475 4.72 -9.14 -5.82
CA SER C 475 4.33 -7.81 -5.35
C SER C 475 3.02 -7.86 -4.57
N LEU C 476 2.04 -8.64 -5.05
CA LEU C 476 0.74 -8.70 -4.42
C LEU C 476 0.74 -9.50 -3.12
N GLN C 477 1.72 -10.38 -2.93
CA GLN C 477 1.78 -11.16 -1.68
C GLN C 477 1.93 -10.24 -0.47
N ASP C 478 2.72 -9.17 -0.61
CA ASP C 478 2.88 -8.23 0.49
C ASP C 478 1.54 -7.60 0.86
N ILE C 479 0.76 -7.18 -0.15
CA ILE C 479 -0.56 -6.62 0.14
C ILE C 479 -1.45 -7.64 0.81
N ILE C 480 -1.43 -8.88 0.31
CA ILE C 480 -2.26 -9.94 0.89
C ILE C 480 -1.88 -10.19 2.34
N ALA C 481 -0.61 -9.95 2.69
CA ALA C 481 -0.16 -10.21 4.06
C ALA C 481 -0.92 -9.36 5.07
N ILE C 482 -1.19 -8.10 4.74
CA ILE C 482 -1.86 -7.19 5.65
C ILE C 482 -3.34 -7.04 5.31
N LEU C 483 -3.65 -6.76 4.04
CA LEU C 483 -5.02 -6.52 3.63
C LEU C 483 -5.88 -7.76 3.81
N GLY C 484 -5.36 -8.93 3.41
CA GLY C 484 -6.15 -10.14 3.40
C GLY C 484 -6.60 -10.50 2.00
N MET C 485 -6.59 -11.80 1.68
CA MET C 485 -6.92 -12.23 0.33
C MET C 485 -8.36 -11.90 -0.03
N ASP C 486 -9.29 -12.08 0.91
CA ASP C 486 -10.70 -11.83 0.63
C ASP C 486 -10.96 -10.34 0.37
N GLU C 487 -10.07 -9.47 0.83
CA GLU C 487 -10.24 -8.03 0.66
C GLU C 487 -9.63 -7.51 -0.64
N LEU C 488 -8.97 -8.35 -1.42
CA LEU C 488 -8.41 -7.91 -2.70
C LEU C 488 -9.53 -7.65 -3.71
N SER C 489 -9.17 -6.88 -4.74
CA SER C 489 -10.11 -6.64 -5.82
C SER C 489 -10.32 -7.92 -6.64
N GLU C 490 -11.33 -7.89 -7.50
CA GLU C 490 -11.60 -9.05 -8.33
C GLU C 490 -10.59 -9.21 -9.45
N GLU C 491 -9.95 -8.10 -9.87
CA GLU C 491 -9.00 -8.18 -10.96
C GLU C 491 -7.71 -8.89 -10.53
N ASP C 492 -7.15 -8.51 -9.38
CA ASP C 492 -5.88 -9.09 -8.96
C ASP C 492 -6.05 -10.48 -8.35
N LYS C 493 -7.25 -10.84 -7.92
CA LYS C 493 -7.49 -12.23 -7.51
C LYS C 493 -7.27 -13.18 -8.67
N LEU C 494 -7.71 -12.78 -9.87
CA LEU C 494 -7.47 -13.60 -11.05
C LEU C 494 -5.97 -13.74 -11.34
N THR C 495 -5.21 -12.65 -11.18
CA THR C 495 -3.77 -12.72 -11.39
C THR C 495 -3.11 -13.64 -10.38
N VAL C 496 -3.54 -13.57 -9.12
CA VAL C 496 -2.98 -14.44 -8.09
C VAL C 496 -3.30 -15.90 -8.39
N SER C 497 -4.54 -16.17 -8.83
CA SER C 497 -4.91 -17.54 -9.18
C SER C 497 -4.10 -18.06 -10.34
N ARG C 498 -3.91 -17.24 -11.38
CA ARG C 498 -3.09 -17.65 -12.52
C ARG C 498 -1.65 -17.88 -12.09
N ALA C 499 -1.13 -17.05 -11.20
CA ALA C 499 0.24 -17.23 -10.72
C ALA C 499 0.38 -18.52 -9.93
N ARG C 500 -0.61 -18.84 -9.09
CA ARG C 500 -0.59 -20.11 -8.38
C ARG C 500 -0.62 -21.28 -9.35
N LYS C 501 -1.46 -21.19 -10.38
CA LYS C 501 -1.53 -22.26 -11.37
C LYS C 501 -0.21 -22.41 -12.10
N ILE C 502 0.44 -21.31 -12.44
CA ILE C 502 1.73 -21.37 -13.14
C ILE C 502 2.80 -21.96 -12.24
N GLN C 503 2.82 -21.55 -10.97
CA GLN C 503 3.79 -22.11 -10.03
C GLN C 503 3.62 -23.61 -9.89
N ARG C 504 2.38 -24.08 -9.80
CA ARG C 504 2.17 -25.52 -9.68
C ARG C 504 2.47 -26.25 -10.99
N PHE C 505 2.18 -25.62 -12.13
CA PHE C 505 2.43 -26.26 -13.41
C PHE C 505 3.90 -26.28 -13.78
N LEU C 506 4.72 -25.44 -13.14
CA LEU C 506 6.16 -25.52 -13.34
C LEU C 506 6.71 -26.81 -12.74
N SER C 507 6.07 -27.31 -11.69
CA SER C 507 6.50 -28.56 -11.07
C SER C 507 6.31 -29.71 -12.04
N GLN C 508 7.18 -30.73 -11.92
CA GLN C 508 7.15 -31.86 -12.80
C GLN C 508 7.80 -33.05 -12.14
N PRO C 509 7.14 -34.21 -12.14
CA PRO C 509 7.79 -35.43 -11.61
C PRO C 509 8.94 -35.87 -12.50
N PHE C 510 9.92 -36.50 -11.87
CA PHE C 510 11.11 -36.98 -12.57
C PHE C 510 11.20 -38.49 -12.49
N GLN C 511 11.77 -39.08 -13.54
CA GLN C 511 11.98 -40.54 -13.54
C GLN C 511 12.93 -40.95 -12.43
N VAL C 512 13.98 -40.16 -12.21
CA VAL C 512 14.92 -40.45 -11.13
C VAL C 512 14.30 -40.19 -9.76
N ALA C 513 13.19 -39.45 -9.71
CA ALA C 513 12.52 -39.11 -8.46
C ALA C 513 11.27 -39.95 -8.21
N GLU C 514 11.11 -41.05 -8.94
CA GLU C 514 9.95 -41.91 -8.72
C GLU C 514 9.98 -42.54 -7.34
N VAL C 515 11.18 -42.82 -6.81
CA VAL C 515 11.31 -43.46 -5.52
C VAL C 515 10.79 -42.59 -4.39
N PHE C 516 10.79 -41.27 -4.56
CA PHE C 516 10.35 -40.38 -3.49
C PHE C 516 8.87 -40.03 -3.62
N THR C 517 8.49 -39.41 -4.74
CA THR C 517 7.12 -38.94 -4.90
C THR C 517 6.17 -40.09 -5.24
N GLY C 518 6.63 -41.07 -6.01
CA GLY C 518 5.79 -42.15 -6.46
C GLY C 518 5.11 -41.90 -7.80
N HIS C 519 5.05 -40.65 -8.25
CA HIS C 519 4.44 -40.34 -9.53
C HIS C 519 5.30 -40.87 -10.68
N LEU C 520 4.64 -41.19 -11.78
CA LEU C 520 5.35 -41.60 -12.98
C LEU C 520 6.13 -40.43 -13.57
N GLY C 521 7.38 -40.67 -13.95
CA GLY C 521 8.19 -39.63 -14.54
C GLY C 521 7.60 -39.16 -15.87
N LYS C 522 7.74 -37.87 -16.13
CA LYS C 522 7.20 -37.26 -17.34
C LYS C 522 8.30 -36.51 -18.08
N LEU C 523 8.12 -36.39 -19.40
CA LEU C 523 9.06 -35.68 -20.26
C LEU C 523 8.23 -34.90 -21.28
N VAL C 524 7.96 -33.64 -20.95
CA VAL C 524 7.05 -32.82 -21.75
C VAL C 524 7.81 -32.22 -22.92
N PRO C 525 7.34 -32.35 -24.16
CA PRO C 525 7.99 -31.67 -25.27
C PRO C 525 7.86 -30.16 -25.17
N LEU C 526 8.76 -29.47 -25.90
CA LEU C 526 8.84 -28.02 -25.80
C LEU C 526 7.55 -27.35 -26.24
N LYS C 527 6.99 -27.77 -27.37
CA LYS C 527 5.76 -27.15 -27.86
C LYS C 527 4.61 -27.37 -26.90
N GLU C 528 4.57 -28.54 -26.25
CA GLU C 528 3.51 -28.79 -25.27
C GLU C 528 3.64 -27.84 -24.08
N THR C 529 4.87 -27.61 -23.60
CA THR C 529 5.07 -26.67 -22.51
C THR C 529 4.64 -25.27 -22.91
N ILE C 530 5.04 -24.84 -24.11
CA ILE C 530 4.69 -23.49 -24.57
C ILE C 530 3.17 -23.34 -24.66
N LYS C 531 2.50 -24.33 -25.27
CA LYS C 531 1.05 -24.26 -25.41
C LYS C 531 0.36 -24.27 -24.05
N GLY C 532 0.83 -25.12 -23.13
CA GLY C 532 0.19 -25.18 -21.82
C GLY C 532 0.32 -23.88 -21.04
N PHE C 533 1.53 -23.32 -21.02
CA PHE C 533 1.71 -22.07 -20.29
C PHE C 533 1.00 -20.91 -20.97
N GLN C 534 0.94 -20.91 -22.30
CA GLN C 534 0.18 -19.88 -23.00
C GLN C 534 -1.31 -19.98 -22.67
N GLN C 535 -1.84 -21.21 -22.62
CA GLN C 535 -3.25 -21.40 -22.26
C GLN C 535 -3.51 -20.94 -20.83
N ILE C 536 -2.59 -21.25 -19.91
CA ILE C 536 -2.77 -20.81 -18.53
C ILE C 536 -2.73 -19.29 -18.44
N LEU C 537 -1.82 -18.65 -19.19
CA LEU C 537 -1.76 -17.20 -19.21
C LEU C 537 -3.05 -16.61 -19.77
N ALA C 538 -3.61 -17.23 -20.81
CA ALA C 538 -4.83 -16.73 -21.41
C ALA C 538 -6.06 -16.93 -20.54
N GLY C 539 -5.93 -17.69 -19.45
CA GLY C 539 -7.05 -17.96 -18.58
C GLY C 539 -7.98 -19.06 -19.03
N GLU C 540 -7.56 -19.87 -20.00
CA GLU C 540 -8.43 -20.93 -20.51
C GLU C 540 -8.75 -21.98 -19.46
N TYR C 541 -7.98 -22.05 -18.38
CA TYR C 541 -8.19 -23.04 -17.33
C TYR C 541 -8.42 -22.38 -15.98
N ASP C 542 -9.03 -21.20 -15.96
CA ASP C 542 -9.38 -20.55 -14.71
C ASP C 542 -10.48 -21.30 -13.95
N HIS C 543 -11.17 -22.23 -14.61
CA HIS C 543 -12.22 -23.01 -13.97
C HIS C 543 -11.69 -24.29 -13.33
N LEU C 544 -10.41 -24.61 -13.50
CA LEU C 544 -9.85 -25.80 -12.89
C LEU C 544 -9.16 -25.45 -11.58
N PRO C 545 -9.22 -26.35 -10.59
CA PRO C 545 -8.52 -26.10 -9.33
C PRO C 545 -7.01 -26.09 -9.51
N GLU C 546 -6.33 -25.32 -8.67
CA GLU C 546 -4.88 -25.24 -8.72
C GLU C 546 -4.21 -26.56 -8.41
N GLN C 547 -4.90 -27.45 -7.70
CA GLN C 547 -4.32 -28.76 -7.38
C GLN C 547 -4.12 -29.61 -8.63
N ALA C 548 -4.89 -29.33 -9.69
CA ALA C 548 -4.81 -30.15 -10.89
C ALA C 548 -3.50 -29.94 -11.65
N PHE C 549 -2.85 -28.80 -11.44
CA PHE C 549 -1.62 -28.48 -12.15
C PHE C 549 -0.37 -28.91 -11.40
N TYR C 550 -0.51 -29.54 -10.24
CA TYR C 550 0.64 -29.91 -9.42
C TYR C 550 1.12 -31.31 -9.81
N MET C 551 2.41 -31.40 -10.16
CA MET C 551 3.06 -32.66 -10.52
C MET C 551 2.33 -33.35 -11.67
N VAL C 552 2.28 -32.65 -12.81
CA VAL C 552 1.71 -33.17 -14.04
C VAL C 552 2.65 -32.84 -15.19
N GLY C 553 2.43 -33.52 -16.31
CA GLY C 553 3.21 -33.29 -17.49
C GLY C 553 2.56 -32.28 -18.42
N PRO C 554 2.08 -32.75 -19.57
CA PRO C 554 1.38 -31.86 -20.49
C PRO C 554 0.06 -31.38 -19.90
N ILE C 555 -0.45 -30.29 -20.47
CA ILE C 555 -1.69 -29.68 -19.97
C ILE C 555 -2.86 -30.65 -20.07
N GLU C 556 -2.81 -31.58 -21.03
CA GLU C 556 -3.84 -32.61 -21.11
C GLU C 556 -3.88 -33.45 -19.84
N GLU C 557 -2.71 -33.78 -19.30
CA GLU C 557 -2.67 -34.46 -18.01
C GLU C 557 -3.26 -33.59 -16.91
N ALA C 558 -3.08 -32.28 -16.99
CA ALA C 558 -3.66 -31.39 -15.99
C ALA C 558 -5.18 -31.44 -16.03
N VAL C 559 -5.77 -31.38 -17.23
CA VAL C 559 -7.22 -31.44 -17.32
C VAL C 559 -7.73 -32.82 -16.93
N ALA C 560 -6.97 -33.88 -17.24
CA ALA C 560 -7.35 -35.22 -16.82
C ALA C 560 -7.38 -35.33 -15.30
N LYS C 561 -6.35 -34.79 -14.63
CA LYS C 561 -6.32 -34.79 -13.18
C LYS C 561 -7.46 -33.97 -12.60
N ALA C 562 -7.77 -32.84 -13.24
CA ALA C 562 -8.89 -32.01 -12.78
C ALA C 562 -10.20 -32.79 -12.82
N ASP C 563 -10.48 -33.45 -13.95
CA ASP C 563 -11.75 -34.16 -14.03
C ASP C 563 -11.75 -35.41 -13.14
N LYS C 564 -10.59 -36.04 -12.94
CA LYS C 564 -10.52 -37.16 -12.01
C LYS C 564 -10.82 -36.72 -10.58
N LEU C 565 -10.26 -35.57 -10.16
CA LEU C 565 -10.59 -35.04 -8.85
C LEU C 565 -12.06 -34.67 -8.76
N ALA C 566 -12.62 -34.15 -9.85
CA ALA C 566 -14.05 -33.82 -9.86
C ALA C 566 -14.91 -35.07 -9.74
N GLU C 567 -14.45 -36.20 -10.27
CA GLU C 567 -15.23 -37.44 -10.20
C GLU C 567 -15.43 -37.89 -8.76
N GLU C 568 -14.40 -37.78 -7.93
CA GLU C 568 -14.48 -38.21 -6.53
C GLU C 568 -15.43 -37.32 -5.73
N THR D 102 71.93 12.90 2.06
CA THR D 102 71.30 12.36 0.85
C THR D 102 71.24 10.84 0.92
N GLY D 103 70.03 10.30 0.85
CA GLY D 103 69.80 8.87 0.93
C GLY D 103 69.63 8.22 -0.42
N ARG D 104 69.38 6.92 -0.37
CA ARG D 104 69.18 6.10 -1.57
C ARG D 104 67.94 5.25 -1.40
N ILE D 105 67.18 5.11 -2.49
CA ILE D 105 65.96 4.30 -2.44
C ILE D 105 66.33 2.83 -2.34
N VAL D 106 65.74 2.13 -1.38
CA VAL D 106 65.97 0.71 -1.20
C VAL D 106 64.71 -0.13 -1.36
N ALA D 107 63.54 0.50 -1.46
CA ALA D 107 62.28 -0.24 -1.60
C ALA D 107 61.25 0.68 -2.24
N VAL D 108 60.58 0.18 -3.28
CA VAL D 108 59.60 0.98 -4.03
C VAL D 108 58.26 0.25 -4.01
N ILE D 109 57.96 -0.42 -2.89
CA ILE D 109 56.74 -1.23 -2.79
C ILE D 109 55.52 -0.33 -2.86
N GLY D 110 54.77 -0.42 -3.96
CA GLY D 110 53.59 0.41 -4.14
C GLY D 110 53.94 1.88 -4.10
N ALA D 111 53.15 2.64 -3.33
CA ALA D 111 53.43 4.05 -3.09
C ALA D 111 54.33 4.25 -1.87
N VAL D 112 54.77 3.17 -1.24
CA VAL D 112 55.63 3.25 -0.06
C VAL D 112 57.07 3.10 -0.52
N VAL D 113 57.87 4.13 -0.28
CA VAL D 113 59.27 4.16 -0.69
C VAL D 113 60.15 4.25 0.55
N ASP D 114 61.14 3.37 0.63
CA ASP D 114 62.08 3.33 1.74
C ASP D 114 63.42 3.87 1.29
N VAL D 115 63.94 4.85 2.02
CA VAL D 115 65.20 5.51 1.69
C VAL D 115 66.17 5.30 2.84
N GLN D 116 67.39 4.86 2.51
CA GLN D 116 68.43 4.63 3.49
C GLN D 116 69.44 5.77 3.42
N PHE D 117 69.66 6.43 4.56
CA PHE D 117 70.58 7.55 4.65
C PHE D 117 71.87 7.11 5.33
N ASP D 118 72.94 7.86 5.06
CA ASP D 118 74.24 7.58 5.64
C ASP D 118 74.61 8.55 6.77
N GLU D 119 74.57 9.84 6.50
CA GLU D 119 75.05 10.83 7.45
C GLU D 119 74.01 11.15 8.52
N GLY D 120 72.86 11.68 8.11
CA GLY D 120 71.84 12.10 9.06
C GLY D 120 70.44 11.65 8.70
N LEU D 121 69.81 10.89 9.57
CA LEU D 121 68.46 10.43 9.32
C LEU D 121 67.48 11.58 9.49
N PRO D 122 66.61 11.85 8.51
CA PRO D 122 65.62 12.90 8.68
C PRO D 122 64.57 12.50 9.69
N PRO D 123 64.02 13.45 10.43
CA PRO D 123 62.94 13.12 11.37
C PRO D 123 61.66 12.75 10.63
N ILE D 124 60.72 12.19 11.39
CA ILE D 124 59.43 11.85 10.82
C ILE D 124 58.72 13.12 10.34
N LEU D 125 57.85 12.95 9.34
CA LEU D 125 57.11 14.05 8.73
C LEU D 125 58.06 15.05 8.08
N ASN D 126 59.11 14.55 7.45
CA ASN D 126 60.06 15.37 6.71
C ASN D 126 59.92 15.10 5.22
N ALA D 127 60.11 16.14 4.42
CA ALA D 127 59.91 16.07 2.98
C ALA D 127 61.20 15.65 2.31
N LEU D 128 61.15 14.56 1.56
CA LEU D 128 62.29 14.05 0.80
C LEU D 128 62.00 14.23 -0.68
N GLU D 129 62.93 14.86 -1.41
CA GLU D 129 62.75 15.13 -2.82
C GLU D 129 63.61 14.16 -3.63
N VAL D 130 62.96 13.37 -4.48
CA VAL D 130 63.65 12.38 -5.30
C VAL D 130 64.32 13.07 -6.48
N GLN D 131 65.57 12.70 -6.73
CA GLN D 131 66.35 13.26 -7.83
C GLN D 131 66.16 12.44 -9.10
N GLY D 132 66.38 13.10 -10.23
CA GLY D 132 66.35 12.43 -11.52
C GLY D 132 65.00 12.26 -12.15
N ARG D 133 63.97 12.98 -11.69
CA ARG D 133 62.63 12.86 -12.23
C ARG D 133 62.19 14.17 -12.84
N GLU D 134 61.41 14.07 -13.93
CA GLU D 134 60.95 15.26 -14.63
C GLU D 134 60.04 16.10 -13.73
N THR D 135 59.14 15.46 -13.00
CA THR D 135 58.24 16.13 -12.08
C THR D 135 58.67 15.86 -10.65
N ARG D 136 58.48 16.86 -9.78
CA ARG D 136 58.87 16.72 -8.39
C ARG D 136 58.14 15.54 -7.73
N LEU D 137 58.91 14.69 -7.06
CA LEU D 137 58.37 13.58 -6.29
C LEU D 137 58.78 13.78 -4.84
N VAL D 138 57.82 14.14 -4.00
CA VAL D 138 58.09 14.44 -2.60
C VAL D 138 57.69 13.24 -1.76
N LEU D 139 58.62 12.76 -0.95
CA LEU D 139 58.38 11.65 -0.03
C LEU D 139 58.33 12.18 1.39
N GLU D 140 57.29 11.78 2.13
CA GLU D 140 57.12 12.19 3.51
C GLU D 140 57.52 11.04 4.42
N VAL D 141 58.50 11.30 5.29
CA VAL D 141 58.97 10.26 6.20
C VAL D 141 57.88 9.92 7.19
N ALA D 142 57.57 8.64 7.32
CA ALA D 142 56.53 8.17 8.21
C ALA D 142 57.05 7.30 9.34
N GLN D 143 58.14 6.57 9.13
CA GLN D 143 58.68 5.67 10.13
C GLN D 143 60.21 5.68 10.07
N HIS D 144 60.82 5.25 11.16
CA HIS D 144 62.25 4.96 11.21
C HIS D 144 62.38 3.45 11.38
N LEU D 145 62.65 2.75 10.28
CA LEU D 145 62.68 1.29 10.30
C LEU D 145 63.92 0.74 10.96
N GLY D 146 64.89 1.56 11.31
CA GLY D 146 66.17 1.08 11.77
C GLY D 146 67.18 1.02 10.64
N GLU D 147 68.38 0.53 10.99
CA GLU D 147 69.55 0.46 10.11
C GLU D 147 69.63 1.68 9.19
N SER D 148 69.45 2.87 9.77
CA SER D 148 69.49 4.13 9.04
C SER D 148 68.56 4.10 7.83
N THR D 149 67.36 3.56 8.01
CA THR D 149 66.37 3.49 6.94
C THR D 149 65.07 4.11 7.44
N VAL D 150 64.47 4.95 6.60
CA VAL D 150 63.19 5.60 6.92
C VAL D 150 62.19 5.21 5.85
N ARG D 151 60.99 4.84 6.28
CA ARG D 151 59.92 4.46 5.38
C ARG D 151 59.06 5.67 5.08
N THR D 152 58.89 5.99 3.79
CA THR D 152 58.22 7.20 3.36
C THR D 152 57.06 6.85 2.43
N ILE D 153 56.01 7.66 2.49
CA ILE D 153 54.91 7.58 1.55
C ILE D 153 55.12 8.62 0.47
N ALA D 154 54.62 8.33 -0.73
CA ALA D 154 54.86 9.18 -1.88
C ALA D 154 53.66 10.08 -2.15
N MET D 155 53.95 11.28 -2.65
CA MET D 155 52.94 12.26 -3.04
C MET D 155 52.67 12.26 -4.53
N ASP D 156 53.22 11.28 -5.26
CA ASP D 156 53.03 11.19 -6.70
C ASP D 156 53.33 9.74 -7.11
N GLY D 157 53.18 9.46 -8.40
CA GLY D 157 53.40 8.11 -8.87
C GLY D 157 54.83 7.66 -8.64
N THR D 158 54.99 6.38 -8.33
CA THR D 158 56.29 5.80 -8.03
C THR D 158 56.88 5.01 -9.18
N GLU D 159 56.28 5.07 -10.37
CA GLU D 159 56.85 4.39 -11.51
C GLU D 159 58.13 5.08 -11.96
N GLY D 160 59.07 4.29 -12.46
CA GLY D 160 60.35 4.80 -12.87
C GLY D 160 61.37 4.97 -11.76
N LEU D 161 61.02 4.60 -10.53
CA LEU D 161 61.96 4.68 -9.41
C LEU D 161 62.84 3.45 -9.40
N VAL D 162 64.15 3.65 -9.31
CA VAL D 162 65.13 2.58 -9.33
C VAL D 162 65.79 2.50 -7.96
N ARG D 163 65.96 1.29 -7.46
CA ARG D 163 66.69 1.08 -6.20
C ARG D 163 68.08 1.67 -6.31
N GLY D 164 68.35 2.69 -5.50
CA GLY D 164 69.61 3.41 -5.56
C GLY D 164 69.50 4.85 -6.00
N GLN D 165 68.32 5.33 -6.40
CA GLN D 165 68.17 6.74 -6.74
C GLN D 165 68.39 7.60 -5.50
N LYS D 166 69.16 8.67 -5.67
CA LYS D 166 69.49 9.55 -4.56
C LYS D 166 68.31 10.46 -4.24
N VAL D 167 68.03 10.62 -2.94
CA VAL D 167 66.95 11.45 -2.44
C VAL D 167 67.53 12.47 -1.49
N LEU D 168 67.15 13.74 -1.67
CA LEU D 168 67.65 14.83 -0.86
C LEU D 168 66.67 15.13 0.27
N ASP D 169 67.18 15.22 1.49
CA ASP D 169 66.37 15.65 2.63
C ASP D 169 66.22 17.17 2.59
N SER D 170 64.98 17.64 2.48
CA SER D 170 64.75 19.08 2.43
C SER D 170 65.10 19.75 3.76
N GLY D 171 64.96 19.02 4.86
CA GLY D 171 65.25 19.56 6.16
C GLY D 171 64.05 20.04 6.94
N ALA D 172 62.85 19.89 6.39
CA ALA D 172 61.63 20.36 7.03
C ALA D 172 60.46 19.63 6.38
N PRO D 173 59.29 19.67 7.01
CA PRO D 173 58.09 19.11 6.36
C PRO D 173 57.79 19.83 5.05
N ILE D 174 56.79 19.32 4.35
CA ILE D 174 56.40 19.89 3.06
C ILE D 174 56.02 21.35 3.26
N LYS D 175 56.80 22.24 2.66
CA LYS D 175 56.60 23.68 2.80
C LYS D 175 55.94 24.23 1.53
N ILE D 176 54.86 24.96 1.72
CA ILE D 176 54.05 25.44 0.61
C ILE D 176 54.24 26.95 0.47
N PRO D 177 54.10 27.51 -0.74
CA PRO D 177 54.12 28.97 -0.87
C PRO D 177 52.87 29.57 -0.26
N VAL D 178 53.06 30.50 0.67
CA VAL D 178 51.95 31.10 1.39
C VAL D 178 52.12 32.62 1.38
N GLY D 179 51.00 33.33 1.49
CA GLY D 179 51.00 34.77 1.45
C GLY D 179 49.77 35.32 0.78
N PRO D 180 49.66 36.65 0.69
CA PRO D 180 48.52 37.24 -0.03
C PRO D 180 48.48 36.90 -1.50
N GLU D 181 49.62 36.51 -2.09
CA GLU D 181 49.69 36.18 -3.50
C GLU D 181 49.22 34.77 -3.81
N THR D 182 48.89 33.97 -2.81
CA THR D 182 48.31 32.66 -3.07
C THR D 182 46.83 32.73 -3.38
N LEU D 183 46.21 33.89 -3.21
CA LEU D 183 44.81 34.06 -3.54
C LEU D 183 44.60 33.98 -5.04
N GLY D 184 43.52 33.31 -5.45
CA GLY D 184 43.24 33.15 -6.85
C GLY D 184 44.11 32.14 -7.58
N ARG D 185 44.84 31.30 -6.86
CA ARG D 185 45.72 30.31 -7.45
C ARG D 185 45.30 28.92 -7.00
N ILE D 186 45.67 27.92 -7.80
CA ILE D 186 45.43 26.52 -7.48
C ILE D 186 46.78 25.86 -7.25
N MET D 187 46.95 25.26 -6.09
CA MET D 187 48.18 24.58 -5.73
C MET D 187 47.87 23.19 -5.20
N ASN D 188 48.74 22.24 -5.51
CA ASN D 188 48.57 20.88 -5.05
C ASN D 188 49.11 20.76 -3.62
N VAL D 189 49.22 19.52 -3.13
CA VAL D 189 49.66 19.29 -1.76
C VAL D 189 51.07 19.81 -1.55
N ILE D 190 51.98 19.53 -2.49
CA ILE D 190 53.37 19.95 -2.34
C ILE D 190 53.58 21.43 -2.59
N GLY D 191 52.53 22.17 -2.93
CA GLY D 191 52.62 23.60 -3.09
C GLY D 191 52.87 24.08 -4.51
N GLU D 192 53.11 23.17 -5.45
CA GLU D 192 53.32 23.59 -6.82
C GLU D 192 52.03 24.14 -7.41
N PRO D 193 52.10 25.23 -8.17
CA PRO D 193 50.90 25.74 -8.85
C PRO D 193 50.51 24.85 -10.00
N ILE D 194 49.21 24.58 -10.11
CA ILE D 194 48.68 23.71 -11.16
C ILE D 194 47.63 24.43 -12.01
N ASP D 195 47.58 25.75 -11.93
CA ASP D 195 46.68 26.55 -12.75
C ASP D 195 47.36 27.08 -14.00
N GLU D 196 48.62 26.71 -14.25
CA GLU D 196 49.36 27.10 -15.44
C GLU D 196 49.39 28.61 -15.61
N ARG D 197 49.57 29.33 -14.50
CA ARG D 197 49.65 30.78 -14.50
C ARG D 197 51.01 31.27 -14.00
N GLY D 198 52.05 30.47 -14.14
CA GLY D 198 53.36 30.83 -13.68
C GLY D 198 53.57 30.49 -12.23
N PRO D 199 54.80 30.63 -11.76
CA PRO D 199 55.09 30.33 -10.35
C PRO D 199 54.35 31.30 -9.42
N ILE D 200 53.95 30.77 -8.27
CA ILE D 200 53.32 31.58 -7.23
C ILE D 200 54.43 32.25 -6.44
N LYS D 201 54.65 33.54 -6.70
CA LYS D 201 55.78 34.27 -6.14
C LYS D 201 55.36 34.90 -4.82
N THR D 202 55.77 34.28 -3.72
CA THR D 202 55.48 34.77 -2.38
C THR D 202 56.78 35.01 -1.63
N LYS D 203 56.65 35.51 -0.41
CA LYS D 203 57.83 35.87 0.39
C LYS D 203 58.25 34.77 1.35
N GLN D 204 57.32 34.02 1.92
CA GLN D 204 57.65 33.03 2.92
C GLN D 204 56.91 31.72 2.65
N PHE D 205 57.49 30.64 3.16
CA PHE D 205 56.90 29.31 3.07
C PHE D 205 56.67 28.77 4.47
N ALA D 206 55.66 27.93 4.61
CA ALA D 206 55.29 27.37 5.91
C ALA D 206 55.09 25.86 5.77
N ALA D 207 55.62 25.11 6.74
CA ALA D 207 55.44 23.66 6.74
C ALA D 207 53.99 23.30 7.06
N ILE D 208 53.47 22.31 6.35
CA ILE D 208 52.07 21.93 6.51
C ILE D 208 51.83 21.33 7.90
N HIS D 209 52.80 20.60 8.42
CA HIS D 209 52.67 19.95 9.72
C HIS D 209 53.08 20.93 10.81
N ALA D 210 52.09 21.49 11.50
CA ALA D 210 52.33 22.41 12.59
C ALA D 210 51.49 22.00 13.79
N GLU D 211 52.01 22.30 14.98
CA GLU D 211 51.32 21.94 16.20
C GLU D 211 50.06 22.78 16.38
N ALA D 212 49.08 22.21 17.07
CA ALA D 212 47.86 22.93 17.37
C ALA D 212 48.18 24.10 18.30
N PRO D 213 47.40 25.18 18.24
CA PRO D 213 47.66 26.32 19.14
C PRO D 213 47.58 25.89 20.60
N GLU D 214 48.44 26.49 21.41
CA GLU D 214 48.56 26.08 22.81
C GLU D 214 47.29 26.45 23.58
N PHE D 215 47.24 25.97 24.82
CA PHE D 215 46.04 26.15 25.64
C PHE D 215 45.76 27.63 25.90
N MET D 216 46.80 28.41 26.17
CA MET D 216 46.60 29.83 26.46
C MET D 216 46.16 30.59 25.21
N GLU D 217 46.64 30.19 24.04
CA GLU D 217 46.28 30.89 22.82
C GLU D 217 44.81 30.71 22.46
N MET D 218 44.18 29.66 23.00
CA MET D 218 42.78 29.41 22.69
C MET D 218 41.88 30.50 23.26
N SER D 219 40.86 30.87 22.49
CA SER D 219 39.85 31.81 22.97
C SER D 219 38.92 31.10 23.95
N VAL D 220 38.36 31.88 24.87
CA VAL D 220 37.53 31.36 25.94
C VAL D 220 36.10 31.87 25.87
N GLU D 221 35.71 32.46 24.74
CA GLU D 221 34.37 33.01 24.57
C GLU D 221 33.84 32.61 23.20
N GLN D 222 32.72 31.88 23.19
CA GLN D 222 32.05 31.57 21.93
C GLN D 222 31.51 32.86 21.31
N GLU D 223 31.67 32.97 19.99
CA GLU D 223 31.20 34.16 19.28
C GLU D 223 30.64 33.74 17.93
N ILE D 224 29.53 34.35 17.54
CA ILE D 224 28.84 34.00 16.31
C ILE D 224 29.50 34.72 15.15
N LEU D 225 29.86 33.96 14.12
CA LEU D 225 30.40 34.52 12.88
C LEU D 225 29.22 34.82 11.95
N VAL D 226 28.89 36.10 11.81
CA VAL D 226 27.74 36.49 11.01
C VAL D 226 28.08 36.32 9.54
N THR D 227 27.39 35.40 8.88
CA THR D 227 27.63 35.08 7.48
C THR D 227 26.78 35.91 6.52
N GLY D 228 25.87 36.73 7.03
CA GLY D 228 25.01 37.53 6.18
C GLY D 228 23.85 36.79 5.55
N ILE D 229 23.70 35.51 5.84
CA ILE D 229 22.59 34.71 5.32
C ILE D 229 21.55 34.57 6.43
N LYS D 230 20.29 34.87 6.10
CA LYS D 230 19.26 34.94 7.13
C LYS D 230 19.05 33.60 7.82
N VAL D 231 18.90 32.52 7.03
CA VAL D 231 18.63 31.21 7.62
C VAL D 231 19.80 30.76 8.48
N VAL D 232 21.02 30.88 7.97
CA VAL D 232 22.21 30.45 8.71
C VAL D 232 22.38 31.29 9.96
N ASP D 233 22.35 32.61 9.81
CA ASP D 233 22.58 33.48 10.96
C ASP D 233 21.47 33.41 11.99
N LEU D 234 20.29 32.92 11.61
CA LEU D 234 19.18 32.86 12.56
C LEU D 234 19.09 31.51 13.26
N LEU D 235 19.00 30.43 12.48
CA LEU D 235 18.67 29.13 13.05
C LEU D 235 19.90 28.28 13.37
N ALA D 236 20.93 28.33 12.53
CA ALA D 236 22.15 27.55 12.72
C ALA D 236 23.36 28.46 12.59
N PRO D 237 23.58 29.36 13.55
CA PRO D 237 24.69 30.31 13.43
C PRO D 237 26.04 29.61 13.42
N TYR D 238 26.99 30.21 12.71
CA TYR D 238 28.34 29.68 12.60
C TYR D 238 29.19 30.26 13.72
N ALA D 239 29.67 29.40 14.61
CA ALA D 239 30.58 29.84 15.66
C ALA D 239 31.91 30.24 15.06
N LYS D 240 32.48 31.34 15.56
CA LYS D 240 33.77 31.78 15.09
C LYS D 240 34.84 30.80 15.54
N GLY D 241 35.61 30.28 14.59
CA GLY D 241 36.58 29.25 14.90
C GLY D 241 36.00 27.87 15.07
N GLY D 242 34.77 27.64 14.64
CA GLY D 242 34.13 26.35 14.75
C GLY D 242 34.22 25.55 13.46
N LYS D 243 33.51 24.43 13.46
CA LYS D 243 33.46 23.52 12.32
C LYS D 243 32.01 23.28 11.94
N ILE D 244 31.73 23.37 10.64
CA ILE D 244 30.36 23.25 10.12
C ILE D 244 30.31 22.05 9.18
N GLY D 245 29.31 21.19 9.39
CA GLY D 245 29.10 20.06 8.51
C GLY D 245 28.06 20.35 7.45
N LEU D 246 28.52 20.59 6.22
CA LEU D 246 27.64 20.97 5.13
C LEU D 246 27.11 19.70 4.46
N PHE D 247 25.91 19.30 4.85
CA PHE D 247 25.29 18.13 4.26
C PHE D 247 24.67 18.48 2.91
N GLY D 248 24.34 17.45 2.15
CA GLY D 248 23.78 17.64 0.82
C GLY D 248 24.85 17.64 -0.25
N GLY D 249 24.46 17.20 -1.45
CA GLY D 249 25.39 17.10 -2.55
C GLY D 249 25.07 18.03 -3.70
N ALA D 250 24.77 17.47 -4.86
CA ALA D 250 24.47 18.24 -6.05
C ALA D 250 22.98 18.53 -6.16
N GLY D 251 22.64 19.49 -7.00
CA GLY D 251 21.26 19.87 -7.20
C GLY D 251 20.64 20.70 -6.10
N VAL D 252 21.44 21.17 -5.14
CA VAL D 252 20.93 21.97 -4.04
C VAL D 252 21.73 23.26 -3.95
N GLY D 253 22.57 23.51 -4.95
CA GLY D 253 23.37 24.73 -4.96
C GLY D 253 24.41 24.83 -3.88
N LYS D 254 25.14 23.73 -3.63
CA LYS D 254 26.20 23.76 -2.62
C LYS D 254 27.32 24.70 -3.02
N THR D 255 27.74 24.65 -4.29
CA THR D 255 28.83 25.49 -4.75
C THR D 255 28.45 26.97 -4.71
N VAL D 256 27.20 27.28 -5.04
CA VAL D 256 26.72 28.66 -4.95
C VAL D 256 26.78 29.13 -3.51
N LEU D 257 26.37 28.27 -2.57
CA LEU D 257 26.44 28.62 -1.16
C LEU D 257 27.88 28.85 -0.72
N ILE D 258 28.81 28.02 -1.21
CA ILE D 258 30.22 28.19 -0.85
C ILE D 258 30.73 29.53 -1.36
N MET D 259 30.44 29.86 -2.61
CA MET D 259 30.88 31.12 -3.18
C MET D 259 30.28 32.31 -2.44
N GLU D 260 29.00 32.21 -2.07
CA GLU D 260 28.36 33.31 -1.36
C GLU D 260 28.91 33.47 0.05
N LEU D 261 29.22 32.36 0.71
CA LEU D 261 29.87 32.43 2.02
C LEU D 261 31.22 33.11 1.90
N ILE D 262 32.00 32.76 0.88
CA ILE D 262 33.30 33.40 0.67
C ILE D 262 33.13 34.90 0.48
N ASN D 263 32.20 35.28 -0.40
CA ASN D 263 31.99 36.70 -0.69
C ASN D 263 31.52 37.45 0.54
N ASN D 264 30.58 36.88 1.30
CA ASN D 264 30.07 37.55 2.48
C ASN D 264 31.14 37.73 3.54
N VAL D 265 31.95 36.69 3.78
CA VAL D 265 33.00 36.79 4.79
C VAL D 265 34.04 37.80 4.35
N ALA D 266 34.35 37.84 3.05
CA ALA D 266 35.31 38.83 2.56
C ALA D 266 34.79 40.25 2.71
N LYS D 267 33.51 40.46 2.41
CA LYS D 267 32.95 41.82 2.46
C LYS D 267 32.68 42.31 3.88
N ALA D 268 32.22 41.43 4.76
CA ALA D 268 31.82 41.83 6.10
C ALA D 268 32.99 41.88 7.06
N HIS D 269 33.66 40.76 7.27
CA HIS D 269 34.76 40.66 8.22
C HIS D 269 36.11 40.98 7.61
N GLY D 270 36.17 41.20 6.30
CA GLY D 270 37.44 41.46 5.64
C GLY D 270 38.42 40.31 5.74
N GLY D 271 37.93 39.08 5.72
CA GLY D 271 38.78 37.91 5.83
C GLY D 271 38.73 37.07 4.57
N TYR D 272 39.87 36.53 4.17
CA TYR D 272 39.94 35.71 2.96
C TYR D 272 39.50 34.29 3.26
N SER D 273 39.42 33.48 2.21
CA SER D 273 38.92 32.12 2.30
C SER D 273 39.84 31.17 1.55
N VAL D 274 39.87 29.92 2.01
CA VAL D 274 40.67 28.87 1.40
C VAL D 274 39.77 27.67 1.15
N PHE D 275 39.83 27.14 -0.07
CA PHE D 275 39.07 25.94 -0.44
C PHE D 275 40.07 24.82 -0.69
N ALA D 276 40.06 23.82 0.20
CA ALA D 276 40.94 22.66 0.10
C ALA D 276 40.10 21.46 -0.32
N GLY D 277 40.19 21.11 -1.60
CA GLY D 277 39.44 19.99 -2.12
C GLY D 277 40.16 18.67 -1.95
N VAL D 278 39.76 17.89 -0.94
CA VAL D 278 40.38 16.60 -0.66
C VAL D 278 39.69 15.54 -1.51
N GLY D 279 40.45 14.91 -2.40
CA GLY D 279 39.88 13.91 -3.30
C GLY D 279 38.82 14.46 -4.21
N GLU D 280 39.00 15.67 -4.71
CA GLU D 280 38.00 16.31 -5.55
C GLU D 280 38.17 15.87 -7.00
N ARG D 281 37.04 15.59 -7.66
CA ARG D 281 37.07 15.19 -9.06
C ARG D 281 37.67 16.31 -9.91
N THR D 282 38.49 15.91 -10.90
CA THR D 282 39.12 16.89 -11.76
C THR D 282 38.09 17.67 -12.56
N ARG D 283 37.07 17.00 -13.08
CA ARG D 283 36.02 17.69 -13.82
C ARG D 283 35.27 18.66 -12.92
N GLU D 284 34.89 18.19 -11.72
CA GLU D 284 34.22 19.08 -10.77
C GLU D 284 35.17 20.18 -10.29
N GLY D 285 36.46 19.88 -10.18
CA GLY D 285 37.40 20.92 -9.81
C GLY D 285 37.47 22.03 -10.84
N ASN D 286 37.55 21.65 -12.12
CA ASN D 286 37.57 22.65 -13.18
C ASN D 286 36.26 23.42 -13.23
N ASP D 287 35.13 22.72 -13.06
CA ASP D 287 33.84 23.39 -13.06
C ASP D 287 33.74 24.41 -11.93
N LEU D 288 34.19 24.03 -10.73
CA LEU D 288 34.19 24.95 -9.60
C LEU D 288 35.12 26.13 -9.84
N TYR D 289 36.30 25.86 -10.43
CA TYR D 289 37.24 26.94 -10.73
C TYR D 289 36.62 27.96 -11.67
N HIS D 290 36.01 27.50 -12.76
CA HIS D 290 35.42 28.43 -13.71
C HIS D 290 34.15 29.09 -13.16
N GLU D 291 33.39 28.38 -12.33
CA GLU D 291 32.22 28.99 -11.70
C GLU D 291 32.63 30.09 -10.73
N MET D 292 33.71 29.87 -9.97
CA MET D 292 34.23 30.91 -9.09
C MET D 292 34.76 32.08 -9.90
N ILE D 293 35.40 31.81 -11.04
CA ILE D 293 35.86 32.89 -11.91
C ILE D 293 34.69 33.73 -12.38
N GLU D 294 33.61 33.09 -12.81
CA GLU D 294 32.43 33.82 -13.23
C GLU D 294 31.82 34.61 -12.08
N SER D 295 31.79 34.02 -10.88
CA SER D 295 31.20 34.70 -9.74
C SER D 295 32.02 35.90 -9.28
N GLY D 296 33.30 35.96 -9.67
CA GLY D 296 34.15 37.07 -9.29
C GLY D 296 34.86 36.91 -7.97
N VAL D 297 34.62 35.81 -7.24
CA VAL D 297 35.33 35.59 -5.98
C VAL D 297 36.81 35.38 -6.24
N ILE D 298 37.16 34.90 -7.42
CA ILE D 298 38.56 34.82 -7.86
C ILE D 298 38.69 35.60 -9.16
N ASN D 299 39.66 36.49 -9.22
CA ASN D 299 39.89 37.33 -10.39
C ASN D 299 41.25 37.02 -10.99
N LEU D 300 41.28 36.89 -12.31
CA LEU D 300 42.51 36.60 -13.04
C LEU D 300 43.23 37.85 -13.52
N LYS D 301 42.66 39.03 -13.30
CA LYS D 301 43.25 40.28 -13.78
C LYS D 301 43.98 41.05 -12.68
N ASP D 302 43.31 41.36 -11.59
CA ASP D 302 43.90 42.10 -10.48
C ASP D 302 43.92 41.22 -9.23
N ALA D 303 44.52 41.75 -8.17
CA ALA D 303 44.68 41.00 -6.91
C ALA D 303 43.50 41.24 -5.97
N THR D 304 42.29 41.03 -6.47
CA THR D 304 41.09 41.13 -5.65
C THR D 304 40.46 39.76 -5.39
N SER D 305 41.17 38.68 -5.71
CA SER D 305 40.64 37.34 -5.47
C SER D 305 40.50 37.09 -3.97
N LYS D 306 39.54 36.24 -3.62
CA LYS D 306 39.22 35.96 -2.23
C LYS D 306 39.41 34.51 -1.83
N VAL D 307 39.71 33.62 -2.78
CA VAL D 307 39.81 32.20 -2.51
C VAL D 307 41.19 31.71 -2.94
N ALA D 308 41.82 30.92 -2.09
CA ALA D 308 43.04 30.20 -2.42
C ALA D 308 42.70 28.73 -2.55
N LEU D 309 42.83 28.18 -3.75
CA LEU D 309 42.40 26.82 -4.03
C LEU D 309 43.55 25.85 -3.80
N VAL D 310 43.26 24.75 -3.12
CA VAL D 310 44.21 23.67 -2.88
C VAL D 310 43.51 22.39 -3.30
N TYR D 311 43.86 21.86 -4.47
CA TYR D 311 43.18 20.72 -5.06
C TYR D 311 44.04 19.48 -4.96
N GLY D 312 43.52 18.46 -4.27
CA GLY D 312 44.07 17.12 -4.34
C GLY D 312 43.14 16.21 -5.10
N GLN D 313 43.48 15.89 -6.35
CA GLN D 313 42.56 15.14 -7.19
C GLN D 313 42.52 13.67 -6.78
N MET D 314 41.51 12.96 -7.29
CA MET D 314 41.35 11.55 -6.94
C MET D 314 42.45 10.69 -7.55
N ASN D 315 43.03 11.13 -8.67
CA ASN D 315 44.07 10.34 -9.32
C ASN D 315 45.42 10.45 -8.61
N GLU D 316 45.52 11.28 -7.59
CA GLU D 316 46.76 11.39 -6.82
C GLU D 316 46.82 10.26 -5.79
N PRO D 317 48.03 9.92 -5.33
CA PRO D 317 48.17 8.85 -4.34
C PRO D 317 47.48 9.23 -3.03
N PRO D 318 47.17 8.24 -2.18
CA PRO D 318 46.48 8.56 -0.93
C PRO D 318 47.26 9.50 -0.03
N GLY D 319 48.58 9.45 -0.06
CA GLY D 319 49.36 10.38 0.75
C GLY D 319 49.11 11.83 0.38
N ALA D 320 48.91 12.10 -0.90
CA ALA D 320 48.63 13.46 -1.33
C ALA D 320 47.30 13.96 -0.78
N ARG D 321 46.26 13.14 -0.89
CA ARG D 321 44.95 13.52 -0.37
C ARG D 321 44.93 13.55 1.15
N ALA D 322 45.86 12.86 1.80
CA ALA D 322 45.94 12.91 3.25
C ALA D 322 46.54 14.23 3.74
N ARG D 323 47.29 14.93 2.91
CA ARG D 323 47.94 16.17 3.31
C ARG D 323 47.42 17.39 2.57
N VAL D 324 46.51 17.23 1.61
CA VAL D 324 45.90 18.40 0.97
C VAL D 324 45.13 19.24 1.99
N ALA D 325 44.43 18.58 2.90
CA ALA D 325 43.72 19.31 3.94
C ALA D 325 44.68 20.11 4.81
N LEU D 326 45.82 19.52 5.16
CA LEU D 326 46.81 20.24 5.94
C LEU D 326 47.42 21.40 5.15
N THR D 327 47.56 21.24 3.84
CA THR D 327 48.07 22.32 3.01
C THR D 327 47.12 23.51 3.02
N GLY D 328 45.83 23.23 2.78
CA GLY D 328 44.84 24.30 2.85
C GLY D 328 44.76 24.92 4.23
N LEU D 329 44.89 24.11 5.26
CA LEU D 329 44.84 24.61 6.62
C LEU D 329 46.04 25.50 6.93
N THR D 330 47.21 25.17 6.38
CA THR D 330 48.38 26.05 6.53
C THR D 330 48.17 27.36 5.81
N VAL D 331 47.58 27.32 4.61
CA VAL D 331 47.28 28.55 3.89
C VAL D 331 46.36 29.43 4.73
N ALA D 332 45.36 28.81 5.39
CA ALA D 332 44.47 29.58 6.25
C ALA D 332 45.18 30.06 7.50
N GLU D 333 46.11 29.26 8.04
CA GLU D 333 46.81 29.62 9.25
C GLU D 333 47.68 30.85 9.04
N TYR D 334 48.26 30.98 7.85
CA TYR D 334 49.02 32.20 7.56
C TYR D 334 48.15 33.43 7.71
N PHE D 335 46.96 33.41 7.12
CA PHE D 335 46.06 34.55 7.23
C PHE D 335 45.62 34.78 8.66
N ARG D 336 45.37 33.69 9.41
CA ARG D 336 44.94 33.85 10.79
C ARG D 336 46.03 34.48 11.65
N ASP D 337 47.29 34.06 11.46
CA ASP D 337 48.36 34.45 12.37
C ASP D 337 49.07 35.73 11.92
N GLN D 338 49.56 35.77 10.69
CA GLN D 338 50.35 36.89 10.21
C GLN D 338 49.50 38.07 9.76
N GLU D 339 48.19 37.91 9.63
CA GLU D 339 47.31 39.00 9.24
C GLU D 339 46.12 39.21 10.17
N GLY D 340 45.82 38.26 11.05
CA GLY D 340 44.73 38.41 11.99
C GLY D 340 43.37 38.53 11.35
N GLN D 341 43.10 37.71 10.35
CA GLN D 341 41.82 37.72 9.66
C GLN D 341 40.96 36.55 10.11
N ASP D 342 39.65 36.70 9.94
CA ASP D 342 38.69 35.62 10.21
C ASP D 342 38.60 34.76 8.96
N VAL D 343 39.55 33.83 8.84
CA VAL D 343 39.64 33.01 7.64
C VAL D 343 38.48 32.02 7.59
N LEU D 344 38.16 31.60 6.37
CA LEU D 344 37.12 30.61 6.14
C LEU D 344 37.73 29.47 5.33
N LEU D 345 37.84 28.30 5.95
CA LEU D 345 38.40 27.12 5.31
C LEU D 345 37.28 26.19 4.85
N PHE D 346 37.45 25.62 3.67
CA PHE D 346 36.50 24.67 3.11
C PHE D 346 37.20 23.36 2.83
N ILE D 347 36.57 22.25 3.23
CA ILE D 347 37.08 20.91 2.98
C ILE D 347 35.96 20.13 2.30
N ASP D 348 36.21 19.69 1.06
CA ASP D 348 35.22 18.99 0.26
C ASP D 348 35.87 17.70 -0.26
N ASN D 349 35.73 16.62 0.50
CA ASN D 349 35.04 16.60 1.78
C ASN D 349 35.86 15.88 2.84
N ILE D 350 35.40 15.94 4.08
CA ILE D 350 36.17 15.38 5.19
C ILE D 350 36.19 13.86 5.13
N PHE D 351 35.14 13.25 4.56
CA PHE D 351 35.11 11.78 4.48
C PHE D 351 36.24 11.26 3.59
N ARG D 352 36.53 11.96 2.49
CA ARG D 352 37.65 11.56 1.66
C ARG D 352 38.99 11.78 2.36
N PHE D 353 39.08 12.77 3.24
CA PHE D 353 40.27 12.90 4.08
C PHE D 353 40.43 11.68 4.99
N THR D 354 39.33 11.24 5.61
CA THR D 354 39.39 10.04 6.45
C THR D 354 39.76 8.82 5.63
N GLN D 355 39.18 8.69 4.43
CA GLN D 355 39.49 7.55 3.57
C GLN D 355 40.95 7.56 3.14
N ALA D 356 41.49 8.73 2.81
CA ALA D 356 42.90 8.83 2.45
C ALA D 356 43.78 8.45 3.62
N GLY D 357 43.42 8.89 4.83
CA GLY D 357 44.18 8.48 6.00
C GLY D 357 44.15 6.99 6.21
N SER D 358 42.98 6.37 6.03
CA SER D 358 42.87 4.92 6.18
C SER D 358 43.72 4.20 5.14
N GLU D 359 43.70 4.67 3.90
CA GLU D 359 44.52 4.05 2.85
C GLU D 359 46.00 4.19 3.17
N VAL D 360 46.42 5.37 3.64
CA VAL D 360 47.83 5.58 3.98
C VAL D 360 48.25 4.65 5.11
N SER D 361 47.41 4.53 6.14
CA SER D 361 47.74 3.62 7.24
C SER D 361 47.80 2.18 6.76
N ALA D 362 46.88 1.79 5.89
CA ALA D 362 46.87 0.42 5.37
C ALA D 362 48.12 0.14 4.56
N LEU D 363 48.59 1.12 3.79
CA LEU D 363 49.80 0.92 3.00
C LEU D 363 51.02 0.69 3.87
N LEU D 364 51.02 1.25 5.10
CA LEU D 364 52.13 1.09 6.03
C LEU D 364 52.02 -0.18 6.85
N GLY D 365 51.07 -1.06 6.54
CA GLY D 365 50.94 -2.34 7.22
C GLY D 365 50.58 -2.23 8.68
N ARG D 366 49.60 -1.40 9.01
CA ARG D 366 49.13 -1.22 10.38
C ARG D 366 47.73 -1.81 10.49
N ILE D 367 47.52 -2.61 11.53
CA ILE D 367 46.29 -3.39 11.69
C ILE D 367 45.09 -2.45 11.79
N PRO D 368 44.09 -2.60 10.93
CA PRO D 368 42.98 -1.62 10.90
C PRO D 368 42.07 -1.75 12.10
N SER D 369 41.37 -0.65 12.38
CA SER D 369 40.38 -0.61 13.45
C SER D 369 39.01 -1.03 12.92
N ALA D 370 37.97 -0.81 13.72
CA ALA D 370 36.63 -1.23 13.36
C ALA D 370 36.17 -0.60 12.05
N VAL D 371 35.35 -1.35 11.31
CA VAL D 371 34.86 -0.99 9.98
C VAL D 371 36.03 -0.55 9.10
N GLY D 372 37.17 -1.23 9.23
CA GLY D 372 38.29 -1.04 8.33
C GLY D 372 38.87 0.36 8.28
N TYR D 373 38.97 1.02 9.43
CA TYR D 373 39.57 2.34 9.52
C TYR D 373 40.91 2.27 10.23
N GLN D 374 41.70 3.32 10.06
CA GLN D 374 43.03 3.34 10.62
C GLN D 374 42.95 3.41 12.15
N PRO D 375 43.94 2.84 12.84
CA PRO D 375 43.98 2.97 14.30
C PRO D 375 44.07 4.41 14.77
N THR D 376 44.74 5.26 13.99
CA THR D 376 44.97 6.66 14.35
C THR D 376 43.87 7.56 13.80
N LEU D 377 42.67 7.05 13.62
CA LEU D 377 41.58 7.85 13.06
C LEU D 377 41.28 9.05 13.95
N ALA D 378 41.04 8.79 15.25
CA ALA D 378 40.73 9.87 16.17
C ALA D 378 41.90 10.85 16.28
N THR D 379 43.13 10.35 16.38
CA THR D 379 44.28 11.24 16.57
C THR D 379 44.56 12.04 15.31
N ASP D 380 44.48 11.42 14.13
CA ASP D 380 44.68 12.17 12.89
C ASP D 380 43.60 13.23 12.70
N MET D 381 42.34 12.86 12.96
CA MET D 381 41.26 13.83 12.85
C MET D 381 41.46 14.98 13.83
N GLY D 382 41.90 14.67 15.05
CA GLY D 382 42.15 15.73 16.02
C GLY D 382 43.29 16.63 15.61
N THR D 383 44.39 16.05 15.12
CA THR D 383 45.52 16.87 14.68
C THR D 383 45.12 17.77 13.52
N MET D 384 44.20 17.31 12.68
CA MET D 384 43.73 18.15 11.58
C MET D 384 42.81 19.25 12.09
N GLN D 385 41.89 18.91 13.00
CA GLN D 385 40.81 19.83 13.34
C GLN D 385 41.25 20.87 14.38
N GLU D 386 42.13 20.49 15.30
CA GLU D 386 42.46 21.37 16.42
C GLU D 386 43.18 22.62 15.94
N ARG D 387 43.78 22.58 14.76
CA ARG D 387 44.37 23.78 14.20
C ARG D 387 43.30 24.74 13.68
N ILE D 388 42.05 24.30 13.62
CA ILE D 388 40.94 25.15 13.22
C ILE D 388 40.30 25.66 14.50
N THR D 389 40.77 26.81 14.98
CA THR D 389 40.32 27.36 16.24
C THR D 389 40.48 28.88 16.20
N THR D 390 40.08 29.53 17.29
CA THR D 390 40.16 30.97 17.42
C THR D 390 41.32 31.34 18.34
N THR D 391 42.43 31.79 17.74
CA THR D 391 43.54 32.30 18.52
C THR D 391 43.28 33.75 18.90
N LYS D 392 44.25 34.36 19.58
CA LYS D 392 44.10 35.77 19.95
C LYS D 392 44.30 36.68 18.75
N LYS D 393 45.10 36.25 17.77
CA LYS D 393 45.34 37.07 16.59
C LYS D 393 44.13 37.08 15.65
N GLY D 394 43.52 35.93 15.45
CA GLY D 394 42.39 35.81 14.55
C GLY D 394 41.67 34.50 14.77
N SER D 395 41.08 33.98 13.69
CA SER D 395 40.34 32.73 13.79
C SER D 395 40.25 32.08 12.42
N ILE D 396 40.03 30.77 12.43
CA ILE D 396 39.78 30.00 11.22
C ILE D 396 38.48 29.24 11.42
N THR D 397 37.54 29.43 10.52
CA THR D 397 36.26 28.72 10.55
C THR D 397 36.20 27.78 9.37
N SER D 398 35.88 26.52 9.64
CA SER D 398 35.91 25.47 8.63
C SER D 398 34.48 25.04 8.32
N VAL D 399 34.11 25.10 7.05
CA VAL D 399 32.83 24.58 6.56
C VAL D 399 33.15 23.34 5.76
N GLN D 400 33.04 22.18 6.40
CA GLN D 400 33.47 20.91 5.82
C GLN D 400 32.25 20.16 5.29
N ALA D 401 32.29 19.81 4.01
CA ALA D 401 31.27 18.93 3.46
C ALA D 401 31.43 17.54 4.05
N ILE D 402 30.31 16.84 4.22
CA ILE D 402 30.30 15.53 4.86
C ILE D 402 29.50 14.57 4.00
N TYR D 403 30.08 13.41 3.72
CA TYR D 403 29.38 12.29 3.10
C TYR D 403 29.31 11.17 4.12
N VAL D 404 28.09 10.71 4.42
CA VAL D 404 27.87 9.68 5.43
C VAL D 404 27.87 8.33 4.71
N PRO D 405 28.86 7.47 4.94
CA PRO D 405 28.89 6.17 4.25
C PRO D 405 27.75 5.29 4.71
N ALA D 406 27.12 4.60 3.76
CA ALA D 406 26.00 3.70 4.00
C ALA D 406 24.84 4.38 4.71
N ASP D 407 24.81 5.71 4.69
CA ASP D 407 23.79 6.51 5.37
C ASP D 407 23.71 6.13 6.86
N ASP D 408 24.86 5.86 7.45
CA ASP D 408 24.95 5.43 8.85
C ASP D 408 25.72 6.49 9.62
N LEU D 409 24.99 7.30 10.40
CA LEU D 409 25.62 8.33 11.21
C LEU D 409 26.51 7.76 12.31
N THR D 410 26.39 6.46 12.60
CA THR D 410 27.18 5.83 13.64
C THR D 410 28.46 5.21 13.13
N ASP D 411 28.77 5.35 11.84
CA ASP D 411 30.03 4.87 11.33
C ASP D 411 31.18 5.65 11.95
N PRO D 412 32.37 5.05 12.07
CA PRO D 412 33.48 5.74 12.76
C PRO D 412 33.86 7.07 12.14
N ALA D 413 33.84 7.19 10.81
CA ALA D 413 34.25 8.45 10.19
C ALA D 413 33.25 9.57 10.46
N PRO D 414 31.95 9.42 10.17
CA PRO D 414 31.02 10.51 10.52
C PRO D 414 30.93 10.77 12.01
N ALA D 415 31.07 9.75 12.86
CA ALA D 415 31.03 9.98 14.30
C ALA D 415 32.23 10.81 14.75
N THR D 416 33.43 10.44 14.29
CA THR D 416 34.62 11.21 14.64
C THR D 416 34.53 12.63 14.11
N THR D 417 33.95 12.80 12.92
CA THR D 417 33.78 14.15 12.37
C THR D 417 32.79 14.96 13.21
N PHE D 418 31.68 14.34 13.61
CA PHE D 418 30.68 15.04 14.42
C PHE D 418 31.25 15.39 15.80
N ALA D 419 32.23 14.62 16.26
CA ALA D 419 32.88 14.93 17.53
C ALA D 419 33.48 16.32 17.53
N HIS D 420 33.85 16.84 16.35
CA HIS D 420 34.47 18.15 16.24
C HIS D 420 33.54 19.23 15.69
N LEU D 421 32.38 18.85 15.16
CA LEU D 421 31.47 19.82 14.57
C LEU D 421 30.84 20.70 15.65
N ASP D 422 30.66 21.98 15.32
CA ASP D 422 29.96 22.92 16.18
C ASP D 422 28.63 23.37 15.59
N ALA D 423 28.30 22.95 14.37
CA ALA D 423 27.04 23.30 13.73
C ALA D 423 26.93 22.47 12.45
N THR D 424 25.69 22.30 11.99
CA THR D 424 25.42 21.55 10.77
C THR D 424 24.44 22.34 9.91
N THR D 425 24.73 22.41 8.61
CA THR D 425 23.84 23.01 7.63
C THR D 425 23.56 21.97 6.56
N VAL D 426 22.30 21.61 6.40
CA VAL D 426 21.87 20.56 5.47
C VAL D 426 21.06 21.20 4.36
N LEU D 427 21.43 20.91 3.12
CA LEU D 427 20.73 21.43 1.94
C LEU D 427 19.80 20.34 1.43
N SER D 428 18.50 20.51 1.69
CA SER D 428 17.50 19.51 1.32
C SER D 428 17.02 19.76 -0.10
N ARG D 429 16.94 18.69 -0.89
CA ARG D 429 16.43 18.82 -2.25
C ARG D 429 14.96 19.21 -2.26
N ALA D 430 14.20 18.80 -1.24
CA ALA D 430 12.79 19.18 -1.16
C ALA D 430 12.62 20.69 -1.04
N ILE D 431 13.48 21.32 -0.25
CA ILE D 431 13.42 22.78 -0.11
C ILE D 431 13.75 23.46 -1.43
N ALA D 432 14.74 22.93 -2.16
CA ALA D 432 15.07 23.48 -3.46
C ALA D 432 13.91 23.35 -4.44
N GLU D 433 13.24 22.19 -4.43
CA GLU D 433 12.07 22.00 -5.26
C GLU D 433 10.94 22.94 -4.86
N LEU D 434 10.86 23.28 -3.57
CA LEU D 434 9.88 24.26 -3.11
C LEU D 434 10.19 25.66 -3.64
N GLY D 435 11.39 25.87 -4.18
CA GLY D 435 11.77 27.15 -4.75
C GLY D 435 12.47 28.10 -3.82
N ILE D 436 12.96 27.63 -2.67
CA ILE D 436 13.62 28.48 -1.70
C ILE D 436 15.12 28.33 -1.84
N TYR D 437 15.80 29.43 -2.17
CA TYR D 437 17.25 29.45 -2.27
C TYR D 437 17.80 30.50 -1.33
N PRO D 438 18.76 30.15 -0.46
CA PRO D 438 19.46 28.87 -0.33
C PRO D 438 18.58 27.75 0.20
N ALA D 439 18.94 26.50 -0.11
CA ALA D 439 18.12 25.33 0.23
C ALA D 439 18.43 24.79 1.61
N VAL D 440 18.92 25.64 2.52
CA VAL D 440 19.21 25.18 3.88
C VAL D 440 17.93 24.74 4.54
N ASP D 441 17.92 23.51 5.04
CA ASP D 441 16.76 23.01 5.77
C ASP D 441 16.67 23.72 7.11
N PRO D 442 15.57 24.42 7.40
CA PRO D 442 15.50 25.17 8.66
C PRO D 442 15.35 24.29 9.89
N LEU D 443 14.89 23.06 9.74
CA LEU D 443 14.66 22.18 10.87
C LEU D 443 15.86 21.26 11.15
N ASP D 444 16.39 20.62 10.12
CA ASP D 444 17.46 19.65 10.33
C ASP D 444 18.79 20.34 10.63
N SER D 445 18.95 21.60 10.21
CA SER D 445 20.17 22.33 10.52
C SER D 445 20.20 22.69 12.00
N THR D 446 21.31 22.40 12.66
CA THR D 446 21.47 22.65 14.08
C THR D 446 22.81 23.31 14.34
N SER D 447 22.87 24.08 15.43
CA SER D 447 24.11 24.73 15.86
C SER D 447 24.29 24.52 17.35
N ARG D 448 25.52 24.17 17.75
CA ARG D 448 25.79 23.96 19.17
C ARG D 448 25.70 25.26 19.95
N ILE D 449 26.04 26.40 19.33
CA ILE D 449 26.01 27.68 20.02
C ILE D 449 24.63 28.30 20.05
N MET D 450 23.60 27.58 19.62
CA MET D 450 22.24 28.09 19.70
C MET D 450 21.76 28.02 21.15
N ASP D 451 22.39 28.80 22.02
CA ASP D 451 22.11 28.79 23.44
C ASP D 451 21.94 30.23 23.91
N PRO D 452 21.03 30.50 24.86
CA PRO D 452 20.83 31.89 25.31
C PRO D 452 22.09 32.53 25.86
N ASN D 453 22.95 31.73 26.48
CA ASN D 453 24.18 32.26 27.06
C ASN D 453 25.18 32.71 26.00
N ILE D 454 25.02 32.30 24.76
CA ILE D 454 25.95 32.61 23.68
C ILE D 454 25.38 33.66 22.73
N VAL D 455 24.21 33.39 22.17
CA VAL D 455 23.64 34.30 21.17
C VAL D 455 22.68 35.31 21.78
N GLY D 456 22.42 35.23 23.08
CA GLY D 456 21.52 36.17 23.71
C GLY D 456 20.11 35.60 23.83
N SER D 457 19.35 36.15 24.78
CA SER D 457 17.99 35.66 25.02
C SER D 457 17.08 35.94 23.83
N GLU D 458 17.20 37.13 23.24
CA GLU D 458 16.30 37.52 22.15
C GLU D 458 16.51 36.62 20.92
N HIS D 459 17.77 36.41 20.54
CA HIS D 459 18.06 35.57 19.37
C HIS D 459 17.58 34.14 19.59
N TYR D 460 17.84 33.59 20.77
CA TYR D 460 17.41 32.22 21.07
C TYR D 460 15.89 32.11 21.03
N ASP D 461 15.19 33.08 21.62
CA ASP D 461 13.73 33.05 21.63
C ASP D 461 13.18 33.14 20.21
N VAL D 462 13.75 34.03 19.39
CA VAL D 462 13.26 34.18 18.01
C VAL D 462 13.47 32.89 17.22
N ALA D 463 14.67 32.31 17.33
CA ALA D 463 14.96 31.09 16.58
C ALA D 463 14.09 29.94 17.05
N ARG D 464 13.90 29.80 18.36
CA ARG D 464 13.06 28.71 18.88
C ARG D 464 11.62 28.89 18.42
N GLY D 465 11.12 30.13 18.44
CA GLY D 465 9.78 30.38 17.94
C GLY D 465 9.63 30.05 16.46
N VAL D 466 10.63 30.41 15.66
CA VAL D 466 10.60 30.09 14.23
C VAL D 466 10.54 28.59 14.02
N GLN D 467 11.39 27.84 14.74
CA GLN D 467 11.40 26.39 14.57
C GLN D 467 10.10 25.77 15.03
N LYS D 468 9.53 26.27 16.14
CA LYS D 468 8.26 25.74 16.62
C LYS D 468 7.15 26.00 15.62
N ILE D 469 7.12 27.20 15.03
CA ILE D 469 6.09 27.52 14.05
C ILE D 469 6.25 26.63 12.81
N LEU D 470 7.49 26.37 12.41
CA LEU D 470 7.71 25.50 11.25
C LEU D 470 7.25 24.07 11.54
N GLN D 471 7.52 23.56 12.74
CA GLN D 471 7.06 22.22 13.08
C GLN D 471 5.53 22.15 13.12
N ASP D 472 4.90 23.17 13.69
CA ASP D 472 3.44 23.23 13.68
C ASP D 472 2.90 23.30 12.27
N TYR D 473 3.61 24.01 11.38
CA TYR D 473 3.22 24.04 9.97
C TYR D 473 3.33 22.67 9.33
N LYS D 474 4.37 21.91 9.69
CA LYS D 474 4.48 20.55 9.17
C LYS D 474 3.29 19.70 9.61
N SER D 475 2.92 19.80 10.89
CA SER D 475 1.77 19.04 11.37
C SER D 475 0.48 19.46 10.67
N LEU D 476 0.27 20.77 10.51
CA LEU D 476 -0.93 21.25 9.85
C LEU D 476 -0.93 20.90 8.37
N GLN D 477 0.24 20.82 7.74
CA GLN D 477 0.31 20.38 6.36
C GLN D 477 -0.04 18.91 6.23
N ASP D 478 0.37 18.09 7.21
CA ASP D 478 -0.09 16.72 7.23
C ASP D 478 -1.61 16.64 7.35
N ILE D 479 -2.18 17.46 8.23
CA ILE D 479 -3.63 17.48 8.41
C ILE D 479 -4.33 17.90 7.11
N ILE D 480 -3.80 18.93 6.45
CA ILE D 480 -4.36 19.39 5.18
C ILE D 480 -4.24 18.32 4.11
N ALA D 481 -3.15 17.55 4.13
CA ALA D 481 -3.02 16.44 3.20
C ALA D 481 -4.09 15.39 3.46
N ILE D 482 -4.37 15.10 4.72
CA ILE D 482 -5.38 14.08 5.03
C ILE D 482 -6.78 14.68 4.97
N LEU D 483 -7.08 15.65 5.82
CA LEU D 483 -8.40 16.26 5.90
C LEU D 483 -8.47 17.48 4.98
N GLY D 484 -9.53 18.28 5.13
CA GLY D 484 -9.66 19.48 4.34
C GLY D 484 -9.13 20.71 5.04
N MET D 485 -8.87 21.76 4.25
CA MET D 485 -8.32 23.00 4.80
C MET D 485 -9.32 23.73 5.69
N ASP D 486 -10.62 23.42 5.57
CA ASP D 486 -11.61 24.04 6.44
C ASP D 486 -11.66 23.40 7.81
N GLU D 487 -11.08 22.21 7.98
CA GLU D 487 -11.11 21.54 9.27
C GLU D 487 -10.36 22.33 10.33
N LEU D 488 -9.20 22.86 9.99
CA LEU D 488 -8.39 23.57 10.96
C LEU D 488 -9.02 24.92 11.33
N SER D 489 -8.74 25.37 12.54
CA SER D 489 -9.34 26.57 13.08
C SER D 489 -8.69 27.83 12.50
N GLU D 490 -9.15 28.99 12.96
CA GLU D 490 -8.55 30.25 12.55
C GLU D 490 -7.12 30.35 13.04
N GLU D 491 -6.85 29.88 14.26
CA GLU D 491 -5.50 29.90 14.79
C GLU D 491 -4.56 29.06 13.91
N ASP D 492 -5.02 27.88 13.51
CA ASP D 492 -4.19 27.04 12.64
C ASP D 492 -3.95 27.70 11.29
N LYS D 493 -4.97 28.36 10.74
CA LYS D 493 -4.78 29.05 9.47
C LYS D 493 -3.78 30.20 9.59
N LEU D 494 -3.87 30.97 10.67
CA LEU D 494 -2.92 32.07 10.84
C LEU D 494 -1.51 31.55 11.07
N THR D 495 -1.37 30.43 11.80
CA THR D 495 -0.04 29.85 11.96
C THR D 495 0.50 29.34 10.63
N VAL D 496 -0.35 28.75 9.79
CA VAL D 496 0.07 28.32 8.47
C VAL D 496 0.54 29.51 7.64
N SER D 497 -0.22 30.60 7.67
CA SER D 497 0.18 31.78 6.89
C SER D 497 1.49 32.36 7.39
N ARG D 498 1.65 32.47 8.71
CA ARG D 498 2.90 33.00 9.27
C ARG D 498 4.07 32.10 8.93
N ALA D 499 3.89 30.78 9.00
CA ALA D 499 4.97 29.86 8.68
C ALA D 499 5.35 29.92 7.22
N ARG D 500 4.36 30.06 6.32
CA ARG D 500 4.68 30.24 4.91
C ARG D 500 5.45 31.52 4.69
N LYS D 501 5.05 32.61 5.35
CA LYS D 501 5.78 33.86 5.25
C LYS D 501 7.21 33.69 5.74
N ILE D 502 7.40 32.96 6.84
CA ILE D 502 8.75 32.75 7.37
C ILE D 502 9.59 31.95 6.39
N GLN D 503 9.06 30.82 5.90
CA GLN D 503 9.85 29.96 5.04
C GLN D 503 10.08 30.58 3.66
N ARG D 504 9.30 31.58 3.28
CA ARG D 504 9.65 32.34 2.09
C ARG D 504 10.61 33.48 2.41
N PHE D 505 10.61 33.95 3.66
CA PHE D 505 11.57 34.97 4.07
C PHE D 505 12.96 34.39 4.22
N LEU D 506 13.07 33.09 4.50
CA LEU D 506 14.39 32.45 4.59
C LEU D 506 15.12 32.49 3.25
N SER D 507 14.38 32.56 2.15
CA SER D 507 15.00 32.70 0.84
C SER D 507 15.71 34.05 0.74
N GLN D 508 16.84 34.07 0.02
CA GLN D 508 17.63 35.27 -0.05
C GLN D 508 18.39 35.34 -1.36
N PRO D 509 18.35 36.46 -2.07
CA PRO D 509 19.18 36.61 -3.27
C PRO D 509 20.65 36.68 -2.89
N PHE D 510 21.50 36.21 -3.81
CA PHE D 510 22.93 36.11 -3.58
C PHE D 510 23.69 36.97 -4.58
N GLN D 511 24.71 37.67 -4.08
CA GLN D 511 25.53 38.49 -4.97
C GLN D 511 26.25 37.64 -6.00
N VAL D 512 26.67 36.43 -5.62
CA VAL D 512 27.35 35.54 -6.55
C VAL D 512 26.43 35.07 -7.66
N ALA D 513 25.11 35.18 -7.48
CA ALA D 513 24.14 34.77 -8.49
C ALA D 513 23.51 35.95 -9.22
N GLU D 514 24.01 37.17 -9.02
CA GLU D 514 23.41 38.34 -9.66
C GLU D 514 23.50 38.23 -11.18
N VAL D 515 24.63 37.78 -11.70
CA VAL D 515 24.82 37.73 -13.15
C VAL D 515 23.83 36.77 -13.79
N PHE D 516 23.45 35.71 -13.08
CA PHE D 516 22.55 34.72 -13.64
C PHE D 516 21.09 35.16 -13.55
N THR D 517 20.60 35.36 -12.32
CA THR D 517 19.18 35.63 -12.12
C THR D 517 18.81 37.10 -12.26
N GLY D 518 19.79 38.00 -12.31
CA GLY D 518 19.51 39.41 -12.44
C GLY D 518 18.94 40.06 -11.20
N HIS D 519 18.94 39.38 -10.06
CA HIS D 519 18.42 39.92 -8.82
C HIS D 519 19.59 40.30 -7.92
N LEU D 520 19.58 41.54 -7.43
CA LEU D 520 20.67 42.05 -6.63
C LEU D 520 20.81 41.25 -5.34
N GLY D 521 22.06 40.96 -4.97
CA GLY D 521 22.32 40.20 -3.76
C GLY D 521 22.27 41.08 -2.52
N LYS D 522 21.91 40.45 -1.40
CA LYS D 522 21.74 41.16 -0.14
C LYS D 522 22.58 40.52 0.95
N LEU D 523 23.25 41.35 1.73
CA LEU D 523 24.04 40.93 2.89
C LEU D 523 23.28 41.40 4.12
N VAL D 524 22.34 40.58 4.59
CA VAL D 524 21.47 40.94 5.70
C VAL D 524 22.23 40.84 7.01
N PRO D 525 22.33 41.93 7.78
CA PRO D 525 22.95 41.84 9.10
C PRO D 525 22.11 41.00 10.06
N LEU D 526 22.79 40.50 11.10
CA LEU D 526 22.12 39.65 12.08
C LEU D 526 20.99 40.37 12.78
N LYS D 527 21.19 41.63 13.14
CA LYS D 527 20.16 42.40 13.82
C LYS D 527 18.92 42.53 12.95
N GLU D 528 19.11 42.82 11.66
CA GLU D 528 17.97 42.93 10.76
C GLU D 528 17.23 41.61 10.62
N THR D 529 17.97 40.50 10.52
CA THR D 529 17.33 39.19 10.44
C THR D 529 16.49 38.92 11.68
N ILE D 530 17.07 39.14 12.86
CA ILE D 530 16.35 38.86 14.10
C ILE D 530 15.12 39.74 14.21
N LYS D 531 15.27 41.04 13.90
CA LYS D 531 14.13 41.95 14.00
C LYS D 531 13.03 41.57 13.03
N GLY D 532 13.40 41.23 11.79
CA GLY D 532 12.39 40.86 10.81
C GLY D 532 11.63 39.61 11.20
N PHE D 533 12.34 38.58 11.64
CA PHE D 533 11.66 37.34 12.02
C PHE D 533 10.83 37.54 13.28
N GLN D 534 11.31 38.37 14.22
CA GLN D 534 10.51 38.67 15.41
C GLN D 534 9.23 39.38 15.03
N GLN D 535 9.30 40.36 14.13
CA GLN D 535 8.11 41.08 13.70
C GLN D 535 7.16 40.15 12.95
N ILE D 536 7.69 39.23 12.14
CA ILE D 536 6.83 38.28 11.45
C ILE D 536 6.11 37.38 12.45
N LEU D 537 6.83 36.89 13.47
CA LEU D 537 6.21 36.06 14.48
C LEU D 537 5.15 36.83 15.25
N ALA D 538 5.40 38.12 15.52
CA ALA D 538 4.44 38.94 16.25
C ALA D 538 3.17 39.23 15.46
N GLY D 539 3.08 38.77 14.21
CA GLY D 539 1.91 39.02 13.40
C GLY D 539 1.81 40.42 12.84
N GLU D 540 2.90 41.19 12.87
CA GLU D 540 2.85 42.57 12.40
C GLU D 540 2.58 42.63 10.89
N TYR D 541 3.20 41.73 10.13
CA TYR D 541 3.08 41.72 8.67
C TYR D 541 2.19 40.58 8.18
N ASP D 542 1.12 40.26 8.92
CA ASP D 542 0.23 39.18 8.49
C ASP D 542 -0.65 39.61 7.33
N HIS D 543 -0.87 40.91 7.16
CA HIS D 543 -1.69 41.40 6.06
C HIS D 543 -0.96 41.35 4.72
N LEU D 544 0.37 41.40 4.74
CA LEU D 544 1.13 41.35 3.49
C LEU D 544 0.96 39.98 2.82
N PRO D 545 1.00 39.93 1.49
CA PRO D 545 0.86 38.65 0.80
C PRO D 545 2.06 37.75 1.02
N GLU D 546 1.89 36.48 0.64
CA GLU D 546 2.95 35.49 0.84
C GLU D 546 4.19 35.81 0.01
N GLN D 547 4.00 36.25 -1.24
CA GLN D 547 5.12 36.52 -2.11
C GLN D 547 5.86 37.80 -1.74
N ALA D 548 5.34 38.59 -0.80
CA ALA D 548 6.01 39.81 -0.39
C ALA D 548 7.34 39.55 0.30
N PHE D 549 7.56 38.35 0.80
CA PHE D 549 8.79 38.01 1.51
C PHE D 549 9.71 37.09 0.73
N TYR D 550 9.37 36.77 -0.51
CA TYR D 550 10.15 35.82 -1.31
C TYR D 550 11.32 36.54 -1.97
N MET D 551 12.52 36.03 -1.72
CA MET D 551 13.75 36.49 -2.38
C MET D 551 13.98 37.99 -2.12
N VAL D 552 14.08 38.33 -0.84
CA VAL D 552 14.34 39.69 -0.40
C VAL D 552 15.38 39.66 0.71
N GLY D 553 15.91 40.84 1.03
CA GLY D 553 16.88 40.97 2.08
C GLY D 553 16.24 41.35 3.40
N PRO D 554 16.47 42.58 3.85
CA PRO D 554 15.78 43.06 5.05
C PRO D 554 14.28 43.15 4.83
N ILE D 555 13.55 43.15 5.95
CA ILE D 555 12.10 43.17 5.90
C ILE D 555 11.58 44.45 5.27
N GLU D 556 12.38 45.52 5.28
CA GLU D 556 11.98 46.74 4.58
C GLU D 556 11.84 46.50 3.09
N GLU D 557 12.74 45.70 2.51
CA GLU D 557 12.57 45.30 1.12
C GLU D 557 11.32 44.45 0.93
N ALA D 558 10.95 43.68 1.96
CA ALA D 558 9.72 42.89 1.86
C ALA D 558 8.49 43.79 1.81
N VAL D 559 8.44 44.83 2.67
CA VAL D 559 7.30 45.73 2.62
C VAL D 559 7.31 46.54 1.32
N ALA D 560 8.50 46.88 0.80
CA ALA D 560 8.56 47.57 -0.48
C ALA D 560 8.02 46.69 -1.60
N LYS D 561 8.38 45.40 -1.60
CA LYS D 561 7.86 44.48 -2.60
C LYS D 561 6.35 44.31 -2.46
N ALA D 562 5.86 44.29 -1.23
CA ALA D 562 4.42 44.24 -1.00
C ALA D 562 3.73 45.47 -1.59
N ASP D 563 4.34 46.65 -1.41
CA ASP D 563 3.81 47.86 -2.02
C ASP D 563 3.82 47.75 -3.54
N LYS D 564 4.86 47.14 -4.10
CA LYS D 564 4.93 46.96 -5.55
C LYS D 564 3.77 46.09 -6.05
N LEU D 565 3.36 45.11 -5.24
CA LEU D 565 2.24 44.25 -5.61
C LEU D 565 0.93 44.95 -5.28
N ALA D 566 0.16 45.27 -6.31
CA ALA D 566 -1.12 45.96 -6.16
C ALA D 566 -0.97 47.27 -5.39
N ALA E 101 67.29 -23.95 42.63
CA ALA E 101 67.66 -23.37 41.34
C ALA E 101 67.10 -21.96 41.21
N THR E 102 67.96 -21.01 40.87
CA THR E 102 67.57 -19.61 40.72
C THR E 102 67.82 -19.17 39.29
N GLY E 103 66.88 -18.41 38.74
CA GLY E 103 66.98 -17.90 37.40
C GLY E 103 67.04 -16.37 37.38
N ARG E 104 67.15 -15.83 36.17
CA ARG E 104 67.22 -14.41 35.95
C ARG E 104 66.09 -13.98 35.02
N ILE E 105 65.47 -12.86 35.34
CA ILE E 105 64.41 -12.32 34.48
C ILE E 105 65.03 -11.79 33.20
N VAL E 106 64.47 -12.21 32.07
CA VAL E 106 64.95 -11.80 30.76
C VAL E 106 63.96 -10.87 30.06
N ALA E 107 62.66 -11.16 30.16
CA ALA E 107 61.65 -10.37 29.49
C ALA E 107 60.53 -10.02 30.45
N VAL E 108 60.11 -8.75 30.42
CA VAL E 108 58.97 -8.28 31.19
C VAL E 108 58.01 -7.55 30.26
N ILE E 109 56.99 -8.25 29.78
CA ILE E 109 55.98 -7.66 28.91
C ILE E 109 54.63 -7.88 29.58
N GLY E 110 54.05 -6.81 30.10
CA GLY E 110 52.78 -6.92 30.79
C GLY E 110 52.87 -7.82 32.01
N ALA E 111 51.91 -8.73 32.12
CA ALA E 111 51.87 -9.70 33.21
C ALA E 111 52.62 -10.99 32.88
N VAL E 112 53.29 -11.04 31.74
CA VAL E 112 54.02 -12.23 31.32
C VAL E 112 55.51 -11.94 31.48
N VAL E 113 56.19 -12.75 32.29
CA VAL E 113 57.60 -12.59 32.59
C VAL E 113 58.33 -13.85 32.13
N ASP E 114 59.42 -13.66 31.40
CA ASP E 114 60.24 -14.76 30.90
C ASP E 114 61.51 -14.86 31.73
N VAL E 115 61.79 -16.06 32.22
CA VAL E 115 62.92 -16.31 33.11
C VAL E 115 63.80 -17.39 32.52
N GLN E 116 65.11 -17.15 32.55
CA GLN E 116 66.09 -18.11 32.08
C GLN E 116 66.82 -18.70 33.28
N PHE E 117 66.84 -20.03 33.37
CA PHE E 117 67.48 -20.73 34.47
C PHE E 117 68.79 -21.34 34.00
N ASP E 118 69.85 -21.12 34.77
CA ASP E 118 71.14 -21.73 34.44
C ASP E 118 71.07 -23.25 34.53
N GLU E 119 70.37 -23.77 35.55
CA GLU E 119 70.18 -25.21 35.69
C GLU E 119 68.86 -25.46 36.39
N GLY E 120 68.29 -26.64 36.12
CA GLY E 120 67.07 -27.04 36.81
C GLY E 120 65.85 -26.25 36.42
N LEU E 121 65.39 -26.43 35.19
CA LEU E 121 64.17 -25.75 34.74
C LEU E 121 62.99 -26.20 35.59
N PRO E 122 62.24 -25.28 36.19
CA PRO E 122 61.04 -25.67 36.93
C PRO E 122 59.96 -26.17 35.98
N PRO E 123 59.23 -27.20 36.36
CA PRO E 123 58.16 -27.70 35.49
C PRO E 123 57.04 -26.69 35.33
N ILE E 124 56.14 -26.99 34.40
CA ILE E 124 55.01 -26.11 34.16
C ILE E 124 54.10 -26.11 35.40
N LEU E 125 53.44 -24.98 35.62
CA LEU E 125 52.55 -24.79 36.77
C LEU E 125 53.33 -24.88 38.09
N ASN E 126 54.48 -24.22 38.12
CA ASN E 126 55.33 -24.18 39.31
C ASN E 126 55.53 -22.73 39.73
N ALA E 127 55.38 -22.47 41.02
CA ALA E 127 55.50 -21.11 41.54
C ALA E 127 56.96 -20.70 41.62
N LEU E 128 57.25 -19.47 41.21
CA LEU E 128 58.59 -18.89 41.30
C LEU E 128 58.50 -17.58 42.04
N GLU E 129 59.30 -17.44 43.11
CA GLU E 129 59.33 -16.21 43.89
C GLU E 129 60.38 -15.27 43.33
N VAL E 130 59.99 -14.01 43.12
CA VAL E 130 60.91 -13.00 42.61
C VAL E 130 61.59 -12.34 43.79
N GLN E 131 62.92 -12.45 43.85
CA GLN E 131 63.69 -11.88 44.94
C GLN E 131 63.95 -10.41 44.69
N GLY E 132 63.99 -9.63 45.78
CA GLY E 132 64.29 -8.22 45.71
C GLY E 132 63.09 -7.30 45.66
N ARG E 133 61.89 -7.79 45.94
CA ARG E 133 60.69 -6.97 45.94
C ARG E 133 60.09 -6.91 47.35
N GLU E 134 59.59 -5.74 47.71
CA GLU E 134 59.01 -5.56 49.04
C GLU E 134 57.80 -6.47 49.24
N THR E 135 56.95 -6.59 48.24
CA THR E 135 55.80 -7.48 48.30
C THR E 135 56.25 -8.89 47.93
N ARG E 136 55.30 -9.79 47.70
CA ARG E 136 55.59 -11.16 47.30
C ARG E 136 55.05 -11.35 45.89
N LEU E 137 55.93 -11.16 44.91
CA LEU E 137 55.59 -11.42 43.51
C LEU E 137 55.97 -12.85 43.17
N VAL E 138 54.97 -13.66 42.85
CA VAL E 138 55.17 -15.08 42.55
C VAL E 138 54.72 -15.34 41.13
N LEU E 139 55.59 -15.96 40.34
CA LEU E 139 55.33 -16.24 38.94
C LEU E 139 54.95 -17.70 38.76
N GLU E 140 53.97 -17.95 37.90
CA GLU E 140 53.50 -19.30 37.60
C GLU E 140 54.01 -19.70 36.22
N VAL E 141 54.81 -20.76 36.17
CA VAL E 141 55.39 -21.19 34.90
C VAL E 141 54.29 -21.70 33.98
N ALA E 142 54.30 -21.22 32.75
CA ALA E 142 53.31 -21.62 31.76
C ALA E 142 53.89 -22.35 30.57
N GLN E 143 55.11 -22.01 30.15
CA GLN E 143 55.74 -22.63 28.99
C GLN E 143 57.22 -22.82 29.24
N HIS E 144 57.79 -23.83 28.59
CA HIS E 144 59.23 -24.02 28.52
C HIS E 144 59.65 -23.62 27.11
N LEU E 145 60.17 -22.40 26.98
CA LEU E 145 60.47 -21.83 25.67
C LEU E 145 61.74 -22.39 25.05
N GLY E 146 62.46 -23.26 25.74
CA GLY E 146 63.74 -23.74 25.25
C GLY E 146 64.88 -22.82 25.63
N GLU E 147 66.09 -23.29 25.35
CA GLU E 147 67.32 -22.60 25.76
C GLU E 147 67.34 -22.35 27.26
N SER E 148 66.80 -23.32 28.01
CA SER E 148 66.70 -23.24 29.48
C SER E 148 65.99 -21.96 29.91
N THR E 149 64.91 -21.63 29.19
CA THR E 149 64.14 -20.42 29.45
C THR E 149 62.68 -20.79 29.60
N VAL E 150 62.04 -20.25 30.64
CA VAL E 150 60.63 -20.51 30.91
C VAL E 150 59.86 -19.20 30.80
N ARG E 151 58.58 -19.32 30.47
CA ARG E 151 57.69 -18.18 30.37
C ARG E 151 56.63 -18.28 31.45
N THR E 152 56.48 -17.23 32.24
CA THR E 152 55.66 -17.27 33.44
C THR E 152 54.56 -16.22 33.38
N ILE E 153 53.51 -16.45 34.16
CA ILE E 153 52.40 -15.53 34.33
C ILE E 153 52.44 -15.02 35.76
N ALA E 154 52.58 -13.71 35.93
CA ALA E 154 52.72 -13.12 37.25
C ALA E 154 51.38 -13.03 37.95
N MET E 155 51.40 -13.29 39.26
CA MET E 155 50.20 -13.20 40.08
C MET E 155 50.00 -11.82 40.68
N ASP E 156 50.83 -10.85 40.33
CA ASP E 156 50.72 -9.49 40.83
C ASP E 156 51.35 -8.55 39.80
N GLY E 157 51.35 -7.26 40.12
CA GLY E 157 51.90 -6.29 39.18
C GLY E 157 53.38 -6.51 38.94
N THR E 158 53.80 -6.28 37.71
CA THR E 158 55.17 -6.50 37.28
C THR E 158 55.98 -5.20 37.25
N GLU E 159 55.46 -4.13 37.82
CA GLU E 159 56.18 -2.86 37.84
C GLU E 159 57.48 -3.00 38.64
N GLY E 160 58.52 -2.35 38.14
CA GLY E 160 59.81 -2.34 38.81
C GLY E 160 60.68 -3.55 38.55
N LEU E 161 60.25 -4.49 37.72
CA LEU E 161 61.05 -5.67 37.42
C LEU E 161 62.18 -5.29 36.47
N VAL E 162 63.40 -5.64 36.83
CA VAL E 162 64.59 -5.35 36.04
C VAL E 162 65.06 -6.63 35.38
N ARG E 163 65.39 -6.55 34.09
CA ARG E 163 65.95 -7.70 33.39
C ARG E 163 67.24 -8.14 34.06
N GLY E 164 67.33 -9.42 34.37
CA GLY E 164 68.44 -9.97 35.12
C GLY E 164 68.19 -10.09 36.60
N GLN E 165 67.02 -9.71 37.08
CA GLN E 165 66.71 -9.82 38.51
C GLN E 165 66.58 -11.29 38.91
N LYS E 166 67.08 -11.60 40.10
CA LYS E 166 67.11 -12.98 40.57
C LYS E 166 65.73 -13.41 41.04
N VAL E 167 65.28 -14.56 40.57
CA VAL E 167 64.00 -15.16 40.96
C VAL E 167 64.26 -16.61 41.35
N LEU E 168 63.77 -17.01 42.51
CA LEU E 168 64.01 -18.33 43.08
C LEU E 168 62.82 -19.25 42.86
N ASP E 169 63.10 -20.47 42.40
CA ASP E 169 62.06 -21.45 42.18
C ASP E 169 61.58 -22.04 43.50
N SER E 170 60.27 -22.06 43.70
CA SER E 170 59.72 -22.63 44.93
C SER E 170 59.76 -24.15 44.92
N GLY E 171 59.79 -24.77 43.74
CA GLY E 171 59.82 -26.21 43.63
C GLY E 171 58.47 -26.88 43.72
N ALA E 172 57.38 -26.12 43.75
CA ALA E 172 56.04 -26.68 43.86
C ALA E 172 55.05 -25.68 43.29
N PRO E 173 53.87 -26.13 42.87
CA PRO E 173 52.84 -25.19 42.40
C PRO E 173 52.41 -24.26 43.52
N ILE E 174 51.62 -23.25 43.14
CA ILE E 174 51.10 -22.30 44.11
C ILE E 174 50.26 -23.05 45.12
N LYS E 175 50.65 -22.99 46.39
CA LYS E 175 49.94 -23.66 47.46
C LYS E 175 49.31 -22.63 48.39
N ILE E 176 48.13 -22.95 48.89
CA ILE E 176 47.36 -22.02 49.72
C ILE E 176 47.06 -22.68 51.05
N PRO E 177 46.89 -21.91 52.13
CA PRO E 177 46.39 -22.49 53.38
C PRO E 177 44.96 -22.97 53.19
N VAL E 178 44.70 -24.21 53.63
CA VAL E 178 43.38 -24.81 53.48
C VAL E 178 43.07 -25.60 54.74
N GLY E 179 41.79 -25.65 55.09
CA GLY E 179 41.36 -26.30 56.30
C GLY E 179 40.23 -25.56 56.99
N PRO E 180 39.83 -26.03 58.16
CA PRO E 180 38.77 -25.32 58.91
C PRO E 180 39.17 -23.92 59.34
N GLU E 181 40.47 -23.64 59.44
CA GLU E 181 40.90 -22.31 59.86
C GLU E 181 40.74 -21.27 58.76
N THR E 182 40.45 -21.69 57.52
CA THR E 182 40.21 -20.75 56.45
C THR E 182 38.79 -20.19 56.48
N LEU E 183 37.90 -20.82 57.23
CA LEU E 183 36.53 -20.32 57.34
C LEU E 183 36.51 -18.97 58.06
N GLY E 184 35.76 -18.03 57.51
CA GLY E 184 35.69 -16.70 58.08
C GLY E 184 36.91 -15.86 57.81
N ARG E 185 37.70 -16.17 56.79
CA ARG E 185 38.89 -15.42 56.44
C ARG E 185 38.84 -15.05 54.97
N ILE E 186 39.49 -13.95 54.63
CA ILE E 186 39.60 -13.47 53.25
C ILE E 186 40.99 -13.80 52.73
N MET E 187 41.05 -14.40 51.55
CA MET E 187 42.31 -14.79 50.95
C MET E 187 42.43 -14.17 49.56
N ASN E 188 43.66 -14.02 49.11
CA ASN E 188 43.94 -13.61 47.75
C ASN E 188 44.30 -14.82 46.91
N VAL E 189 44.81 -14.58 45.70
CA VAL E 189 45.09 -15.65 44.76
C VAL E 189 46.07 -16.66 45.36
N ILE E 190 47.11 -16.17 46.02
CA ILE E 190 48.19 -17.02 46.50
C ILE E 190 48.01 -17.40 47.97
N GLY E 191 46.79 -17.27 48.50
CA GLY E 191 46.52 -17.66 49.87
C GLY E 191 47.20 -16.80 50.92
N GLU E 192 47.27 -15.48 50.69
CA GLU E 192 47.73 -14.55 51.71
C GLU E 192 46.53 -13.88 52.34
N PRO E 193 46.37 -13.94 53.66
CA PRO E 193 45.21 -13.31 54.30
C PRO E 193 45.26 -11.80 54.13
N ILE E 194 44.23 -11.27 53.48
CA ILE E 194 44.11 -9.83 53.25
C ILE E 194 43.07 -9.21 54.17
N ASP E 195 42.68 -9.92 55.23
CA ASP E 195 41.77 -9.40 56.24
C ASP E 195 42.50 -8.87 57.47
N GLU E 196 43.83 -8.72 57.38
CA GLU E 196 44.70 -8.22 58.45
C GLU E 196 44.33 -8.77 59.83
N ARG E 197 44.01 -10.06 59.90
CA ARG E 197 43.76 -10.73 61.16
C ARG E 197 44.86 -11.72 61.52
N GLY E 198 45.98 -11.70 60.82
CA GLY E 198 47.08 -12.59 61.09
C GLY E 198 47.15 -13.73 60.10
N PRO E 199 48.19 -14.56 60.22
CA PRO E 199 48.34 -15.69 59.29
C PRO E 199 47.27 -16.73 59.51
N ILE E 200 46.97 -17.47 58.44
CA ILE E 200 45.99 -18.55 58.48
C ILE E 200 46.74 -19.82 58.90
N LYS E 201 46.60 -20.19 60.17
CA LYS E 201 47.35 -21.31 60.73
C LYS E 201 46.61 -22.61 60.43
N THR E 202 46.85 -23.13 59.24
CA THR E 202 46.31 -24.42 58.84
C THR E 202 47.41 -25.48 58.88
N LYS E 203 47.01 -26.70 59.21
CA LYS E 203 47.96 -27.79 59.35
C LYS E 203 48.42 -28.37 58.02
N GLN E 204 47.75 -28.03 56.91
CA GLN E 204 48.12 -28.56 55.61
C GLN E 204 47.92 -27.49 54.55
N PHE E 205 48.57 -27.70 53.41
CA PHE E 205 48.48 -26.82 52.26
C PHE E 205 48.08 -27.65 51.04
N ALA E 206 47.37 -27.02 50.12
CA ALA E 206 46.89 -27.70 48.92
C ALA E 206 47.35 -26.95 47.69
N ALA E 207 47.76 -27.70 46.67
CA ALA E 207 48.20 -27.09 45.41
C ALA E 207 47.01 -26.51 44.67
N ILE E 208 47.22 -25.35 44.04
CA ILE E 208 46.15 -24.69 43.30
C ILE E 208 45.69 -25.56 42.14
N HIS E 209 46.63 -26.13 41.39
CA HIS E 209 46.32 -26.92 40.21
C HIS E 209 46.23 -28.39 40.59
N ALA E 210 45.07 -28.99 40.35
CA ALA E 210 44.85 -30.41 40.61
C ALA E 210 44.05 -31.00 39.47
N GLU E 211 44.03 -32.32 39.41
CA GLU E 211 43.30 -33.02 38.37
C GLU E 211 41.83 -33.19 38.77
N ALA E 212 40.95 -33.09 37.77
CA ALA E 212 39.53 -33.20 38.03
C ALA E 212 39.19 -34.62 38.49
N PRO E 213 38.11 -34.78 39.27
CA PRO E 213 37.72 -36.12 39.71
C PRO E 213 37.47 -37.05 38.53
N GLU E 214 37.89 -38.30 38.69
CA GLU E 214 37.80 -39.27 37.62
C GLU E 214 36.34 -39.64 37.35
N PHE E 215 36.14 -40.44 36.30
CA PHE E 215 34.78 -40.79 35.88
C PHE E 215 34.06 -41.59 36.95
N MET E 216 34.75 -42.54 37.58
CA MET E 216 34.11 -43.40 38.57
C MET E 216 33.73 -42.63 39.82
N GLU E 217 34.52 -41.63 40.19
CA GLU E 217 34.23 -40.85 41.39
C GLU E 217 32.97 -40.00 41.24
N MET E 218 32.48 -39.81 40.02
CA MET E 218 31.33 -38.95 39.79
C MET E 218 30.07 -39.54 40.41
N SER E 219 29.16 -38.66 40.80
CA SER E 219 27.89 -39.04 41.40
C SER E 219 26.74 -38.61 40.50
N VAL E 220 25.68 -39.40 40.49
CA VAL E 220 24.54 -39.19 39.62
C VAL E 220 23.26 -38.89 40.40
N GLU E 221 23.37 -38.72 41.71
CA GLU E 221 22.20 -38.39 42.51
C GLU E 221 21.69 -37.00 42.15
N GLN E 222 20.37 -36.88 42.01
CA GLN E 222 19.74 -35.62 41.61
C GLN E 222 18.56 -35.34 42.52
N GLU E 223 18.60 -34.17 43.18
CA GLU E 223 17.49 -33.70 43.98
C GLU E 223 17.10 -32.31 43.50
N ILE E 224 16.22 -31.64 44.25
CA ILE E 224 15.80 -30.29 43.91
C ILE E 224 16.20 -29.36 45.05
N LEU E 225 16.87 -28.26 44.72
CA LEU E 225 17.28 -27.25 45.69
C LEU E 225 16.27 -26.10 45.58
N VAL E 226 15.23 -26.15 46.40
CA VAL E 226 14.21 -25.11 46.38
C VAL E 226 14.81 -23.82 46.92
N THR E 227 14.85 -22.79 46.09
CA THR E 227 15.48 -21.53 46.43
C THR E 227 14.51 -20.44 46.85
N GLY E 228 13.21 -20.71 46.80
CA GLY E 228 12.22 -19.71 47.18
C GLY E 228 11.95 -18.66 46.15
N ILE E 229 12.43 -18.82 44.92
CA ILE E 229 12.20 -17.88 43.83
C ILE E 229 11.24 -18.51 42.85
N LYS E 230 10.18 -17.78 42.48
CA LYS E 230 9.14 -18.36 41.65
C LYS E 230 9.68 -18.85 40.31
N VAL E 231 10.44 -18.00 39.61
CA VAL E 231 10.92 -18.35 38.29
C VAL E 231 11.87 -19.53 38.36
N VAL E 232 12.82 -19.48 39.31
CA VAL E 232 13.80 -20.55 39.43
C VAL E 232 13.13 -21.86 39.85
N ASP E 233 12.28 -21.80 40.88
CA ASP E 233 11.66 -23.02 41.38
C ASP E 233 10.73 -23.64 40.36
N LEU E 234 10.00 -22.82 39.60
CA LEU E 234 8.98 -23.35 38.70
C LEU E 234 9.58 -23.91 37.43
N LEU E 235 10.35 -23.09 36.70
CA LEU E 235 10.76 -23.45 35.35
C LEU E 235 12.11 -24.16 35.30
N ALA E 236 13.10 -23.65 36.04
CA ALA E 236 14.46 -24.18 36.01
C ALA E 236 14.93 -24.47 37.43
N PRO E 237 14.38 -25.50 38.06
CA PRO E 237 14.74 -25.78 39.45
C PRO E 237 16.21 -26.16 39.59
N TYR E 238 16.80 -25.80 40.71
CA TYR E 238 18.20 -26.10 40.98
C TYR E 238 18.33 -27.45 41.66
N ALA E 239 19.42 -28.14 41.38
CA ALA E 239 19.70 -29.46 41.92
C ALA E 239 20.82 -29.38 42.94
N LYS E 240 20.61 -30.01 44.09
CA LYS E 240 21.65 -30.04 45.11
C LYS E 240 22.88 -30.78 44.57
N GLY E 241 24.04 -30.15 44.73
CA GLY E 241 25.26 -30.72 44.20
C GLY E 241 25.40 -30.63 42.70
N GLY E 242 24.73 -29.69 42.06
CA GLY E 242 24.81 -29.52 40.63
C GLY E 242 25.22 -28.10 40.28
N LYS E 243 26.00 -27.98 39.20
CA LYS E 243 26.50 -26.68 38.78
C LYS E 243 25.35 -25.81 38.28
N ILE E 244 25.38 -24.54 38.69
CA ILE E 244 24.32 -23.58 38.39
C ILE E 244 24.96 -22.33 37.80
N GLY E 245 24.33 -21.78 36.76
CA GLY E 245 24.86 -20.59 36.12
C GLY E 245 23.85 -19.47 36.03
N LEU E 246 24.29 -18.24 36.27
CA LEU E 246 23.44 -17.06 36.23
C LEU E 246 23.95 -16.15 35.10
N PHE E 247 23.47 -16.42 33.89
CA PHE E 247 23.88 -15.62 32.74
C PHE E 247 23.22 -14.25 32.77
N GLY E 248 23.89 -13.27 32.18
CA GLY E 248 23.33 -11.93 32.08
C GLY E 248 24.31 -10.91 31.57
N GLY E 249 23.80 -9.77 31.10
CA GLY E 249 24.65 -8.71 30.58
C GLY E 249 25.26 -7.89 31.70
N ALA E 250 25.30 -6.58 31.50
CA ALA E 250 25.85 -5.65 32.48
C ALA E 250 24.71 -5.00 33.24
N GLY E 251 24.69 -5.21 34.56
CA GLY E 251 23.65 -4.62 35.39
C GLY E 251 22.25 -5.14 35.13
N VAL E 252 22.10 -6.45 34.95
CA VAL E 252 20.79 -7.05 34.77
C VAL E 252 20.29 -7.78 36.01
N GLY E 253 21.15 -8.07 36.98
CA GLY E 253 20.70 -8.68 38.21
C GLY E 253 21.51 -9.89 38.67
N LYS E 254 22.66 -10.12 38.05
CA LYS E 254 23.48 -11.27 38.42
C LYS E 254 23.91 -11.20 39.88
N THR E 255 24.50 -10.07 40.28
CA THR E 255 24.98 -9.93 41.65
C THR E 255 23.83 -9.97 42.65
N VAL E 256 22.73 -9.28 42.34
CA VAL E 256 21.58 -9.29 43.23
C VAL E 256 21.02 -10.69 43.36
N LEU E 257 20.92 -11.41 42.25
CA LEU E 257 20.38 -12.77 42.28
C LEU E 257 21.28 -13.70 43.07
N ILE E 258 22.60 -13.58 42.91
CA ILE E 258 23.48 -14.47 43.65
C ILE E 258 23.47 -14.13 45.14
N MET E 259 23.35 -12.85 45.48
CA MET E 259 23.22 -12.48 46.89
C MET E 259 21.92 -13.02 47.49
N GLU E 260 20.83 -12.96 46.71
CA GLU E 260 19.57 -13.51 47.19
C GLU E 260 19.68 -15.03 47.38
N LEU E 261 20.35 -15.71 46.44
CA LEU E 261 20.55 -17.15 46.59
C LEU E 261 21.36 -17.46 47.84
N ILE E 262 22.40 -16.65 48.10
CA ILE E 262 23.16 -16.83 49.34
C ILE E 262 22.25 -16.67 50.55
N ASN E 263 21.50 -15.57 50.60
CA ASN E 263 20.63 -15.29 51.74
C ASN E 263 19.60 -16.39 51.95
N ASN E 264 19.15 -17.02 50.86
CA ASN E 264 18.12 -18.05 50.97
C ASN E 264 18.71 -19.39 51.40
N VAL E 265 19.83 -19.78 50.80
CA VAL E 265 20.32 -21.15 50.98
C VAL E 265 21.43 -21.21 52.02
N ALA E 266 22.46 -20.38 51.88
CA ALA E 266 23.67 -20.55 52.67
C ALA E 266 23.40 -20.38 54.16
N LYS E 267 22.58 -19.40 54.53
CA LYS E 267 22.26 -19.21 55.95
C LYS E 267 21.53 -20.43 56.50
N ALA E 268 20.63 -21.01 55.72
CA ALA E 268 19.93 -22.23 56.12
C ALA E 268 20.68 -23.50 55.74
N HIS E 269 21.86 -23.38 55.12
CA HIS E 269 22.62 -24.55 54.72
C HIS E 269 23.38 -25.11 55.91
N GLY E 270 23.28 -26.42 56.13
CA GLY E 270 23.97 -27.03 57.25
C GLY E 270 25.48 -27.03 57.08
N GLY E 271 25.95 -27.27 55.86
CA GLY E 271 27.37 -27.39 55.61
C GLY E 271 28.04 -26.03 55.42
N TYR E 272 29.31 -26.10 55.05
CA TYR E 272 30.13 -24.91 54.85
C TYR E 272 29.85 -24.30 53.48
N SER E 273 30.34 -23.07 53.30
CA SER E 273 30.20 -22.37 52.04
C SER E 273 31.51 -21.68 51.69
N VAL E 274 31.77 -21.54 50.39
CA VAL E 274 32.96 -20.87 49.89
C VAL E 274 32.54 -19.86 48.83
N PHE E 275 32.98 -18.62 49.00
CA PHE E 275 32.70 -17.55 48.05
C PHE E 275 34.01 -17.13 47.39
N ALA E 276 34.03 -17.15 46.06
CA ALA E 276 35.21 -16.79 45.29
C ALA E 276 34.84 -15.60 44.40
N GLY E 277 35.23 -14.40 44.82
CA GLY E 277 34.96 -13.21 44.04
C GLY E 277 36.02 -12.98 42.99
N VAL E 278 35.71 -13.29 41.74
CA VAL E 278 36.66 -13.22 40.64
C VAL E 278 36.25 -12.06 39.75
N GLY E 279 37.10 -11.03 39.70
CA GLY E 279 36.89 -9.91 38.79
C GLY E 279 35.60 -9.16 39.00
N GLU E 280 35.25 -8.86 40.25
CA GLU E 280 34.06 -8.10 40.57
C GLU E 280 34.46 -6.86 41.37
N ARG E 281 33.46 -6.04 41.71
CA ARG E 281 33.72 -4.81 42.45
C ARG E 281 34.23 -5.12 43.85
N THR E 282 35.29 -4.41 44.25
CA THR E 282 35.85 -4.65 45.58
C THR E 282 34.91 -4.16 46.67
N ARG E 283 34.17 -3.08 46.41
CA ARG E 283 33.20 -2.60 47.38
C ARG E 283 32.10 -3.64 47.59
N GLU E 284 31.77 -4.41 46.56
CA GLU E 284 30.85 -5.51 46.74
C GLU E 284 31.42 -6.55 47.68
N GLY E 285 32.72 -6.83 47.57
CA GLY E 285 33.35 -7.76 48.50
C GLY E 285 33.32 -7.24 49.92
N ASN E 286 33.60 -5.95 50.11
CA ASN E 286 33.53 -5.38 51.45
C ASN E 286 32.12 -5.45 52.01
N ASP E 287 31.12 -5.17 51.18
CA ASP E 287 29.73 -5.24 51.62
C ASP E 287 29.36 -6.67 52.00
N LEU E 288 29.79 -7.65 51.20
CA LEU E 288 29.51 -9.05 51.54
C LEU E 288 30.19 -9.45 52.84
N TYR E 289 31.44 -9.02 53.03
CA TYR E 289 32.16 -9.33 54.26
C TYR E 289 31.45 -8.76 55.48
N HIS E 290 31.01 -7.49 55.40
CA HIS E 290 30.32 -6.90 56.53
C HIS E 290 28.94 -7.49 56.73
N GLU E 291 28.24 -7.85 55.66
CA GLU E 291 26.95 -8.50 55.80
C GLU E 291 27.09 -9.86 56.48
N MET E 292 28.11 -10.63 56.11
CA MET E 292 28.31 -11.92 56.74
C MET E 292 28.79 -11.79 58.18
N ILE E 293 29.52 -10.72 58.49
CA ILE E 293 29.89 -10.48 59.88
C ILE E 293 28.64 -10.13 60.70
N GLU E 294 27.79 -9.27 60.17
CA GLU E 294 26.57 -8.87 60.89
C GLU E 294 25.63 -10.05 61.06
N SER E 295 25.44 -10.86 60.01
CA SER E 295 24.52 -11.98 60.08
C SER E 295 25.07 -13.13 60.91
N GLY E 296 26.34 -13.08 61.30
CA GLY E 296 26.94 -14.11 62.10
C GLY E 296 27.48 -15.30 61.34
N VAL E 297 27.34 -15.32 60.01
CA VAL E 297 27.91 -16.41 59.23
C VAL E 297 29.43 -16.37 59.30
N ILE E 298 30.00 -15.19 59.52
CA ILE E 298 31.42 -15.02 59.80
C ILE E 298 31.55 -14.41 61.19
N ASN E 299 32.29 -15.06 62.07
CA ASN E 299 32.51 -14.59 63.42
C ASN E 299 33.99 -14.30 63.62
N LEU E 300 34.29 -13.11 64.15
CA LEU E 300 35.66 -12.68 64.38
C LEU E 300 36.17 -13.03 65.76
N LYS E 301 35.37 -13.73 66.57
CA LYS E 301 35.71 -14.02 67.96
C LYS E 301 36.00 -15.50 68.20
N ASP E 302 35.07 -16.38 67.84
CA ASP E 302 35.25 -17.81 68.01
C ASP E 302 35.15 -18.52 66.66
N ALA E 303 35.57 -19.78 66.64
CA ALA E 303 35.66 -20.54 65.40
C ALA E 303 34.32 -21.19 65.05
N THR E 304 33.31 -20.36 64.90
CA THR E 304 31.98 -20.80 64.49
C THR E 304 31.60 -20.29 63.10
N SER E 305 32.53 -19.66 62.39
CA SER E 305 32.24 -19.16 61.05
C SER E 305 31.99 -20.32 60.09
N LYS E 306 31.12 -20.08 59.11
CA LYS E 306 30.68 -21.12 58.18
C LYS E 306 31.11 -20.88 56.74
N VAL E 307 31.56 -19.68 56.39
CA VAL E 307 31.84 -19.33 55.00
C VAL E 307 33.26 -18.78 54.90
N ALA E 308 34.01 -19.28 53.93
CA ALA E 308 35.35 -18.80 53.63
C ALA E 308 35.33 -17.97 52.36
N LEU E 309 36.09 -16.88 52.36
CA LEU E 309 36.06 -15.90 51.26
C LEU E 309 37.40 -15.88 50.56
N VAL E 310 37.37 -15.87 49.22
CA VAL E 310 38.54 -15.67 48.39
C VAL E 310 38.22 -14.56 47.41
N TYR E 311 39.11 -13.56 47.31
CA TYR E 311 38.83 -12.36 46.54
C TYR E 311 40.01 -11.99 45.65
N GLY E 312 39.82 -12.13 44.34
CA GLY E 312 40.67 -11.48 43.37
C GLY E 312 39.80 -10.61 42.48
N GLN E 313 39.95 -9.30 42.59
CA GLN E 313 38.97 -8.37 42.05
C GLN E 313 39.46 -7.78 40.73
N MET E 314 38.67 -6.85 40.17
CA MET E 314 38.99 -6.29 38.86
C MET E 314 40.22 -5.39 38.91
N ASN E 315 40.58 -4.93 40.11
CA ASN E 315 41.80 -4.14 40.24
C ASN E 315 43.05 -4.99 40.10
N GLU E 316 42.92 -6.30 40.31
CA GLU E 316 44.06 -7.18 40.21
C GLU E 316 44.51 -7.33 38.76
N PRO E 317 45.80 -7.61 38.54
CA PRO E 317 46.29 -7.84 37.18
C PRO E 317 45.71 -9.12 36.61
N PRO E 318 45.75 -9.30 35.28
CA PRO E 318 45.10 -10.48 34.68
C PRO E 318 45.64 -11.80 35.19
N GLY E 319 46.91 -11.86 35.60
CA GLY E 319 47.43 -13.09 36.15
C GLY E 319 46.71 -13.52 37.41
N ALA E 320 46.42 -12.56 38.30
CA ALA E 320 45.72 -12.88 39.54
C ALA E 320 44.28 -13.31 39.26
N ARG E 321 43.58 -12.59 38.37
CA ARG E 321 42.18 -12.89 38.10
C ARG E 321 41.97 -14.24 37.43
N ALA E 322 43.01 -14.80 36.81
CA ALA E 322 42.91 -16.09 36.16
C ALA E 322 43.16 -17.26 37.10
N ARG E 323 43.48 -17.02 38.36
CA ARG E 323 43.79 -18.09 39.30
C ARG E 323 43.04 -18.01 40.62
N VAL E 324 42.36 -16.89 40.91
CA VAL E 324 41.62 -16.78 42.17
C VAL E 324 40.46 -17.77 42.20
N ALA E 325 39.79 -17.95 41.06
CA ALA E 325 38.76 -18.97 40.97
C ALA E 325 39.31 -20.34 41.30
N LEU E 326 40.54 -20.62 40.88
CA LEU E 326 41.18 -21.87 41.25
C LEU E 326 41.43 -21.95 42.76
N THR E 327 41.73 -20.83 43.40
CA THR E 327 41.94 -20.84 44.85
C THR E 327 40.66 -21.17 45.59
N GLY E 328 39.56 -20.50 45.23
CA GLY E 328 38.28 -20.83 45.84
C GLY E 328 37.86 -22.25 45.54
N LEU E 329 38.09 -22.72 44.31
CA LEU E 329 37.78 -24.09 43.96
C LEU E 329 38.61 -25.08 44.77
N THR E 330 39.88 -24.75 45.03
CA THR E 330 40.72 -25.63 45.85
C THR E 330 40.22 -25.72 47.28
N VAL E 331 39.80 -24.57 47.85
CA VAL E 331 39.24 -24.60 49.19
C VAL E 331 37.98 -25.46 49.22
N ALA E 332 37.11 -25.28 48.22
CA ALA E 332 35.90 -26.10 48.13
C ALA E 332 36.25 -27.58 47.97
N GLU E 333 37.28 -27.89 47.19
CA GLU E 333 37.70 -29.26 47.00
C GLU E 333 38.16 -29.88 48.31
N TYR E 334 38.94 -29.15 49.10
CA TYR E 334 39.35 -29.67 50.39
C TYR E 334 38.14 -29.94 51.29
N PHE E 335 37.22 -28.96 51.36
CA PHE E 335 36.06 -29.14 52.21
C PHE E 335 35.18 -30.29 51.74
N ARG E 336 35.12 -30.54 50.42
CA ARG E 336 34.33 -31.63 49.89
C ARG E 336 34.98 -32.99 50.17
N ASP E 337 36.29 -33.09 49.92
CA ASP E 337 36.97 -34.38 49.90
C ASP E 337 37.48 -34.79 51.28
N GLN E 338 38.36 -33.96 51.87
CA GLN E 338 39.03 -34.36 53.10
C GLN E 338 38.16 -34.25 54.33
N GLU E 339 36.95 -33.72 54.22
CA GLU E 339 36.02 -33.67 55.34
C GLU E 339 34.65 -34.26 55.04
N GLY E 340 34.35 -34.58 53.78
CA GLY E 340 33.09 -35.20 53.43
C GLY E 340 31.87 -34.36 53.76
N GLN E 341 31.94 -33.06 53.46
CA GLN E 341 30.90 -32.12 53.78
C GLN E 341 30.16 -31.67 52.53
N ASP E 342 28.97 -31.13 52.74
CA ASP E 342 28.20 -30.49 51.67
C ASP E 342 28.55 -29.01 51.64
N VAL E 343 29.05 -28.54 50.51
CA VAL E 343 29.58 -27.19 50.41
C VAL E 343 28.93 -26.45 49.25
N LEU E 344 28.68 -25.16 49.47
CA LEU E 344 28.19 -24.26 48.45
C LEU E 344 29.34 -23.43 47.93
N LEU E 345 29.52 -23.38 46.62
CA LEU E 345 30.61 -22.64 45.99
C LEU E 345 30.00 -21.55 45.12
N PHE E 346 30.01 -20.32 45.63
CA PHE E 346 29.49 -19.17 44.90
C PHE E 346 30.66 -18.47 44.22
N ILE E 347 30.57 -18.33 42.90
CA ILE E 347 31.60 -17.69 42.10
C ILE E 347 30.97 -16.52 41.36
N ASP E 348 31.60 -15.35 41.48
CA ASP E 348 31.10 -14.15 40.80
C ASP E 348 32.28 -13.19 40.65
N ASN E 349 32.73 -12.97 39.42
CA ASN E 349 32.15 -13.53 38.20
C ASN E 349 33.13 -14.50 37.55
N ILE E 350 32.61 -15.57 36.96
CA ILE E 350 33.49 -16.60 36.40
C ILE E 350 33.94 -16.26 34.99
N PHE E 351 33.27 -15.32 34.31
CA PHE E 351 33.72 -14.93 32.99
C PHE E 351 35.08 -14.22 33.04
N ARG E 352 35.37 -13.53 34.14
CA ARG E 352 36.63 -12.81 34.25
C ARG E 352 37.83 -13.75 34.19
N PHE E 353 37.64 -15.01 34.56
CA PHE E 353 38.68 -16.02 34.37
C PHE E 353 39.04 -16.16 32.89
N THR E 354 38.03 -16.32 32.05
CA THR E 354 38.26 -16.41 30.61
C THR E 354 38.81 -15.11 30.05
N GLN E 355 38.31 -13.97 30.54
CA GLN E 355 38.82 -12.69 30.09
C GLN E 355 40.29 -12.51 30.45
N ALA E 356 40.67 -12.93 31.67
CA ALA E 356 42.07 -12.87 32.06
C ALA E 356 42.92 -13.78 31.20
N GLY E 357 42.42 -14.98 30.89
CA GLY E 357 43.14 -15.86 29.99
C GLY E 357 43.35 -15.25 28.62
N SER E 358 42.31 -14.57 28.12
CA SER E 358 42.44 -13.89 26.83
C SER E 358 43.47 -12.77 26.90
N GLU E 359 43.49 -12.03 28.02
CA GLU E 359 44.45 -10.95 28.17
C GLU E 359 45.88 -11.49 28.19
N VAL E 360 46.11 -12.61 28.86
CA VAL E 360 47.47 -13.13 28.96
C VAL E 360 47.91 -13.90 27.72
N SER E 361 46.96 -14.47 26.97
CA SER E 361 47.34 -15.29 25.82
C SER E 361 47.90 -14.45 24.68
N ALA E 362 47.49 -13.18 24.58
CA ALA E 362 48.06 -12.31 23.57
C ALA E 362 49.57 -12.14 23.79
N LEU E 363 49.98 -11.95 25.04
CA LEU E 363 51.40 -11.84 25.36
C LEU E 363 52.11 -13.18 25.33
N LEU E 364 51.41 -14.27 25.66
CA LEU E 364 52.02 -15.60 25.65
C LEU E 364 52.43 -16.05 24.25
N GLY E 365 51.93 -15.42 23.19
CA GLY E 365 52.33 -15.77 21.85
C GLY E 365 51.48 -16.85 21.22
N ARG E 366 50.16 -16.68 21.28
CA ARG E 366 49.22 -17.61 20.68
C ARG E 366 48.43 -16.92 19.59
N ILE E 367 48.16 -17.66 18.51
CA ILE E 367 47.31 -17.15 17.44
C ILE E 367 45.89 -17.05 17.99
N PRO E 368 45.27 -15.87 17.96
CA PRO E 368 43.96 -15.70 18.61
C PRO E 368 42.88 -16.50 17.90
N SER E 369 41.91 -16.94 18.70
CA SER E 369 40.74 -17.64 18.21
C SER E 369 39.66 -16.62 17.88
N ALA E 370 38.43 -17.08 17.68
CA ALA E 370 37.34 -16.17 17.32
C ALA E 370 37.15 -15.10 18.38
N VAL E 371 36.78 -13.91 17.92
CA VAL E 371 36.59 -12.72 18.75
C VAL E 371 37.82 -12.48 19.62
N GLY E 372 39.00 -12.73 19.05
CA GLY E 372 40.25 -12.42 19.71
C GLY E 372 40.51 -13.22 20.98
N TYR E 373 39.74 -14.28 21.20
CA TYR E 373 39.93 -15.09 22.38
C TYR E 373 41.13 -16.03 22.22
N GLN E 374 41.54 -16.62 23.34
CA GLN E 374 42.64 -17.56 23.30
C GLN E 374 42.22 -18.85 22.61
N PRO E 375 43.12 -19.50 21.87
CA PRO E 375 42.78 -20.81 21.31
C PRO E 375 42.47 -21.85 22.36
N THR E 376 43.11 -21.77 23.53
CA THR E 376 42.82 -22.68 24.63
C THR E 376 41.70 -22.12 25.50
N LEU E 377 40.58 -21.80 24.86
CA LEU E 377 39.43 -21.23 25.55
C LEU E 377 38.57 -22.30 26.20
N ALA E 378 38.38 -23.43 25.54
CA ALA E 378 37.57 -24.50 26.09
C ALA E 378 38.35 -25.46 26.96
N THR E 379 39.65 -25.65 26.68
CA THR E 379 40.44 -26.58 27.47
C THR E 379 40.62 -26.10 28.89
N ASP E 380 41.05 -24.85 29.07
CA ASP E 380 41.27 -24.34 30.42
C ASP E 380 39.95 -24.17 31.17
N MET E 381 38.90 -23.73 30.47
CA MET E 381 37.59 -23.63 31.09
C MET E 381 37.10 -24.99 31.57
N GLY E 382 37.29 -26.02 30.75
CA GLY E 382 36.89 -27.36 31.17
C GLY E 382 37.72 -27.86 32.33
N THR E 383 39.03 -27.60 32.31
CA THR E 383 39.89 -28.00 33.42
C THR E 383 39.45 -27.35 34.72
N MET E 384 39.08 -26.07 34.67
CA MET E 384 38.62 -25.39 35.87
C MET E 384 37.25 -25.89 36.31
N GLN E 385 36.33 -26.11 35.35
CA GLN E 385 34.96 -26.42 35.69
C GLN E 385 34.78 -27.86 36.17
N GLU E 386 35.45 -28.81 35.54
CA GLU E 386 35.23 -30.21 35.90
C GLU E 386 35.72 -30.53 37.29
N ARG E 387 36.54 -29.66 37.88
CA ARG E 387 36.89 -29.82 39.29
C ARG E 387 35.74 -29.41 40.20
N ILE E 388 34.82 -28.57 39.71
CA ILE E 388 33.67 -28.14 40.50
C ILE E 388 32.57 -29.17 40.23
N THR E 389 32.65 -30.30 40.92
CA THR E 389 31.72 -31.39 40.68
C THR E 389 31.42 -32.09 42.00
N THR E 390 30.28 -32.80 42.02
CA THR E 390 29.88 -33.59 43.17
C THR E 390 30.41 -35.01 42.97
N THR E 391 31.42 -35.37 43.76
CA THR E 391 31.98 -36.71 43.73
C THR E 391 31.23 -37.59 44.72
N LYS E 392 31.73 -38.81 44.94
CA LYS E 392 31.13 -39.68 45.94
C LYS E 392 31.55 -39.32 47.36
N LYS E 393 32.63 -38.55 47.51
CA LYS E 393 33.03 -38.10 48.85
C LYS E 393 32.09 -37.04 49.38
N GLY E 394 31.74 -36.06 48.54
CA GLY E 394 30.89 -34.97 48.98
C GLY E 394 30.25 -34.30 47.78
N SER E 395 29.50 -33.24 48.06
CA SER E 395 28.73 -32.51 47.06
C SER E 395 29.11 -31.05 47.07
N ILE E 396 29.33 -30.48 45.89
CA ILE E 396 29.60 -29.06 45.72
C ILE E 396 28.43 -28.48 44.94
N THR E 397 27.50 -27.85 45.64
CA THR E 397 26.39 -27.16 44.99
C THR E 397 26.88 -25.77 44.61
N SER E 398 27.29 -25.59 43.37
CA SER E 398 27.97 -24.39 42.92
C SER E 398 27.00 -23.47 42.17
N VAL E 399 27.03 -22.19 42.53
CA VAL E 399 26.29 -21.17 41.81
C VAL E 399 27.32 -20.22 41.21
N GLN E 400 27.31 -20.06 39.90
CA GLN E 400 28.32 -19.29 39.19
C GLN E 400 27.63 -18.19 38.40
N ALA E 401 28.12 -16.96 38.55
CA ALA E 401 27.62 -15.85 37.75
C ALA E 401 28.50 -15.69 36.51
N ILE E 402 27.87 -15.67 35.34
CA ILE E 402 28.58 -15.65 34.08
C ILE E 402 28.22 -14.36 33.36
N TYR E 403 29.19 -13.47 33.20
CA TYR E 403 28.97 -12.23 32.48
C TYR E 403 28.83 -12.50 30.99
N VAL E 404 27.91 -11.78 30.36
CA VAL E 404 27.66 -11.95 28.92
C VAL E 404 28.05 -10.66 28.21
N PRO E 405 29.20 -10.61 27.55
CA PRO E 405 29.65 -9.34 26.95
C PRO E 405 28.72 -8.87 25.84
N ALA E 406 28.40 -7.57 25.88
CA ALA E 406 27.54 -6.93 24.87
C ALA E 406 26.19 -7.62 24.74
N ASP E 407 25.75 -8.29 25.81
CA ASP E 407 24.49 -9.02 25.83
C ASP E 407 24.40 -10.00 24.66
N ASP E 408 25.51 -10.70 24.40
CA ASP E 408 25.63 -11.61 23.27
C ASP E 408 25.90 -13.00 23.83
N LEU E 409 24.85 -13.81 23.95
CA LEU E 409 24.99 -15.18 24.43
C LEU E 409 25.78 -16.06 23.47
N THR E 410 25.97 -15.63 22.22
CA THR E 410 26.75 -16.39 21.27
C THR E 410 28.24 -16.12 21.36
N ASP E 411 28.66 -15.22 22.25
CA ASP E 411 30.08 -14.99 22.48
C ASP E 411 30.71 -16.28 23.00
N PRO E 412 31.92 -16.63 22.56
CA PRO E 412 32.49 -17.94 22.93
C PRO E 412 32.58 -18.18 24.43
N ALA E 413 32.93 -17.16 25.21
CA ALA E 413 33.07 -17.38 26.66
C ALA E 413 31.75 -17.73 27.33
N PRO E 414 30.63 -17.03 27.11
CA PRO E 414 29.36 -17.50 27.67
C PRO E 414 28.72 -18.61 26.88
N ALA E 415 29.27 -19.02 25.74
CA ALA E 415 28.68 -20.10 24.97
C ALA E 415 29.26 -21.46 25.31
N THR E 416 30.57 -21.53 25.55
CA THR E 416 31.19 -22.81 25.88
C THR E 416 30.89 -23.24 27.30
N THR E 417 30.41 -22.34 28.15
CA THR E 417 30.13 -22.67 29.55
C THR E 417 28.75 -23.26 29.75
N PHE E 418 27.90 -23.27 28.73
CA PHE E 418 26.58 -23.88 28.88
C PHE E 418 26.69 -25.37 29.14
N ALA E 419 27.63 -26.05 28.48
CA ALA E 419 27.78 -27.49 28.62
C ALA E 419 28.23 -27.90 30.01
N HIS E 420 28.69 -26.96 30.83
CA HIS E 420 29.22 -27.27 32.15
C HIS E 420 28.20 -27.03 33.26
N LEU E 421 26.93 -26.83 32.93
CA LEU E 421 25.93 -26.44 33.91
C LEU E 421 24.73 -27.38 33.85
N ASP E 422 24.22 -27.73 35.03
CA ASP E 422 22.99 -28.52 35.10
C ASP E 422 21.76 -27.65 35.00
N ALA E 423 21.71 -26.58 35.80
CA ALA E 423 20.60 -25.63 35.78
C ALA E 423 21.12 -24.29 35.29
N THR E 424 20.45 -23.72 34.29
CA THR E 424 20.88 -22.49 33.66
C THR E 424 19.82 -21.42 33.88
N THR E 425 20.25 -20.23 34.32
CA THR E 425 19.37 -19.09 34.53
C THR E 425 19.90 -17.95 33.68
N VAL E 426 19.18 -17.60 32.62
CA VAL E 426 19.62 -16.58 31.67
C VAL E 426 18.80 -15.33 31.91
N LEU E 427 19.41 -14.32 32.51
CA LEU E 427 18.78 -13.01 32.64
C LEU E 427 18.83 -12.30 31.29
N SER E 428 17.90 -11.37 31.10
CA SER E 428 17.78 -10.63 29.85
C SER E 428 17.54 -9.16 30.15
N ARG E 429 18.17 -8.28 29.36
CA ARG E 429 18.01 -6.85 29.56
C ARG E 429 16.62 -6.38 29.16
N ALA E 430 16.03 -7.00 28.12
CA ALA E 430 14.71 -6.58 27.66
C ALA E 430 13.67 -6.79 28.74
N ILE E 431 13.73 -7.91 29.46
CA ILE E 431 12.80 -8.15 30.55
C ILE E 431 13.02 -7.13 31.67
N ALA E 432 14.29 -6.85 32.00
CA ALA E 432 14.58 -5.88 33.05
C ALA E 432 14.09 -4.49 32.67
N GLU E 433 14.01 -4.19 31.37
CA GLU E 433 13.47 -2.92 30.93
C GLU E 433 12.00 -2.79 31.30
N LEU E 434 11.26 -3.90 31.24
CA LEU E 434 9.85 -3.91 31.61
C LEU E 434 9.63 -3.89 33.11
N GLY E 435 10.69 -3.86 33.91
CA GLY E 435 10.57 -3.86 35.35
C GLY E 435 10.35 -5.20 35.99
N ILE E 436 10.36 -6.28 35.21
CA ILE E 436 10.15 -7.61 35.77
C ILE E 436 11.47 -8.07 36.41
N TYR E 437 11.57 -7.91 37.72
CA TYR E 437 12.74 -8.35 38.47
C TYR E 437 12.36 -9.54 39.34
N PRO E 438 13.13 -10.64 39.29
CA PRO E 438 14.38 -10.84 38.53
C PRO E 438 14.15 -10.92 37.02
N ALA E 439 15.19 -10.64 36.25
CA ALA E 439 15.08 -10.58 34.79
C ALA E 439 15.25 -11.94 34.13
N VAL E 440 14.94 -13.02 34.85
CA VAL E 440 15.09 -14.36 34.28
C VAL E 440 14.22 -14.49 33.04
N ASP E 441 14.81 -15.02 31.97
CA ASP E 441 14.05 -15.30 30.77
C ASP E 441 13.39 -16.67 30.90
N PRO E 442 12.05 -16.74 30.95
CA PRO E 442 11.39 -18.05 31.14
C PRO E 442 11.54 -18.98 29.95
N LEU E 443 11.86 -18.47 28.77
CA LEU E 443 12.01 -19.29 27.58
C LEU E 443 13.47 -19.53 27.22
N ASP E 444 14.40 -19.12 28.07
CA ASP E 444 15.81 -19.40 27.87
C ASP E 444 16.48 -20.09 29.05
N SER E 445 15.88 -20.06 30.23
CA SER E 445 16.42 -20.76 31.39
C SER E 445 15.96 -22.21 31.37
N THR E 446 16.91 -23.13 31.54
CA THR E 446 16.63 -24.56 31.49
C THR E 446 17.30 -25.25 32.68
N SER E 447 16.73 -26.39 33.05
CA SER E 447 17.27 -27.21 34.12
C SER E 447 17.27 -28.67 33.69
N ARG E 448 18.17 -29.44 34.31
CA ARG E 448 18.26 -30.86 33.98
C ARG E 448 17.29 -31.69 34.79
N ILE E 449 16.94 -31.25 36.00
CA ILE E 449 15.97 -31.98 36.83
C ILE E 449 14.53 -31.65 36.45
N MET E 450 14.31 -30.80 35.45
CA MET E 450 12.97 -30.52 34.96
C MET E 450 12.51 -31.75 34.17
N ASP E 451 11.98 -32.73 34.89
CA ASP E 451 11.55 -34.00 34.35
C ASP E 451 10.46 -34.52 35.27
N PRO E 452 9.37 -35.05 34.72
CA PRO E 452 8.25 -35.49 35.57
C PRO E 452 8.65 -36.56 36.58
N ASN E 453 9.66 -37.39 36.27
CA ASN E 453 10.08 -38.40 37.21
C ASN E 453 10.76 -37.79 38.44
N ILE E 454 11.51 -36.71 38.26
CA ILE E 454 12.27 -36.10 39.34
C ILE E 454 11.42 -35.04 40.04
N VAL E 455 10.97 -34.03 39.29
CA VAL E 455 10.29 -32.88 39.89
C VAL E 455 8.82 -33.15 40.16
N GLY E 456 8.27 -34.24 39.69
CA GLY E 456 6.85 -34.51 39.86
C GLY E 456 6.05 -34.16 38.62
N SER E 457 4.96 -34.91 38.43
CA SER E 457 4.15 -34.74 37.22
C SER E 457 3.45 -33.38 37.22
N GLU E 458 2.89 -32.97 38.35
CA GLU E 458 2.16 -31.71 38.41
C GLU E 458 3.09 -30.53 38.15
N HIS E 459 4.27 -30.54 38.76
CA HIS E 459 5.24 -29.47 38.56
C HIS E 459 5.66 -29.37 37.10
N TYR E 460 5.97 -30.52 36.49
CA TYR E 460 6.38 -30.51 35.08
C TYR E 460 5.26 -30.01 34.19
N ASP E 461 4.02 -30.45 34.44
CA ASP E 461 2.90 -29.99 33.63
C ASP E 461 2.69 -28.49 33.75
N VAL E 462 2.76 -27.96 34.97
CA VAL E 462 2.56 -26.52 35.16
C VAL E 462 3.67 -25.74 34.46
N ALA E 463 4.92 -26.19 34.61
CA ALA E 463 6.03 -25.49 33.97
C ALA E 463 5.90 -25.51 32.45
N ARG E 464 5.55 -26.67 31.90
CA ARG E 464 5.43 -26.78 30.45
C ARG E 464 4.26 -25.94 29.93
N GLY E 465 3.16 -25.90 30.66
CA GLY E 465 2.06 -25.04 30.24
C GLY E 465 2.43 -23.57 30.25
N VAL E 466 3.14 -23.14 31.30
CA VAL E 466 3.59 -21.75 31.37
C VAL E 466 4.52 -21.43 30.21
N GLN E 467 5.47 -22.32 29.94
CA GLN E 467 6.39 -22.09 28.82
C GLN E 467 5.64 -22.04 27.49
N LYS E 468 4.66 -22.93 27.31
CA LYS E 468 3.91 -22.96 26.06
C LYS E 468 3.14 -21.66 25.85
N ILE E 469 2.45 -21.18 26.90
CA ILE E 469 1.65 -19.97 26.73
C ILE E 469 2.57 -18.77 26.51
N LEU E 470 3.73 -18.74 27.20
CA LEU E 470 4.68 -17.65 26.98
C LEU E 470 5.21 -17.66 25.55
N GLN E 471 5.53 -18.84 25.02
CA GLN E 471 6.01 -18.92 23.66
C GLN E 471 4.94 -18.50 22.66
N ASP E 472 3.69 -18.89 22.91
CA ASP E 472 2.60 -18.46 22.04
C ASP E 472 2.46 -16.94 22.05
N TYR E 473 2.55 -16.32 23.24
CA TYR E 473 2.48 -14.87 23.32
C TYR E 473 3.63 -14.22 22.57
N LYS E 474 4.84 -14.76 22.73
CA LYS E 474 6.00 -14.19 22.05
C LYS E 474 5.86 -14.31 20.54
N SER E 475 5.31 -15.43 20.06
CA SER E 475 5.04 -15.57 18.63
C SER E 475 4.01 -14.55 18.17
N LEU E 476 2.98 -14.30 18.98
CA LEU E 476 1.96 -13.32 18.62
C LEU E 476 2.44 -11.88 18.76
N GLN E 477 3.59 -11.65 19.40
CA GLN E 477 4.01 -10.28 19.71
C GLN E 477 4.17 -9.43 18.45
N ASP E 478 4.57 -10.04 17.34
CA ASP E 478 4.84 -9.26 16.13
C ASP E 478 3.56 -8.67 15.56
N ILE E 479 2.51 -9.50 15.45
CA ILE E 479 1.23 -9.01 14.95
C ILE E 479 0.67 -7.94 15.89
N ILE E 480 0.77 -8.18 17.20
CA ILE E 480 0.34 -7.18 18.18
C ILE E 480 1.14 -5.90 18.00
N ALA E 481 2.44 -6.04 17.77
CA ALA E 481 3.30 -4.87 17.62
C ALA E 481 2.92 -4.03 16.41
N ILE E 482 2.60 -4.67 15.28
CA ILE E 482 2.35 -3.92 14.06
C ILE E 482 0.89 -3.55 13.92
N LEU E 483 0.00 -4.53 13.83
CA LEU E 483 -1.41 -4.26 13.61
C LEU E 483 -2.08 -3.68 14.85
N GLY E 484 -2.08 -4.43 15.93
CA GLY E 484 -2.72 -4.01 17.17
C GLY E 484 -3.40 -5.17 17.87
N MET E 485 -3.76 -4.94 19.13
CA MET E 485 -4.41 -5.97 19.93
C MET E 485 -5.79 -6.32 19.41
N ASP E 486 -6.47 -5.35 18.78
CA ASP E 486 -7.86 -5.57 18.37
C ASP E 486 -7.99 -6.53 17.20
N GLU E 487 -6.89 -6.85 16.52
CA GLU E 487 -6.96 -7.75 15.36
C GLU E 487 -6.89 -9.22 15.74
N LEU E 488 -6.63 -9.54 17.00
CA LEU E 488 -6.48 -10.93 17.41
C LEU E 488 -7.85 -11.58 17.64
N SER E 489 -7.84 -12.92 17.67
CA SER E 489 -9.03 -13.67 18.03
C SER E 489 -9.28 -13.57 19.52
N GLU E 490 -10.49 -13.97 19.93
CA GLU E 490 -10.83 -13.94 21.35
C GLU E 490 -9.94 -14.88 22.15
N GLU E 491 -9.69 -16.08 21.63
CA GLU E 491 -8.78 -16.99 22.31
C GLU E 491 -7.37 -16.44 22.33
N ASP E 492 -6.94 -15.77 21.25
CA ASP E 492 -5.64 -15.13 21.24
C ASP E 492 -5.55 -14.01 22.27
N LYS E 493 -6.62 -13.22 22.41
CA LYS E 493 -6.65 -12.18 23.43
C LYS E 493 -6.56 -12.80 24.82
N LEU E 494 -7.28 -13.90 25.05
CA LEU E 494 -7.21 -14.57 26.35
C LEU E 494 -5.80 -15.08 26.64
N THR E 495 -5.15 -15.67 25.63
CA THR E 495 -3.79 -16.15 25.82
C THR E 495 -2.84 -15.00 26.11
N VAL E 496 -3.00 -13.87 25.41
CA VAL E 496 -2.14 -12.73 25.65
C VAL E 496 -2.32 -12.21 27.07
N SER E 497 -3.57 -12.10 27.51
CA SER E 497 -3.84 -11.61 28.87
C SER E 497 -3.23 -12.56 29.91
N ARG E 498 -3.45 -13.86 29.75
CA ARG E 498 -2.90 -14.81 30.72
C ARG E 498 -1.38 -14.80 30.72
N ALA E 499 -0.77 -14.69 29.54
CA ALA E 499 0.68 -14.67 29.46
C ALA E 499 1.26 -13.41 30.07
N ARG E 500 0.62 -12.27 29.87
CA ARG E 500 1.08 -11.04 30.52
C ARG E 500 0.94 -11.13 32.03
N LYS E 501 -0.15 -11.72 32.51
CA LYS E 501 -0.30 -11.94 33.94
C LYS E 501 0.79 -12.87 34.47
N ILE E 502 1.14 -13.90 33.72
CA ILE E 502 2.21 -14.81 34.13
C ILE E 502 3.55 -14.07 34.17
N GLN E 503 3.82 -13.23 33.17
CA GLN E 503 5.05 -12.44 33.17
C GLN E 503 5.12 -11.54 34.39
N ARG E 504 4.01 -10.89 34.74
CA ARG E 504 3.99 -10.07 35.94
C ARG E 504 4.20 -10.92 37.19
N PHE E 505 3.58 -12.10 37.24
CA PHE E 505 3.63 -12.93 38.44
C PHE E 505 4.98 -13.62 38.63
N LEU E 506 5.77 -13.74 37.56
CA LEU E 506 7.12 -14.28 37.72
C LEU E 506 7.99 -13.35 38.54
N SER E 507 7.76 -12.04 38.43
CA SER E 507 8.54 -11.09 39.21
C SER E 507 8.31 -11.30 40.69
N GLN E 508 9.37 -11.12 41.48
CA GLN E 508 9.33 -11.37 42.90
C GLN E 508 10.28 -10.42 43.63
N PRO E 509 9.83 -9.76 44.69
CA PRO E 509 10.75 -8.94 45.47
C PRO E 509 11.76 -9.79 46.21
N PHE E 510 12.94 -9.22 46.42
CA PHE E 510 14.03 -9.90 47.11
C PHE E 510 14.37 -9.19 48.41
N GLN E 511 14.77 -9.98 49.41
CA GLN E 511 15.16 -9.40 50.69
C GLN E 511 16.37 -8.49 50.55
N VAL E 512 17.35 -8.90 49.75
CA VAL E 512 18.52 -8.07 49.52
C VAL E 512 18.17 -6.82 48.71
N ALA E 513 17.06 -6.84 47.98
CA ALA E 513 16.62 -5.70 47.18
C ALA E 513 15.61 -4.83 47.92
N GLU E 514 15.36 -5.09 49.20
CA GLU E 514 14.42 -4.27 49.95
C GLU E 514 14.91 -2.83 50.07
N VAL E 515 16.22 -2.64 50.26
CA VAL E 515 16.79 -1.32 50.42
C VAL E 515 16.71 -0.53 49.12
N PHE E 516 16.40 -1.22 48.03
CA PHE E 516 16.30 -0.59 46.71
C PHE E 516 14.89 -0.14 46.37
N THR E 517 13.92 -1.05 46.35
CA THR E 517 12.55 -0.72 45.95
C THR E 517 11.63 -0.44 47.12
N GLY E 518 12.03 -0.79 48.35
CA GLY E 518 11.20 -0.59 49.51
C GLY E 518 10.12 -1.64 49.71
N HIS E 519 10.07 -2.68 48.88
CA HIS E 519 9.10 -3.75 49.01
C HIS E 519 9.75 -4.91 49.76
N LEU E 520 9.04 -5.42 50.78
CA LEU E 520 9.58 -6.50 51.58
C LEU E 520 9.80 -7.74 50.74
N GLY E 521 10.96 -8.38 50.92
CA GLY E 521 11.27 -9.58 50.19
C GLY E 521 10.33 -10.72 50.57
N LYS E 522 9.99 -11.54 49.57
CA LYS E 522 9.07 -12.66 49.75
C LYS E 522 9.77 -13.95 49.37
N LEU E 523 9.60 -14.98 50.18
CA LEU E 523 10.23 -16.28 49.98
C LEU E 523 9.12 -17.32 49.86
N VAL E 524 8.63 -17.51 48.64
CA VAL E 524 7.52 -18.44 48.42
C VAL E 524 8.02 -19.87 48.47
N PRO E 525 7.26 -20.81 49.01
CA PRO E 525 7.61 -22.22 48.88
C PRO E 525 7.24 -22.75 47.49
N LEU E 526 7.75 -23.95 47.21
CA LEU E 526 7.54 -24.54 45.88
C LEU E 526 6.06 -24.83 45.63
N LYS E 527 5.38 -25.40 46.61
CA LYS E 527 3.97 -25.77 46.41
C LYS E 527 3.10 -24.54 46.18
N GLU E 528 3.40 -23.44 46.88
CA GLU E 528 2.58 -22.24 46.74
C GLU E 528 2.69 -21.64 45.34
N THR E 529 3.91 -21.54 44.81
CA THR E 529 4.06 -21.01 43.46
C THR E 529 3.52 -21.98 42.41
N ILE E 530 3.68 -23.28 42.64
CA ILE E 530 3.06 -24.26 41.75
C ILE E 530 1.55 -24.05 41.68
N LYS E 531 0.91 -23.94 42.84
CA LYS E 531 -0.53 -23.74 42.89
C LYS E 531 -0.92 -22.42 42.24
N GLY E 532 -0.16 -21.36 42.49
CA GLY E 532 -0.49 -20.07 41.91
C GLY E 532 -0.43 -20.07 40.40
N PHE E 533 0.64 -20.64 39.84
CA PHE E 533 0.75 -20.68 38.39
C PHE E 533 -0.27 -21.63 37.78
N GLN E 534 -0.59 -22.73 38.46
CA GLN E 534 -1.63 -23.62 37.96
C GLN E 534 -2.98 -22.91 37.94
N GLN E 535 -3.29 -22.14 38.98
CA GLN E 535 -4.54 -21.40 39.01
C GLN E 535 -4.58 -20.34 37.91
N ILE E 536 -3.45 -19.65 37.68
CA ILE E 536 -3.42 -18.63 36.63
C ILE E 536 -3.63 -19.28 35.26
N LEU E 537 -2.99 -20.42 35.01
CA LEU E 537 -3.17 -21.11 33.75
C LEU E 537 -4.61 -21.61 33.59
N ALA E 538 -5.21 -22.08 34.68
CA ALA E 538 -6.58 -22.60 34.61
C ALA E 538 -7.56 -21.50 34.22
N GLY E 539 -7.36 -20.30 34.72
CA GLY E 539 -8.24 -19.19 34.44
C GLY E 539 -9.03 -18.65 35.61
N GLU E 540 -8.72 -19.08 36.83
CA GLU E 540 -9.45 -18.59 37.99
C GLU E 540 -9.26 -17.10 38.21
N TYR E 541 -8.15 -16.54 37.72
CA TYR E 541 -7.83 -15.13 37.92
C TYR E 541 -7.77 -14.40 36.58
N ASP E 542 -8.74 -14.66 35.71
CA ASP E 542 -8.83 -13.96 34.43
C ASP E 542 -9.59 -12.65 34.55
N HIS E 543 -10.08 -12.29 35.73
CA HIS E 543 -10.77 -11.03 35.94
C HIS E 543 -9.93 -9.99 36.64
N LEU E 544 -8.87 -10.40 37.35
CA LEU E 544 -8.00 -9.46 38.02
C LEU E 544 -7.18 -8.67 36.98
N PRO E 545 -6.76 -7.46 37.33
CA PRO E 545 -5.89 -6.69 36.42
C PRO E 545 -4.49 -7.29 36.35
N GLU E 546 -3.77 -6.90 35.31
CA GLU E 546 -2.41 -7.38 35.12
C GLU E 546 -1.49 -6.93 36.25
N GLN E 547 -1.64 -5.69 36.70
CA GLN E 547 -0.78 -5.15 37.73
C GLN E 547 -0.96 -5.82 39.09
N ALA E 548 -2.02 -6.61 39.26
CA ALA E 548 -2.24 -7.29 40.53
C ALA E 548 -1.21 -8.38 40.81
N PHE E 549 -0.47 -8.82 39.79
CA PHE E 549 0.51 -9.89 39.93
C PHE E 549 1.93 -9.38 39.96
N TYR E 550 2.13 -8.07 39.98
CA TYR E 550 3.46 -7.49 39.87
C TYR E 550 4.09 -7.34 41.25
N MET E 551 5.32 -7.83 41.38
CA MET E 551 6.11 -7.68 42.60
C MET E 551 5.37 -8.21 43.82
N VAL E 552 4.79 -9.40 43.67
CA VAL E 552 4.11 -10.07 44.77
C VAL E 552 4.66 -11.50 44.88
N GLY E 553 4.41 -12.11 46.02
CA GLY E 553 4.88 -13.45 46.28
C GLY E 553 3.82 -14.49 45.97
N PRO E 554 3.20 -15.04 47.02
CA PRO E 554 2.13 -16.01 46.80
C PRO E 554 0.92 -15.36 46.14
N ILE E 555 0.11 -16.20 45.49
CA ILE E 555 -1.06 -15.71 44.76
C ILE E 555 -2.05 -15.05 45.70
N GLU E 556 -2.03 -15.40 46.99
CA GLU E 556 -2.86 -14.70 47.96
C GLU E 556 -2.51 -13.22 48.02
N GLU E 557 -1.22 -12.90 47.92
CA GLU E 557 -0.84 -11.49 47.84
C GLU E 557 -1.36 -10.84 46.57
N ALA E 558 -1.39 -11.58 45.45
CA ALA E 558 -1.94 -11.03 44.22
C ALA E 558 -3.42 -10.72 44.38
N VAL E 559 -4.19 -11.62 44.97
CA VAL E 559 -5.62 -11.38 45.14
C VAL E 559 -5.89 -10.31 46.20
N ALA E 560 -5.01 -10.15 47.19
CA ALA E 560 -5.15 -9.10 48.18
C ALA E 560 -4.63 -7.75 47.68
N LYS E 561 -3.89 -7.75 46.58
CA LYS E 561 -3.49 -6.52 45.91
C LYS E 561 -4.48 -6.07 44.85
N ALA E 562 -5.17 -7.03 44.22
CA ALA E 562 -6.15 -6.68 43.19
C ALA E 562 -7.29 -5.84 43.77
N ASP E 563 -7.79 -6.22 44.93
CA ASP E 563 -8.93 -5.51 45.51
C ASP E 563 -8.52 -4.16 46.10
N LYS E 564 -7.23 -3.93 46.32
CA LYS E 564 -6.79 -2.62 46.80
C LYS E 564 -7.12 -1.53 45.79
N LEU E 565 -6.86 -1.79 44.52
CA LEU E 565 -7.23 -0.87 43.44
C LEU E 565 -8.57 -1.27 42.84
N ALA E 566 -9.58 -1.31 43.71
CA ALA E 566 -10.93 -1.70 43.30
C ALA E 566 -11.60 -0.59 42.48
N ALA F 2 20.42 -11.29 15.92
CA ALA F 2 20.57 -12.36 14.93
C ALA F 2 21.66 -12.02 13.93
N THR F 3 21.70 -12.76 12.83
CA THR F 3 22.69 -12.53 11.80
C THR F 3 22.27 -11.37 10.90
N LEU F 4 23.16 -11.00 9.98
CA LEU F 4 22.89 -9.89 9.08
C LEU F 4 21.72 -10.20 8.14
N LYS F 5 21.68 -11.43 7.62
CA LYS F 5 20.63 -11.78 6.66
C LYS F 5 19.25 -11.73 7.30
N ASP F 6 19.11 -12.24 8.53
CA ASP F 6 17.83 -12.22 9.21
C ASP F 6 17.37 -10.78 9.46
N ILE F 7 18.29 -9.91 9.89
CA ILE F 7 17.94 -8.51 10.13
C ILE F 7 17.50 -7.85 8.84
N THR F 8 18.23 -8.10 7.74
CA THR F 8 17.86 -7.50 6.46
C THR F 8 16.48 -7.96 6.02
N ARG F 9 16.21 -9.26 6.14
CA ARG F 9 14.90 -9.78 5.73
C ARG F 9 13.78 -9.16 6.55
N ARG F 10 13.95 -9.11 7.88
CA ARG F 10 12.91 -8.54 8.72
C ARG F 10 12.71 -7.07 8.43
N LEU F 11 13.81 -6.33 8.24
CA LEU F 11 13.70 -4.90 7.96
C LEU F 11 12.98 -4.64 6.64
N LYS F 12 13.31 -5.41 5.60
CA LYS F 12 12.63 -5.23 4.33
C LYS F 12 11.16 -5.58 4.41
N SER F 13 10.83 -6.66 5.13
CA SER F 13 9.43 -7.03 5.29
C SER F 13 8.66 -5.94 6.02
N ILE F 14 9.24 -5.37 7.08
CA ILE F 14 8.56 -4.33 7.83
C ILE F 14 8.44 -3.06 6.99
N LYS F 15 9.44 -2.77 6.15
CA LYS F 15 9.33 -1.63 5.24
C LYS F 15 8.15 -1.80 4.28
N ASN F 16 8.02 -2.99 3.70
CA ASN F 16 6.89 -3.24 2.81
C ASN F 16 5.57 -3.11 3.56
N ILE F 17 5.51 -3.65 4.77
CA ILE F 17 4.27 -3.55 5.56
C ILE F 17 3.94 -2.09 5.85
N GLN F 18 4.96 -1.28 6.16
CA GLN F 18 4.72 0.13 6.42
C GLN F 18 4.18 0.83 5.18
N LYS F 19 4.76 0.54 4.01
CA LYS F 19 4.26 1.16 2.78
C LYS F 19 2.81 0.78 2.53
N ILE F 20 2.48 -0.50 2.71
CA ILE F 20 1.11 -0.96 2.48
C ILE F 20 0.15 -0.29 3.46
N THR F 21 0.54 -0.19 4.72
CA THR F 21 -0.33 0.43 5.72
C THR F 21 -0.55 1.91 5.41
N LYS F 22 0.49 2.61 4.97
CA LYS F 22 0.32 4.02 4.62
C LYS F 22 -0.59 4.19 3.41
N SER F 23 -0.44 3.32 2.40
CA SER F 23 -1.31 3.38 1.24
C SER F 23 -2.76 3.12 1.63
N MET F 24 -2.98 2.12 2.49
CA MET F 24 -4.33 1.85 2.97
C MET F 24 -4.86 3.01 3.82
N LYS F 25 -4.00 3.70 4.55
CA LYS F 25 -4.43 4.88 5.29
C LYS F 25 -4.94 5.96 4.34
N MET F 26 -4.21 6.19 3.25
CA MET F 26 -4.68 7.19 2.29
C MET F 26 -5.99 6.77 1.62
N VAL F 27 -6.11 5.48 1.28
CA VAL F 27 -7.35 4.99 0.68
C VAL F 27 -8.52 5.16 1.65
N ALA F 28 -8.30 4.81 2.92
CA ALA F 28 -9.34 4.98 3.92
C ALA F 28 -9.68 6.44 4.15
N ALA F 29 -8.70 7.33 4.04
CA ALA F 29 -8.98 8.76 4.15
C ALA F 29 -9.89 9.22 3.02
N ALA F 30 -9.60 8.77 1.79
CA ALA F 30 -10.46 9.14 0.66
C ALA F 30 -11.88 8.60 0.84
N LYS F 31 -11.99 7.34 1.25
CA LYS F 31 -13.32 6.75 1.47
C LYS F 31 -14.05 7.47 2.60
N TYR F 32 -13.32 7.88 3.64
CA TYR F 32 -13.93 8.62 4.74
C TYR F 32 -14.43 9.97 4.26
N ALA F 33 -13.68 10.64 3.39
CA ALA F 33 -14.15 11.91 2.83
C ALA F 33 -15.43 11.71 2.03
N ARG F 34 -15.47 10.68 1.20
CA ARG F 34 -16.69 10.42 0.42
C ARG F 34 -17.87 10.10 1.34
N ALA F 35 -17.65 9.28 2.36
CA ALA F 35 -18.73 8.94 3.28
C ALA F 35 -19.19 10.17 4.06
N GLU F 36 -18.25 11.04 4.44
CA GLU F 36 -18.62 12.26 5.15
C GLU F 36 -19.47 13.16 4.27
N ARG F 37 -19.10 13.28 2.98
CA ARG F 37 -19.93 14.06 2.07
C ARG F 37 -21.32 13.45 1.93
N ASP F 38 -21.41 12.12 1.82
CA ASP F 38 -22.70 11.48 1.60
C ASP F 38 -23.54 11.37 2.88
N LEU F 39 -22.96 11.59 4.05
CA LEU F 39 -23.67 11.37 5.30
C LEU F 39 -24.75 12.42 5.55
N LYS F 40 -24.51 13.67 5.13
CA LYS F 40 -25.44 14.75 5.48
C LYS F 40 -26.84 14.52 4.94
N PRO F 41 -27.06 14.25 3.65
CA PRO F 41 -28.42 13.92 3.22
C PRO F 41 -28.97 12.67 3.90
N ALA F 42 -28.10 11.68 4.13
CA ALA F 42 -28.52 10.49 4.87
C ALA F 42 -28.89 10.82 6.31
N ARG F 43 -28.12 11.72 6.94
CA ARG F 43 -28.44 12.14 8.30
C ARG F 43 -29.80 12.82 8.35
N VAL F 44 -30.07 13.72 7.40
CA VAL F 44 -31.36 14.39 7.34
C VAL F 44 -32.47 13.38 7.11
N TYR F 45 -32.25 12.43 6.21
CA TYR F 45 -33.26 11.41 5.91
C TYR F 45 -33.58 10.58 7.14
N GLY F 46 -32.54 10.15 7.88
CA GLY F 46 -32.77 9.38 9.08
C GLY F 46 -33.48 10.15 10.17
N ILE F 47 -33.08 11.42 10.36
CA ILE F 47 -33.76 12.25 11.36
C ILE F 47 -35.22 12.44 11.00
N GLY F 48 -35.51 12.69 9.71
CA GLY F 48 -36.89 12.80 9.29
C GLY F 48 -37.67 11.51 9.50
N SER F 49 -37.05 10.38 9.22
CA SER F 49 -37.72 9.09 9.42
C SER F 49 -38.04 8.85 10.88
N LEU F 50 -37.11 9.20 11.78
CA LEU F 50 -37.31 8.99 13.21
C LEU F 50 -38.12 10.10 13.87
N ALA F 51 -38.42 11.18 13.15
CA ALA F 51 -39.12 12.31 13.74
C ALA F 51 -40.51 11.92 14.26
N LEU F 52 -41.21 11.06 13.52
CA LEU F 52 -42.56 10.67 13.95
C LEU F 52 -42.53 9.97 15.31
N TYR F 53 -41.59 9.04 15.48
CA TYR F 53 -41.47 8.35 16.76
C TYR F 53 -40.82 9.23 17.83
N GLU F 54 -40.11 10.28 17.41
CA GLU F 54 -39.60 11.24 18.38
C GLU F 54 -40.71 12.11 18.96
N LYS F 55 -41.67 12.49 18.12
CA LYS F 55 -42.77 13.36 18.54
C LYS F 55 -43.98 12.59 19.04
N ALA F 56 -43.89 11.26 19.12
CA ALA F 56 -44.97 10.43 19.65
C ALA F 56 -44.38 9.45 20.65
N ASP F 57 -45.04 9.30 21.80
CA ASP F 57 -44.57 8.40 22.85
C ASP F 57 -44.93 6.97 22.46
N ILE F 58 -44.22 6.48 21.45
CA ILE F 58 -44.40 5.12 20.95
C ILE F 58 -43.44 4.23 21.73
N LYS F 59 -43.96 3.59 22.78
CA LYS F 59 -43.15 2.73 23.64
C LYS F 59 -43.81 1.37 23.75
N VAL F 60 -42.98 0.33 23.84
CA VAL F 60 -43.52 -1.03 23.94
C VAL F 60 -44.30 -1.17 25.25
N PRO F 61 -45.55 -1.64 25.21
CA PRO F 61 -46.33 -1.69 26.46
C PRO F 61 -45.76 -2.62 27.51
N GLU F 62 -45.44 -3.85 27.16
CA GLU F 62 -44.98 -4.83 28.15
C GLU F 62 -44.16 -5.90 27.42
N ASP F 63 -43.89 -7.00 28.12
CA ASP F 63 -43.02 -8.05 27.58
C ASP F 63 -43.60 -8.63 26.30
N LYS F 64 -42.73 -8.95 25.36
CA LYS F 64 -43.12 -9.53 24.08
C LYS F 64 -42.27 -10.77 23.82
N LYS F 65 -42.90 -11.81 23.26
CA LYS F 65 -42.23 -13.10 23.14
C LYS F 65 -41.03 -13.05 22.20
N LYS F 66 -41.16 -12.36 21.06
CA LYS F 66 -40.09 -12.30 20.09
C LYS F 66 -39.38 -10.94 20.15
N HIS F 67 -38.19 -10.90 19.57
CA HIS F 67 -37.41 -9.66 19.51
C HIS F 67 -36.32 -9.84 18.47
N LEU F 68 -36.26 -8.93 17.51
CA LEU F 68 -35.23 -8.96 16.46
C LEU F 68 -34.20 -7.89 16.73
N ILE F 69 -32.93 -8.25 16.62
CA ILE F 69 -31.81 -7.33 16.81
C ILE F 69 -31.10 -7.20 15.47
N ILE F 70 -30.95 -5.97 15.00
CA ILE F 70 -30.30 -5.69 13.73
C ILE F 70 -28.91 -5.15 14.05
N GLY F 71 -27.89 -5.98 13.85
CA GLY F 71 -26.51 -5.56 14.05
C GLY F 71 -25.84 -5.15 12.77
N VAL F 72 -25.76 -3.85 12.53
CA VAL F 72 -25.20 -3.33 11.28
C VAL F 72 -23.68 -3.27 11.41
N SER F 73 -22.98 -3.93 10.49
CA SER F 73 -21.52 -3.94 10.48
C SER F 73 -21.07 -4.24 9.05
N SER F 74 -19.75 -4.27 8.86
CA SER F 74 -19.15 -4.49 7.56
C SER F 74 -18.44 -5.84 7.53
N ASP F 75 -17.97 -6.21 6.34
CA ASP F 75 -17.23 -7.44 6.14
C ASP F 75 -15.73 -7.27 6.32
N ARG F 76 -15.20 -6.07 6.07
CA ARG F 76 -13.77 -5.84 6.16
C ARG F 76 -13.30 -5.82 7.60
N GLY F 77 -12.02 -6.10 7.78
CA GLY F 77 -11.40 -6.01 9.09
C GLY F 77 -10.55 -4.76 9.22
N LEU F 78 -9.55 -4.80 10.11
CA LEU F 78 -8.61 -3.69 10.30
C LEU F 78 -9.33 -2.41 10.70
N CYS F 79 -10.54 -2.52 11.24
CA CYS F 79 -11.35 -1.36 11.60
C CYS F 79 -11.22 -0.99 13.07
N GLY F 80 -10.30 -1.62 13.78
CA GLY F 80 -10.15 -1.32 15.20
C GLY F 80 -11.23 -2.00 16.01
N ALA F 81 -11.89 -1.24 16.89
CA ALA F 81 -12.88 -1.78 17.81
C ALA F 81 -14.32 -1.49 17.38
N ILE F 82 -14.54 -1.19 16.10
CA ILE F 82 -15.90 -0.98 15.61
C ILE F 82 -16.71 -2.26 15.74
N HIS F 83 -16.25 -3.33 15.08
CA HIS F 83 -16.95 -4.61 15.16
C HIS F 83 -16.95 -5.15 16.58
N SER F 84 -15.84 -4.95 17.31
CA SER F 84 -15.81 -5.39 18.70
C SER F 84 -16.85 -4.67 19.54
N SER F 85 -16.99 -3.36 19.36
CA SER F 85 -17.97 -2.60 20.15
C SER F 85 -19.39 -3.01 19.80
N VAL F 86 -19.70 -3.15 18.51
CA VAL F 86 -21.06 -3.52 18.14
C VAL F 86 -21.38 -4.94 18.59
N ALA F 87 -20.39 -5.84 18.53
CA ALA F 87 -20.61 -7.20 19.01
C ALA F 87 -20.84 -7.23 20.51
N LYS F 88 -20.08 -6.43 21.28
CA LYS F 88 -20.30 -6.34 22.71
C LYS F 88 -21.71 -5.81 23.00
N GLN F 89 -22.12 -4.76 22.29
CA GLN F 89 -23.44 -4.19 22.51
C GLN F 89 -24.54 -5.19 22.20
N ILE F 90 -24.43 -5.90 21.08
CA ILE F 90 -25.47 -6.85 20.71
C ILE F 90 -25.49 -8.03 21.67
N LYS F 91 -24.32 -8.48 22.13
CA LYS F 91 -24.30 -9.56 23.13
C LYS F 91 -24.97 -9.12 24.42
N SER F 92 -24.67 -7.91 24.89
CA SER F 92 -25.29 -7.41 26.11
C SER F 92 -26.80 -7.30 25.96
N GLU F 93 -27.25 -6.77 24.82
CA GLU F 93 -28.69 -6.63 24.60
C GLU F 93 -29.37 -8.00 24.51
N VAL F 94 -28.73 -8.96 23.85
CA VAL F 94 -29.30 -10.30 23.73
C VAL F 94 -29.42 -10.93 25.11
N ALA F 95 -28.37 -10.83 25.92
CA ALA F 95 -28.43 -11.40 27.26
C ALA F 95 -29.51 -10.73 28.11
N ASN F 96 -29.60 -9.40 28.03
CA ASN F 96 -30.59 -8.67 28.82
C ASN F 96 -32.01 -9.05 28.42
N LEU F 97 -32.27 -9.16 27.12
CA LEU F 97 -33.62 -9.48 26.67
C LEU F 97 -33.95 -10.95 26.86
N THR F 98 -32.95 -11.83 26.83
CA THR F 98 -33.19 -13.25 27.08
C THR F 98 -33.40 -13.53 28.57
N ALA F 99 -32.84 -12.68 29.44
CA ALA F 99 -33.10 -12.82 30.87
C ALA F 99 -34.59 -12.67 31.20
N ALA F 100 -35.34 -11.96 30.37
CA ALA F 100 -36.77 -11.78 30.54
C ALA F 100 -37.59 -12.88 29.88
N GLY F 101 -36.93 -13.92 29.36
CA GLY F 101 -37.64 -15.00 28.68
C GLY F 101 -38.28 -14.61 27.37
N LYS F 102 -37.59 -13.81 26.57
CA LYS F 102 -38.08 -13.37 25.27
C LYS F 102 -37.24 -14.00 24.17
N GLU F 103 -37.90 -14.60 23.18
CA GLU F 103 -37.19 -15.23 22.07
C GLU F 103 -36.41 -14.18 21.30
N VAL F 104 -35.10 -14.37 21.21
CA VAL F 104 -34.19 -13.40 20.61
C VAL F 104 -33.67 -13.96 19.30
N LYS F 105 -33.82 -13.18 18.23
CA LYS F 105 -33.25 -13.49 16.93
C LYS F 105 -32.45 -12.28 16.47
N ILE F 106 -31.33 -12.52 15.80
CA ILE F 106 -30.40 -11.47 15.41
C ILE F 106 -30.13 -11.57 13.91
N VAL F 107 -30.11 -10.42 13.25
CA VAL F 107 -29.77 -10.31 11.83
C VAL F 107 -28.51 -9.46 11.72
N GLY F 108 -27.47 -10.02 11.10
CA GLY F 108 -26.22 -9.30 10.95
C GLY F 108 -25.88 -9.04 9.50
N VAL F 109 -25.86 -7.77 9.10
CA VAL F 109 -25.54 -7.42 7.72
C VAL F 109 -24.05 -7.51 7.43
N GLY F 110 -23.21 -7.64 8.45
CA GLY F 110 -21.77 -7.75 8.26
C GLY F 110 -21.30 -9.17 8.56
N ASP F 111 -20.48 -9.69 7.65
CA ASP F 111 -19.94 -11.04 7.84
C ASP F 111 -19.07 -11.11 9.10
N LYS F 112 -18.44 -10.00 9.48
CA LYS F 112 -17.66 -9.98 10.71
C LYS F 112 -18.54 -10.24 11.93
N ILE F 113 -19.74 -9.65 11.94
CA ILE F 113 -20.67 -9.91 13.05
C ILE F 113 -21.06 -11.38 13.08
N ARG F 114 -21.32 -11.96 11.91
CA ARG F 114 -21.65 -13.39 11.85
C ARG F 114 -20.50 -14.22 12.40
N GLY F 115 -19.27 -13.90 12.01
CA GLY F 115 -18.13 -14.66 12.49
C GLY F 115 -17.93 -14.53 13.98
N ILE F 116 -18.12 -13.32 14.52
CA ILE F 116 -17.91 -13.10 15.94
C ILE F 116 -18.99 -13.80 16.76
N LEU F 117 -20.25 -13.69 16.36
CA LEU F 117 -21.36 -14.23 17.13
C LEU F 117 -21.67 -15.69 16.82
N HIS F 118 -21.04 -16.27 15.79
CA HIS F 118 -21.38 -17.63 15.40
C HIS F 118 -20.81 -18.67 16.36
N ARG F 119 -19.79 -18.31 17.15
CA ARG F 119 -19.27 -19.24 18.14
C ARG F 119 -20.32 -19.58 19.20
N THR F 120 -21.08 -18.58 19.63
CA THR F 120 -22.11 -18.77 20.65
C THR F 120 -23.51 -18.55 20.12
N HIS F 121 -23.80 -17.41 19.53
CA HIS F 121 -25.15 -17.08 19.05
C HIS F 121 -25.35 -17.52 17.59
N SER F 122 -25.03 -18.78 17.31
CA SER F 122 -25.21 -19.29 15.95
C SER F 122 -26.68 -19.52 15.63
N ASP F 123 -27.44 -20.10 16.56
CA ASP F 123 -28.85 -20.38 16.31
C ASP F 123 -29.66 -19.10 16.18
N GLN F 124 -29.31 -18.05 16.93
CA GLN F 124 -30.09 -16.82 16.91
C GLN F 124 -29.97 -16.05 15.60
N PHE F 125 -29.06 -16.43 14.72
CA PHE F 125 -28.97 -15.79 13.42
C PHE F 125 -30.25 -16.05 12.62
N LEU F 126 -30.85 -14.97 12.12
CA LEU F 126 -32.05 -15.07 11.28
C LEU F 126 -31.68 -15.08 9.80
N VAL F 127 -31.09 -13.99 9.31
CA VAL F 127 -30.58 -13.90 7.94
C VAL F 127 -29.27 -13.13 7.97
N THR F 128 -28.23 -13.69 7.37
CA THR F 128 -26.93 -13.03 7.32
C THR F 128 -26.68 -12.45 5.94
N PHE F 129 -26.12 -11.24 5.91
CA PHE F 129 -25.77 -10.56 4.67
C PHE F 129 -24.27 -10.33 4.64
N LYS F 130 -23.75 -10.12 3.43
CA LYS F 130 -22.32 -9.93 3.22
C LYS F 130 -22.12 -8.84 2.18
N GLU F 131 -20.86 -8.65 1.78
CA GLU F 131 -20.47 -7.64 0.80
C GLU F 131 -20.94 -6.24 1.24
N VAL F 132 -20.68 -5.93 2.51
CA VAL F 132 -21.01 -4.62 3.09
C VAL F 132 -19.70 -3.92 3.44
N GLY F 133 -19.56 -2.68 2.95
CA GLY F 133 -18.35 -1.91 3.15
C GLY F 133 -17.37 -1.98 2.00
N ARG F 134 -17.49 -2.99 1.14
CA ARG F 134 -16.65 -3.04 -0.05
C ARG F 134 -16.98 -1.91 -1.01
N LYS F 135 -18.25 -1.51 -1.06
CA LYS F 135 -18.74 -0.37 -1.81
C LYS F 135 -19.62 0.47 -0.89
N PRO F 136 -19.72 1.77 -1.15
CA PRO F 136 -20.56 2.62 -0.31
C PRO F 136 -22.00 2.13 -0.27
N PRO F 137 -22.61 2.06 0.90
CA PRO F 137 -23.98 1.57 1.00
C PRO F 137 -24.97 2.54 0.37
N THR F 138 -26.07 1.97 -0.11
CA THR F 138 -27.11 2.74 -0.79
C THR F 138 -28.47 2.18 -0.41
N PHE F 139 -29.51 2.96 -0.71
CA PHE F 139 -30.86 2.60 -0.28
C PHE F 139 -31.35 1.30 -0.91
N GLY F 140 -30.82 0.90 -2.06
CA GLY F 140 -31.24 -0.36 -2.66
C GLY F 140 -30.88 -1.56 -1.81
N ASP F 141 -29.65 -1.58 -1.30
CA ASP F 141 -29.23 -2.67 -0.43
C ASP F 141 -30.04 -2.71 0.86
N ALA F 142 -30.30 -1.54 1.44
CA ALA F 142 -31.11 -1.48 2.65
C ALA F 142 -32.53 -1.97 2.38
N SER F 143 -33.09 -1.60 1.22
CA SER F 143 -34.42 -2.06 0.85
C SER F 143 -34.44 -3.58 0.69
N VAL F 144 -33.40 -4.15 0.08
CA VAL F 144 -33.33 -5.60 -0.07
C VAL F 144 -33.24 -6.26 1.31
N ILE F 145 -32.44 -5.70 2.21
CA ILE F 145 -32.29 -6.26 3.54
C ILE F 145 -33.63 -6.23 4.28
N ALA F 146 -34.34 -5.10 4.22
CA ALA F 146 -35.64 -5.01 4.87
C ALA F 146 -36.65 -5.96 4.23
N LEU F 147 -36.61 -6.09 2.91
CA LEU F 147 -37.52 -6.99 2.22
C LEU F 147 -37.34 -8.43 2.67
N GLU F 148 -36.09 -8.88 2.74
CA GLU F 148 -35.86 -10.25 3.20
C GLU F 148 -36.05 -10.38 4.70
N LEU F 149 -35.92 -9.30 5.45
CA LEU F 149 -36.25 -9.34 6.87
C LEU F 149 -37.73 -9.60 7.08
N LEU F 150 -38.58 -8.93 6.30
CA LEU F 150 -40.01 -9.21 6.35
C LEU F 150 -40.32 -10.61 5.81
N ASN F 151 -39.64 -11.00 4.73
CA ASN F 151 -39.85 -12.31 4.14
C ASN F 151 -39.27 -13.45 4.96
N SER F 152 -38.49 -13.15 6.00
CA SER F 152 -37.88 -14.20 6.80
C SER F 152 -38.91 -15.01 7.58
N GLY F 153 -40.11 -14.48 7.77
CA GLY F 153 -41.15 -15.17 8.51
C GLY F 153 -41.07 -15.02 10.02
N TYR F 154 -40.14 -14.21 10.53
CA TYR F 154 -39.99 -13.98 11.96
C TYR F 154 -40.73 -12.69 12.30
N GLU F 155 -41.97 -12.81 12.76
CA GLU F 155 -42.81 -11.65 13.06
C GLU F 155 -42.48 -11.17 14.46
N PHE F 156 -41.37 -10.45 14.57
CA PHE F 156 -40.92 -9.90 15.84
C PHE F 156 -41.86 -8.78 16.27
N ASP F 157 -42.52 -8.97 17.42
CA ASP F 157 -43.41 -7.93 17.93
C ASP F 157 -42.64 -6.67 18.33
N GLU F 158 -41.45 -6.82 18.90
CA GLU F 158 -40.59 -5.70 19.22
C GLU F 158 -39.25 -5.87 18.50
N GLY F 159 -38.65 -4.75 18.09
CA GLY F 159 -37.41 -4.79 17.35
C GLY F 159 -36.50 -3.64 17.74
N SER F 160 -35.24 -3.77 17.31
CA SER F 160 -34.24 -2.76 17.59
C SER F 160 -33.11 -2.90 16.57
N ILE F 161 -32.29 -1.85 16.48
CA ILE F 161 -31.16 -1.83 15.55
C ILE F 161 -29.96 -1.23 16.28
N ILE F 162 -28.79 -1.81 16.06
CA ILE F 162 -27.55 -1.37 16.69
C ILE F 162 -26.55 -1.01 15.60
N PHE F 163 -25.94 0.17 15.72
CA PHE F 163 -24.99 0.65 14.74
C PHE F 163 -24.01 1.59 15.41
N ASN F 164 -22.89 1.83 14.74
CA ASN F 164 -21.87 2.76 15.23
C ASN F 164 -22.12 4.12 14.59
N ARG F 165 -22.67 5.05 15.36
CA ARG F 165 -22.93 6.38 14.84
C ARG F 165 -21.65 7.19 14.75
N PHE F 166 -21.48 7.90 13.64
CA PHE F 166 -20.32 8.73 13.45
C PHE F 166 -20.46 10.02 14.24
N ARG F 167 -19.55 10.25 15.19
CA ARG F 167 -19.50 11.49 15.96
C ARG F 167 -18.44 12.45 15.48
N SER F 168 -17.23 11.96 15.24
CA SER F 168 -16.13 12.79 14.74
C SER F 168 -15.13 11.88 14.05
N VAL F 169 -14.05 12.48 13.55
CA VAL F 169 -13.04 11.72 12.81
C VAL F 169 -12.41 10.66 13.71
N ILE F 170 -12.38 10.89 15.01
CA ILE F 170 -11.76 9.96 15.95
C ILE F 170 -12.74 9.33 16.90
N SER F 171 -13.95 9.88 17.05
CA SER F 171 -14.91 9.41 18.03
C SER F 171 -16.16 8.86 17.33
N TYR F 172 -16.65 7.74 17.83
CA TYR F 172 -17.88 7.13 17.34
C TYR F 172 -18.66 6.59 18.53
N LYS F 173 -19.97 6.44 18.35
CA LYS F 173 -20.84 5.92 19.39
C LYS F 173 -21.64 4.75 18.85
N THR F 174 -21.57 3.62 19.54
CA THR F 174 -22.39 2.45 19.21
C THR F 174 -23.79 2.70 19.77
N GLU F 175 -24.69 3.15 18.90
CA GLU F 175 -26.03 3.56 19.33
C GLU F 175 -27.04 2.45 19.03
N GLU F 176 -28.04 2.36 19.91
CA GLU F 176 -29.15 1.44 19.77
C GLU F 176 -30.42 2.24 19.54
N LYS F 177 -31.18 1.88 18.51
CA LYS F 177 -32.43 2.56 18.18
C LYS F 177 -33.55 1.53 18.10
N PRO F 178 -34.64 1.70 18.85
CA PRO F 178 -35.74 0.74 18.77
C PRO F 178 -36.46 0.81 17.43
N ILE F 179 -37.03 -0.32 17.04
CA ILE F 179 -37.81 -0.42 15.80
C ILE F 179 -39.16 -1.03 16.15
N PHE F 180 -40.22 -0.28 15.94
CA PHE F 180 -41.59 -0.74 16.22
C PHE F 180 -42.25 -1.29 14.97
N SER F 181 -41.61 -2.30 14.35
CA SER F 181 -42.06 -2.76 13.03
C SER F 181 -43.45 -3.38 13.10
N LEU F 182 -43.86 -3.89 14.26
CA LEU F 182 -45.19 -4.47 14.39
C LEU F 182 -46.26 -3.39 14.20
N ASP F 183 -47.32 -3.75 13.48
CA ASP F 183 -48.40 -2.80 13.23
C ASP F 183 -49.11 -2.42 14.54
N THR F 184 -49.36 -3.40 15.41
CA THR F 184 -50.09 -3.13 16.64
C THR F 184 -49.32 -2.18 17.55
N VAL F 185 -48.01 -2.39 17.70
CA VAL F 185 -47.22 -1.53 18.56
C VAL F 185 -47.09 -0.14 17.95
N ALA F 186 -47.24 -0.01 16.63
CA ALA F 186 -47.24 1.31 16.01
C ALA F 186 -48.45 2.12 16.47
N SER F 187 -49.61 1.47 16.56
CA SER F 187 -50.81 2.17 17.01
C SER F 187 -50.75 2.41 18.51
N ALA F 188 -51.01 3.65 18.91
CA ALA F 188 -50.94 4.04 20.31
C ALA F 188 -51.87 5.23 20.53
N GLU F 189 -51.72 5.89 21.68
CA GLU F 189 -52.54 7.05 21.97
C GLU F 189 -52.27 8.20 21.01
N SER F 190 -51.04 8.32 20.51
CA SER F 190 -50.71 9.39 19.58
C SER F 190 -51.35 9.19 18.23
N MET F 191 -51.51 7.93 17.80
CA MET F 191 -52.13 7.65 16.51
C MET F 191 -53.59 8.08 16.45
N SER F 192 -54.23 8.28 17.61
CA SER F 192 -55.59 8.81 17.61
C SER F 192 -55.63 10.20 16.98
N ILE F 193 -54.65 11.05 17.31
CA ILE F 193 -54.59 12.38 16.72
C ILE F 193 -54.26 12.28 15.23
N TYR F 194 -53.39 11.37 14.85
CA TYR F 194 -53.01 11.22 13.44
C TYR F 194 -54.19 10.69 12.63
N ASP F 195 -54.45 11.34 11.50
CA ASP F 195 -55.59 11.00 10.66
C ASP F 195 -55.21 9.94 9.63
N ASP F 196 -56.23 9.26 9.10
CA ASP F 196 -56.07 8.27 8.04
C ASP F 196 -55.07 7.18 8.43
N ILE F 197 -55.00 6.84 9.71
CA ILE F 197 -54.04 5.84 10.18
C ILE F 197 -54.37 4.47 9.57
N ASP F 198 -55.63 4.07 9.65
CA ASP F 198 -56.11 2.78 9.15
C ASP F 198 -55.27 1.66 9.77
N ALA F 199 -55.12 0.56 9.05
CA ALA F 199 -54.22 -0.51 9.45
C ALA F 199 -53.16 -0.80 8.39
N ASP F 200 -53.56 -0.91 7.13
CA ASP F 200 -52.62 -1.23 6.06
C ASP F 200 -51.67 -0.06 5.78
N VAL F 201 -52.20 1.17 5.79
CA VAL F 201 -51.38 2.35 5.52
C VAL F 201 -50.29 2.48 6.57
N LEU F 202 -50.66 2.32 7.85
CA LEU F 202 -49.67 2.38 8.92
C LEU F 202 -48.66 1.25 8.80
N ARG F 203 -49.11 0.07 8.37
CA ARG F 203 -48.19 -1.07 8.20
C ARG F 203 -47.15 -0.77 7.12
N ASN F 204 -47.60 -0.25 5.97
CA ASN F 204 -46.66 0.08 4.90
C ASN F 204 -45.73 1.21 5.32
N TYR F 205 -46.27 2.20 6.04
CA TYR F 205 -45.43 3.28 6.55
C TYR F 205 -44.36 2.75 7.49
N GLN F 206 -44.73 1.83 8.37
CA GLN F 206 -43.77 1.25 9.31
C GLN F 206 -42.70 0.46 8.58
N GLU F 207 -43.09 -0.29 7.54
CA GLU F 207 -42.10 -1.02 6.76
C GLU F 207 -41.12 -0.07 6.07
N TYR F 208 -41.65 1.02 5.50
CA TYR F 208 -40.78 2.00 4.87
C TYR F 208 -39.86 2.67 5.88
N SER F 209 -40.37 2.93 7.08
CA SER F 209 -39.54 3.50 8.14
C SER F 209 -38.44 2.53 8.56
N LEU F 210 -38.75 1.23 8.58
CA LEU F 210 -37.72 0.23 8.83
C LEU F 210 -36.63 0.28 7.77
N ALA F 211 -37.02 0.39 6.51
CA ALA F 211 -36.02 0.52 5.45
C ALA F 211 -35.20 1.79 5.63
N ASN F 212 -35.84 2.89 6.00
CA ASN F 212 -35.14 4.16 6.17
C ASN F 212 -34.13 4.09 7.31
N ILE F 213 -34.52 3.50 8.44
CA ILE F 213 -33.59 3.41 9.56
C ILE F 213 -32.45 2.45 9.22
N ILE F 214 -32.72 1.38 8.47
CA ILE F 214 -31.64 0.51 8.04
C ILE F 214 -30.64 1.28 7.18
N TYR F 215 -31.15 2.08 6.25
CA TYR F 215 -30.26 2.87 5.39
C TYR F 215 -29.44 3.88 6.19
N TYR F 216 -30.08 4.58 7.13
CA TYR F 216 -29.38 5.56 7.94
C TYR F 216 -28.31 4.90 8.80
N SER F 217 -28.62 3.75 9.39
CA SER F 217 -27.63 3.01 10.17
C SER F 217 -26.49 2.56 9.30
N LEU F 218 -26.78 2.12 8.07
CA LEU F 218 -25.71 1.71 7.15
C LEU F 218 -24.79 2.87 6.84
N LYS F 219 -25.34 4.06 6.59
CA LYS F 219 -24.50 5.21 6.28
C LYS F 219 -23.64 5.61 7.48
N GLU F 220 -24.24 5.66 8.67
CA GLU F 220 -23.46 5.99 9.86
C GLU F 220 -22.36 4.96 10.10
N SER F 221 -22.69 3.67 9.93
CA SER F 221 -21.72 2.61 10.16
C SER F 221 -20.57 2.68 9.15
N THR F 222 -20.87 2.97 7.88
CA THR F 222 -19.79 3.04 6.90
C THR F 222 -18.90 4.25 7.15
N THR F 223 -19.48 5.38 7.58
CA THR F 223 -18.65 6.54 7.90
C THR F 223 -17.74 6.23 9.08
N SER F 224 -18.30 5.63 10.14
CA SER F 224 -17.49 5.28 11.30
C SER F 224 -16.41 4.27 10.93
N GLU F 225 -16.76 3.28 10.11
CA GLU F 225 -15.80 2.26 9.73
C GLU F 225 -14.65 2.86 8.93
N GLN F 226 -14.94 3.76 7.99
CA GLN F 226 -13.86 4.37 7.23
C GLN F 226 -12.97 5.23 8.12
N SER F 227 -13.57 6.00 9.03
CA SER F 227 -12.75 6.81 9.94
C SER F 227 -11.85 5.93 10.80
N ALA F 228 -12.41 4.85 11.35
CA ALA F 228 -11.62 3.96 12.20
C ALA F 228 -10.56 3.22 11.40
N ARG F 229 -10.87 2.86 10.15
CA ARG F 229 -9.88 2.24 9.29
C ARG F 229 -8.70 3.17 9.05
N MET F 230 -8.99 4.44 8.77
CA MET F 230 -7.92 5.42 8.57
C MET F 230 -7.06 5.54 9.83
N THR F 231 -7.72 5.65 11.00
CA THR F 231 -6.97 5.81 12.24
C THR F 231 -6.11 4.59 12.54
N ALA F 232 -6.67 3.39 12.36
CA ALA F 232 -5.92 2.17 12.63
C ALA F 232 -4.76 2.01 11.67
N MET F 233 -4.96 2.33 10.39
CA MET F 233 -3.85 2.25 9.44
C MET F 233 -2.76 3.26 9.77
N ASP F 234 -3.14 4.45 10.22
CA ASP F 234 -2.14 5.42 10.64
C ASP F 234 -1.33 4.92 11.82
N ASN F 235 -2.01 4.33 12.81
CA ASN F 235 -1.30 3.79 13.97
C ASN F 235 -0.37 2.66 13.56
N ALA F 236 -0.83 1.77 12.67
CA ALA F 236 0.01 0.68 12.20
C ALA F 236 1.22 1.21 11.46
N SER F 237 1.04 2.26 10.65
CA SER F 237 2.17 2.85 9.93
C SER F 237 3.18 3.46 10.90
N LYS F 238 2.69 4.14 11.94
CA LYS F 238 3.61 4.71 12.94
C LYS F 238 4.40 3.63 13.65
N ASN F 239 3.71 2.55 14.06
CA ASN F 239 4.42 1.45 14.73
C ASN F 239 5.44 0.81 13.80
N ALA F 240 5.07 0.64 12.53
CA ALA F 240 5.99 0.06 11.56
C ALA F 240 7.21 0.94 11.36
N SER F 241 7.01 2.26 11.32
CA SER F 241 8.15 3.17 11.17
C SER F 241 9.07 3.11 12.39
N GLU F 242 8.50 3.02 13.58
CA GLU F 242 9.31 2.90 14.79
C GLU F 242 10.15 1.63 14.74
N MET F 243 9.51 0.51 14.39
CA MET F 243 10.23 -0.75 14.26
C MET F 243 11.30 -0.66 13.17
N ILE F 244 11.00 0.08 12.10
CA ILE F 244 11.95 0.23 11.00
C ILE F 244 13.21 0.94 11.47
N ASP F 245 13.04 2.02 12.24
CA ASP F 245 14.24 2.74 12.69
C ASP F 245 15.04 1.91 13.70
N LYS F 246 14.35 1.20 14.60
CA LYS F 246 15.07 0.34 15.53
C LYS F 246 15.86 -0.74 14.79
N LEU F 247 15.23 -1.39 13.82
CA LEU F 247 15.91 -2.41 13.05
C LEU F 247 17.01 -1.84 12.18
N THR F 248 16.86 -0.58 11.74
CA THR F 248 17.93 0.06 10.97
C THR F 248 19.16 0.27 11.82
N LEU F 249 18.97 0.73 13.06
CA LEU F 249 20.11 0.84 13.98
C LEU F 249 20.76 -0.52 14.20
N THR F 250 19.94 -1.54 14.44
CA THR F 250 20.49 -2.88 14.65
C THR F 250 21.24 -3.37 13.41
N PHE F 251 20.71 -3.10 12.23
CA PHE F 251 21.34 -3.52 10.99
C PHE F 251 22.67 -2.82 10.78
N ASN F 252 22.74 -1.52 11.10
CA ASN F 252 24.02 -0.83 11.00
C ASN F 252 25.05 -1.43 11.95
N ARG F 253 24.64 -1.72 13.20
CA ARG F 253 25.56 -2.34 14.14
C ARG F 253 26.06 -3.68 13.61
N THR F 254 25.14 -4.50 13.09
CA THR F 254 25.51 -5.82 12.60
C THR F 254 26.44 -5.73 11.39
N ARG F 255 26.17 -4.79 10.48
CA ARG F 255 27.02 -4.62 9.32
C ARG F 255 28.44 -4.23 9.72
N GLN F 256 28.56 -3.27 10.64
CA GLN F 256 29.88 -2.87 11.11
C GLN F 256 30.58 -4.03 11.79
N ALA F 257 29.85 -4.80 12.60
CA ALA F 257 30.44 -5.94 13.27
C ALA F 257 30.95 -6.98 12.28
N VAL F 258 30.17 -7.23 11.22
CA VAL F 258 30.57 -8.21 10.21
C VAL F 258 31.83 -7.76 9.50
N ILE F 259 31.88 -6.48 9.13
CA ILE F 259 33.08 -5.97 8.45
C ILE F 259 34.30 -6.10 9.35
N THR F 260 34.15 -5.70 10.61
CA THR F 260 35.28 -5.77 11.54
C THR F 260 35.73 -7.21 11.74
N LYS F 261 34.78 -8.13 11.89
CA LYS F 261 35.12 -9.53 12.13
C LYS F 261 35.88 -10.12 10.95
N GLU F 262 35.38 -9.87 9.73
CA GLU F 262 36.06 -10.42 8.56
C GLU F 262 37.44 -9.82 8.40
N LEU F 263 37.59 -8.52 8.63
CA LEU F 263 38.91 -7.91 8.52
C LEU F 263 39.86 -8.46 9.59
N ILE F 264 39.36 -8.69 10.80
CA ILE F 264 40.19 -9.26 11.86
C ILE F 264 40.64 -10.66 11.47
N GLU F 265 39.74 -11.46 10.89
CA GLU F 265 40.12 -12.79 10.42
C GLU F 265 41.22 -12.70 9.37
N ILE F 266 41.08 -11.80 8.40
CA ILE F 266 42.08 -11.65 7.36
C ILE F 266 43.42 -11.24 7.95
N ILE F 267 43.41 -10.28 8.88
CA ILE F 267 44.64 -9.78 9.48
C ILE F 267 45.32 -10.88 10.29
N SER F 268 44.54 -11.64 11.06
CA SER F 268 45.12 -12.73 11.85
C SER F 268 45.71 -13.80 10.94
N GLY F 269 45.03 -14.14 9.86
CA GLY F 269 45.58 -15.10 8.93
C GLY F 269 46.87 -14.63 8.30
N ALA F 270 46.93 -13.35 7.93
CA ALA F 270 48.15 -12.80 7.35
C ALA F 270 49.29 -12.78 8.35
N ALA F 271 49.00 -12.40 9.60
CA ALA F 271 50.05 -12.28 10.60
C ALA F 271 50.58 -13.64 11.02
N ALA F 272 49.71 -14.65 11.11
CA ALA F 272 50.15 -15.98 11.51
C ALA F 272 50.97 -16.68 10.44
N LEU F 273 51.03 -16.13 9.24
CA LEU F 273 51.79 -16.74 8.15
C LEU F 273 53.30 -16.64 8.43
N SER G 39 -42.14 24.59 7.98
CA SER G 39 -41.12 23.60 8.30
C SER G 39 -41.31 22.35 7.45
N PHE G 40 -40.76 22.36 6.24
CA PHE G 40 -40.88 21.26 5.31
C PHE G 40 -39.54 20.53 5.22
N THR G 41 -39.56 19.23 5.49
CA THR G 41 -38.36 18.40 5.42
C THR G 41 -38.54 17.42 4.26
N PHE G 42 -38.06 17.84 3.08
CA PHE G 42 -38.14 17.04 1.87
C PHE G 42 -36.72 16.66 1.47
N ALA G 43 -36.46 15.35 1.37
CA ALA G 43 -35.15 14.87 1.00
C ALA G 43 -35.25 13.42 0.55
N SER G 44 -34.50 13.08 -0.48
CA SER G 44 -34.34 11.69 -0.89
C SER G 44 -33.28 11.04 -0.02
N PRO G 45 -33.08 9.73 -0.13
CA PRO G 45 -31.96 9.10 0.57
C PRO G 45 -30.60 9.65 0.16
N THR G 46 -30.51 10.26 -1.03
CA THR G 46 -29.23 10.76 -1.54
C THR G 46 -29.18 12.28 -1.67
N GLN G 47 -30.30 12.94 -2.00
CA GLN G 47 -30.32 14.38 -2.17
C GLN G 47 -31.37 15.03 -1.28
N VAL G 48 -31.13 16.29 -0.95
CA VAL G 48 -31.98 17.06 -0.06
C VAL G 48 -32.60 18.20 -0.84
N PHE G 49 -33.93 18.34 -0.73
CA PHE G 49 -34.66 19.42 -1.40
C PHE G 49 -34.96 20.58 -0.46
N PHE G 50 -35.68 20.31 0.63
CA PHE G 50 -36.07 21.34 1.58
C PHE G 50 -35.87 20.81 2.99
N ASN G 51 -35.26 21.64 3.85
CA ASN G 51 -35.05 21.32 5.27
C ASN G 51 -35.62 22.45 6.09
N GLY G 52 -36.75 22.20 6.76
CA GLY G 52 -37.39 23.22 7.56
C GLY G 52 -37.87 24.42 6.78
N ALA G 53 -38.24 24.22 5.51
CA ALA G 53 -38.69 25.32 4.68
C ALA G 53 -40.16 25.63 4.97
N ASN G 54 -40.48 26.92 5.05
CA ASN G 54 -41.85 27.36 5.30
C ASN G 54 -42.61 27.53 3.99
N VAL G 55 -42.69 26.42 3.25
CA VAL G 55 -43.43 26.43 1.99
C VAL G 55 -44.93 26.60 2.24
N ARG G 56 -45.43 26.01 3.33
CA ARG G 56 -46.82 26.14 3.79
C ARG G 56 -47.83 25.55 2.82
N GLN G 57 -47.38 24.91 1.74
CA GLN G 57 -48.31 24.31 0.78
C GLN G 57 -47.57 23.23 0.00
N VAL G 58 -47.94 21.97 0.23
CA VAL G 58 -47.35 20.83 -0.47
C VAL G 58 -48.46 19.86 -0.84
N ASP G 59 -48.46 19.40 -2.08
CA ASP G 59 -49.37 18.36 -2.55
C ASP G 59 -48.58 17.09 -2.82
N VAL G 60 -49.09 15.96 -2.33
CA VAL G 60 -48.38 14.69 -2.44
C VAL G 60 -49.26 13.66 -3.14
N PRO G 61 -48.71 12.83 -4.02
CA PRO G 61 -49.46 11.70 -4.60
C PRO G 61 -49.53 10.54 -3.61
N THR G 62 -50.51 10.61 -2.71
CA THR G 62 -50.68 9.59 -1.69
C THR G 62 -51.16 8.28 -2.30
N GLN G 63 -50.91 7.18 -1.58
CA GLN G 63 -51.36 5.88 -2.04
C GLN G 63 -52.88 5.83 -2.18
N THR G 64 -53.60 6.38 -1.20
CA THR G 64 -55.05 6.43 -1.26
C THR G 64 -55.56 7.50 -2.23
N GLY G 65 -54.75 8.52 -2.52
CA GLY G 65 -55.19 9.59 -3.39
C GLY G 65 -54.28 10.79 -3.40
N ALA G 66 -54.85 11.98 -3.24
CA ALA G 66 -54.09 13.22 -3.19
C ALA G 66 -54.46 14.01 -1.95
N PHE G 67 -53.49 14.75 -1.42
CA PHE G 67 -53.68 15.54 -0.21
C PHE G 67 -52.97 16.87 -0.35
N GLY G 68 -53.44 17.87 0.40
CA GLY G 68 -52.85 19.19 0.35
C GLY G 68 -52.49 19.74 1.72
N ILE G 69 -51.21 20.05 1.92
CA ILE G 69 -50.76 20.64 3.17
C ILE G 69 -51.01 22.14 3.14
N LEU G 70 -51.54 22.68 4.22
CA LEU G 70 -51.88 24.10 4.29
C LEU G 70 -51.33 24.74 5.56
N ALA G 71 -50.20 24.25 6.05
CA ALA G 71 -49.51 24.79 7.23
C ALA G 71 -50.34 24.63 8.50
N SER G 72 -51.51 24.01 8.38
CA SER G 72 -52.35 23.71 9.53
C SER G 72 -53.05 22.36 9.37
N HIS G 73 -52.67 21.58 8.37
CA HIS G 73 -53.37 20.33 8.05
C HIS G 73 -53.35 19.39 9.25
N VAL G 74 -54.42 18.60 9.38
CA VAL G 74 -54.53 17.66 10.49
C VAL G 74 -53.33 16.71 10.47
N PRO G 75 -52.67 16.47 11.60
CA PRO G 75 -51.55 15.53 11.61
C PRO G 75 -51.98 14.16 11.12
N THR G 76 -51.13 13.55 10.31
CA THR G 76 -51.44 12.26 9.70
C THR G 76 -50.17 11.68 9.10
N LEU G 77 -50.20 10.39 8.84
CA LEU G 77 -49.14 9.68 8.13
C LEU G 77 -49.70 9.18 6.80
N GLN G 78 -49.04 9.56 5.71
CA GLN G 78 -49.52 9.25 4.37
C GLN G 78 -48.44 8.53 3.59
N VAL G 79 -48.81 7.42 2.98
CA VAL G 79 -47.88 6.64 2.15
C VAL G 79 -47.88 7.20 0.74
N LEU G 80 -46.70 7.50 0.21
CA LEU G 80 -46.59 8.06 -1.13
C LEU G 80 -46.93 7.02 -2.18
N ARG G 81 -47.38 7.52 -3.34
CA ARG G 81 -47.70 6.73 -4.51
C ARG G 81 -46.92 7.27 -5.70
N PRO G 82 -46.60 6.42 -6.69
CA PRO G 82 -45.96 6.94 -7.91
C PRO G 82 -46.67 8.17 -8.45
N GLY G 83 -45.95 9.29 -8.45
CA GLY G 83 -46.54 10.55 -8.86
C GLY G 83 -45.54 11.66 -8.70
N LEU G 84 -46.06 12.89 -8.67
CA LEU G 84 -45.22 14.08 -8.55
C LEU G 84 -45.68 14.92 -7.36
N VAL G 85 -44.70 15.43 -6.62
CA VAL G 85 -44.96 16.31 -5.48
C VAL G 85 -44.76 17.74 -5.96
N VAL G 86 -45.85 18.49 -6.06
CA VAL G 86 -45.80 19.89 -6.48
C VAL G 86 -45.69 20.72 -5.21
N VAL G 87 -44.48 21.17 -4.92
CA VAL G 87 -44.22 21.96 -3.72
C VAL G 87 -44.51 23.43 -4.02
N HIS G 88 -45.40 24.01 -3.23
CA HIS G 88 -45.79 25.42 -3.38
C HIS G 88 -45.22 26.20 -2.20
N ALA G 89 -44.16 26.95 -2.46
CA ALA G 89 -43.52 27.73 -1.40
C ALA G 89 -44.44 28.85 -0.92
N GLU G 90 -44.06 29.47 0.19
CA GLU G 90 -44.77 30.64 0.67
C GLU G 90 -44.70 31.77 -0.35
N ASP G 91 -43.54 31.94 -0.98
CA ASP G 91 -43.42 32.83 -2.12
C ASP G 91 -44.19 32.26 -3.30
N GLY G 92 -44.50 33.13 -4.26
CA GLY G 92 -45.31 32.73 -5.41
C GLY G 92 -44.73 31.59 -6.22
N THR G 93 -43.42 31.41 -6.20
CA THR G 93 -42.80 30.35 -6.97
C THR G 93 -43.15 28.98 -6.40
N THR G 94 -43.22 28.00 -7.29
CA THR G 94 -43.52 26.62 -6.92
C THR G 94 -42.49 25.69 -7.55
N SER G 95 -42.50 24.44 -7.09
CA SER G 95 -41.57 23.42 -7.57
C SER G 95 -42.33 22.14 -7.87
N LYS G 96 -41.87 21.41 -8.88
CA LYS G 96 -42.48 20.16 -9.31
C LYS G 96 -41.42 19.07 -9.35
N TYR G 97 -41.57 18.06 -8.50
CA TYR G 97 -40.66 16.92 -8.47
C TYR G 97 -41.48 15.64 -8.56
N PHE G 98 -41.13 14.78 -9.52
CA PHE G 98 -41.73 13.45 -9.59
C PHE G 98 -41.00 12.53 -8.63
N VAL G 99 -41.75 11.79 -7.82
CA VAL G 99 -41.18 11.02 -6.73
C VAL G 99 -41.61 9.56 -6.86
N SER G 100 -40.87 8.70 -6.16
CA SER G 100 -41.21 7.29 -6.02
C SER G 100 -42.09 7.13 -4.78
N SER G 101 -42.30 5.89 -4.34
CA SER G 101 -43.06 5.68 -3.13
C SER G 101 -42.24 6.12 -1.92
N GLY G 102 -42.95 6.39 -0.83
CA GLY G 102 -42.32 6.90 0.37
C GLY G 102 -43.32 7.21 1.47
N SER G 103 -43.02 8.22 2.27
CA SER G 103 -43.86 8.56 3.42
C SER G 103 -44.04 10.08 3.51
N VAL G 104 -45.26 10.48 3.84
CA VAL G 104 -45.59 11.89 4.08
C VAL G 104 -45.94 11.98 5.56
N THR G 105 -44.99 12.47 6.37
CA THR G 105 -45.17 12.54 7.82
C THR G 105 -45.37 14.01 8.20
N VAL G 106 -46.63 14.39 8.39
CA VAL G 106 -46.98 15.71 8.90
C VAL G 106 -47.47 15.55 10.33
N ASN G 107 -46.74 16.16 11.26
CA ASN G 107 -47.04 16.01 12.69
C ASN G 107 -48.10 17.06 13.08
N ALA G 108 -48.34 17.18 14.39
CA ALA G 108 -49.27 18.20 14.88
C ALA G 108 -48.77 19.59 14.54
N ASP G 109 -47.46 19.80 14.62
CA ASP G 109 -46.86 21.06 14.23
C ASP G 109 -46.74 21.16 12.72
N SER G 110 -46.06 22.21 12.25
CA SER G 110 -45.87 22.42 10.82
C SER G 110 -44.74 21.57 10.25
N SER G 111 -43.99 20.85 11.08
CA SER G 111 -42.86 20.05 10.60
C SER G 111 -43.37 18.87 9.79
N VAL G 112 -43.13 18.87 8.50
CA VAL G 112 -43.52 17.80 7.60
C VAL G 112 -42.25 17.17 7.06
N GLN G 113 -42.08 15.86 7.30
CA GLN G 113 -40.90 15.14 6.83
C GLN G 113 -41.31 14.28 5.65
N LEU G 114 -41.19 14.84 4.45
CA LEU G 114 -41.52 14.10 3.23
C LEU G 114 -40.29 13.32 2.79
N LEU G 115 -40.42 11.99 2.71
CA LEU G 115 -39.33 11.09 2.37
C LEU G 115 -39.70 10.33 1.11
N ALA G 116 -39.01 10.65 0.02
CA ALA G 116 -39.25 10.01 -1.28
C ALA G 116 -38.00 9.23 -1.68
N GLU G 117 -38.20 7.98 -2.11
CA GLU G 117 -37.07 7.13 -2.44
C GLU G 117 -36.30 7.66 -3.65
N GLU G 118 -37.02 7.94 -4.74
CA GLU G 118 -36.42 8.47 -5.96
C GLU G 118 -37.20 9.70 -6.38
N ALA G 119 -36.78 10.87 -5.89
CA ALA G 119 -37.43 12.13 -6.20
C ALA G 119 -36.50 12.94 -7.10
N VAL G 120 -36.98 13.26 -8.31
CA VAL G 120 -36.22 14.03 -9.28
C VAL G 120 -37.16 15.06 -9.92
N THR G 121 -36.56 16.08 -10.51
CA THR G 121 -37.34 17.05 -11.28
C THR G 121 -37.79 16.45 -12.60
N LEU G 122 -38.86 17.01 -13.15
CA LEU G 122 -39.44 16.48 -14.38
C LEU G 122 -38.51 16.60 -15.57
N ASP G 123 -37.62 17.59 -15.57
CA ASP G 123 -36.76 17.83 -16.72
C ASP G 123 -35.79 16.68 -16.94
N MET G 124 -35.28 16.08 -15.86
CA MET G 124 -34.32 14.98 -15.98
C MET G 124 -34.94 13.76 -16.66
N LEU G 125 -36.25 13.64 -16.66
CA LEU G 125 -36.93 12.51 -17.27
C LEU G 125 -37.08 12.73 -18.78
N ASP G 126 -37.45 11.66 -19.48
CA ASP G 126 -37.63 11.70 -20.92
C ASP G 126 -39.09 11.40 -21.27
N PRO G 127 -39.83 12.35 -21.86
CA PRO G 127 -41.22 12.05 -22.24
C PRO G 127 -41.34 10.92 -23.25
N GLY G 128 -40.44 10.85 -24.24
CA GLY G 128 -40.51 9.77 -25.20
C GLY G 128 -40.26 8.42 -24.58
N VAL G 129 -39.23 8.32 -23.74
CA VAL G 129 -38.98 7.10 -23.00
C VAL G 129 -40.15 6.81 -22.05
N ALA G 130 -40.79 7.87 -21.55
CA ALA G 130 -41.97 7.68 -20.70
C ALA G 130 -43.09 6.96 -21.46
N LYS G 131 -43.42 7.46 -22.66
CA LYS G 131 -44.47 6.83 -23.44
C LYS G 131 -44.08 5.42 -23.85
N ALA G 132 -42.81 5.23 -24.24
CA ALA G 132 -42.35 3.90 -24.64
C ALA G 132 -42.45 2.91 -23.49
N ASN G 133 -42.03 3.31 -22.30
CA ASN G 133 -42.12 2.43 -21.14
C ASN G 133 -43.57 2.15 -20.79
N LEU G 134 -44.45 3.16 -20.89
CA LEU G 134 -45.86 2.94 -20.61
C LEU G 134 -46.45 1.91 -21.55
N GLU G 135 -46.19 2.04 -22.85
CA GLU G 135 -46.79 1.13 -23.81
C GLU G 135 -46.19 -0.28 -23.68
N LYS G 136 -44.89 -0.38 -23.43
CA LYS G 136 -44.28 -1.69 -23.23
C LYS G 136 -44.83 -2.36 -21.98
N ALA G 137 -45.02 -1.60 -20.90
CA ALA G 137 -45.57 -2.15 -19.67
C ALA G 137 -47.02 -2.59 -19.86
N GLN G 138 -47.79 -1.81 -20.62
CA GLN G 138 -49.15 -2.24 -20.97
C GLN G 138 -49.13 -3.53 -21.77
N SER G 139 -48.18 -3.65 -22.70
CA SER G 139 -48.07 -4.88 -23.48
C SER G 139 -47.73 -6.08 -22.59
N GLU G 140 -46.82 -5.88 -21.63
CA GLU G 140 -46.35 -6.97 -20.79
C GLU G 140 -47.21 -7.19 -19.55
N LEU G 141 -48.30 -6.43 -19.38
CA LEU G 141 -49.14 -6.58 -18.19
C LEU G 141 -49.72 -7.98 -18.10
N LEU G 142 -50.19 -8.52 -19.23
CA LEU G 142 -50.77 -9.86 -19.23
C LEU G 142 -49.72 -10.96 -19.22
N GLY G 143 -48.45 -10.62 -19.42
CA GLY G 143 -47.42 -11.65 -19.46
C GLY G 143 -47.22 -12.36 -18.14
N ALA G 144 -47.32 -11.61 -17.04
CA ALA G 144 -47.08 -12.15 -15.70
C ALA G 144 -48.32 -12.91 -15.24
N ALA G 145 -48.26 -14.25 -15.31
CA ALA G 145 -49.40 -15.06 -14.94
C ALA G 145 -49.71 -14.95 -13.44
N ASP G 146 -48.68 -14.80 -12.62
CA ASP G 146 -48.89 -14.70 -11.18
C ASP G 146 -49.67 -13.44 -10.83
N GLU G 147 -50.57 -13.56 -9.85
CA GLU G 147 -51.32 -12.40 -9.40
C GLU G 147 -50.41 -11.33 -8.81
N ALA G 148 -49.42 -11.75 -8.01
CA ALA G 148 -48.47 -10.80 -7.46
C ALA G 148 -47.62 -10.16 -8.55
N SER G 149 -47.18 -10.96 -9.52
CA SER G 149 -46.33 -10.41 -10.59
C SER G 149 -47.13 -9.50 -11.52
N ARG G 150 -48.37 -9.87 -11.83
CA ARG G 150 -49.22 -8.97 -12.60
C ARG G 150 -49.53 -7.69 -11.83
N ALA G 151 -49.68 -7.79 -10.51
CA ALA G 151 -49.87 -6.59 -9.70
C ALA G 151 -48.62 -5.72 -9.72
N GLU G 152 -47.43 -6.34 -9.75
CA GLU G 152 -46.20 -5.59 -9.86
C GLU G 152 -46.13 -4.85 -11.20
N ILE G 153 -46.51 -5.53 -12.29
CA ILE G 153 -46.52 -4.85 -13.58
C ILE G 153 -47.60 -3.78 -13.60
N GLN G 154 -48.68 -3.96 -12.83
CA GLN G 154 -49.68 -2.90 -12.69
C GLN G 154 -49.11 -1.69 -11.96
N ILE G 155 -48.28 -1.93 -10.94
CA ILE G 155 -47.54 -0.84 -10.31
C ILE G 155 -46.69 -0.12 -11.35
N ARG G 156 -46.03 -0.89 -12.21
CA ARG G 156 -45.20 -0.31 -13.26
C ARG G 156 -46.01 0.57 -14.20
N ILE G 157 -47.16 0.06 -14.66
CA ILE G 157 -47.98 0.84 -15.60
C ILE G 157 -48.56 2.07 -14.91
N GLU G 158 -48.92 1.95 -13.64
CA GLU G 158 -49.43 3.10 -12.90
C GLU G 158 -48.36 4.18 -12.74
N ALA G 159 -47.14 3.76 -12.41
CA ALA G 159 -46.04 4.72 -12.31
C ALA G 159 -45.77 5.39 -13.64
N ASN G 160 -45.80 4.62 -14.73
CA ASN G 160 -45.58 5.20 -16.05
C ASN G 160 -46.71 6.13 -16.46
N GLU G 161 -47.95 5.82 -16.09
CA GLU G 161 -49.06 6.72 -16.38
C GLU G 161 -48.94 8.02 -15.60
N ALA G 162 -48.58 7.95 -14.33
CA ALA G 162 -48.34 9.16 -13.56
C ALA G 162 -47.19 9.97 -14.15
N LEU G 163 -46.16 9.27 -14.62
CA LEU G 163 -45.04 9.94 -15.28
C LEU G 163 -45.48 10.64 -16.56
N VAL G 164 -46.33 9.99 -17.36
CA VAL G 164 -46.84 10.59 -18.59
C VAL G 164 -47.67 11.82 -18.28
N LYS G 165 -48.55 11.72 -17.28
CA LYS G 165 -49.35 12.88 -16.88
C LYS G 165 -48.48 14.02 -16.39
N ALA G 166 -47.45 13.70 -15.60
CA ALA G 166 -46.53 14.74 -15.14
C ALA G 166 -45.75 15.34 -16.30
N LEU G 167 -45.30 14.51 -17.24
CA LEU G 167 -44.55 14.98 -18.40
C LEU G 167 -45.50 15.40 -19.52
N VAL H 87 -54.75 -1.98 1.56
CA VAL H 87 -55.02 -3.09 0.66
C VAL H 87 -55.22 -2.59 -0.76
N ALA H 88 -54.58 -3.27 -1.71
CA ALA H 88 -54.67 -2.90 -3.12
C ALA H 88 -54.45 -4.15 -3.96
N TYR H 89 -54.21 -3.95 -5.26
CA TYR H 89 -53.88 -5.09 -6.11
C TYR H 89 -52.55 -5.71 -5.72
N TRP H 90 -51.58 -4.88 -5.33
CA TRP H 90 -50.28 -5.40 -4.91
C TRP H 90 -50.30 -5.89 -3.47
N ARG H 91 -50.85 -5.09 -2.57
CA ARG H 91 -50.90 -5.48 -1.16
C ARG H 91 -51.95 -6.55 -0.95
N GLN H 92 -51.73 -7.38 0.08
CA GLN H 92 -52.59 -8.51 0.41
C GLN H 92 -52.67 -9.52 -0.75
N ALA H 93 -51.68 -9.52 -1.62
CA ALA H 93 -51.61 -10.45 -2.74
C ALA H 93 -50.24 -11.05 -2.95
N GLY H 94 -49.30 -10.85 -2.02
CA GLY H 94 -47.97 -11.40 -2.13
C GLY H 94 -46.87 -10.38 -2.36
N LEU H 95 -47.20 -9.10 -2.54
CA LEU H 95 -46.22 -8.06 -2.78
C LEU H 95 -46.05 -7.22 -1.52
N SER H 96 -44.84 -7.17 -1.00
CA SER H 96 -44.53 -6.31 0.12
C SER H 96 -44.43 -4.85 -0.34
N TYR H 97 -44.70 -3.93 0.59
CA TYR H 97 -44.62 -2.52 0.25
C TYR H 97 -43.20 -2.12 -0.13
N ILE H 98 -42.20 -2.80 0.42
CA ILE H 98 -40.82 -2.56 -0.01
C ILE H 98 -40.65 -2.91 -1.48
N ARG H 99 -41.27 -4.01 -1.93
CA ARG H 99 -41.23 -4.35 -3.34
C ARG H 99 -41.94 -3.29 -4.18
N TYR H 100 -43.05 -2.75 -3.68
CA TYR H 100 -43.75 -1.67 -4.36
C TYR H 100 -42.82 -0.46 -4.53
N SER H 101 -42.11 -0.11 -3.46
CA SER H 101 -41.17 1.00 -3.52
C SER H 101 -40.05 0.72 -4.50
N GLN H 102 -39.53 -0.52 -4.49
CA GLN H 102 -38.47 -0.90 -5.43
C GLN H 102 -38.94 -0.75 -6.86
N ILE H 103 -40.16 -1.21 -7.15
CA ILE H 103 -40.67 -1.19 -8.53
C ILE H 103 -40.87 0.25 -8.99
N CYS H 104 -41.51 1.09 -8.16
CA CYS H 104 -41.72 2.47 -8.57
C CYS H 104 -40.40 3.24 -8.68
N ALA H 105 -39.45 2.97 -7.78
CA ALA H 105 -38.15 3.62 -7.86
C ALA H 105 -37.41 3.20 -9.12
N LYS H 106 -37.48 1.93 -9.49
CA LYS H 106 -36.85 1.47 -10.72
C LYS H 106 -37.51 2.11 -11.93
N ALA H 107 -38.84 2.25 -11.90
CA ALA H 107 -39.53 2.94 -12.98
C ALA H 107 -39.08 4.39 -13.10
N VAL H 108 -38.93 5.07 -11.97
CA VAL H 108 -38.46 6.46 -12.00
C VAL H 108 -37.03 6.53 -12.53
N ARG H 109 -36.16 5.61 -12.08
CA ARG H 109 -34.78 5.61 -12.56
C ARG H 109 -34.70 5.35 -14.06
N ASP H 110 -35.51 4.41 -14.56
CA ASP H 110 -35.56 4.18 -16.00
C ASP H 110 -36.13 5.37 -16.74
N ALA H 111 -37.03 6.12 -16.10
CA ALA H 111 -37.57 7.33 -16.73
C ALA H 111 -36.51 8.38 -16.94
N LEU H 112 -35.47 8.40 -16.11
CA LEU H 112 -34.40 9.36 -16.25
C LEU H 112 -33.65 9.14 -17.56
N LYS H 113 -33.13 10.24 -18.11
CA LYS H 113 -32.35 10.15 -19.34
C LYS H 113 -30.96 9.58 -19.03
N ALA H 114 -30.26 9.19 -20.09
CA ALA H 114 -28.93 8.62 -19.93
C ALA H 114 -27.93 9.62 -19.34
N GLU H 115 -28.21 10.91 -19.46
CA GLU H 115 -27.34 11.91 -18.84
C GLU H 115 -27.33 11.79 -17.33
N PHE H 116 -28.48 11.52 -16.73
CA PHE H 116 -28.60 11.35 -15.29
C PHE H 116 -28.65 9.89 -14.88
N LYS H 117 -28.34 8.96 -15.79
CA LYS H 117 -28.42 7.55 -15.46
C LYS H 117 -27.31 7.12 -14.51
N ALA H 118 -26.19 7.84 -14.51
CA ALA H 118 -25.11 7.50 -13.58
C ALA H 118 -25.55 7.67 -12.14
N ASN H 119 -26.26 8.77 -11.84
CA ASN H 119 -26.76 8.97 -10.49
C ASN H 119 -27.77 7.89 -10.09
N ALA H 120 -28.63 7.50 -11.03
CA ALA H 120 -29.60 6.44 -10.75
C ALA H 120 -28.89 5.13 -10.46
N GLU H 121 -27.87 4.79 -11.24
CA GLU H 121 -27.08 3.59 -10.96
C GLU H 121 -26.41 3.67 -9.60
N LYS H 122 -25.88 4.85 -9.27
CA LYS H 122 -25.28 5.05 -7.95
C LYS H 122 -26.28 4.79 -6.84
N THR H 123 -27.49 5.32 -6.97
CA THR H 123 -28.52 5.11 -5.94
C THR H 123 -28.93 3.65 -5.88
N SER H 124 -28.97 2.96 -7.02
CA SER H 124 -29.40 1.57 -7.07
C SER H 124 -28.38 0.70 -6.33
N GLY H 125 -28.83 0.05 -5.26
CA GLY H 125 -27.95 -0.78 -4.46
C GLY H 125 -28.16 -2.26 -4.63
N SER H 126 -27.22 -2.92 -5.33
CA SER H 126 -27.24 -4.36 -5.51
C SER H 126 -26.03 -5.04 -4.87
N ASN H 127 -25.32 -4.33 -3.98
CA ASN H 127 -24.09 -4.87 -3.42
C ASN H 127 -24.36 -5.96 -2.38
N VAL H 128 -25.39 -5.77 -1.57
CA VAL H 128 -25.66 -6.72 -0.48
C VAL H 128 -26.15 -8.04 -1.06
N LYS H 129 -25.53 -9.12 -0.62
CA LYS H 129 -25.92 -10.48 -0.99
C LYS H 129 -26.50 -11.18 0.24
N ILE H 130 -26.82 -12.46 0.07
CA ILE H 130 -27.53 -13.23 1.09
C ILE H 130 -26.63 -14.39 1.54
N VAL H 131 -26.60 -14.62 2.85
CA VAL H 131 -25.91 -15.77 3.43
C VAL H 131 -26.96 -16.56 4.19
N LYS H 132 -27.09 -17.84 3.87
CA LYS H 132 -28.07 -18.70 4.53
C LYS H 132 -27.50 -20.08 4.80
N GLY I 32 22.62 3.51 0.74
CA GLY I 32 21.38 3.46 1.50
C GLY I 32 20.66 2.13 1.40
N VAL I 33 20.24 1.61 2.55
CA VAL I 33 19.53 0.33 2.59
C VAL I 33 18.10 0.53 2.08
N ARG I 34 17.68 -0.35 1.18
CA ARG I 34 16.36 -0.28 0.58
C ARG I 34 15.72 -1.67 0.64
N SER I 35 14.51 -1.78 0.10
CA SER I 35 13.80 -3.05 0.08
C SER I 35 13.31 -3.36 -1.33
N GLY I 36 12.56 -4.46 -1.47
CA GLY I 36 12.04 -4.84 -2.76
C GLY I 36 10.64 -5.40 -2.68
N ALA I 37 10.18 -6.04 -3.76
CA ALA I 37 8.84 -6.62 -3.81
C ALA I 37 8.86 -8.04 -3.26
N GLY I 38 7.79 -8.41 -2.58
CA GLY I 38 7.68 -9.74 -2.03
C GLY I 38 8.67 -10.06 -0.93
N ALA I 39 9.01 -9.09 -0.08
CA ALA I 39 9.94 -9.30 1.00
C ALA I 39 9.26 -9.75 2.29
N VAL I 40 7.94 -9.77 2.34
CA VAL I 40 7.24 -10.19 3.56
C VAL I 40 7.41 -11.69 3.78
N ARG I 41 7.22 -12.48 2.72
CA ARG I 41 7.36 -13.93 2.84
C ARG I 41 8.82 -14.34 2.94
N ASP I 42 9.73 -13.55 2.38
CA ASP I 42 11.15 -13.89 2.44
C ASP I 42 11.66 -13.90 3.87
N ALA I 43 11.18 -12.95 4.70
CA ALA I 43 11.58 -12.92 6.10
C ALA I 43 11.10 -14.14 6.86
N GLY I 44 10.00 -14.75 6.41
CA GLY I 44 9.49 -15.95 7.05
C GLY I 44 9.03 -15.73 8.48
N GLY I 45 8.56 -14.53 8.78
CA GLY I 45 8.07 -14.18 10.10
C GLY I 45 6.61 -14.50 10.27
N ALA I 46 5.98 -13.80 11.22
CA ALA I 46 4.55 -14.02 11.46
C ALA I 46 3.72 -13.62 10.25
N PHE I 47 4.07 -12.50 9.61
CA PHE I 47 3.25 -12.01 8.50
C PHE I 47 3.37 -12.90 7.28
N GLY I 48 4.54 -13.46 7.00
CA GLY I 48 4.66 -14.38 5.88
C GLY I 48 3.83 -15.63 6.05
N LYS I 49 3.88 -16.23 7.23
CA LYS I 49 3.05 -17.41 7.51
C LYS I 49 1.57 -17.04 7.46
N LYS I 50 1.22 -15.86 7.98
CA LYS I 50 -0.17 -15.41 7.93
C LYS I 50 -0.65 -15.28 6.49
N GLU I 51 0.17 -14.68 5.63
CA GLU I 51 -0.21 -14.53 4.23
C GLU I 51 -0.34 -15.88 3.54
N GLN I 52 0.61 -16.79 3.79
CA GLN I 52 0.52 -18.12 3.19
C GLN I 52 -0.73 -18.84 3.63
N ALA I 53 -1.04 -18.79 4.93
CA ALA I 53 -2.23 -19.47 5.43
C ALA I 53 -3.50 -18.85 4.86
N ASP I 54 -3.55 -17.52 4.77
CA ASP I 54 -4.73 -16.88 4.21
C ASP I 54 -4.94 -17.25 2.75
N GLU I 55 -3.86 -17.24 1.97
CA GLU I 55 -3.97 -17.63 0.56
C GLU I 55 -4.41 -19.08 0.43
N GLU I 56 -3.84 -19.98 1.24
CA GLU I 56 -4.21 -21.38 1.15
C GLU I 56 -5.67 -21.60 1.55
N ARG I 57 -6.12 -20.93 2.60
CA ARG I 57 -7.51 -21.10 3.04
C ARG I 57 -8.49 -20.55 2.00
N TYR I 58 -8.16 -19.41 1.37
CA TYR I 58 -9.03 -18.87 0.34
C TYR I 58 -9.07 -19.79 -0.88
N PHE I 59 -7.91 -20.23 -1.35
CA PHE I 59 -7.88 -21.02 -2.56
C PHE I 59 -8.35 -22.46 -2.35
N ARG I 60 -8.34 -22.97 -1.11
CA ARG I 60 -9.01 -24.24 -0.87
C ARG I 60 -10.50 -24.14 -1.11
N ALA I 61 -11.13 -23.06 -0.62
CA ALA I 61 -12.55 -22.83 -0.90
C ALA I 61 -12.79 -22.64 -2.39
N ARG I 62 -11.92 -21.88 -3.06
CA ARG I 62 -12.10 -21.67 -4.49
C ARG I 62 -11.96 -22.97 -5.26
N ALA I 63 -11.01 -23.83 -4.87
CA ALA I 63 -10.85 -25.13 -5.51
C ALA I 63 -12.07 -26.01 -5.25
N ARG I 64 -12.63 -25.95 -4.05
CA ARG I 64 -13.84 -26.71 -3.76
C ARG I 64 -14.99 -26.27 -4.64
N GLU I 65 -15.18 -24.95 -4.80
CA GLU I 65 -16.25 -24.44 -5.64
C GLU I 65 -16.03 -24.85 -7.10
N GLN I 66 -14.80 -24.75 -7.59
CA GLN I 66 -14.50 -25.13 -8.96
C GLN I 66 -14.71 -26.61 -9.18
N LEU I 67 -14.35 -27.44 -8.20
CA LEU I 67 -14.59 -28.88 -8.32
C LEU I 67 -16.08 -29.19 -8.34
N ALA I 68 -16.87 -28.51 -7.52
CA ALA I 68 -18.31 -28.71 -7.54
C ALA I 68 -18.89 -28.33 -8.89
N ALA I 69 -18.48 -27.17 -9.42
CA ALA I 69 -18.97 -26.74 -10.72
C ALA I 69 -18.56 -27.70 -11.83
N LEU I 70 -17.31 -28.18 -11.78
CA LEU I 70 -16.84 -29.12 -12.80
C LEU I 70 -17.59 -30.44 -12.72
N LYS I 71 -17.88 -30.92 -11.51
CA LYS I 71 -18.67 -32.15 -11.38
C LYS I 71 -20.08 -31.96 -11.92
N LYS I 72 -20.71 -30.81 -11.61
CA LYS I 72 -22.03 -30.54 -12.15
C LYS I 72 -22.02 -30.49 -13.67
N HIS I 73 -20.98 -29.87 -14.25
CA HIS I 73 -20.84 -29.84 -15.70
C HIS I 73 -20.63 -31.24 -16.27
N HIS I 74 -19.81 -32.06 -15.61
CA HIS I 74 -19.51 -33.39 -16.13
C HIS I 74 -20.72 -34.31 -16.04
N GLU I 75 -21.63 -34.05 -15.09
CA GLU I 75 -22.86 -34.82 -15.03
C GLU I 75 -23.71 -34.61 -16.28
N ASN I 76 -23.59 -33.45 -16.91
CA ASN I 76 -24.32 -33.15 -18.14
C ASN I 76 -23.76 -33.94 -19.31
N ILE J 68 -118.63 9.79 -0.56
CA ILE J 68 -117.78 10.70 0.20
C ILE J 68 -116.84 9.90 1.10
N ASP J 69 -117.37 8.85 1.74
CA ASP J 69 -116.53 7.99 2.56
C ASP J 69 -115.50 7.26 1.70
N THR J 70 -115.93 6.74 0.54
CA THR J 70 -114.98 6.14 -0.38
C THR J 70 -114.00 7.19 -0.92
N ALA J 71 -114.48 8.42 -1.10
CA ALA J 71 -113.59 9.51 -1.48
C ALA J 71 -112.52 9.75 -0.43
N ALA J 72 -112.94 9.73 0.85
CA ALA J 72 -111.98 9.86 1.94
C ALA J 72 -110.98 8.71 1.93
N LYS J 73 -111.46 7.49 1.70
CA LYS J 73 -110.56 6.34 1.63
C LYS J 73 -109.54 6.52 0.52
N PHE J 74 -109.98 6.98 -0.65
CA PHE J 74 -109.07 7.18 -1.77
C PHE J 74 -108.02 8.22 -1.45
N ILE J 75 -108.44 9.37 -0.92
CA ILE J 75 -107.46 10.42 -0.66
C ILE J 75 -106.50 10.01 0.45
N GLY J 76 -107.00 9.30 1.47
CA GLY J 76 -106.12 8.83 2.53
C GLY J 76 -105.12 7.80 2.03
N ALA J 77 -105.58 6.86 1.21
CA ALA J 77 -104.67 5.86 0.65
C ALA J 77 -103.61 6.53 -0.22
N GLY J 78 -104.01 7.53 -1.01
CA GLY J 78 -103.03 8.28 -1.78
C GLY J 78 -102.02 8.99 -0.90
N ALA J 79 -102.48 9.56 0.22
CA ALA J 79 -101.57 10.27 1.10
C ALA J 79 -100.72 9.31 1.93
N ALA J 80 -101.30 8.18 2.34
CA ALA J 80 -100.59 7.27 3.25
C ALA J 80 -99.43 6.55 2.59
N THR J 81 -99.55 6.22 1.30
CA THR J 81 -98.53 5.41 0.65
C THR J 81 -97.23 6.16 0.40
N VAL J 82 -97.20 7.47 0.60
CA VAL J 82 -95.98 8.24 0.37
C VAL J 82 -94.90 7.95 1.39
N GLY J 83 -95.24 7.34 2.52
CA GLY J 83 -94.23 7.00 3.52
C GLY J 83 -93.19 6.02 3.03
N VAL J 84 -93.43 5.35 1.90
CA VAL J 84 -92.47 4.41 1.35
C VAL J 84 -91.28 5.13 0.74
N ALA J 85 -91.39 6.43 0.47
CA ALA J 85 -90.27 7.17 -0.11
C ALA J 85 -89.07 7.19 0.82
N GLY J 86 -89.31 7.43 2.11
CA GLY J 86 -88.22 7.41 3.07
C GLY J 86 -87.56 6.05 3.16
N SER J 87 -88.34 4.99 3.02
CA SER J 87 -87.77 3.65 2.99
C SER J 87 -86.85 3.48 1.79
N GLY J 88 -87.26 4.01 0.64
CA GLY J 88 -86.39 3.94 -0.54
C GLY J 88 -85.10 4.73 -0.35
N ALA J 89 -85.21 5.92 0.23
CA ALA J 89 -84.01 6.72 0.49
C ALA J 89 -83.08 6.00 1.46
N GLY J 90 -83.64 5.40 2.51
CA GLY J 90 -82.83 4.66 3.45
C GLY J 90 -82.18 3.44 2.81
N ILE J 91 -82.90 2.76 1.92
CA ILE J 91 -82.33 1.63 1.20
C ILE J 91 -81.16 2.06 0.34
N GLY J 92 -81.33 3.17 -0.38
CA GLY J 92 -80.24 3.69 -1.18
C GLY J 92 -79.03 4.05 -0.35
N THR J 93 -79.26 4.72 0.79
CA THR J 93 -78.16 5.08 1.68
C THR J 93 -77.47 3.84 2.22
N VAL J 94 -78.24 2.81 2.59
CA VAL J 94 -77.67 1.59 3.13
C VAL J 94 -76.77 0.92 2.09
N PHE J 95 -77.28 0.76 0.87
CA PHE J 95 -76.49 0.09 -0.15
C PHE J 95 -75.26 0.91 -0.52
N GLY J 96 -75.38 2.24 -0.55
CA GLY J 96 -74.23 3.07 -0.85
C GLY J 96 -73.16 3.02 0.22
N SER J 97 -73.58 3.02 1.48
CA SER J 97 -72.63 2.91 2.58
C SER J 97 -71.99 1.52 2.60
N LEU J 98 -72.74 0.49 2.21
CA LEU J 98 -72.14 -0.82 2.01
C LEU J 98 -71.08 -0.77 0.92
N ILE J 99 -71.36 -0.03 -0.15
CA ILE J 99 -70.39 0.14 -1.24
C ILE J 99 -69.11 0.77 -0.71
N ILE J 100 -69.24 1.88 0.03
CA ILE J 100 -68.04 2.57 0.50
C ILE J 100 -67.31 1.72 1.54
N GLY J 101 -68.05 0.97 2.36
CA GLY J 101 -67.40 0.10 3.34
C GLY J 101 -66.60 -1.00 2.69
N TYR J 102 -67.17 -1.64 1.66
CA TYR J 102 -66.40 -2.65 0.92
C TYR J 102 -65.23 -2.02 0.20
N ALA J 103 -65.39 -0.79 -0.27
CA ALA J 103 -64.27 -0.09 -0.89
C ALA J 103 -63.13 0.12 0.09
N ARG J 104 -63.46 0.45 1.35
CA ARG J 104 -62.44 0.64 2.36
C ARG J 104 -61.77 -0.68 2.74
N ASN J 105 -62.55 -1.72 3.01
CA ASN J 105 -62.02 -2.98 3.48
C ASN J 105 -62.65 -4.14 2.69
N PRO J 106 -61.87 -5.13 2.29
CA PRO J 106 -62.38 -6.18 1.39
C PRO J 106 -63.09 -7.32 2.10
N SER J 107 -63.40 -7.17 3.38
CA SER J 107 -64.08 -8.23 4.14
C SER J 107 -65.57 -8.27 3.78
N LEU J 108 -65.84 -8.47 2.49
CA LEU J 108 -67.20 -8.37 1.97
C LEU J 108 -68.07 -9.53 2.46
N LYS J 109 -67.55 -10.76 2.36
CA LYS J 109 -68.32 -11.92 2.77
C LYS J 109 -68.54 -11.97 4.28
N GLN J 110 -67.88 -11.10 5.04
CA GLN J 110 -68.08 -10.99 6.46
C GLN J 110 -69.38 -10.22 6.74
N GLN J 111 -69.50 -9.67 7.95
CA GLN J 111 -70.73 -9.02 8.39
C GLN J 111 -71.00 -7.72 7.66
N LEU J 112 -70.13 -7.32 6.73
CA LEU J 112 -70.41 -6.15 5.90
C LEU J 112 -71.71 -6.33 5.14
N PHE J 113 -71.89 -7.51 4.53
CA PHE J 113 -73.13 -7.80 3.82
C PHE J 113 -74.28 -8.05 4.79
N SER J 114 -74.00 -8.64 5.96
CA SER J 114 -75.05 -8.92 6.92
C SER J 114 -75.69 -7.64 7.45
N TYR J 115 -74.87 -6.63 7.75
CA TYR J 115 -75.41 -5.37 8.25
C TYR J 115 -76.21 -4.66 7.16
N ALA J 116 -75.76 -4.75 5.92
CA ALA J 116 -76.52 -4.18 4.80
C ALA J 116 -77.88 -4.86 4.68
N ILE J 117 -77.89 -6.19 4.79
CA ILE J 117 -79.16 -6.92 4.75
C ILE J 117 -80.06 -6.50 5.90
N LEU J 118 -79.47 -6.31 7.08
CA LEU J 118 -80.23 -5.88 8.24
C LEU J 118 -80.86 -4.50 8.04
N GLY J 119 -80.12 -3.55 7.48
CA GLY J 119 -80.67 -2.24 7.22
C GLY J 119 -81.74 -2.26 6.15
N PHE J 120 -81.48 -3.01 5.08
CA PHE J 120 -82.44 -3.12 4.00
C PHE J 120 -83.74 -3.75 4.48
N ALA J 121 -83.65 -4.79 5.31
CA ALA J 121 -84.85 -5.44 5.83
C ALA J 121 -85.66 -4.51 6.71
N LEU J 122 -84.99 -3.73 7.56
CA LEU J 122 -85.73 -2.81 8.43
C LEU J 122 -86.39 -1.68 7.64
N SER J 123 -85.68 -1.15 6.64
CA SER J 123 -86.30 -0.13 5.79
C SER J 123 -87.49 -0.69 5.04
N GLU J 124 -87.36 -1.91 4.51
CA GLU J 124 -88.48 -2.55 3.83
C GLU J 124 -89.64 -2.80 4.79
N ALA J 125 -89.33 -3.16 6.03
CA ALA J 125 -90.38 -3.37 7.03
C ALA J 125 -91.12 -2.07 7.32
N MET J 126 -90.40 -0.96 7.43
CA MET J 126 -91.06 0.32 7.64
C MET J 126 -91.94 0.69 6.45
N GLY J 127 -91.42 0.50 5.23
CA GLY J 127 -92.22 0.75 4.05
C GLY J 127 -93.45 -0.14 3.96
N LEU J 128 -93.30 -1.41 4.36
CA LEU J 128 -94.42 -2.33 4.34
C LEU J 128 -95.46 -1.97 5.40
N PHE J 129 -95.01 -1.46 6.56
CA PHE J 129 -95.97 -0.98 7.56
C PHE J 129 -96.74 0.22 7.03
N CYS J 130 -96.06 1.13 6.33
CA CYS J 130 -96.76 2.25 5.70
C CYS J 130 -97.75 1.74 4.66
N LEU J 131 -97.35 0.73 3.89
CA LEU J 131 -98.25 0.14 2.89
C LEU J 131 -99.47 -0.49 3.56
N MET J 132 -99.27 -1.15 4.70
CA MET J 132 -100.39 -1.75 5.43
C MET J 132 -101.32 -0.68 5.97
N VAL J 133 -100.77 0.44 6.43
CA VAL J 133 -101.61 1.56 6.84
C VAL J 133 -102.44 2.07 5.67
N ALA J 134 -101.81 2.18 4.50
CA ALA J 134 -102.54 2.61 3.30
C ALA J 134 -103.64 1.62 2.95
N PHE J 135 -103.36 0.32 3.07
CA PHE J 135 -104.37 -0.70 2.81
C PHE J 135 -105.53 -0.58 3.79
N LEU J 136 -105.22 -0.36 5.07
CA LEU J 136 -106.28 -0.18 6.07
C LEU J 136 -107.14 1.03 5.74
N ILE J 137 -106.51 2.12 5.29
CA ILE J 137 -107.27 3.29 4.87
C ILE J 137 -108.18 2.94 3.69
N LEU J 138 -107.62 2.22 2.70
CA LEU J 138 -108.41 1.83 1.53
C LEU J 138 -109.53 0.86 1.92
N PHE J 139 -109.25 -0.06 2.83
CA PHE J 139 -110.25 -1.03 3.26
C PHE J 139 -110.58 -0.86 4.74
N ILE K 68 -117.75 12.82 -7.44
CA ILE K 68 -116.80 13.20 -6.40
C ILE K 68 -115.80 12.07 -6.17
N ASP K 69 -116.24 10.83 -6.42
CA ASP K 69 -115.35 9.69 -6.26
C ASP K 69 -114.19 9.74 -7.24
N THR K 70 -114.47 10.11 -8.50
CA THR K 70 -113.39 10.28 -9.47
C THR K 70 -112.46 11.42 -9.08
N ALA K 71 -113.00 12.48 -8.47
CA ALA K 71 -112.18 13.56 -7.97
C ALA K 71 -111.19 13.04 -6.91
N ALA K 72 -111.69 12.23 -5.99
CA ALA K 72 -110.81 11.65 -4.97
C ALA K 72 -109.81 10.69 -5.58
N LYS K 73 -110.20 9.95 -6.63
CA LYS K 73 -109.24 9.11 -7.31
C LYS K 73 -108.11 9.95 -7.90
N PHE K 74 -108.46 11.08 -8.51
CA PHE K 74 -107.44 11.97 -9.07
C PHE K 74 -106.51 12.49 -7.99
N ILE K 75 -107.07 12.98 -6.88
CA ILE K 75 -106.23 13.57 -5.84
C ILE K 75 -105.37 12.50 -5.17
N GLY K 76 -105.92 11.30 -4.98
CA GLY K 76 -105.15 10.22 -4.39
C GLY K 76 -104.03 9.75 -5.30
N ALA K 77 -104.29 9.69 -6.61
CA ALA K 77 -103.22 9.36 -7.55
C ALA K 77 -102.13 10.43 -7.54
N GLY K 78 -102.54 11.71 -7.47
CA GLY K 78 -101.55 12.78 -7.40
C GLY K 78 -100.70 12.72 -6.15
N ALA K 79 -101.32 12.42 -5.00
CA ALA K 79 -100.57 12.34 -3.75
C ALA K 79 -99.77 11.06 -3.64
N ALA K 80 -100.19 9.99 -4.32
CA ALA K 80 -99.54 8.69 -4.18
C ALA K 80 -98.20 8.65 -4.90
N THR K 81 -98.12 9.24 -6.09
CA THR K 81 -96.88 9.20 -6.87
C THR K 81 -95.76 9.99 -6.22
N VAL K 82 -96.06 10.78 -5.18
CA VAL K 82 -95.01 11.51 -4.47
C VAL K 82 -94.00 10.56 -3.87
N GLY K 83 -94.43 9.35 -3.50
CA GLY K 83 -93.52 8.38 -2.92
C GLY K 83 -92.38 7.97 -3.82
N VAL K 84 -92.50 8.22 -5.13
CA VAL K 84 -91.41 7.92 -6.06
C VAL K 84 -90.23 8.86 -5.83
N ALA K 85 -90.43 9.96 -5.10
CA ALA K 85 -89.33 10.89 -4.85
C ALA K 85 -88.19 10.22 -4.09
N GLY K 86 -88.53 9.44 -3.05
CA GLY K 86 -87.50 8.78 -2.28
C GLY K 86 -86.62 7.87 -3.11
N SER K 87 -87.19 7.27 -4.15
CA SER K 87 -86.39 6.42 -5.04
C SER K 87 -85.30 7.22 -5.72
N GLY K 88 -85.62 8.43 -6.20
CA GLY K 88 -84.61 9.25 -6.84
C GLY K 88 -83.50 9.66 -5.90
N ALA K 89 -83.86 10.07 -4.68
CA ALA K 89 -82.85 10.44 -3.71
C ALA K 89 -81.96 9.26 -3.35
N GLY K 90 -82.58 8.08 -3.15
CA GLY K 90 -81.78 6.90 -2.85
C GLY K 90 -80.85 6.51 -3.97
N ILE K 91 -81.32 6.60 -5.22
CA ILE K 91 -80.47 6.26 -6.36
C ILE K 91 -79.32 7.25 -6.49
N GLY K 92 -79.60 8.54 -6.33
CA GLY K 92 -78.53 9.52 -6.35
C GLY K 92 -77.51 9.27 -5.26
N THR K 93 -77.99 8.96 -4.05
CA THR K 93 -77.09 8.69 -2.93
C THR K 93 -76.22 7.47 -3.21
N VAL K 94 -76.82 6.39 -3.71
CA VAL K 94 -76.07 5.15 -3.91
C VAL K 94 -75.06 5.32 -5.03
N PHE K 95 -75.41 6.07 -6.08
CA PHE K 95 -74.46 6.27 -7.17
C PHE K 95 -73.32 7.20 -6.76
N GLY K 96 -73.63 8.25 -6.00
CA GLY K 96 -72.56 9.09 -5.48
C GLY K 96 -71.64 8.33 -4.54
N SER K 97 -72.21 7.46 -3.72
CA SER K 97 -71.39 6.61 -2.87
C SER K 97 -70.52 5.67 -3.68
N LEU K 98 -71.06 5.15 -4.78
CA LEU K 98 -70.25 4.34 -5.69
C LEU K 98 -69.08 5.15 -6.23
N ILE K 99 -69.34 6.41 -6.58
CA ILE K 99 -68.28 7.29 -7.07
C ILE K 99 -67.19 7.45 -6.01
N ILE K 100 -67.60 7.78 -4.78
CA ILE K 100 -66.62 8.06 -3.74
C ILE K 100 -65.88 6.79 -3.33
N GLY K 101 -66.55 5.63 -3.38
CA GLY K 101 -65.86 4.39 -3.08
C GLY K 101 -64.86 4.01 -4.13
N TYR K 102 -65.23 4.17 -5.41
CA TYR K 102 -64.30 3.88 -6.49
C TYR K 102 -63.13 4.87 -6.48
N ALA K 103 -63.35 6.05 -5.92
CA ALA K 103 -62.27 7.03 -5.79
C ALA K 103 -61.11 6.46 -4.96
N ARG K 104 -61.41 5.56 -4.04
CA ARG K 104 -60.36 4.94 -3.22
C ARG K 104 -59.88 3.62 -3.81
N ASN K 105 -60.80 2.69 -4.10
CA ASN K 105 -60.42 1.36 -4.56
C ASN K 105 -60.72 1.21 -6.05
N PRO K 106 -59.70 1.18 -6.91
CA PRO K 106 -59.93 0.97 -8.36
C PRO K 106 -60.33 -0.47 -8.67
N SER K 107 -61.55 -0.83 -8.26
CA SER K 107 -62.10 -2.16 -8.48
C SER K 107 -63.55 -2.06 -8.97
N LEU K 108 -63.77 -1.22 -9.98
CA LEU K 108 -65.12 -1.03 -10.49
C LEU K 108 -65.68 -2.32 -11.08
N LYS K 109 -64.85 -3.06 -11.82
CA LYS K 109 -65.28 -4.33 -12.41
C LYS K 109 -65.17 -5.44 -11.37
N GLN K 110 -66.02 -5.33 -10.36
CA GLN K 110 -65.99 -6.23 -9.22
C GLN K 110 -67.38 -6.25 -8.59
N GLN K 111 -67.46 -6.75 -7.35
CA GLN K 111 -68.73 -6.73 -6.62
C GLN K 111 -69.15 -5.32 -6.25
N LEU K 112 -68.25 -4.34 -6.40
CA LEU K 112 -68.61 -2.95 -6.14
C LEU K 112 -69.75 -2.50 -7.06
N PHE K 113 -69.53 -2.57 -8.37
CA PHE K 113 -70.58 -2.17 -9.30
C PHE K 113 -71.78 -3.11 -9.21
N SER K 114 -71.55 -4.38 -8.84
CA SER K 114 -72.64 -5.31 -8.66
C SER K 114 -73.60 -4.85 -7.57
N TYR K 115 -73.06 -4.50 -6.40
CA TYR K 115 -73.90 -4.03 -5.31
C TYR K 115 -74.47 -2.64 -5.60
N ALA K 116 -73.73 -1.82 -6.36
CA ALA K 116 -74.30 -0.53 -6.78
C ALA K 116 -75.55 -0.76 -7.63
N ILE K 117 -75.46 -1.68 -8.58
CA ILE K 117 -76.62 -2.01 -9.41
C ILE K 117 -77.73 -2.61 -8.57
N LEU K 118 -77.36 -3.43 -7.58
CA LEU K 118 -78.36 -4.00 -6.68
C LEU K 118 -79.13 -2.91 -5.94
N GLY K 119 -78.42 -1.95 -5.36
CA GLY K 119 -79.09 -0.87 -4.65
C GLY K 119 -79.93 0.00 -5.57
N PHE K 120 -79.39 0.32 -6.75
CA PHE K 120 -80.16 1.09 -7.72
C PHE K 120 -81.44 0.37 -8.11
N ALA K 121 -81.35 -0.94 -8.35
CA ALA K 121 -82.52 -1.72 -8.72
C ALA K 121 -83.54 -1.75 -7.58
N LEU K 122 -83.07 -1.91 -6.34
CA LEU K 122 -83.99 -1.92 -5.21
C LEU K 122 -84.72 -0.59 -5.07
N SER K 123 -83.98 0.52 -5.18
CA SER K 123 -84.61 1.83 -5.06
C SER K 123 -85.59 2.09 -6.19
N GLU K 124 -85.21 1.76 -7.43
CA GLU K 124 -86.10 1.96 -8.56
C GLU K 124 -87.33 1.07 -8.44
N ALA K 125 -87.16 -0.15 -7.95
CA ALA K 125 -88.29 -1.05 -7.76
C ALA K 125 -89.26 -0.51 -6.73
N MET K 126 -88.73 0.05 -5.63
CA MET K 126 -89.61 0.68 -4.65
C MET K 126 -90.37 1.85 -5.25
N GLY K 127 -89.67 2.69 -6.02
CA GLY K 127 -90.32 3.83 -6.65
C GLY K 127 -91.41 3.41 -7.62
N LEU K 128 -91.12 2.41 -8.45
CA LEU K 128 -92.12 1.93 -9.41
C LEU K 128 -93.24 1.17 -8.73
N PHE K 129 -92.99 0.54 -7.59
CA PHE K 129 -94.09 -0.04 -6.81
C PHE K 129 -95.03 1.06 -6.32
N CYS K 130 -94.47 2.17 -5.83
CA CYS K 130 -95.31 3.28 -5.44
C CYS K 130 -96.07 3.85 -6.64
N LEU K 131 -95.40 3.92 -7.80
CA LEU K 131 -96.06 4.37 -9.02
C LEU K 131 -97.20 3.45 -9.41
N MET K 132 -97.01 2.13 -9.28
CA MET K 132 -98.06 1.18 -9.58
C MET K 132 -99.24 1.32 -8.61
N VAL K 133 -98.94 1.59 -7.34
CA VAL K 133 -100.02 1.85 -6.39
C VAL K 133 -100.80 3.10 -6.81
N ALA K 134 -100.08 4.14 -7.23
CA ALA K 134 -100.75 5.35 -7.71
C ALA K 134 -101.62 5.06 -8.92
N PHE K 135 -101.12 4.25 -9.86
CA PHE K 135 -101.91 3.89 -11.04
C PHE K 135 -103.15 3.10 -10.66
N LEU K 136 -103.01 2.16 -9.72
CA LEU K 136 -104.17 1.40 -9.26
C LEU K 136 -105.20 2.31 -8.61
N ILE K 137 -104.73 3.33 -7.88
CA ILE K 137 -105.65 4.32 -7.34
C ILE K 137 -106.35 5.06 -8.47
N LEU K 138 -105.60 5.44 -9.50
CA LEU K 138 -106.18 6.18 -10.62
C LEU K 138 -107.24 5.35 -11.34
N PHE K 139 -106.96 4.07 -11.59
CA PHE K 139 -107.91 3.21 -12.28
C PHE K 139 -108.72 2.40 -11.28
N ILE L 68 -116.29 19.72 -11.26
CA ILE L 68 -115.46 19.54 -10.06
C ILE L 68 -114.24 18.70 -10.39
N ASP L 69 -114.33 17.92 -11.47
CA ASP L 69 -113.22 17.06 -11.86
C ASP L 69 -112.02 17.87 -12.32
N THR L 70 -112.25 19.03 -12.93
CA THR L 70 -111.14 19.90 -13.32
C THR L 70 -110.36 20.38 -12.09
N ALA L 71 -111.08 20.73 -11.03
CA ALA L 71 -110.44 21.12 -9.78
C ALA L 71 -109.61 19.98 -9.20
N ALA L 72 -110.15 18.77 -9.24
CA ALA L 72 -109.43 17.61 -8.75
C ALA L 72 -108.17 17.36 -9.57
N LYS L 73 -108.26 17.52 -10.90
CA LYS L 73 -107.09 17.38 -11.73
C LYS L 73 -106.04 18.42 -11.39
N PHE L 74 -106.48 19.66 -11.13
CA PHE L 74 -105.54 20.71 -10.74
C PHE L 74 -104.80 20.35 -9.46
N ILE L 75 -105.54 19.98 -8.42
CA ILE L 75 -104.89 19.71 -7.13
C ILE L 75 -104.03 18.45 -7.22
N GLY L 76 -104.49 17.44 -7.97
CA GLY L 76 -103.69 16.23 -8.12
C GLY L 76 -102.39 16.49 -8.86
N ALA L 77 -102.44 17.29 -9.93
CA ALA L 77 -101.22 17.66 -10.63
C ALA L 77 -100.30 18.48 -9.74
N GLY L 78 -100.87 19.36 -8.93
CA GLY L 78 -100.04 20.10 -7.98
C GLY L 78 -99.35 19.19 -6.98
N ALA L 79 -100.08 18.19 -6.48
CA ALA L 79 -99.49 17.23 -5.54
C ALA L 79 -98.47 16.33 -6.21
N ALA L 80 -98.75 15.89 -7.44
CA ALA L 80 -97.83 15.01 -8.14
C ALA L 80 -96.53 15.73 -8.49
N THR L 81 -96.57 17.06 -8.61
CA THR L 81 -95.36 17.81 -8.95
C THR L 81 -94.34 17.76 -7.82
N VAL L 82 -94.80 17.60 -6.57
CA VAL L 82 -93.89 17.64 -5.44
C VAL L 82 -93.01 16.40 -5.36
N GLY L 83 -93.33 15.36 -6.14
CA GLY L 83 -92.53 14.15 -6.14
C GLY L 83 -91.21 14.25 -6.86
N VAL L 84 -90.86 15.45 -7.37
CA VAL L 84 -89.56 15.66 -8.00
C VAL L 84 -88.51 16.08 -6.99
N ALA L 85 -88.90 16.41 -5.76
CA ALA L 85 -87.92 16.84 -4.76
C ALA L 85 -86.87 15.77 -4.51
N GLY L 86 -87.29 14.50 -4.48
CA GLY L 86 -86.34 13.42 -4.35
C GLY L 86 -85.35 13.38 -5.49
N SER L 87 -85.81 13.69 -6.70
CA SER L 87 -84.91 13.73 -7.85
C SER L 87 -83.84 14.82 -7.67
N GLY L 88 -84.26 16.00 -7.19
CA GLY L 88 -83.29 17.05 -6.93
C GLY L 88 -82.30 16.69 -5.84
N ALA L 89 -82.80 16.07 -4.76
CA ALA L 89 -81.89 15.63 -3.70
C ALA L 89 -80.90 14.60 -4.23
N GLY L 90 -81.37 13.66 -5.05
CA GLY L 90 -80.48 12.64 -5.59
C GLY L 90 -79.43 13.21 -6.52
N ILE L 91 -79.82 14.11 -7.43
CA ILE L 91 -78.85 14.68 -8.34
C ILE L 91 -77.83 15.52 -7.58
N GLY L 92 -78.29 16.31 -6.61
CA GLY L 92 -77.36 17.05 -5.77
C GLY L 92 -76.39 16.16 -5.04
N THR L 93 -76.88 15.07 -4.44
CA THR L 93 -76.02 14.16 -3.69
C THR L 93 -75.00 13.48 -4.61
N VAL L 94 -75.45 13.02 -5.79
CA VAL L 94 -74.54 12.28 -6.67
C VAL L 94 -73.45 13.20 -7.21
N PHE L 95 -73.82 14.43 -7.59
CA PHE L 95 -72.80 15.33 -8.10
C PHE L 95 -71.88 15.83 -6.98
N GLY L 96 -72.43 16.03 -5.78
CA GLY L 96 -71.59 16.38 -4.66
C GLY L 96 -70.58 15.30 -4.32
N SER L 97 -71.00 14.04 -4.39
CA SER L 97 -70.04 12.96 -4.20
C SER L 97 -69.07 12.88 -5.37
N LEU L 98 -69.50 13.31 -6.56
CA LEU L 98 -68.58 13.35 -7.70
C LEU L 98 -67.44 14.30 -7.45
N ILE L 99 -67.73 15.50 -6.93
CA ILE L 99 -66.66 16.48 -6.72
C ILE L 99 -65.65 15.95 -5.70
N ILE L 100 -66.14 15.36 -4.60
CA ILE L 100 -65.22 14.87 -3.59
C ILE L 100 -64.46 13.65 -4.09
N GLY L 101 -65.09 12.81 -4.91
CA GLY L 101 -64.38 11.68 -5.49
C GLY L 101 -63.26 12.11 -6.41
N TYR L 102 -63.50 13.13 -7.23
CA TYR L 102 -62.41 13.68 -8.04
C TYR L 102 -61.34 14.30 -7.17
N ALA L 103 -61.74 15.00 -6.10
CA ALA L 103 -60.75 15.60 -5.21
C ALA L 103 -59.84 14.55 -4.60
N ARG L 104 -60.41 13.42 -4.18
CA ARG L 104 -59.59 12.36 -3.61
C ARG L 104 -58.70 11.72 -4.67
N ASN L 105 -59.27 11.38 -5.82
CA ASN L 105 -58.52 10.72 -6.89
C ASN L 105 -58.63 11.51 -8.18
N PRO L 106 -57.55 12.12 -8.67
CA PRO L 106 -57.61 12.89 -9.93
C PRO L 106 -57.63 11.98 -11.16
N SER L 107 -58.71 11.21 -11.30
CA SER L 107 -58.95 10.35 -12.45
C SER L 107 -60.39 10.51 -12.93
N LEU L 108 -60.80 11.78 -13.10
CA LEU L 108 -62.22 12.07 -13.35
C LEU L 108 -62.67 11.53 -14.70
N LYS L 109 -61.84 11.67 -15.75
CA LYS L 109 -62.24 11.32 -17.10
C LYS L 109 -62.71 9.87 -17.21
N GLN L 110 -62.43 9.04 -16.20
CA GLN L 110 -62.77 7.63 -16.18
C GLN L 110 -64.20 7.39 -15.70
N GLN L 111 -64.47 6.14 -15.32
CA GLN L 111 -65.73 5.81 -14.67
C GLN L 111 -66.06 6.75 -13.52
N LEU L 112 -65.05 7.40 -12.93
CA LEU L 112 -65.31 8.34 -11.83
C LEU L 112 -66.31 9.42 -12.24
N PHE L 113 -66.32 9.79 -13.51
CA PHE L 113 -67.32 10.72 -14.04
C PHE L 113 -68.36 10.02 -14.90
N SER L 114 -68.01 8.91 -15.55
CA SER L 114 -68.98 8.19 -16.35
C SER L 114 -70.14 7.70 -15.49
N TYR L 115 -69.82 7.11 -14.34
CA TYR L 115 -70.85 6.62 -13.44
C TYR L 115 -71.62 7.77 -12.80
N ALA L 116 -70.97 8.92 -12.63
CA ALA L 116 -71.70 10.09 -12.15
C ALA L 116 -72.77 10.50 -13.15
N ILE L 117 -72.42 10.54 -14.44
CA ILE L 117 -73.40 10.86 -15.47
C ILE L 117 -74.49 9.81 -15.51
N LEU L 118 -74.11 8.53 -15.40
CA LEU L 118 -75.08 7.45 -15.39
C LEU L 118 -76.03 7.57 -14.21
N GLY L 119 -75.51 7.92 -13.04
CA GLY L 119 -76.35 8.10 -11.87
C GLY L 119 -77.30 9.27 -12.01
N PHE L 120 -76.82 10.37 -12.62
CA PHE L 120 -77.74 11.47 -12.93
C PHE L 120 -78.86 11.01 -13.85
N ALA L 121 -78.51 10.25 -14.89
CA ALA L 121 -79.52 9.79 -15.83
C ALA L 121 -80.54 8.86 -15.16
N LEU L 122 -80.06 7.98 -14.28
CA LEU L 122 -80.92 7.01 -13.62
C LEU L 122 -81.65 7.57 -12.40
N SER L 123 -81.25 8.74 -11.90
CA SER L 123 -81.92 9.36 -10.76
C SER L 123 -82.90 10.44 -11.17
N GLU L 124 -82.62 11.18 -12.26
CA GLU L 124 -83.59 12.13 -12.76
C GLU L 124 -84.84 11.44 -13.31
N ALA L 125 -84.78 10.13 -13.52
CA ALA L 125 -85.92 9.40 -14.08
C ALA L 125 -87.15 9.52 -13.18
N MET L 126 -86.96 9.46 -11.86
CA MET L 126 -88.09 9.56 -10.95
C MET L 126 -88.78 10.92 -11.06
N GLY L 127 -88.01 12.00 -11.15
CA GLY L 127 -88.61 13.32 -11.24
C GLY L 127 -89.43 13.50 -12.50
N LEU L 128 -88.88 13.10 -13.64
CA LEU L 128 -89.61 13.22 -14.90
C LEU L 128 -90.79 12.27 -14.95
N PHE L 129 -90.68 11.10 -14.32
CA PHE L 129 -91.82 10.20 -14.21
C PHE L 129 -92.95 10.85 -13.42
N CYS L 130 -92.62 11.47 -12.29
CA CYS L 130 -93.63 12.12 -11.48
C CYS L 130 -94.25 13.30 -12.21
N LEU L 131 -93.45 14.07 -12.94
CA LEU L 131 -94.00 15.18 -13.70
C LEU L 131 -94.85 14.70 -14.88
N MET L 132 -94.49 13.57 -15.48
CA MET L 132 -95.34 12.98 -16.51
C MET L 132 -96.68 12.55 -15.92
N VAL L 133 -96.66 11.97 -14.73
CA VAL L 133 -97.91 11.64 -14.04
C VAL L 133 -98.72 12.89 -13.76
N ALA L 134 -98.05 13.96 -13.33
CA ALA L 134 -98.74 15.22 -13.07
C ALA L 134 -99.37 15.78 -14.34
N PHE L 135 -98.65 15.72 -15.46
CA PHE L 135 -99.20 16.19 -16.72
C PHE L 135 -100.39 15.34 -17.17
N LEU L 136 -100.29 14.02 -17.00
CA LEU L 136 -101.40 13.14 -17.35
C LEU L 136 -102.63 13.46 -16.51
N ILE L 137 -102.43 13.71 -15.21
CA ILE L 137 -103.54 14.13 -14.37
C ILE L 137 -104.12 15.46 -14.84
N LEU L 138 -103.24 16.41 -15.15
CA LEU L 138 -103.69 17.72 -15.60
C LEU L 138 -104.41 17.64 -16.94
N PHE L 139 -103.91 16.82 -17.86
CA PHE L 139 -104.52 16.67 -19.17
C PHE L 139 -105.08 15.28 -19.35
N ILE M 68 -114.29 27.44 -6.93
CA ILE M 68 -113.78 26.09 -6.78
C ILE M 68 -112.54 25.87 -7.65
N ASP M 69 -112.66 26.23 -8.94
CA ASP M 69 -111.53 26.06 -9.85
C ASP M 69 -110.37 26.94 -9.45
N THR M 70 -110.63 28.19 -9.06
CA THR M 70 -109.57 29.08 -8.60
C THR M 70 -108.94 28.54 -7.32
N ALA M 71 -109.76 27.99 -6.41
CA ALA M 71 -109.22 27.36 -5.22
C ALA M 71 -108.31 26.20 -5.59
N ALA M 72 -108.71 25.41 -6.58
CA ALA M 72 -107.85 24.33 -7.05
C ALA M 72 -106.54 24.85 -7.62
N LYS M 73 -106.60 25.94 -8.38
CA LYS M 73 -105.39 26.55 -8.90
C LYS M 73 -104.44 26.93 -7.76
N PHE M 74 -104.98 27.60 -6.75
CA PHE M 74 -104.14 28.06 -5.63
C PHE M 74 -103.54 26.89 -4.87
N ILE M 75 -104.35 25.87 -4.55
CA ILE M 75 -103.84 24.76 -3.77
C ILE M 75 -102.84 23.94 -4.58
N GLY M 76 -103.10 23.76 -5.88
CA GLY M 76 -102.17 23.03 -6.72
C GLY M 76 -100.85 23.74 -6.86
N ALA M 77 -100.89 25.07 -7.02
CA ALA M 77 -99.64 25.82 -7.08
C ALA M 77 -98.88 25.74 -5.76
N GLY M 78 -99.60 25.89 -4.64
CA GLY M 78 -98.94 25.80 -3.34
C GLY M 78 -98.31 24.44 -3.10
N ALA M 79 -98.95 23.38 -3.59
CA ALA M 79 -98.34 22.06 -3.51
C ALA M 79 -97.13 21.96 -4.43
N ALA M 80 -97.28 22.36 -5.68
CA ALA M 80 -96.22 22.16 -6.66
C ALA M 80 -94.96 22.91 -6.30
N THR M 81 -95.09 24.10 -5.72
CA THR M 81 -93.91 24.87 -5.36
C THR M 81 -93.16 24.24 -4.19
N VAL M 82 -93.76 23.29 -3.48
CA VAL M 82 -93.05 22.62 -2.40
C VAL M 82 -92.06 21.61 -2.93
N GLY M 83 -92.19 21.20 -4.19
CA GLY M 83 -91.26 20.25 -4.79
C GLY M 83 -89.88 20.83 -5.07
N VAL M 84 -89.75 22.17 -5.03
CA VAL M 84 -88.45 22.81 -5.24
C VAL M 84 -87.55 22.67 -4.03
N ALA M 85 -88.08 22.22 -2.89
CA ALA M 85 -87.26 22.06 -1.69
C ALA M 85 -86.18 21.00 -1.90
N GLY M 86 -86.50 19.91 -2.58
CA GLY M 86 -85.51 18.89 -2.84
C GLY M 86 -84.36 19.39 -3.69
N SER M 87 -84.64 20.25 -4.66
CA SER M 87 -83.56 20.86 -5.43
C SER M 87 -82.71 21.78 -4.57
N GLY M 88 -83.32 22.48 -3.62
CA GLY M 88 -82.54 23.26 -2.67
C GLY M 88 -81.62 22.40 -1.83
N ALA M 89 -82.15 21.26 -1.37
CA ALA M 89 -81.31 20.32 -0.62
C ALA M 89 -80.17 19.81 -1.49
N GLY M 90 -80.45 19.54 -2.77
CA GLY M 90 -79.41 19.05 -3.66
C GLY M 90 -78.32 20.07 -3.91
N ILE M 91 -78.71 21.34 -4.15
CA ILE M 91 -77.69 22.37 -4.36
C ILE M 91 -76.90 22.59 -3.08
N GLY M 92 -77.56 22.52 -1.93
CA GLY M 92 -76.83 22.61 -0.67
C GLY M 92 -75.82 21.48 -0.52
N THR M 93 -76.23 20.25 -0.86
CA THR M 93 -75.34 19.11 -0.74
C THR M 93 -74.13 19.25 -1.66
N VAL M 94 -74.36 19.64 -2.92
CA VAL M 94 -73.25 19.71 -3.87
C VAL M 94 -72.31 20.86 -3.52
N PHE M 95 -72.87 22.00 -3.11
CA PHE M 95 -72.01 23.14 -2.77
C PHE M 95 -71.28 22.89 -1.47
N GLY M 96 -71.87 22.11 -0.55
CA GLY M 96 -71.11 21.68 0.61
C GLY M 96 -69.97 20.76 0.23
N SER M 97 -70.24 19.77 -0.62
CA SER M 97 -69.19 18.86 -1.03
C SER M 97 -68.08 19.59 -1.77
N LEU M 98 -68.41 20.72 -2.40
CA LEU M 98 -67.38 21.58 -3.00
C LEU M 98 -66.31 21.93 -1.97
N ILE M 99 -66.74 22.28 -0.75
CA ILE M 99 -65.79 22.82 0.22
C ILE M 99 -64.84 21.72 0.72
N ILE M 100 -65.37 20.51 0.93
CA ILE M 100 -64.49 19.42 1.36
C ILE M 100 -63.59 18.98 0.22
N GLY M 101 -64.07 19.00 -1.02
CA GLY M 101 -63.20 18.72 -2.15
C GLY M 101 -62.06 19.72 -2.24
N TYR M 102 -62.37 21.00 -2.02
CA TYR M 102 -61.34 22.04 -2.02
C TYR M 102 -60.37 21.85 -0.85
N ALA M 103 -60.88 21.49 0.32
CA ALA M 103 -60.02 21.28 1.48
C ALA M 103 -59.06 20.13 1.27
N ARG M 104 -59.54 19.03 0.69
CA ARG M 104 -58.65 17.90 0.44
C ARG M 104 -57.65 18.20 -0.67
N ASN M 105 -58.07 18.96 -1.68
CA ASN M 105 -57.22 19.28 -2.83
C ASN M 105 -57.36 20.75 -3.18
N PRO M 106 -56.35 21.57 -2.93
CA PRO M 106 -56.45 22.99 -3.31
C PRO M 106 -56.30 23.21 -4.81
N SER M 107 -57.31 22.81 -5.57
CA SER M 107 -57.37 22.99 -7.02
C SER M 107 -58.70 23.63 -7.40
N LEU M 108 -59.02 24.75 -6.74
CA LEU M 108 -60.36 25.33 -6.83
C LEU M 108 -60.76 25.65 -8.26
N LYS M 109 -59.88 26.31 -9.02
CA LYS M 109 -60.24 26.76 -10.36
C LYS M 109 -60.47 25.60 -11.33
N GLN M 110 -60.14 24.38 -10.92
CA GLN M 110 -60.25 23.19 -11.77
C GLN M 110 -61.66 22.61 -11.76
N GLN M 111 -61.74 21.35 -12.20
CA GLN M 111 -63.02 20.66 -12.26
C GLN M 111 -63.69 20.57 -10.89
N LEU M 112 -62.95 20.72 -9.79
CA LEU M 112 -63.56 20.77 -8.48
C LEU M 112 -64.69 21.80 -8.44
N PHE M 113 -64.43 23.01 -8.96
CA PHE M 113 -65.46 24.02 -9.03
C PHE M 113 -66.26 23.94 -10.32
N SER M 114 -65.65 23.45 -11.41
CA SER M 114 -66.39 23.34 -12.67
C SER M 114 -67.58 22.39 -12.52
N TYR M 115 -67.35 21.18 -12.02
CA TYR M 115 -68.43 20.23 -11.84
C TYR M 115 -69.37 20.64 -10.71
N ALA M 116 -68.88 21.40 -9.74
CA ALA M 116 -69.78 21.96 -8.73
C ALA M 116 -70.78 22.91 -9.36
N ILE M 117 -70.31 23.78 -10.25
CA ILE M 117 -71.22 24.67 -10.98
C ILE M 117 -72.15 23.87 -11.86
N LEU M 118 -71.63 22.81 -12.48
CA LEU M 118 -72.46 21.95 -13.31
C LEU M 118 -73.58 21.32 -12.50
N GLY M 119 -73.26 20.81 -11.31
CA GLY M 119 -74.27 20.21 -10.46
C GLY M 119 -75.27 21.22 -9.95
N PHE M 120 -74.80 22.42 -9.59
CA PHE M 120 -75.73 23.47 -9.18
C PHE M 120 -76.70 23.81 -10.31
N ALA M 121 -76.19 23.93 -11.53
CA ALA M 121 -77.06 24.21 -12.67
C ALA M 121 -78.04 23.07 -12.90
N LEU M 122 -77.58 21.82 -12.77
CA LEU M 122 -78.46 20.67 -12.98
C LEU M 122 -79.58 20.62 -11.94
N SER M 123 -79.25 20.86 -10.67
CA SER M 123 -80.28 20.82 -9.63
C SER M 123 -81.22 22.01 -9.73
N GLU M 124 -80.69 23.19 -10.08
CA GLU M 124 -81.56 24.34 -10.33
C GLU M 124 -82.49 24.07 -11.50
N ALA M 125 -82.01 23.36 -12.51
CA ALA M 125 -82.88 22.93 -13.60
C ALA M 125 -83.96 21.99 -13.10
N MET M 126 -83.59 21.03 -12.26
CA MET M 126 -84.56 20.11 -11.69
C MET M 126 -85.60 20.82 -10.84
N GLY M 127 -85.26 21.97 -10.27
CA GLY M 127 -86.20 22.73 -9.47
C GLY M 127 -87.10 23.66 -10.28
N LEU M 128 -86.50 24.37 -11.23
CA LEU M 128 -87.27 25.28 -12.07
C LEU M 128 -88.18 24.52 -13.02
N PHE M 129 -87.72 23.35 -13.52
CA PHE M 129 -88.57 22.51 -14.34
C PHE M 129 -89.71 21.90 -13.52
N CYS M 130 -89.59 21.94 -12.20
CA CYS M 130 -90.73 21.58 -11.34
C CYS M 130 -91.68 22.76 -11.19
N LEU M 131 -91.15 23.92 -10.80
CA LEU M 131 -92.00 25.10 -10.60
C LEU M 131 -92.64 25.59 -11.89
N MET M 132 -92.16 25.15 -13.05
CA MET M 132 -92.84 25.44 -14.30
C MET M 132 -94.26 24.88 -14.29
N VAL M 133 -94.45 23.72 -13.64
CA VAL M 133 -95.79 23.15 -13.52
C VAL M 133 -96.68 24.05 -12.67
N ALA M 134 -96.14 24.59 -11.57
CA ALA M 134 -96.91 25.51 -10.75
C ALA M 134 -97.27 26.76 -11.53
N PHE M 135 -96.33 27.28 -12.33
CA PHE M 135 -96.61 28.44 -13.16
C PHE M 135 -97.73 28.13 -14.16
N LEU M 136 -97.69 26.94 -14.78
CA LEU M 136 -98.75 26.55 -15.69
C LEU M 136 -100.08 26.44 -14.98
N ILE M 137 -100.09 25.89 -13.77
CA ILE M 137 -101.32 25.75 -13.00
C ILE M 137 -101.92 27.12 -12.70
N LEU M 138 -101.08 28.05 -12.25
CA LEU M 138 -101.59 29.38 -11.91
C LEU M 138 -102.15 30.10 -13.13
N PHE M 139 -101.68 29.76 -14.32
CA PHE M 139 -102.14 30.44 -15.53
C PHE M 139 -102.41 29.44 -16.66
N ILE N 68 -114.01 32.39 -0.57
CA ILE N 68 -113.54 31.08 -0.98
C ILE N 68 -112.12 31.18 -1.52
N ASP N 69 -111.85 32.20 -2.33
CA ASP N 69 -110.52 32.40 -2.87
C ASP N 69 -109.53 32.81 -1.77
N THR N 70 -110.02 33.51 -0.75
CA THR N 70 -109.16 33.82 0.40
C THR N 70 -108.77 32.54 1.13
N ALA N 71 -109.70 31.59 1.25
CA ALA N 71 -109.37 30.28 1.81
C ALA N 71 -108.31 29.58 0.97
N ALA N 72 -108.44 29.67 -0.35
CA ALA N 72 -107.44 29.09 -1.24
C ALA N 72 -106.07 29.73 -1.04
N LYS N 73 -106.04 31.06 -0.89
CA LYS N 73 -104.77 31.74 -0.65
C LYS N 73 -104.16 31.29 0.67
N PHE N 74 -104.98 31.13 1.71
CA PHE N 74 -104.48 30.65 2.99
C PHE N 74 -103.87 29.26 2.85
N ILE N 75 -104.58 28.36 2.18
CA ILE N 75 -104.07 26.99 2.01
C ILE N 75 -102.79 26.99 1.20
N GLY N 76 -102.75 27.76 0.11
CA GLY N 76 -101.55 27.82 -0.71
C GLY N 76 -100.36 28.38 0.04
N ALA N 77 -100.57 29.46 0.80
CA ALA N 77 -99.49 30.03 1.60
C ALA N 77 -99.00 29.04 2.64
N GLY N 78 -99.92 28.26 3.21
CA GLY N 78 -99.50 27.20 4.12
C GLY N 78 -98.63 26.16 3.44
N ALA N 79 -99.04 25.72 2.25
CA ALA N 79 -98.30 24.69 1.54
C ALA N 79 -97.02 25.24 0.92
N ALA N 80 -97.07 26.47 0.39
CA ALA N 80 -95.94 27.00 -0.35
C ALA N 80 -94.72 27.22 0.54
N THR N 81 -94.93 27.74 1.75
CA THR N 81 -93.81 28.12 2.61
C THR N 81 -92.96 26.93 3.02
N VAL N 82 -93.51 25.72 2.96
CA VAL N 82 -92.74 24.54 3.32
C VAL N 82 -91.58 24.34 2.36
N GLY N 83 -91.80 24.63 1.08
CA GLY N 83 -90.72 24.52 0.11
C GLY N 83 -89.54 25.40 0.44
N VAL N 84 -89.81 26.60 0.96
CA VAL N 84 -88.72 27.48 1.37
C VAL N 84 -87.98 26.91 2.57
N ALA N 85 -88.69 26.20 3.46
CA ALA N 85 -88.06 25.60 4.62
C ALA N 85 -87.27 24.35 4.27
N GLY N 86 -87.62 23.66 3.19
CA GLY N 86 -86.84 22.52 2.76
C GLY N 86 -85.41 22.88 2.40
N SER N 87 -85.20 24.13 1.98
CA SER N 87 -83.85 24.62 1.73
C SER N 87 -83.04 24.72 3.02
N GLY N 88 -83.69 24.68 4.18
CA GLY N 88 -82.96 24.71 5.44
C GLY N 88 -82.00 23.56 5.58
N ALA N 89 -82.37 22.38 5.08
CA ALA N 89 -81.46 21.25 5.10
C ALA N 89 -80.25 21.50 4.21
N GLY N 90 -80.44 22.26 3.13
CA GLY N 90 -79.33 22.55 2.24
C GLY N 90 -78.24 23.36 2.91
N ILE N 91 -78.63 24.44 3.61
CA ILE N 91 -77.64 25.23 4.32
C ILE N 91 -77.05 24.42 5.46
N GLY N 92 -77.82 23.49 6.04
CA GLY N 92 -77.26 22.61 7.04
C GLY N 92 -76.16 21.72 6.50
N THR N 93 -76.40 21.14 5.32
CA THR N 93 -75.36 20.33 4.68
C THR N 93 -74.15 21.19 4.32
N VAL N 94 -74.40 22.40 3.84
CA VAL N 94 -73.29 23.30 3.50
C VAL N 94 -72.44 23.57 4.73
N PHE N 95 -73.07 23.93 5.85
CA PHE N 95 -72.33 24.24 7.07
C PHE N 95 -71.64 23.01 7.63
N GLY N 96 -72.26 21.83 7.51
CA GLY N 96 -71.60 20.62 7.97
C GLY N 96 -70.37 20.28 7.17
N SER N 97 -70.47 20.41 5.85
CA SER N 97 -69.29 20.19 5.01
C SER N 97 -68.23 21.25 5.30
N LEU N 98 -68.66 22.47 5.63
CA LEU N 98 -67.71 23.48 6.09
C LEU N 98 -67.00 23.05 7.36
N ILE N 99 -67.75 22.44 8.29
CA ILE N 99 -67.17 21.89 9.50
C ILE N 99 -66.07 20.89 9.15
N ILE N 100 -66.40 19.95 8.26
CA ILE N 100 -65.44 18.91 7.91
C ILE N 100 -64.21 19.52 7.25
N GLY N 101 -64.42 20.46 6.31
CA GLY N 101 -63.29 21.05 5.62
C GLY N 101 -62.39 21.84 6.55
N TYR N 102 -62.98 22.62 7.45
CA TYR N 102 -62.18 23.37 8.42
C TYR N 102 -61.46 22.43 9.37
N ALA N 103 -62.08 21.29 9.67
CA ALA N 103 -61.41 20.28 10.49
C ALA N 103 -60.18 19.73 9.78
N ARG N 104 -60.28 19.51 8.47
CA ARG N 104 -59.15 18.97 7.73
C ARG N 104 -58.04 20.01 7.59
N ASN N 105 -58.34 21.15 6.96
CA ASN N 105 -57.37 22.22 6.72
C ASN N 105 -57.90 23.50 7.34
N PRO N 106 -57.58 23.77 8.60
CA PRO N 106 -58.12 24.97 9.27
C PRO N 106 -57.55 26.27 8.71
N SER N 107 -58.35 26.98 7.93
CA SER N 107 -57.97 28.32 7.45
C SER N 107 -59.29 29.03 7.11
N LEU N 108 -59.73 29.91 8.02
CA LEU N 108 -61.02 30.57 7.84
C LEU N 108 -60.97 31.58 6.71
N LYS N 109 -59.87 32.34 6.60
CA LYS N 109 -59.73 33.32 5.54
C LYS N 109 -59.60 32.68 4.16
N GLN N 110 -59.37 31.37 4.09
CA GLN N 110 -59.25 30.69 2.81
C GLN N 110 -60.60 30.65 2.10
N GLN N 111 -60.61 30.10 0.89
CA GLN N 111 -61.82 30.03 0.08
C GLN N 111 -62.90 29.15 0.68
N LEU N 112 -62.62 28.45 1.78
CA LEU N 112 -63.62 27.60 2.40
C LEU N 112 -64.83 28.42 2.85
N PHE N 113 -64.58 29.50 3.61
CA PHE N 113 -65.68 30.30 4.11
C PHE N 113 -66.44 30.97 2.97
N SER N 114 -65.73 31.42 1.93
CA SER N 114 -66.40 32.02 0.78
C SER N 114 -67.29 31.01 0.07
N TYR N 115 -66.80 29.78 -0.12
CA TYR N 115 -67.61 28.75 -0.76
C TYR N 115 -68.83 28.42 0.08
N ALA N 116 -68.65 28.32 1.39
CA ALA N 116 -69.77 28.04 2.28
C ALA N 116 -70.81 29.15 2.22
N ILE N 117 -70.36 30.40 2.21
CA ILE N 117 -71.27 31.54 2.11
C ILE N 117 -72.02 31.50 0.79
N LEU N 118 -71.31 31.18 -0.30
CA LEU N 118 -71.96 31.11 -1.60
C LEU N 118 -73.02 30.00 -1.65
N GLY N 119 -72.70 28.84 -1.09
CA GLY N 119 -73.68 27.75 -1.07
C GLY N 119 -74.89 28.10 -0.23
N PHE N 120 -74.67 28.68 0.95
CA PHE N 120 -75.79 29.10 1.80
C PHE N 120 -76.63 30.16 1.10
N ALA N 121 -75.97 31.10 0.42
CA ALA N 121 -76.69 32.13 -0.29
C ALA N 121 -77.54 31.55 -1.42
N LEU N 122 -77.00 30.57 -2.14
CA LEU N 122 -77.77 29.94 -3.21
C LEU N 122 -78.97 29.17 -2.66
N SER N 123 -78.77 28.43 -1.58
CA SER N 123 -79.88 27.70 -0.98
C SER N 123 -80.96 28.65 -0.46
N GLU N 124 -80.54 29.73 0.21
CA GLU N 124 -81.50 30.71 0.70
C GLU N 124 -82.15 31.47 -0.44
N ALA N 125 -81.47 31.61 -1.58
CA ALA N 125 -82.08 32.21 -2.76
C ALA N 125 -83.18 31.31 -3.32
N MET N 126 -82.93 30.00 -3.36
CA MET N 126 -83.98 29.06 -3.73
C MET N 126 -85.17 29.19 -2.77
N GLY N 127 -84.89 29.24 -1.48
CA GLY N 127 -85.96 29.38 -0.50
C GLY N 127 -86.74 30.67 -0.66
N LEU N 128 -86.05 31.78 -0.90
CA LEU N 128 -86.72 33.07 -1.05
C LEU N 128 -87.46 33.16 -2.37
N PHE N 129 -87.00 32.44 -3.40
CA PHE N 129 -87.76 32.38 -4.65
C PHE N 129 -89.05 31.58 -4.45
N CYS N 130 -88.98 30.48 -3.70
CA CYS N 130 -90.21 29.78 -3.33
C CYS N 130 -91.13 30.68 -2.50
N LEU N 131 -90.55 31.47 -1.60
CA LEU N 131 -91.34 32.40 -0.80
C LEU N 131 -91.96 33.50 -1.67
N MET N 132 -91.26 33.92 -2.73
CA MET N 132 -91.83 34.87 -3.67
C MET N 132 -93.00 34.26 -4.42
N VAL N 133 -92.89 32.98 -4.77
CA VAL N 133 -94.03 32.27 -5.33
C VAL N 133 -95.19 32.26 -4.34
N ALA N 134 -94.89 32.05 -3.06
CA ALA N 134 -95.92 32.10 -2.03
C ALA N 134 -96.57 33.47 -1.96
N PHE N 135 -95.77 34.54 -2.04
CA PHE N 135 -96.30 35.89 -2.03
C PHE N 135 -97.20 36.13 -3.25
N LEU N 136 -96.79 35.62 -4.41
CA LEU N 136 -97.64 35.71 -5.60
C LEU N 136 -98.97 34.99 -5.36
N ILE N 137 -98.93 33.86 -4.66
CA ILE N 137 -100.16 33.17 -4.27
C ILE N 137 -101.00 34.08 -3.39
N LEU N 138 -100.37 34.75 -2.42
CA LEU N 138 -101.09 35.65 -1.54
C LEU N 138 -101.64 36.85 -2.31
N PHE N 139 -100.87 37.38 -3.26
CA PHE N 139 -101.30 38.51 -4.06
C PHE N 139 -101.45 38.13 -5.53
N ILE O 68 -115.48 28.70 7.38
CA ILE O 68 -114.60 28.07 6.40
C ILE O 68 -113.24 28.77 6.40
N ASP O 69 -113.25 30.08 6.70
CA ASP O 69 -111.99 30.81 6.78
C ASP O 69 -111.12 30.27 7.90
N THR O 70 -111.72 30.00 9.07
CA THR O 70 -110.97 29.37 10.15
C THR O 70 -110.51 27.98 9.74
N ALA O 71 -111.34 27.25 9.01
CA ALA O 71 -110.94 25.94 8.51
C ALA O 71 -109.73 26.03 7.60
N ALA O 72 -109.75 27.00 6.68
CA ALA O 72 -108.62 27.19 5.77
C ALA O 72 -107.36 27.59 6.53
N LYS O 73 -107.50 28.47 7.52
CA LYS O 73 -106.34 28.85 8.32
C LYS O 73 -105.78 27.65 9.09
N PHE O 74 -106.67 26.80 9.61
CA PHE O 74 -106.22 25.60 10.30
C PHE O 74 -105.44 24.68 9.37
N ILE O 75 -106.00 24.39 8.19
CA ILE O 75 -105.32 23.45 7.29
C ILE O 75 -104.03 24.05 6.77
N GLY O 76 -104.00 25.37 6.53
CA GLY O 76 -102.77 26.01 6.09
C GLY O 76 -101.70 25.98 7.15
N ALA O 77 -102.06 26.28 8.40
CA ALA O 77 -101.08 26.22 9.49
C ALA O 77 -100.57 24.80 9.68
N GLY O 78 -101.45 23.80 9.57
CA GLY O 78 -101.00 22.42 9.64
C GLY O 78 -100.05 22.07 8.51
N ALA O 79 -100.36 22.52 7.29
CA ALA O 79 -99.47 22.29 6.16
C ALA O 79 -98.14 23.01 6.36
N ALA O 80 -98.19 24.25 6.83
CA ALA O 80 -96.96 25.04 6.99
C ALA O 80 -96.04 24.47 8.06
N THR O 81 -96.56 23.66 8.98
CA THR O 81 -95.72 23.07 10.01
C THR O 81 -94.83 21.95 9.48
N VAL O 82 -95.04 21.51 8.24
CA VAL O 82 -94.18 20.48 7.66
C VAL O 82 -92.76 21.01 7.50
N GLY O 83 -92.60 22.32 7.33
CA GLY O 83 -91.28 22.90 7.13
C GLY O 83 -90.32 22.68 8.29
N VAL O 84 -90.85 22.35 9.48
CA VAL O 84 -90.00 22.02 10.61
C VAL O 84 -89.15 20.79 10.31
N ALA O 85 -89.62 19.91 9.43
CA ALA O 85 -88.86 18.72 9.09
C ALA O 85 -87.49 19.06 8.51
N GLY O 86 -87.44 20.08 7.65
CA GLY O 86 -86.15 20.50 7.10
C GLY O 86 -85.21 21.01 8.17
N SER O 87 -85.74 21.72 9.16
CA SER O 87 -84.91 22.23 10.24
C SER O 87 -84.29 21.09 11.04
N GLY O 88 -85.08 20.05 11.33
CA GLY O 88 -84.55 18.92 12.07
C GLY O 88 -83.44 18.21 11.32
N ALA O 89 -83.65 17.98 10.02
CA ALA O 89 -82.61 17.34 9.21
C ALA O 89 -81.35 18.19 9.15
N GLY O 90 -81.51 19.50 8.98
CA GLY O 90 -80.35 20.38 8.95
C GLY O 90 -79.58 20.40 10.26
N ILE O 91 -80.30 20.44 11.39
CA ILE O 91 -79.65 20.43 12.69
C ILE O 91 -78.93 19.10 12.91
N GLY O 92 -79.57 17.99 12.54
CA GLY O 92 -78.91 16.70 12.63
C GLY O 92 -77.64 16.65 11.80
N THR O 93 -77.71 17.18 10.58
CA THR O 93 -76.55 17.18 9.69
C THR O 93 -75.41 18.00 10.26
N VAL O 94 -75.71 19.22 10.74
CA VAL O 94 -74.64 20.09 11.23
C VAL O 94 -74.01 19.49 12.49
N PHE O 95 -74.83 18.97 13.40
CA PHE O 95 -74.27 18.38 14.61
C PHE O 95 -73.49 17.12 14.29
N GLY O 96 -73.94 16.33 13.32
CA GLY O 96 -73.20 15.14 12.93
C GLY O 96 -71.86 15.47 12.31
N SER O 97 -71.84 16.49 11.47
CA SER O 97 -70.56 16.93 10.89
C SER O 97 -69.65 17.51 11.96
N LEU O 98 -70.23 18.17 12.97
CA LEU O 98 -69.43 18.60 14.12
C LEU O 98 -68.82 17.40 14.82
N ILE O 99 -69.60 16.34 15.00
CA ILE O 99 -69.09 15.12 15.63
C ILE O 99 -67.93 14.55 14.83
N ILE O 100 -68.11 14.41 13.51
CA ILE O 100 -67.07 13.80 12.68
C ILE O 100 -65.85 14.70 12.57
N GLY O 101 -66.02 16.03 12.62
CA GLY O 101 -64.88 16.91 12.63
C GLY O 101 -64.10 16.83 13.92
N TYR O 102 -64.80 16.77 15.05
CA TYR O 102 -64.13 16.61 16.34
C TYR O 102 -63.37 15.30 16.39
N ALA O 103 -63.97 14.23 15.87
CA ALA O 103 -63.24 12.95 15.77
C ALA O 103 -62.06 13.07 14.81
N ARG O 104 -62.18 13.93 13.80
CA ARG O 104 -61.12 14.09 12.81
C ARG O 104 -59.95 14.89 13.37
N ASN O 105 -60.23 15.91 14.18
CA ASN O 105 -59.19 16.80 14.65
C ASN O 105 -59.57 17.34 16.03
N PRO O 106 -58.61 17.53 16.92
CA PRO O 106 -58.91 18.03 18.27
C PRO O 106 -59.09 19.55 18.37
N SER O 107 -59.24 20.25 17.24
CA SER O 107 -59.46 21.69 17.24
C SER O 107 -60.94 22.05 17.39
N LEU O 108 -61.71 21.20 18.07
CA LEU O 108 -63.15 21.42 18.21
C LEU O 108 -63.45 22.72 18.94
N LYS O 109 -62.73 22.99 20.02
CA LYS O 109 -62.99 24.16 20.86
C LYS O 109 -62.68 25.45 20.12
N GLN O 110 -62.00 25.34 18.98
CA GLN O 110 -61.72 26.48 18.13
C GLN O 110 -62.94 26.83 17.29
N GLN O 111 -62.74 27.63 16.25
CA GLN O 111 -63.83 28.05 15.36
C GLN O 111 -64.65 26.87 14.84
N LEU O 112 -64.16 25.64 14.99
CA LEU O 112 -64.90 24.46 14.57
C LEU O 112 -66.29 24.42 15.23
N PHE O 113 -66.34 24.60 16.55
CA PHE O 113 -67.62 24.57 17.25
C PHE O 113 -68.45 25.80 16.91
N SER O 114 -67.81 26.94 16.71
CA SER O 114 -68.53 28.16 16.37
C SER O 114 -69.23 28.03 15.03
N TYR O 115 -68.60 27.34 14.08
CA TYR O 115 -69.23 27.11 12.77
C TYR O 115 -70.49 26.28 12.92
N ALA O 116 -70.45 25.25 13.77
CA ALA O 116 -71.64 24.45 14.02
C ALA O 116 -72.72 25.29 14.70
N ILE O 117 -72.31 26.16 15.62
CA ILE O 117 -73.27 27.03 16.30
C ILE O 117 -73.97 27.93 15.28
N LEU O 118 -73.19 28.51 14.36
CA LEU O 118 -73.78 29.36 13.32
C LEU O 118 -74.68 28.55 12.38
N GLY O 119 -74.27 27.35 12.02
CA GLY O 119 -75.10 26.52 11.17
C GLY O 119 -76.44 26.19 11.82
N PHE O 120 -76.42 25.89 13.12
CA PHE O 120 -77.67 25.72 13.86
C PHE O 120 -78.48 27.00 13.87
N ALA O 121 -77.83 28.12 14.19
CA ALA O 121 -78.52 29.40 14.29
C ALA O 121 -79.06 29.88 12.96
N LEU O 122 -78.64 29.29 11.85
CA LEU O 122 -79.20 29.58 10.54
C LEU O 122 -80.28 28.59 10.13
N SER O 123 -80.01 27.28 10.22
CA SER O 123 -81.01 26.30 9.81
C SER O 123 -82.23 26.32 10.72
N GLU O 124 -82.02 26.32 12.04
CA GLU O 124 -83.14 26.44 12.95
C GLU O 124 -83.79 27.81 12.86
N ALA O 125 -83.06 28.84 12.44
CA ALA O 125 -83.69 30.13 12.17
C ALA O 125 -84.68 30.02 11.01
N MET O 126 -84.29 29.31 9.95
CA MET O 126 -85.23 29.07 8.86
C MET O 126 -86.42 28.25 9.32
N GLY O 127 -86.18 27.25 10.16
CA GLY O 127 -87.28 26.48 10.72
C GLY O 127 -88.23 27.32 11.55
N LEU O 128 -87.68 28.22 12.37
CA LEU O 128 -88.50 29.12 13.17
C LEU O 128 -89.23 30.12 12.28
N PHE O 129 -88.62 30.52 11.17
CA PHE O 129 -89.33 31.37 10.21
C PHE O 129 -90.54 30.64 9.63
N CYS O 130 -90.37 29.37 9.27
CA CYS O 130 -91.51 28.59 8.79
C CYS O 130 -92.57 28.45 9.88
N LEU O 131 -92.15 28.24 11.12
CA LEU O 131 -93.09 28.16 12.24
C LEU O 131 -93.82 29.48 12.43
N MET O 132 -93.11 30.60 12.27
CA MET O 132 -93.74 31.92 12.35
C MET O 132 -94.77 32.10 11.24
N VAL O 133 -94.45 31.64 10.03
CA VAL O 133 -95.43 31.70 8.94
C VAL O 133 -96.66 30.88 9.30
N ALA O 134 -96.45 29.68 9.87
CA ALA O 134 -97.58 28.86 10.28
C ALA O 134 -98.43 29.56 11.33
N PHE O 135 -97.78 30.20 12.30
CA PHE O 135 -98.52 30.93 13.34
C PHE O 135 -99.31 32.09 12.74
N LEU O 136 -98.69 32.83 11.81
CA LEU O 136 -99.37 33.96 11.18
C LEU O 136 -100.58 33.50 10.38
N ILE O 137 -100.44 32.38 9.66
CA ILE O 137 -101.58 31.83 8.94
C ILE O 137 -102.66 31.39 9.91
N LEU O 138 -102.25 30.79 11.04
CA LEU O 138 -103.22 30.40 12.06
C LEU O 138 -103.95 31.60 12.63
N PHE O 139 -103.23 32.70 12.84
CA PHE O 139 -103.83 33.91 13.39
C PHE O 139 -103.74 35.07 12.39
N ILE P 68 -117.57 20.73 10.33
CA ILE P 68 -116.54 20.81 9.29
C ILE P 68 -115.27 21.41 9.89
N ASP P 69 -115.43 22.25 10.91
CA ASP P 69 -114.27 22.81 11.59
C ASP P 69 -113.45 21.72 12.28
N THR P 70 -114.14 20.73 12.88
CA THR P 70 -113.43 19.59 13.44
C THR P 70 -112.68 18.83 12.36
N ALA P 71 -113.30 18.68 11.19
CA ALA P 71 -112.62 18.04 10.07
C ALA P 71 -111.37 18.81 9.66
N ALA P 72 -111.47 20.14 9.62
CA ALA P 72 -110.31 20.96 9.30
C ALA P 72 -109.21 20.81 10.33
N LYS P 73 -109.57 20.79 11.62
CA LYS P 73 -108.57 20.59 12.65
C LYS P 73 -107.90 19.23 12.51
N PHE P 74 -108.69 18.20 12.20
CA PHE P 74 -108.13 16.87 12.02
C PHE P 74 -107.14 16.83 10.86
N ILE P 75 -107.52 17.40 9.72
CA ILE P 75 -106.64 17.35 8.56
C ILE P 75 -105.41 18.21 8.78
N GLY P 76 -105.55 19.35 9.47
CA GLY P 76 -104.39 20.16 9.79
C GLY P 76 -103.43 19.46 10.73
N ALA P 77 -103.96 18.78 11.75
CA ALA P 77 -103.11 18.00 12.65
C ALA P 77 -102.41 16.88 11.89
N GLY P 78 -103.12 16.21 10.98
CA GLY P 78 -102.49 15.21 10.14
C GLY P 78 -101.38 15.79 9.28
N ALA P 79 -101.59 16.99 8.77
CA ALA P 79 -100.56 17.63 7.95
C ALA P 79 -99.36 18.05 8.80
N ALA P 80 -99.62 18.65 9.96
CA ALA P 80 -98.52 19.08 10.82
C ALA P 80 -97.70 17.93 11.37
N THR P 81 -98.24 16.71 11.35
CA THR P 81 -97.50 15.56 11.85
C THR P 81 -96.30 15.22 10.96
N VAL P 82 -96.31 15.68 9.70
CA VAL P 82 -95.21 15.37 8.80
C VAL P 82 -93.90 16.00 9.26
N GLY P 83 -93.98 17.19 9.85
CA GLY P 83 -92.78 17.94 10.22
C GLY P 83 -91.88 17.26 11.23
N VAL P 84 -92.29 16.10 11.74
CA VAL P 84 -91.46 15.35 12.67
C VAL P 84 -90.65 14.26 11.98
N ALA P 85 -90.96 13.95 10.71
CA ALA P 85 -90.14 13.00 9.96
C ALA P 85 -88.71 13.52 9.79
N GLY P 86 -88.59 14.82 9.53
CA GLY P 86 -87.27 15.42 9.44
C GLY P 86 -86.48 15.30 10.73
N SER P 87 -87.17 15.35 11.87
CA SER P 87 -86.49 15.11 13.13
C SER P 87 -85.92 13.70 13.20
N GLY P 88 -86.68 12.72 12.73
CA GLY P 88 -86.17 11.36 12.68
C GLY P 88 -84.98 11.22 11.75
N ALA P 89 -85.06 11.86 10.58
CA ALA P 89 -83.92 11.82 9.66
C ALA P 89 -82.69 12.46 10.29
N GLY P 90 -82.88 13.59 10.96
CA GLY P 90 -81.76 14.26 11.60
C GLY P 90 -81.13 13.46 12.71
N ILE P 91 -81.96 12.83 13.56
CA ILE P 91 -81.39 12.04 14.64
C ILE P 91 -80.69 10.80 14.07
N GLY P 92 -81.25 10.19 13.02
CA GLY P 92 -80.56 9.08 12.39
C GLY P 92 -79.21 9.49 11.83
N THR P 93 -79.16 10.64 11.14
CA THR P 93 -77.90 11.11 10.58
C THR P 93 -76.88 11.42 11.67
N VAL P 94 -77.32 12.07 12.75
CA VAL P 94 -76.37 12.46 13.79
C VAL P 94 -75.85 11.22 14.53
N PHE P 95 -76.71 10.22 14.75
CA PHE P 95 -76.24 9.00 15.39
C PHE P 95 -75.30 8.23 14.49
N GLY P 96 -75.61 8.22 13.19
CA GLY P 96 -74.70 7.58 12.23
C GLY P 96 -73.36 8.29 12.26
N SER P 97 -73.38 9.62 12.26
CA SER P 97 -72.10 10.38 12.38
C SER P 97 -71.37 9.90 13.62
N LEU P 98 -72.06 9.90 14.76
CA LEU P 98 -71.42 9.46 16.00
C LEU P 98 -70.76 8.11 15.81
N ILE P 99 -71.44 7.22 15.07
CA ILE P 99 -70.86 5.87 14.79
C ILE P 99 -69.53 6.05 14.05
N ILE P 100 -69.53 6.74 12.91
CA ILE P 100 -68.28 6.84 12.10
C ILE P 100 -67.22 7.62 12.87
N GLY P 101 -67.61 8.60 13.69
CA GLY P 101 -66.59 9.31 14.46
C GLY P 101 -65.94 8.44 15.50
N TYR P 102 -66.74 7.65 16.23
CA TYR P 102 -66.18 6.70 17.17
C TYR P 102 -65.34 5.66 16.46
N ALA P 103 -65.74 5.29 15.24
CA ALA P 103 -64.91 4.37 14.45
C ALA P 103 -63.55 4.99 14.15
N ARG P 104 -63.52 6.26 13.77
CA ARG P 104 -62.25 6.91 13.45
C ARG P 104 -61.46 7.24 14.70
N ASN P 105 -62.12 7.66 15.78
CA ASN P 105 -61.44 8.13 16.98
C ASN P 105 -61.86 7.27 18.17
N PRO P 106 -60.92 6.64 18.88
CA PRO P 106 -61.29 5.84 20.05
C PRO P 106 -61.92 6.64 21.16
N SER P 107 -61.76 7.96 21.17
CA SER P 107 -62.44 8.82 22.13
C SER P 107 -63.93 8.56 22.13
N LEU P 108 -64.46 8.12 23.27
CA LEU P 108 -65.84 7.65 23.36
C LEU P 108 -66.72 8.54 24.22
N LYS P 109 -66.38 8.72 25.49
CA LYS P 109 -67.20 9.51 26.41
C LYS P 109 -66.78 10.96 26.47
N GLN P 110 -65.93 11.40 25.55
CA GLN P 110 -65.51 12.79 25.47
C GLN P 110 -66.59 13.59 24.76
N GLN P 111 -66.26 14.82 24.35
CA GLN P 111 -67.24 15.71 23.72
C GLN P 111 -67.97 15.05 22.56
N LEU P 112 -67.43 13.94 22.03
CA LEU P 112 -68.09 13.21 20.95
C LEU P 112 -69.49 12.78 21.38
N PHE P 113 -69.57 11.92 22.41
CA PHE P 113 -70.86 11.39 22.83
C PHE P 113 -71.77 12.47 23.39
N SER P 114 -71.22 13.40 24.16
CA SER P 114 -72.03 14.47 24.74
C SER P 114 -72.66 15.33 23.66
N TYR P 115 -71.88 15.68 22.63
CA TYR P 115 -72.41 16.50 21.56
C TYR P 115 -73.37 15.70 20.67
N ALA P 116 -73.15 14.39 20.53
CA ALA P 116 -74.11 13.56 19.83
C ALA P 116 -75.45 13.57 20.54
N ILE P 117 -75.43 13.42 21.87
CA ILE P 117 -76.65 13.47 22.65
C ILE P 117 -77.29 14.85 22.56
N LEU P 118 -76.47 15.89 22.54
CA LEU P 118 -76.99 17.26 22.43
C LEU P 118 -77.70 17.46 21.09
N GLY P 119 -77.09 16.98 20.00
CA GLY P 119 -77.74 17.09 18.70
C GLY P 119 -79.02 16.29 18.62
N PHE P 120 -79.02 15.07 19.18
CA PHE P 120 -80.24 14.28 19.24
C PHE P 120 -81.32 15.02 20.01
N ALA P 121 -80.96 15.60 21.15
CA ALA P 121 -81.93 16.34 21.96
C ALA P 121 -82.49 17.52 21.20
N LEU P 122 -81.62 18.26 20.50
CA LEU P 122 -82.08 19.43 19.77
C LEU P 122 -83.02 19.05 18.64
N SER P 123 -82.65 18.04 17.84
CA SER P 123 -83.49 17.63 16.73
C SER P 123 -84.82 17.07 17.22
N GLU P 124 -84.79 16.22 18.26
CA GLU P 124 -86.03 15.67 18.77
C GLU P 124 -86.87 16.72 19.46
N ALA P 125 -86.25 17.77 20.00
CA ALA P 125 -87.01 18.87 20.58
C ALA P 125 -87.72 19.68 19.49
N MET P 126 -87.05 19.89 18.36
CA MET P 126 -87.72 20.56 17.25
C MET P 126 -88.89 19.72 16.75
N GLY P 127 -88.69 18.40 16.62
CA GLY P 127 -89.78 17.53 16.23
C GLY P 127 -90.92 17.54 17.24
N LEU P 128 -90.57 17.57 18.53
CA LEU P 128 -91.59 17.61 19.58
C LEU P 128 -92.36 18.92 19.54
N PHE P 129 -91.69 20.02 19.23
CA PHE P 129 -92.38 21.30 19.09
C PHE P 129 -93.35 21.26 17.90
N CYS P 130 -92.91 20.65 16.79
CA CYS P 130 -93.81 20.50 15.65
C CYS P 130 -95.03 19.66 16.03
N LEU P 131 -94.82 18.56 16.75
CA LEU P 131 -95.94 17.74 17.19
C LEU P 131 -96.82 18.49 18.19
N MET P 132 -96.22 19.38 19.01
CA MET P 132 -96.99 20.20 19.92
C MET P 132 -97.89 21.16 19.16
N VAL P 133 -97.38 21.76 18.09
CA VAL P 133 -98.22 22.61 17.24
C VAL P 133 -99.33 21.79 16.61
N ALA P 134 -99.02 20.55 16.21
CA ALA P 134 -100.04 19.67 15.68
C ALA P 134 -101.13 19.40 16.70
N PHE P 135 -100.73 19.16 17.96
CA PHE P 135 -101.70 18.95 19.03
C PHE P 135 -102.54 20.20 19.27
N LEU P 136 -101.90 21.37 19.25
CA LEU P 136 -102.63 22.61 19.45
C LEU P 136 -103.69 22.81 18.37
N ILE P 137 -103.34 22.49 17.12
CA ILE P 137 -104.34 22.51 16.05
C ILE P 137 -105.42 21.47 16.34
N LEU P 138 -105.02 20.29 16.80
CA LEU P 138 -105.98 19.24 17.12
C LEU P 138 -106.89 19.66 18.28
N PHE P 139 -106.31 20.29 19.29
CA PHE P 139 -107.09 20.72 20.45
C PHE P 139 -107.05 22.24 20.59
N ILE Q 68 -119.18 14.22 8.23
CA ILE Q 68 -118.02 14.71 7.50
C ILE Q 68 -116.75 14.41 8.29
N ASP Q 69 -116.92 14.18 9.60
CA ASP Q 69 -115.77 13.83 10.44
C ASP Q 69 -115.17 12.49 10.02
N THR Q 70 -116.02 11.51 9.73
CA THR Q 70 -115.52 10.21 9.27
C THR Q 70 -114.79 10.36 7.94
N ALA Q 71 -115.21 11.30 7.09
CA ALA Q 71 -114.45 11.61 5.89
C ALA Q 71 -113.09 12.20 6.24
N ALA Q 72 -113.05 13.06 7.27
CA ALA Q 72 -111.79 13.64 7.70
C ALA Q 72 -110.84 12.59 8.30
N LYS Q 73 -111.37 11.50 8.85
CA LYS Q 73 -110.53 10.51 9.49
C LYS Q 73 -109.49 9.94 8.52
N PHE Q 74 -109.94 9.55 7.33
CA PHE Q 74 -109.04 8.88 6.39
C PHE Q 74 -107.97 9.84 5.87
N ILE Q 75 -108.35 11.06 5.50
CA ILE Q 75 -107.37 12.01 5.00
C ILE Q 75 -106.38 12.40 6.09
N GLY Q 76 -106.87 12.57 7.33
CA GLY Q 76 -105.96 12.86 8.43
C GLY Q 76 -104.99 11.72 8.69
N ALA Q 77 -105.47 10.48 8.63
CA ALA Q 77 -104.58 9.34 8.81
C ALA Q 77 -103.54 9.26 7.71
N GLY Q 78 -103.96 9.51 6.46
CA GLY Q 78 -103.00 9.49 5.36
C GLY Q 78 -101.97 10.59 5.47
N ALA Q 79 -102.39 11.78 5.90
CA ALA Q 79 -101.47 12.90 6.03
C ALA Q 79 -100.43 12.65 7.11
N ALA Q 80 -100.83 12.05 8.23
CA ALA Q 80 -99.89 11.78 9.31
C ALA Q 80 -98.97 10.59 9.01
N THR Q 81 -99.31 9.78 8.01
CA THR Q 81 -98.48 8.62 7.68
C THR Q 81 -97.16 9.00 7.02
N VAL Q 82 -97.04 10.25 6.55
CA VAL Q 82 -95.82 10.68 5.87
C VAL Q 82 -94.61 10.61 6.80
N GLY Q 83 -94.83 10.79 8.10
CA GLY Q 83 -93.74 10.78 9.06
C GLY Q 83 -93.00 9.45 9.13
N VAL Q 84 -93.62 8.37 8.64
CA VAL Q 84 -92.95 7.07 8.60
C VAL Q 84 -91.72 7.13 7.69
N ALA Q 85 -91.75 7.99 6.67
CA ALA Q 85 -90.62 8.09 5.76
C ALA Q 85 -89.34 8.53 6.47
N GLY Q 86 -89.46 9.51 7.38
CA GLY Q 86 -88.29 9.99 8.09
C GLY Q 86 -87.64 8.91 8.92
N SER Q 87 -88.45 8.06 9.55
CA SER Q 87 -87.90 6.95 10.32
C SER Q 87 -87.11 5.99 9.43
N GLY Q 88 -87.64 5.70 8.25
CA GLY Q 88 -86.93 4.84 7.32
C GLY Q 88 -85.61 5.44 6.87
N ALA Q 89 -85.63 6.74 6.53
CA ALA Q 89 -84.39 7.39 6.14
C ALA Q 89 -83.37 7.37 7.27
N GLY Q 90 -83.82 7.63 8.50
CA GLY Q 90 -82.91 7.63 9.62
C GLY Q 90 -82.31 6.27 9.91
N ILE Q 91 -83.13 5.22 9.89
CA ILE Q 91 -82.62 3.89 10.16
C ILE Q 91 -81.67 3.45 9.05
N GLY Q 92 -81.98 3.80 7.80
CA GLY Q 92 -81.06 3.50 6.72
C GLY Q 92 -79.73 4.19 6.90
N THR Q 93 -79.76 5.47 7.28
CA THR Q 93 -78.51 6.22 7.50
C THR Q 93 -77.70 5.57 8.63
N VAL Q 94 -78.31 5.35 9.80
CA VAL Q 94 -77.54 4.84 10.96
C VAL Q 94 -76.94 3.46 10.61
N PHE Q 95 -77.76 2.56 10.05
CA PHE Q 95 -77.26 1.20 9.72
C PHE Q 95 -76.11 1.32 8.72
N GLY Q 96 -76.26 2.23 7.76
CA GLY Q 96 -75.20 2.42 6.74
C GLY Q 96 -73.91 2.91 7.37
N SER Q 97 -74.02 3.84 8.33
CA SER Q 97 -72.81 4.32 9.03
C SER Q 97 -72.18 3.17 9.81
N LEU Q 98 -73.00 2.29 10.39
CA LEU Q 98 -72.45 1.11 11.10
C LEU Q 98 -71.57 0.34 10.11
N ILE Q 99 -72.03 0.19 8.87
CA ILE Q 99 -71.25 -0.56 7.85
C ILE Q 99 -69.89 0.12 7.68
N ILE Q 100 -69.87 1.44 7.44
CA ILE Q 100 -68.58 2.13 7.18
C ILE Q 100 -67.78 2.16 8.49
N GLY Q 101 -68.46 2.27 9.64
CA GLY Q 101 -67.76 2.21 10.92
C GLY Q 101 -67.04 0.88 11.06
N TYR Q 102 -67.76 -0.23 10.89
CA TYR Q 102 -67.12 -1.54 10.93
C TYR Q 102 -66.02 -1.64 9.88
N ALA Q 103 -66.22 -0.99 8.73
CA ALA Q 103 -65.18 -0.95 7.72
C ALA Q 103 -63.93 -0.25 8.26
N ARG Q 104 -64.11 0.86 8.98
CA ARG Q 104 -62.98 1.58 9.54
C ARG Q 104 -62.35 0.81 10.69
N ASN Q 105 -63.16 0.27 11.59
CA ASN Q 105 -62.68 -0.37 12.81
C ASN Q 105 -63.32 -1.75 12.94
N PRO Q 106 -62.54 -2.82 13.05
CA PRO Q 106 -63.13 -4.16 13.14
C PRO Q 106 -63.74 -4.48 14.50
N SER Q 107 -63.82 -3.50 15.39
CA SER Q 107 -64.44 -3.70 16.70
C SER Q 107 -65.96 -3.51 16.59
N LEU Q 108 -66.57 -4.35 15.75
CA LEU Q 108 -67.98 -4.18 15.42
C LEU Q 108 -68.88 -4.51 16.60
N LYS Q 109 -68.65 -5.65 17.26
CA LYS Q 109 -69.53 -6.11 18.34
C LYS Q 109 -69.49 -5.22 19.57
N GLN Q 110 -68.78 -4.11 19.51
CA GLN Q 110 -68.56 -3.23 20.64
C GLN Q 110 -69.62 -2.13 20.67
N GLN Q 111 -69.34 -1.07 21.44
CA GLN Q 111 -70.21 0.10 21.48
C GLN Q 111 -70.49 0.66 20.09
N LEU Q 112 -69.71 0.29 19.09
CA LEU Q 112 -70.06 0.62 17.71
C LEU Q 112 -71.45 0.08 17.35
N PHE Q 113 -71.60 -1.24 17.38
CA PHE Q 113 -72.90 -1.84 17.11
C PHE Q 113 -73.93 -1.46 18.18
N SER Q 114 -73.46 -1.27 19.42
CA SER Q 114 -74.40 -0.87 20.47
C SER Q 114 -75.06 0.47 20.14
N TYR Q 115 -74.26 1.46 19.75
CA TYR Q 115 -74.81 2.77 19.44
C TYR Q 115 -75.53 2.77 18.10
N ALA Q 116 -75.15 1.87 17.18
CA ALA Q 116 -75.92 1.72 15.96
C ALA Q 116 -77.33 1.24 16.29
N ILE Q 117 -77.45 0.26 17.18
CA ILE Q 117 -78.76 -0.21 17.62
C ILE Q 117 -79.50 0.91 18.34
N LEU Q 118 -78.77 1.68 19.16
CA LEU Q 118 -79.38 2.80 19.87
C LEU Q 118 -79.99 3.82 18.90
N GLY Q 119 -79.22 4.21 17.88
CA GLY Q 119 -79.73 5.16 16.91
C GLY Q 119 -80.91 4.62 16.11
N PHE Q 120 -80.81 3.36 15.69
CA PHE Q 120 -81.93 2.74 14.98
C PHE Q 120 -83.19 2.71 15.85
N ALA Q 121 -83.03 2.35 17.12
CA ALA Q 121 -84.16 2.30 18.03
C ALA Q 121 -84.77 3.68 18.23
N LEU Q 122 -83.92 4.70 18.37
CA LEU Q 122 -84.44 6.05 18.56
C LEU Q 122 -85.18 6.55 17.32
N SER Q 123 -84.64 6.27 16.12
CA SER Q 123 -85.33 6.66 14.90
C SER Q 123 -86.66 5.95 14.77
N GLU Q 124 -86.70 4.64 15.07
CA GLU Q 124 -87.95 3.91 15.00
C GLU Q 124 -88.94 4.39 16.05
N ALA Q 125 -88.44 4.77 17.23
CA ALA Q 125 -89.31 5.33 18.25
C ALA Q 125 -89.93 6.63 17.80
N MET Q 126 -89.14 7.49 17.14
CA MET Q 126 -89.68 8.73 16.60
C MET Q 126 -90.74 8.45 15.54
N GLY Q 127 -90.47 7.48 14.67
CA GLY Q 127 -91.44 7.14 13.63
C GLY Q 127 -92.74 6.59 14.21
N LEU Q 128 -92.64 5.69 15.18
CA LEU Q 128 -93.83 5.14 15.82
C LEU Q 128 -94.58 6.21 16.60
N PHE Q 129 -93.85 7.12 17.23
CA PHE Q 129 -94.49 8.24 17.91
C PHE Q 129 -95.27 9.11 16.94
N CYS Q 130 -94.70 9.32 15.75
CA CYS Q 130 -95.43 10.04 14.70
C CYS Q 130 -96.69 9.28 14.29
N LEU Q 131 -96.56 7.97 14.05
CA LEU Q 131 -97.69 7.17 13.61
C LEU Q 131 -98.76 7.04 14.70
N MET Q 132 -98.39 7.25 15.96
CA MET Q 132 -99.38 7.27 17.02
C MET Q 132 -100.40 8.37 16.80
N VAL Q 133 -99.98 9.50 16.22
CA VAL Q 133 -100.92 10.57 15.92
C VAL Q 133 -101.96 10.11 14.91
N ALA Q 134 -101.52 9.40 13.86
CA ALA Q 134 -102.45 8.87 12.88
C ALA Q 134 -103.40 7.86 13.51
N PHE Q 135 -102.87 6.96 14.34
CA PHE Q 135 -103.72 5.97 14.98
C PHE Q 135 -104.72 6.63 15.93
N LEU Q 136 -104.32 7.74 16.57
CA LEU Q 136 -105.21 8.44 17.47
C LEU Q 136 -106.31 9.18 16.71
N ILE Q 137 -105.94 9.88 15.63
CA ILE Q 137 -106.94 10.63 14.88
C ILE Q 137 -107.91 9.68 14.18
N LEU Q 138 -107.42 8.53 13.71
CA LEU Q 138 -108.32 7.58 13.06
C LEU Q 138 -109.33 6.98 14.03
N PHE Q 139 -109.03 7.03 15.33
CA PHE Q 139 -109.93 6.47 16.33
C PHE Q 139 -110.00 7.37 17.56
N PHE R 24 74.72 6.36 16.65
CA PHE R 24 75.42 5.31 15.93
C PHE R 24 76.35 5.88 14.87
N ALA R 25 77.62 5.53 14.95
CA ALA R 25 78.58 5.97 13.94
C ALA R 25 78.28 5.31 12.59
N LYS R 26 78.49 6.07 11.52
CA LYS R 26 78.24 5.54 10.19
C LYS R 26 79.23 4.43 9.86
N LEU R 27 78.73 3.38 9.21
CA LEU R 27 79.53 2.21 8.87
C LEU R 27 79.78 2.16 7.37
N VAL R 28 80.94 1.62 7.00
CA VAL R 28 81.36 1.59 5.60
C VAL R 28 80.56 0.51 4.89
N ARG R 29 79.81 0.91 3.86
CA ARG R 29 78.98 -0.05 3.13
C ARG R 29 79.83 -0.90 2.20
N PRO R 30 79.67 -2.22 2.22
CA PRO R 30 80.38 -3.06 1.27
C PRO R 30 79.84 -2.85 -0.15
N PRO R 31 80.64 -3.15 -1.17
CA PRO R 31 80.16 -2.92 -2.55
C PRO R 31 78.97 -3.77 -2.94
N VAL R 32 79.00 -5.06 -2.63
CA VAL R 32 77.90 -5.94 -3.03
C VAL R 32 76.64 -5.62 -2.23
N GLN R 33 76.78 -5.40 -0.93
CA GLN R 33 75.65 -5.17 -0.03
C GLN R 33 74.68 -6.34 -0.07
N ILE R 34 75.17 -7.50 0.38
CA ILE R 34 74.31 -8.68 0.41
C ILE R 34 73.29 -8.55 1.53
N TYR R 35 72.20 -9.29 1.41
CA TYR R 35 71.08 -9.20 2.34
C TYR R 35 70.81 -10.56 2.96
N GLY R 36 70.19 -10.53 4.14
CA GLY R 36 69.86 -11.72 4.90
C GLY R 36 70.40 -11.63 6.31
N ILE R 37 70.20 -12.73 7.05
CA ILE R 37 70.73 -12.79 8.42
C ILE R 37 72.25 -12.76 8.40
N GLU R 38 72.87 -13.51 7.48
CA GLU R 38 74.30 -13.39 7.29
C GLU R 38 74.69 -12.04 6.72
N GLY R 39 73.75 -11.37 6.06
CA GLY R 39 74.06 -10.08 5.44
C GLY R 39 74.43 -9.03 6.47
N ARG R 40 73.66 -8.94 7.55
CA ARG R 40 73.93 -7.94 8.58
C ARG R 40 75.30 -8.17 9.21
N TYR R 41 75.59 -9.42 9.56
CA TYR R 41 76.88 -9.74 10.17
C TYR R 41 78.03 -9.46 9.23
N ALA R 42 77.88 -9.84 7.96
CA ALA R 42 78.94 -9.60 6.98
C ALA R 42 79.16 -8.10 6.76
N THR R 43 78.08 -7.33 6.69
CA THR R 43 78.21 -5.89 6.50
C THR R 43 78.88 -5.25 7.70
N ALA R 44 78.49 -5.65 8.91
CA ALA R 44 79.11 -5.12 10.12
C ALA R 44 80.59 -5.46 10.16
N LEU R 45 80.93 -6.71 9.81
CA LEU R 45 82.33 -7.11 9.81
C LEU R 45 83.13 -6.33 8.78
N TYR R 46 82.56 -6.12 7.59
CA TYR R 46 83.25 -5.36 6.56
C TYR R 46 83.49 -3.93 7.00
N SER R 47 82.49 -3.32 7.64
CA SER R 47 82.63 -1.95 8.13
C SER R 47 83.69 -1.89 9.23
N ALA R 48 83.70 -2.87 10.14
CA ALA R 48 84.67 -2.86 11.23
C ALA R 48 86.09 -3.08 10.72
N ALA R 49 86.25 -4.00 9.78
CA ALA R 49 87.59 -4.32 9.26
C ALA R 49 88.10 -3.27 8.30
N SER R 50 87.21 -2.56 7.60
CA SER R 50 87.63 -1.43 6.78
C SER R 50 88.28 -0.37 7.65
N LYS R 51 87.67 -0.09 8.80
CA LYS R 51 88.35 0.65 9.85
C LYS R 51 89.48 -0.22 10.40
N GLN R 52 90.57 0.45 10.81
CA GLN R 52 91.77 -0.21 11.30
C GLN R 52 92.50 -0.94 10.18
N ASN R 53 91.90 -0.94 8.98
CA ASN R 53 92.51 -1.50 7.76
C ASN R 53 93.01 -2.92 8.01
N LYS R 54 92.06 -3.81 8.31
CA LYS R 54 92.38 -5.22 8.57
C LYS R 54 91.50 -6.14 7.74
N LEU R 55 91.12 -5.72 6.53
CA LEU R 55 90.25 -6.54 5.69
C LEU R 55 90.93 -7.86 5.33
N GLU R 56 92.20 -7.81 4.93
CA GLU R 56 92.88 -9.02 4.47
C GLU R 56 93.09 -10.01 5.61
N GLN R 57 93.51 -9.52 6.78
CA GLN R 57 93.72 -10.39 7.92
C GLN R 57 92.41 -11.04 8.35
N VAL R 58 91.33 -10.26 8.38
CA VAL R 58 90.02 -10.81 8.73
C VAL R 58 89.59 -11.85 7.71
N GLU R 59 89.84 -11.59 6.42
CA GLU R 59 89.47 -12.55 5.40
C GLU R 59 90.23 -13.87 5.56
N LYS R 60 91.53 -13.78 5.86
CA LYS R 60 92.31 -14.99 6.09
C LYS R 60 91.82 -15.74 7.32
N GLU R 61 91.54 -15.01 8.40
CA GLU R 61 91.04 -15.65 9.62
C GLU R 61 89.68 -16.28 9.40
N LEU R 62 88.86 -15.70 8.51
CA LEU R 62 87.58 -16.30 8.20
C LEU R 62 87.75 -17.57 7.37
N LEU R 63 88.63 -17.53 6.37
CA LEU R 63 88.82 -18.72 5.55
C LEU R 63 89.48 -19.86 6.33
N ARG R 64 90.24 -19.54 7.39
CA ARG R 64 90.79 -20.60 8.23
C ARG R 64 89.90 -20.96 9.41
N VAL R 65 88.94 -20.11 9.77
CA VAL R 65 88.05 -20.42 10.88
C VAL R 65 86.93 -21.35 10.44
N ALA R 66 86.61 -21.39 9.15
CA ALA R 66 85.63 -22.35 8.65
C ALA R 66 86.15 -23.78 8.82
N GLN R 67 87.45 -23.98 8.55
CA GLN R 67 88.04 -25.31 8.70
C GLN R 67 88.05 -25.75 10.15
N ILE R 68 88.21 -24.82 11.09
CA ILE R 68 88.22 -25.17 12.51
C ILE R 68 86.80 -25.14 13.05
N LEU R 69 85.82 -25.03 12.13
CA LEU R 69 84.41 -25.12 12.48
C LEU R 69 83.75 -26.36 11.88
N LYS R 70 84.53 -27.30 11.35
CA LYS R 70 83.99 -28.50 10.75
C LYS R 70 84.60 -29.78 11.33
N GLU R 71 85.31 -29.69 12.44
CA GLU R 71 85.79 -30.89 13.11
C GLU R 71 84.63 -31.64 13.74
N PRO R 72 84.77 -32.96 13.93
CA PRO R 72 83.68 -33.71 14.58
C PRO R 72 83.28 -33.18 15.94
N LYS R 73 84.26 -32.73 16.73
CA LYS R 73 83.94 -32.14 18.03
C LYS R 73 83.37 -30.74 17.89
N VAL R 74 83.93 -29.95 16.95
CA VAL R 74 83.52 -28.55 16.83
C VAL R 74 82.19 -28.44 16.11
N ALA R 75 81.99 -29.21 15.03
CA ALA R 75 80.72 -29.17 14.32
C ALA R 75 79.57 -29.62 15.23
N ALA R 76 79.79 -30.66 16.00
CA ALA R 76 78.87 -31.02 17.06
C ALA R 76 79.03 -30.07 18.24
N SER R 77 78.09 -30.15 19.18
CA SER R 77 78.01 -29.32 20.38
C SER R 77 77.74 -27.86 20.09
N ILE R 78 77.72 -27.46 18.81
CA ILE R 78 77.24 -26.14 18.43
C ILE R 78 75.93 -26.22 17.66
N MET R 79 75.67 -27.32 16.96
CA MET R 79 74.34 -27.60 16.44
C MET R 79 73.46 -28.28 17.48
N ASN R 80 74.04 -28.72 18.58
CA ASN R 80 73.27 -29.32 19.66
C ASN R 80 72.51 -28.23 20.41
N PRO R 81 71.18 -28.27 20.46
CA PRO R 81 70.41 -27.23 21.14
C PRO R 81 70.28 -27.38 22.64
N TYR R 82 70.76 -28.49 23.21
CA TYR R 82 70.60 -28.77 24.63
C TYR R 82 71.86 -28.49 25.44
N VAL R 83 72.85 -27.84 24.84
CA VAL R 83 74.02 -27.35 25.56
C VAL R 83 73.87 -25.85 25.74
N LYS R 84 74.22 -25.35 26.93
CA LYS R 84 74.03 -23.91 27.24
C LYS R 84 74.86 -23.04 26.28
N ARG R 85 74.32 -21.87 25.91
CA ARG R 85 75.06 -20.94 25.02
C ARG R 85 76.34 -20.50 25.72
N SER R 86 76.28 -20.29 27.04
CA SER R 86 77.49 -19.90 27.81
C SER R 86 78.61 -20.92 27.53
N ILE R 87 78.27 -22.20 27.62
CA ILE R 87 79.29 -23.27 27.36
C ILE R 87 79.83 -23.09 25.94
N LYS R 88 78.94 -22.93 24.96
CA LYS R 88 79.36 -22.77 23.55
C LYS R 88 80.23 -21.52 23.42
N VAL R 89 79.81 -20.42 24.05
CA VAL R 89 80.58 -19.14 23.95
C VAL R 89 82.01 -19.40 24.42
N LYS R 90 82.16 -20.02 25.60
CA LYS R 90 83.51 -20.30 26.16
C LYS R 90 84.23 -21.29 25.23
N SER R 91 83.58 -22.41 24.91
CA SER R 91 84.20 -23.43 24.04
C SER R 91 84.77 -22.74 22.80
N LEU R 92 84.15 -21.64 22.38
CA LEU R 92 84.61 -20.95 21.18
C LEU R 92 85.62 -19.86 21.52
N SER R 93 85.47 -19.23 22.69
CA SER R 93 86.43 -18.20 23.09
C SER R 93 87.81 -18.80 23.31
N ASP R 94 87.89 -19.92 24.06
CA ASP R 94 89.19 -20.53 24.27
C ASP R 94 89.75 -21.12 22.97
N MET R 95 88.87 -21.64 22.11
CA MET R 95 89.33 -22.16 20.83
C MET R 95 89.92 -21.06 19.96
N THR R 96 89.27 -19.91 19.90
CA THR R 96 89.77 -18.82 19.07
C THR R 96 90.97 -18.14 19.72
N ALA R 97 91.09 -18.22 21.04
CA ALA R 97 92.27 -17.70 21.72
C ALA R 97 93.49 -18.57 21.42
N LYS R 98 93.33 -19.88 21.52
CA LYS R 98 94.44 -20.78 21.22
C LYS R 98 94.69 -20.91 19.72
N GLU R 99 93.78 -20.44 18.87
CA GLU R 99 93.97 -20.43 17.44
C GLU R 99 94.60 -19.13 16.94
N LYS R 100 95.32 -18.42 17.82
CA LYS R 100 96.11 -17.24 17.48
C LYS R 100 95.22 -16.02 17.22
N PHE R 101 93.91 -16.24 17.13
CA PHE R 101 92.99 -15.15 16.83
C PHE R 101 92.88 -14.19 18.01
N SER R 102 93.55 -13.04 17.92
CA SER R 102 93.31 -11.99 18.90
C SER R 102 93.12 -10.62 18.25
N PRO R 103 92.19 -10.47 17.27
CA PRO R 103 91.86 -9.12 16.81
C PRO R 103 90.40 -8.80 17.08
N LEU R 104 89.61 -8.72 16.02
CA LEU R 104 88.17 -8.53 16.13
C LEU R 104 87.37 -9.72 15.64
N THR R 105 87.99 -10.65 14.91
CA THR R 105 87.28 -11.85 14.48
C THR R 105 86.84 -12.69 15.67
N SER R 106 87.64 -12.71 16.73
CA SER R 106 87.23 -13.36 17.96
C SER R 106 85.95 -12.73 18.50
N ASN R 107 85.86 -11.39 18.42
CA ASN R 107 84.64 -10.72 18.82
C ASN R 107 83.46 -11.13 17.95
N LEU R 108 83.69 -11.30 16.64
CA LEU R 108 82.61 -11.72 15.76
C LEU R 108 82.13 -13.12 16.11
N ILE R 109 83.06 -14.04 16.38
CA ILE R 109 82.69 -15.40 16.76
C ILE R 109 81.93 -15.39 18.08
N ASN R 110 82.40 -14.59 19.04
CA ASN R 110 81.72 -14.48 20.32
C ASN R 110 80.30 -13.94 20.15
N LEU R 111 80.15 -12.92 19.30
CA LEU R 111 78.82 -12.35 19.06
C LEU R 111 77.90 -13.37 18.40
N LEU R 112 78.42 -14.12 17.43
CA LEU R 112 77.62 -15.17 16.79
C LEU R 112 77.19 -16.22 17.79
N ALA R 113 78.10 -16.61 18.68
CA ALA R 113 77.77 -17.60 19.70
C ALA R 113 76.70 -17.07 20.65
N GLU R 114 76.84 -15.80 21.06
CA GLU R 114 75.88 -15.21 21.99
C GLU R 114 74.50 -15.09 21.35
N ASN R 115 74.44 -14.68 20.08
CA ASN R 115 73.16 -14.47 19.43
C ASN R 115 72.55 -15.74 18.87
N GLY R 116 73.28 -16.85 18.90
CA GLY R 116 72.76 -18.11 18.42
C GLY R 116 72.79 -18.31 16.93
N ARG R 117 73.46 -17.43 16.19
CA ARG R 117 73.61 -17.55 14.75
C ARG R 117 74.82 -18.37 14.35
N LEU R 118 75.28 -19.25 15.24
CA LEU R 118 76.48 -20.04 14.97
C LEU R 118 76.30 -20.93 13.74
N SER R 119 75.11 -21.49 13.56
CA SER R 119 74.86 -22.34 12.41
C SER R 119 74.97 -21.56 11.10
N SER R 120 74.76 -20.24 11.13
CA SER R 120 74.86 -19.41 9.94
C SER R 120 76.26 -18.86 9.72
N THR R 121 77.22 -19.20 10.59
CA THR R 121 78.58 -18.70 10.45
C THR R 121 79.22 -19.04 9.09
N PRO R 122 79.09 -20.25 8.55
CA PRO R 122 79.60 -20.47 7.18
C PRO R 122 78.99 -19.53 6.15
N GLY R 123 77.70 -19.20 6.30
CA GLY R 123 77.09 -18.25 5.40
C GLY R 123 77.69 -16.86 5.54
N VAL R 124 77.97 -16.44 6.77
CA VAL R 124 78.62 -15.15 7.00
C VAL R 124 80.00 -15.14 6.37
N ILE R 125 80.74 -16.24 6.53
CA ILE R 125 82.08 -16.33 5.93
C ILE R 125 81.99 -16.22 4.42
N SER R 126 81.03 -16.93 3.82
CA SER R 126 80.87 -16.89 2.37
C SER R 126 80.50 -15.49 1.90
N ALA R 127 79.61 -14.82 2.63
CA ALA R 127 79.20 -13.47 2.25
C ALA R 127 80.37 -12.50 2.33
N PHE R 128 81.14 -12.56 3.40
CA PHE R 128 82.30 -11.69 3.53
C PHE R 128 83.35 -11.99 2.46
N SER R 129 83.52 -13.27 2.14
CA SER R 129 84.45 -13.66 1.08
C SER R 129 84.01 -13.10 -0.26
N THR R 130 82.71 -13.16 -0.55
CA THR R 130 82.22 -12.58 -1.79
C THR R 130 82.41 -11.06 -1.82
N MET R 131 82.16 -10.40 -0.68
CA MET R 131 82.39 -8.96 -0.61
C MET R 131 83.85 -8.63 -0.90
N MET R 132 84.78 -9.31 -0.23
CA MET R 132 86.20 -9.04 -0.46
C MET R 132 86.62 -9.41 -1.88
N SER R 133 86.02 -10.46 -2.44
CA SER R 133 86.32 -10.85 -3.82
C SER R 133 85.91 -9.75 -4.78
N VAL R 134 84.70 -9.20 -4.61
CA VAL R 134 84.31 -8.07 -5.44
C VAL R 134 85.20 -6.86 -5.17
N HIS R 135 85.75 -6.76 -3.97
CA HIS R 135 86.72 -5.70 -3.68
C HIS R 135 88.04 -5.91 -4.39
N ARG R 136 88.40 -7.15 -4.71
CA ARG R 136 89.65 -7.46 -5.41
C ARG R 136 89.39 -7.99 -6.81
N GLY R 137 88.58 -9.04 -6.95
CA GLY R 137 88.25 -9.58 -8.26
C GLY R 137 86.91 -9.09 -8.75
N GLU R 138 86.45 -9.71 -9.84
CA GLU R 138 85.22 -9.32 -10.50
C GLU R 138 84.30 -10.51 -10.67
N VAL R 139 83.04 -10.22 -10.98
CA VAL R 139 82.02 -11.24 -11.18
C VAL R 139 82.43 -12.14 -12.35
N PRO R 140 82.42 -13.46 -12.18
CA PRO R 140 82.89 -14.34 -13.25
C PRO R 140 82.08 -14.19 -14.53
N CYS R 141 82.77 -14.31 -15.66
CA CYS R 141 82.14 -14.22 -16.97
C CYS R 141 81.76 -15.63 -17.42
N SER R 142 80.63 -16.11 -16.89
CA SER R 142 80.18 -17.47 -17.13
C SER R 142 79.84 -17.69 -18.60
N VAL R 143 80.51 -18.66 -19.22
CA VAL R 143 80.27 -19.04 -20.61
C VAL R 143 79.81 -20.49 -20.62
N THR R 144 78.68 -20.75 -21.27
CA THR R 144 78.09 -22.09 -21.31
C THR R 144 77.56 -22.36 -22.71
N THR R 145 78.40 -22.97 -23.55
CA THR R 145 77.99 -23.34 -24.91
C THR R 145 77.98 -24.83 -25.14
N ALA R 146 79.11 -25.50 -24.91
CA ALA R 146 79.28 -26.92 -25.19
C ALA R 146 80.58 -27.36 -24.53
N SER R 147 81.07 -28.53 -24.89
CA SER R 147 82.38 -28.97 -24.42
C SER R 147 83.43 -27.95 -24.81
N PRO R 148 84.44 -27.72 -23.96
CA PRO R 148 85.37 -26.60 -24.21
C PRO R 148 86.11 -26.75 -25.52
N LEU R 149 86.32 -25.62 -26.18
CA LEU R 149 87.04 -25.56 -27.45
C LEU R 149 88.55 -25.51 -27.17
N ASP R 150 89.33 -25.18 -28.19
CA ASP R 150 90.77 -25.11 -28.04
C ASP R 150 91.18 -24.01 -27.07
N GLU R 151 92.37 -24.18 -26.48
CA GLU R 151 92.85 -23.21 -25.50
C GLU R 151 93.09 -21.85 -26.12
N ALA R 152 93.37 -21.79 -27.43
CA ALA R 152 93.53 -20.50 -28.09
C ALA R 152 92.23 -19.70 -28.07
N THR R 153 91.11 -20.36 -28.34
CA THR R 153 89.83 -19.69 -28.24
C THR R 153 89.52 -19.30 -26.80
N LEU R 154 89.92 -20.14 -25.84
CA LEU R 154 89.71 -19.81 -24.43
C LEU R 154 90.45 -18.54 -24.05
N THR R 155 91.72 -18.42 -24.45
CA THR R 155 92.46 -17.22 -24.11
C THR R 155 91.99 -16.02 -24.91
N GLU R 156 91.49 -16.24 -26.13
CA GLU R 156 90.90 -15.14 -26.89
C GLU R 156 89.68 -14.58 -26.19
N LEU R 157 88.79 -15.47 -25.72
CA LEU R 157 87.61 -15.00 -25.01
C LEU R 157 87.97 -14.38 -23.67
N LYS R 158 89.00 -14.91 -23.00
CA LYS R 158 89.46 -14.27 -21.77
C LYS R 158 89.97 -12.85 -22.03
N THR R 159 90.73 -12.67 -23.12
CA THR R 159 91.22 -11.33 -23.46
C THR R 159 90.08 -10.39 -23.82
N VAL R 160 89.10 -10.88 -24.57
CA VAL R 160 87.98 -10.00 -24.94
C VAL R 160 87.15 -9.65 -23.71
N LEU R 161 87.01 -10.58 -22.75
CA LEU R 161 86.34 -10.26 -21.50
C LEU R 161 87.11 -9.23 -20.70
N LYS R 162 88.44 -9.36 -20.66
CA LYS R 162 89.26 -8.35 -20.01
C LYS R 162 89.08 -6.98 -20.66
N SER R 163 89.01 -6.95 -22.00
CA SER R 163 88.74 -5.71 -22.70
C SER R 163 87.37 -5.15 -22.34
N PHE R 164 86.39 -6.03 -22.15
CA PHE R 164 85.08 -5.58 -21.68
C PHE R 164 85.19 -4.91 -20.31
N LEU R 165 85.96 -5.53 -19.41
CA LEU R 165 86.11 -4.96 -18.08
C LEU R 165 86.94 -3.69 -18.12
N SER R 166 88.22 -3.83 -18.47
CA SER R 166 89.15 -2.72 -18.73
C SER R 166 88.93 -1.54 -17.79
N LYS R 167 88.92 -1.83 -16.50
CA LYS R 167 88.73 -0.80 -15.47
C LYS R 167 89.71 -1.00 -14.32
N GLY R 168 90.96 -1.31 -14.65
CA GLY R 168 91.96 -1.54 -13.62
C GLY R 168 91.62 -2.72 -12.71
N GLN R 169 91.01 -3.75 -13.27
CA GLN R 169 90.57 -4.89 -12.50
C GLN R 169 90.79 -6.16 -13.31
N ILE R 170 90.74 -7.30 -12.64
CA ILE R 170 90.90 -8.60 -13.26
C ILE R 170 89.69 -9.46 -12.90
N LEU R 171 89.09 -10.08 -13.91
CA LEU R 171 87.90 -10.89 -13.73
C LEU R 171 88.27 -12.38 -13.72
N LYS R 172 87.44 -13.15 -13.02
CA LYS R 172 87.57 -14.61 -13.03
C LYS R 172 86.68 -15.19 -14.13
N LEU R 173 86.90 -16.47 -14.43
CA LEU R 173 86.20 -17.14 -15.52
C LEU R 173 85.62 -18.45 -15.02
N GLU R 174 84.44 -18.81 -15.55
CA GLU R 174 83.77 -20.06 -15.22
C GLU R 174 83.17 -20.61 -16.50
N VAL R 175 83.77 -21.66 -17.04
CA VAL R 175 83.31 -22.25 -18.29
C VAL R 175 82.40 -23.42 -17.99
N LYS R 176 81.23 -23.45 -18.64
CA LYS R 176 80.25 -24.50 -18.45
C LYS R 176 79.98 -25.20 -19.78
N VAL R 177 79.31 -26.35 -19.69
CA VAL R 177 78.96 -27.17 -20.85
C VAL R 177 77.45 -27.39 -20.84
N ASP R 178 76.81 -27.14 -21.98
CA ASP R 178 75.37 -27.35 -22.09
C ASP R 178 75.02 -27.99 -23.42
N PRO R 179 74.68 -29.28 -23.43
CA PRO R 179 74.25 -29.91 -24.69
C PRO R 179 72.98 -29.30 -25.27
N SER R 180 72.08 -28.80 -24.41
CA SER R 180 70.85 -28.19 -24.91
C SER R 180 71.14 -26.96 -25.75
N ILE R 181 72.10 -26.14 -25.32
CA ILE R 181 72.49 -24.97 -26.09
C ILE R 181 73.16 -25.42 -27.39
N MET R 182 72.72 -24.85 -28.50
CA MET R 182 73.24 -25.21 -29.82
C MET R 182 74.57 -24.50 -30.05
N GLY R 183 74.98 -24.43 -31.32
CA GLY R 183 76.28 -23.90 -31.70
C GLY R 183 76.67 -22.56 -31.12
N GLY R 184 75.70 -21.78 -30.65
CA GLY R 184 75.98 -20.49 -30.05
C GLY R 184 76.44 -20.62 -28.60
N MET R 185 76.77 -19.47 -28.02
CA MET R 185 77.23 -19.39 -26.64
C MET R 185 76.51 -18.27 -25.92
N ILE R 186 76.40 -18.42 -24.59
CA ILE R 186 75.83 -17.39 -23.73
C ILE R 186 76.91 -16.99 -22.73
N VAL R 187 77.13 -15.68 -22.62
CA VAL R 187 78.18 -15.13 -21.76
C VAL R 187 77.55 -14.13 -20.81
N ARG R 188 77.84 -14.27 -19.52
CA ARG R 188 77.36 -13.37 -18.48
C ARG R 188 78.58 -12.63 -17.92
N ILE R 189 78.93 -11.51 -18.55
CA ILE R 189 80.08 -10.73 -18.13
C ILE R 189 79.66 -9.79 -17.01
N GLY R 190 79.74 -10.28 -15.77
CA GLY R 190 79.26 -9.52 -14.65
C GLY R 190 77.78 -9.76 -14.40
N GLU R 191 76.95 -8.80 -14.81
CA GLU R 191 75.50 -8.93 -14.72
C GLU R 191 74.82 -8.61 -16.04
N LYS R 192 75.48 -8.89 -17.17
CA LYS R 192 74.94 -8.48 -18.46
C LYS R 192 74.19 -9.61 -19.14
N TYR R 193 74.83 -10.76 -19.29
CA TYR R 193 74.21 -11.97 -19.85
C TYR R 193 73.69 -11.72 -21.28
N VAL R 194 74.64 -11.53 -22.19
CA VAL R 194 74.31 -11.59 -23.61
C VAL R 194 73.89 -13.01 -23.96
N ASP R 195 73.17 -13.16 -25.07
CA ASP R 195 72.59 -14.45 -25.45
C ASP R 195 72.61 -14.58 -26.97
N MET R 196 73.50 -15.43 -27.48
CA MET R 196 73.48 -15.88 -28.87
C MET R 196 73.62 -17.40 -28.82
N SER R 197 72.49 -18.09 -28.74
CA SER R 197 72.46 -19.51 -28.46
C SER R 197 71.23 -20.11 -29.13
N ALA R 198 70.76 -21.25 -28.62
CA ALA R 198 69.56 -21.90 -29.14
C ALA R 198 68.37 -20.95 -29.21
N LYS R 199 68.37 -19.86 -28.43
CA LYS R 199 67.30 -18.88 -28.53
C LYS R 199 67.25 -18.20 -29.89
N THR R 200 68.35 -18.22 -30.64
CA THR R 200 68.31 -17.70 -32.01
C THR R 200 67.34 -18.51 -32.87
N LYS R 201 67.36 -19.84 -32.73
CA LYS R 201 66.39 -20.66 -33.41
C LYS R 201 64.99 -20.47 -32.85
N ILE R 202 64.90 -20.05 -31.58
CA ILE R 202 63.60 -19.70 -31.01
C ILE R 202 63.05 -18.46 -31.68
N GLN R 203 63.93 -17.51 -32.03
CA GLN R 203 63.52 -16.27 -32.67
C GLN R 203 63.00 -16.51 -34.07
N LYS R 204 63.06 -17.76 -34.55
CA LYS R 204 62.44 -18.12 -35.81
C LYS R 204 60.92 -18.07 -35.74
N LEU R 205 60.33 -17.94 -34.54
CA LEU R 205 58.89 -17.82 -34.43
C LEU R 205 58.37 -16.58 -35.14
N SER R 206 59.22 -15.56 -35.32
CA SER R 206 58.83 -14.38 -36.07
C SER R 206 58.43 -14.76 -37.49
N ARG R 207 59.23 -15.62 -38.13
CA ARG R 207 58.82 -16.18 -39.42
C ARG R 207 57.56 -17.02 -39.26
N ALA R 208 57.48 -17.82 -38.19
CA ALA R 208 56.29 -18.62 -37.94
C ALA R 208 55.06 -17.74 -37.72
N MET R 209 55.21 -16.68 -36.92
CA MET R 209 54.10 -15.75 -36.70
C MET R 209 53.72 -15.03 -37.99
N ARG R 210 54.63 -14.20 -38.49
CA ARG R 210 54.39 -13.45 -39.72
C ARG R 210 55.70 -12.92 -40.29
N THR S 42 -96.45 69.17 -21.37
CA THR S 42 -95.23 68.57 -21.90
C THR S 42 -95.17 68.67 -23.43
N PRO S 43 -94.08 69.24 -23.95
CA PRO S 43 -93.95 69.43 -25.40
C PRO S 43 -93.61 68.11 -26.09
N ALA S 44 -94.59 67.54 -26.79
CA ALA S 44 -94.38 66.36 -27.60
C ALA S 44 -93.97 66.70 -29.03
N GLU S 45 -93.95 67.98 -29.39
CA GLU S 45 -93.57 68.43 -30.72
C GLU S 45 -92.08 68.73 -30.83
N ILE S 46 -91.33 68.57 -29.74
CA ILE S 46 -89.88 68.77 -29.80
C ILE S 46 -89.22 67.93 -30.89
N PRO S 47 -89.50 66.62 -31.01
CA PRO S 47 -88.83 65.84 -32.07
C PRO S 47 -89.24 66.22 -33.48
N THR S 48 -90.32 66.98 -33.65
CA THR S 48 -90.83 67.24 -35.00
C THR S 48 -89.83 68.02 -35.85
N ALA S 49 -89.24 69.07 -35.28
CA ALA S 49 -88.29 69.88 -36.03
C ALA S 49 -87.06 69.08 -36.43
N ILE S 50 -86.55 68.26 -35.51
CA ILE S 50 -85.38 67.45 -35.82
C ILE S 50 -85.73 66.37 -36.84
N GLN S 51 -86.96 65.85 -36.79
CA GLN S 51 -87.41 64.92 -37.83
C GLN S 51 -87.43 65.59 -39.18
N SER S 52 -87.91 66.84 -39.24
CA SER S 52 -87.89 67.58 -40.51
C SER S 52 -86.46 67.80 -41.00
N LEU S 53 -85.55 68.12 -40.08
CA LEU S 53 -84.15 68.29 -40.46
C LEU S 53 -83.57 66.99 -41.02
N LYS S 54 -83.87 65.87 -40.37
CA LYS S 54 -83.39 64.58 -40.86
C LYS S 54 -84.00 64.23 -42.21
N LYS S 55 -85.26 64.60 -42.42
CA LYS S 55 -85.88 64.40 -43.73
C LYS S 55 -85.17 65.22 -44.79
N ILE S 56 -84.81 66.46 -44.47
CA ILE S 56 -84.07 67.29 -45.42
C ILE S 56 -82.71 66.68 -45.72
N VAL S 57 -82.04 66.16 -44.68
CA VAL S 57 -80.74 65.52 -44.88
C VAL S 57 -80.87 64.30 -45.79
N ASN S 58 -81.91 63.49 -45.55
CA ASN S 58 -82.13 62.32 -46.39
C ASN S 58 -82.43 62.71 -47.83
N SER S 59 -83.23 63.76 -48.02
CA SER S 59 -83.52 64.24 -49.36
C SER S 59 -82.25 64.72 -50.05
N ALA S 60 -81.38 65.40 -49.33
CA ALA S 60 -80.09 65.80 -49.89
C ALA S 60 -79.26 64.58 -50.27
N GLN S 61 -79.32 63.53 -49.43
CA GLN S 61 -78.56 62.32 -49.71
C GLN S 61 -79.10 61.59 -50.94
N THR S 62 -80.40 61.70 -51.20
CA THR S 62 -81.01 60.99 -52.32
C THR S 62 -80.44 61.46 -53.65
N GLY S 63 -80.25 62.77 -53.80
CA GLY S 63 -79.75 63.34 -55.04
C GLY S 63 -80.80 63.99 -55.91
N SER S 64 -82.08 63.70 -55.67
CA SER S 64 -83.17 64.33 -56.40
C SER S 64 -83.66 65.60 -55.74
N PHE S 65 -83.00 66.04 -54.67
CA PHE S 65 -83.42 67.26 -53.96
C PHE S 65 -83.32 68.48 -54.86
N LYS S 66 -82.46 68.45 -55.87
CA LYS S 66 -82.36 69.58 -56.79
C LYS S 66 -83.65 69.78 -57.58
N GLN S 67 -84.44 68.71 -57.74
CA GLN S 67 -85.67 68.80 -58.49
C GLN S 67 -86.76 69.58 -57.77
N LEU S 68 -86.57 69.88 -56.49
CA LEU S 68 -87.58 70.60 -55.72
C LEU S 68 -87.72 72.04 -56.22
N THR S 69 -88.89 72.62 -55.99
CA THR S 69 -89.13 74.00 -56.36
C THR S 69 -88.33 74.95 -55.49
N VAL S 70 -88.18 76.18 -55.96
CA VAL S 70 -87.36 77.19 -55.29
C VAL S 70 -88.17 77.89 -54.21
N LYS S 71 -89.44 77.50 -54.05
CA LYS S 71 -90.28 78.11 -53.04
C LYS S 71 -89.75 77.87 -51.64
N GLU S 72 -89.25 76.66 -51.38
CA GLU S 72 -88.66 76.36 -50.08
C GLU S 72 -87.46 77.26 -49.81
N ALA S 73 -86.66 77.56 -50.83
CA ALA S 73 -85.55 78.47 -50.65
C ALA S 73 -86.02 79.87 -50.25
N LEU S 74 -87.10 80.34 -50.87
CA LEU S 74 -87.64 81.64 -50.51
C LEU S 74 -88.15 81.65 -49.07
N LEU S 75 -88.84 80.58 -48.67
CA LEU S 75 -89.32 80.49 -47.29
C LEU S 75 -88.16 80.46 -46.30
N ASN S 76 -87.11 79.70 -46.63
CA ASN S 76 -85.94 79.65 -45.76
C ASN S 76 -85.28 81.02 -45.65
N GLY S 77 -85.19 81.74 -46.77
CA GLY S 77 -84.63 83.08 -46.72
C GLY S 77 -85.45 84.02 -45.86
N LEU S 78 -86.78 83.95 -45.98
CA LEU S 78 -87.63 84.80 -45.15
C LEU S 78 -87.47 84.46 -43.67
N VAL S 79 -87.43 83.17 -43.35
CA VAL S 79 -87.29 82.78 -41.94
C VAL S 79 -85.94 83.21 -41.40
N ALA S 80 -84.88 83.07 -42.20
CA ALA S 80 -83.57 83.53 -41.76
C ALA S 80 -83.54 85.03 -41.56
N THR S 81 -84.18 85.79 -42.46
CA THR S 81 -84.27 87.23 -42.31
C THR S 81 -85.08 87.63 -41.08
N GLU S 82 -86.02 86.79 -40.66
CA GLU S 82 -86.82 87.09 -39.48
C GLU S 82 -85.93 87.25 -38.24
N VAL S 83 -84.93 86.38 -38.09
CA VAL S 83 -83.99 86.49 -36.97
C VAL S 83 -83.18 87.78 -37.08
N LEU S 84 -82.79 88.13 -38.30
CA LEU S 84 -81.96 89.32 -38.54
C LEU S 84 -82.66 90.59 -38.07
N ILE T 10 -101.18 39.57 -13.06
CA ILE T 10 -102.30 38.96 -13.75
C ILE T 10 -102.07 38.99 -15.26
N ALA T 11 -100.82 39.22 -15.65
CA ALA T 11 -100.47 39.27 -17.07
C ALA T 11 -100.24 37.86 -17.57
N PRO T 12 -101.00 37.38 -18.56
CA PRO T 12 -100.81 36.01 -19.06
C PRO T 12 -99.51 35.88 -19.83
N THR T 13 -98.67 34.95 -19.41
CA THR T 13 -97.43 34.67 -20.13
C THR T 13 -97.75 34.09 -21.50
N MET T 14 -97.01 34.52 -22.51
CA MET T 14 -97.27 34.10 -23.88
C MET T 14 -95.94 33.78 -24.57
N MET T 15 -95.73 32.49 -24.84
CA MET T 15 -94.62 32.05 -25.69
C MET T 15 -95.16 31.85 -27.11
N GLY T 16 -95.50 32.98 -27.73
CA GLY T 16 -96.22 32.96 -28.99
C GLY T 16 -95.42 32.32 -30.11
N LEU T 17 -96.13 32.05 -31.21
CA LEU T 17 -95.55 31.39 -32.37
C LEU T 17 -95.56 32.32 -33.56
N PRO T 18 -94.51 33.14 -33.75
CA PRO T 18 -94.40 33.94 -34.98
C PRO T 18 -93.87 33.11 -36.13
N ILE T 19 -93.54 33.74 -37.26
CA ILE T 19 -92.97 33.02 -38.37
C ILE T 19 -91.61 32.48 -37.95
N VAL T 20 -91.56 31.16 -37.71
CA VAL T 20 -90.45 30.58 -36.96
C VAL T 20 -89.16 30.62 -37.76
N THR T 21 -89.25 30.38 -39.07
CA THR T 21 -88.05 30.09 -39.86
C THR T 21 -87.02 31.23 -39.78
N LEU T 22 -87.49 32.47 -39.89
CA LEU T 22 -86.57 33.60 -39.85
C LEU T 22 -85.85 33.68 -38.51
N ILE T 23 -86.59 33.49 -37.42
CA ILE T 23 -85.99 33.54 -36.08
C ILE T 23 -85.00 32.41 -35.91
N ILE T 24 -85.37 31.20 -36.33
CA ILE T 24 -84.52 30.03 -36.10
C ILE T 24 -83.24 30.13 -36.92
N MET T 25 -83.33 30.61 -38.16
CA MET T 25 -82.15 30.70 -39.01
C MET T 25 -81.20 31.81 -38.56
N PHE T 26 -81.69 32.75 -37.75
CA PHE T 26 -80.89 33.92 -37.38
C PHE T 26 -79.56 33.59 -36.70
N PRO T 27 -79.50 32.69 -35.71
CA PRO T 27 -78.20 32.43 -35.06
C PRO T 27 -77.11 31.95 -36.01
N SER T 28 -77.48 31.33 -37.13
CA SER T 28 -76.48 30.89 -38.09
C SER T 28 -75.69 32.08 -38.65
N LEU T 29 -76.40 33.18 -38.95
CA LEU T 29 -75.72 34.34 -39.51
C LEU T 29 -74.80 35.02 -38.52
N LEU T 30 -74.87 34.65 -37.24
CA LEU T 30 -74.02 35.27 -36.23
C LEU T 30 -72.59 34.74 -36.26
N PHE T 31 -72.34 33.65 -37.00
CA PHE T 31 -71.00 33.08 -37.07
C PHE T 31 -70.49 33.12 -38.50
N PRO T 32 -69.63 34.07 -38.86
CA PRO T 32 -69.01 34.05 -40.19
C PRO T 32 -67.84 33.09 -40.26
N THR T 33 -67.65 32.51 -41.43
CA THR T 33 -66.55 31.56 -41.67
C THR T 33 -65.67 32.06 -42.81
N PRO T 34 -64.63 32.85 -42.51
CA PRO T 34 -63.76 33.35 -43.58
C PRO T 34 -62.78 32.30 -44.08
N LYS T 35 -62.50 32.36 -45.38
CA LYS T 35 -61.54 31.45 -46.00
C LYS T 35 -60.18 32.13 -46.10
N ARG T 36 -59.60 32.39 -44.93
CA ARG T 36 -58.31 33.05 -44.83
C ARG T 36 -57.45 32.34 -43.79
N LEU T 37 -56.13 32.44 -43.98
CA LEU T 37 -55.21 31.86 -43.00
C LEU T 37 -55.34 32.55 -41.65
N ILE T 38 -55.47 33.87 -41.64
CA ILE T 38 -55.71 34.64 -40.43
C ILE T 38 -57.16 35.09 -40.44
N ASN T 39 -57.88 34.80 -39.37
CA ASN T 39 -59.30 35.12 -39.29
C ASN T 39 -59.46 36.60 -38.90
N ASN T 40 -60.69 37.00 -38.58
CA ASN T 40 -61.04 38.39 -38.42
C ASN T 40 -61.14 38.82 -36.95
N ARG T 41 -60.41 38.14 -36.07
CA ARG T 41 -60.35 38.43 -34.62
C ARG T 41 -61.75 38.49 -33.98
N THR T 42 -62.76 38.05 -34.71
CA THR T 42 -64.09 37.79 -34.16
C THR T 42 -64.61 36.42 -34.51
N ILE T 43 -64.23 35.86 -35.64
CA ILE T 43 -64.37 34.43 -35.89
C ILE T 43 -63.27 33.64 -35.19
N SER T 44 -62.11 34.27 -34.94
CA SER T 44 -61.00 33.57 -34.30
C SER T 44 -61.40 33.02 -32.93
N ILE T 45 -62.11 33.82 -32.14
CA ILE T 45 -62.56 33.36 -30.84
C ILE T 45 -63.55 32.21 -31.00
N GLN T 46 -64.41 32.29 -32.02
CA GLN T 46 -65.32 31.18 -32.30
C GLN T 46 -64.55 29.92 -32.65
N GLN T 47 -63.51 30.05 -33.46
CA GLN T 47 -62.69 28.89 -33.83
C GLN T 47 -61.99 28.30 -32.60
N TRP T 48 -61.46 29.16 -31.73
CA TRP T 48 -60.80 28.69 -30.53
C TRP T 48 -61.78 27.96 -29.61
N LEU T 49 -62.98 28.52 -29.44
CA LEU T 49 -63.99 27.86 -28.63
C LEU T 49 -64.39 26.52 -29.23
N ILE T 50 -64.53 26.47 -30.56
CA ILE T 50 -64.87 25.23 -31.23
C ILE T 50 -63.80 24.17 -30.97
N GLN T 51 -62.53 24.55 -31.11
CA GLN T 51 -61.45 23.59 -30.86
C GLN T 51 -61.45 23.13 -29.41
N LEU T 52 -61.62 24.06 -28.47
CA LEU T 52 -61.59 23.72 -27.05
C LEU T 52 -62.71 22.76 -26.69
N THR T 53 -63.92 23.01 -27.20
CA THR T 53 -65.03 22.11 -26.93
C THR T 53 -64.89 20.79 -27.67
N SER T 54 -64.32 20.82 -28.88
CA SER T 54 -64.14 19.59 -29.64
C SER T 54 -63.16 18.65 -28.96
N LYS T 55 -62.11 19.20 -28.35
CA LYS T 55 -61.19 18.35 -27.61
C LYS T 55 -61.90 17.66 -26.45
N GLN T 56 -62.72 18.39 -25.70
CA GLN T 56 -63.46 17.80 -24.58
C GLN T 56 -64.40 16.72 -25.06
N MET T 57 -65.12 16.97 -26.16
CA MET T 57 -66.08 16.00 -26.67
C MET T 57 -65.39 14.78 -27.25
N MET T 58 -64.23 14.94 -27.89
CA MET T 58 -63.56 13.83 -28.54
C MET T 58 -62.69 13.04 -27.57
N ALA T 59 -62.42 13.59 -26.40
CA ALA T 59 -61.60 12.86 -25.42
C ALA T 59 -62.25 11.54 -25.03
N ILE T 60 -63.55 11.55 -24.76
CA ILE T 60 -64.22 10.34 -24.27
C ILE T 60 -64.33 9.29 -25.37
N HIS T 61 -64.73 9.70 -26.58
CA HIS T 61 -65.03 8.75 -27.64
C HIS T 61 -63.82 7.90 -28.01
N ASN T 62 -62.80 8.54 -28.60
CA ASN T 62 -61.55 7.86 -28.97
C ASN T 62 -61.82 6.60 -29.80
N GLN T 63 -62.79 6.70 -30.72
CA GLN T 63 -63.20 5.56 -31.53
C GLN T 63 -63.45 6.05 -32.94
N LYS T 64 -63.97 5.16 -33.78
CA LYS T 64 -64.41 5.56 -35.11
C LYS T 64 -65.65 6.43 -35.09
N GLY T 65 -66.32 6.51 -33.94
CA GLY T 65 -67.45 7.40 -33.77
C GLY T 65 -67.10 8.86 -33.66
N GLN T 66 -65.81 9.21 -33.71
CA GLN T 66 -65.41 10.61 -33.70
C GLN T 66 -65.90 11.36 -34.92
N THR T 67 -66.28 10.64 -35.99
CA THR T 67 -66.93 11.28 -37.12
C THR T 67 -68.21 11.99 -36.70
N TRP T 68 -68.91 11.42 -35.71
CA TRP T 68 -70.12 12.07 -35.19
C TRP T 68 -69.79 13.39 -34.50
N SER T 69 -68.55 13.56 -34.02
CA SER T 69 -68.20 14.77 -33.27
C SER T 69 -68.28 16.01 -34.14
N LEU T 70 -67.97 15.89 -35.44
CA LEU T 70 -68.03 17.06 -36.32
C LEU T 70 -69.47 17.53 -36.50
N MET T 71 -70.45 16.67 -36.21
CA MET T 71 -71.84 17.10 -36.21
C MET T 71 -72.30 17.53 -34.82
N LEU T 72 -71.78 16.87 -33.78
CA LEU T 72 -72.14 17.27 -32.42
C LEU T 72 -71.63 18.66 -32.09
N MET T 73 -70.50 19.07 -32.69
CA MET T 73 -70.04 20.44 -32.53
C MET T 73 -71.04 21.43 -33.11
N SER T 74 -71.57 21.13 -34.30
CA SER T 74 -72.62 21.98 -34.86
C SER T 74 -73.86 21.98 -33.98
N LEU T 75 -74.20 20.82 -33.42
CA LEU T 75 -75.36 20.72 -32.55
C LEU T 75 -75.20 21.62 -31.32
N ILE T 76 -74.05 21.52 -30.65
CA ILE T 76 -73.85 22.31 -29.44
C ILE T 76 -73.78 23.79 -29.77
N MET T 77 -73.13 24.14 -30.89
CA MET T 77 -73.09 25.54 -31.29
C MET T 77 -74.48 26.09 -31.54
N PHE T 78 -75.32 25.32 -32.25
CA PHE T 78 -76.66 25.77 -32.56
C PHE T 78 -77.50 25.93 -31.30
N ILE T 79 -77.48 24.94 -30.42
CA ILE T 79 -78.31 25.02 -29.21
C ILE T 79 -77.83 26.18 -28.34
N GLY T 80 -76.52 26.35 -28.18
CA GLY T 80 -76.02 27.46 -27.39
C GLY T 80 -76.38 28.81 -27.97
N SER T 81 -76.22 28.97 -29.29
CA SER T 81 -76.56 30.23 -29.92
C SER T 81 -78.04 30.55 -29.78
N THR T 82 -78.90 29.55 -30.00
CA THR T 82 -80.34 29.79 -29.88
C THR T 82 -80.72 30.14 -28.45
N ASN T 83 -80.15 29.45 -27.46
CA ASN T 83 -80.54 29.69 -26.07
C ASN T 83 -79.92 30.97 -25.53
N ILE T 84 -78.69 31.30 -25.94
CA ILE T 84 -78.06 32.51 -25.42
C ILE T 84 -78.76 33.76 -25.95
N LEU T 85 -79.28 33.70 -27.18
CA LEU T 85 -79.97 34.86 -27.75
C LEU T 85 -81.30 35.14 -27.07
N GLY T 86 -81.86 34.17 -26.36
CA GLY T 86 -83.15 34.37 -25.71
C GLY T 86 -83.11 35.34 -24.55
N LEU T 87 -81.93 35.60 -23.99
CA LEU T 87 -81.81 36.52 -22.87
C LEU T 87 -82.11 37.96 -23.26
N LEU T 88 -82.21 38.26 -24.55
CA LEU T 88 -82.54 39.60 -25.00
C LEU T 88 -83.95 39.98 -24.55
N PRO T 89 -84.24 41.29 -24.45
CA PRO T 89 -85.55 41.75 -23.96
C PRO T 89 -86.76 41.00 -24.50
N HIS T 90 -86.96 41.03 -25.81
CA HIS T 90 -88.16 40.45 -26.42
C HIS T 90 -87.83 39.30 -27.37
N SER T 91 -86.66 38.68 -27.21
CA SER T 91 -86.31 37.56 -28.06
C SER T 91 -87.20 36.36 -27.76
N PHE T 92 -87.61 35.67 -28.82
CA PHE T 92 -88.39 34.45 -28.71
C PHE T 92 -87.47 33.25 -28.86
N THR T 93 -87.28 32.50 -27.79
CA THR T 93 -86.43 31.33 -27.84
C THR T 93 -87.08 30.26 -28.69
N PRO T 94 -86.46 29.81 -29.77
CA PRO T 94 -87.01 28.65 -30.49
C PRO T 94 -87.06 27.41 -29.64
N THR T 95 -86.08 27.23 -28.75
CA THR T 95 -86.06 26.06 -27.87
C THR T 95 -87.13 26.13 -26.78
N THR T 96 -87.80 27.27 -26.61
CA THR T 96 -88.93 27.33 -25.70
C THR T 96 -90.04 26.37 -26.15
N GLN T 97 -90.32 26.33 -27.44
CA GLN T 97 -91.33 25.41 -27.96
C GLN T 97 -90.83 23.98 -27.86
N LEU T 98 -91.71 23.08 -27.43
CA LEU T 98 -91.36 21.67 -27.29
C LEU T 98 -91.18 20.99 -28.64
N SER T 99 -91.69 21.59 -29.72
CA SER T 99 -91.72 20.91 -31.02
C SER T 99 -90.31 20.61 -31.52
N MET T 100 -89.44 21.62 -31.57
CA MET T 100 -88.14 21.43 -32.17
C MET T 100 -87.22 20.58 -31.30
N ASN T 101 -87.31 20.73 -29.97
CA ASN T 101 -86.50 19.89 -29.11
C ASN T 101 -86.98 18.44 -29.14
N LEU T 102 -88.29 18.23 -29.29
CA LEU T 102 -88.80 16.88 -29.51
C LEU T 102 -88.27 16.32 -30.83
N GLY T 103 -88.24 17.14 -31.88
CA GLY T 103 -87.71 16.75 -33.16
C GLY T 103 -86.21 16.62 -33.23
N MET T 104 -85.51 17.08 -32.20
CA MET T 104 -84.08 16.87 -32.07
C MET T 104 -83.71 15.68 -31.20
N ALA T 105 -84.43 15.45 -30.10
CA ALA T 105 -84.09 14.37 -29.17
C ALA T 105 -84.33 12.99 -29.78
N ILE T 106 -85.50 12.77 -30.40
CA ILE T 106 -85.82 11.46 -30.93
C ILE T 106 -84.87 11.02 -32.05
N PRO T 107 -84.64 11.82 -33.10
CA PRO T 107 -83.76 11.34 -34.19
C PRO T 107 -82.36 11.01 -33.73
N LEU T 108 -81.79 11.79 -32.81
CA LEU T 108 -80.40 11.55 -32.42
C LEU T 108 -80.28 10.32 -31.52
N TRP T 109 -81.23 10.13 -30.61
CA TRP T 109 -81.25 8.90 -29.81
C TRP T 109 -81.46 7.69 -30.69
N SER T 110 -82.35 7.79 -31.68
CA SER T 110 -82.56 6.69 -32.61
C SER T 110 -81.29 6.43 -33.41
N ALA T 111 -80.58 7.48 -33.80
CA ALA T 111 -79.32 7.31 -34.51
C ALA T 111 -78.31 6.57 -33.64
N THR T 112 -78.22 6.94 -32.36
CA THR T 112 -77.28 6.26 -31.46
C THR T 112 -77.62 4.78 -31.33
N VAL T 113 -78.90 4.47 -31.07
CA VAL T 113 -79.27 3.07 -30.86
C VAL T 113 -79.13 2.26 -32.15
N PHE T 114 -79.43 2.84 -33.30
CA PHE T 114 -79.30 2.11 -34.56
C PHE T 114 -77.85 1.97 -35.00
N THR T 115 -76.99 2.94 -34.66
CA THR T 115 -75.56 2.74 -34.86
C THR T 115 -75.03 1.62 -33.96
N GLY T 116 -75.53 1.55 -32.73
CA GLY T 116 -75.18 0.43 -31.87
C GLY T 116 -75.66 -0.90 -32.43
N PHE T 117 -76.84 -0.92 -33.03
CA PHE T 117 -77.38 -2.13 -33.61
C PHE T 117 -76.84 -2.42 -35.02
N ARG T 118 -76.08 -1.51 -35.60
CA ARG T 118 -75.48 -1.74 -36.91
C ARG T 118 -74.16 -2.49 -36.80
N TYR T 119 -73.36 -2.20 -35.77
CA TYR T 119 -72.08 -2.85 -35.54
C TYR T 119 -72.08 -3.44 -34.13
N LYS T 120 -71.48 -4.62 -34.00
CA LYS T 120 -71.54 -5.44 -32.78
C LYS T 120 -72.93 -5.39 -32.15
N THR T 121 -73.92 -5.79 -32.96
CA THR T 121 -75.32 -5.69 -32.56
C THR T 121 -75.61 -6.54 -31.34
N LYS T 122 -75.09 -7.77 -31.31
CA LYS T 122 -75.39 -8.67 -30.20
C LYS T 122 -74.88 -8.09 -28.87
N THR T 123 -73.67 -7.57 -28.87
CA THR T 123 -73.13 -6.95 -27.65
C THR T 123 -73.84 -5.65 -27.32
N SER T 124 -74.31 -4.92 -28.34
CA SER T 124 -75.03 -3.68 -28.09
C SER T 124 -76.30 -3.95 -27.28
N LEU T 125 -77.06 -4.97 -27.66
CA LEU T 125 -78.20 -5.39 -26.86
C LEU T 125 -77.77 -6.01 -25.55
N ALA T 126 -76.58 -6.63 -25.51
CA ALA T 126 -76.04 -7.20 -24.28
C ALA T 126 -75.59 -6.15 -23.29
N HIS T 127 -75.54 -4.87 -23.68
CA HIS T 127 -75.24 -3.80 -22.74
C HIS T 127 -76.30 -3.70 -21.65
N PHE T 128 -77.48 -4.28 -21.86
CA PHE T 128 -78.46 -4.37 -20.79
C PHE T 128 -77.92 -5.19 -19.62
N LEU T 129 -77.11 -6.20 -19.91
CA LEU T 129 -76.47 -7.00 -18.86
C LEU T 129 -75.30 -6.22 -18.28
N PRO T 130 -75.34 -5.88 -16.99
CA PRO T 130 -74.19 -5.18 -16.36
C PRO T 130 -73.14 -6.16 -15.86
N GLN T 131 -72.75 -7.10 -16.72
CA GLN T 131 -71.77 -8.14 -16.41
C GLN T 131 -72.21 -8.96 -15.20
N GLY T 132 -73.30 -9.71 -15.40
CA GLY T 132 -73.79 -10.58 -14.37
C GLY T 132 -74.96 -10.03 -13.58
N THR T 133 -74.67 -9.52 -12.37
CA THR T 133 -75.64 -8.98 -11.41
C THR T 133 -76.54 -10.10 -10.87
N PRO T 134 -77.17 -9.92 -9.70
CA PRO T 134 -77.99 -11.00 -9.14
C PRO T 134 -79.05 -11.54 -10.08
N ALA T 135 -79.07 -12.87 -10.25
CA ALA T 135 -80.01 -13.49 -11.16
C ALA T 135 -81.45 -13.44 -10.63
N LEU T 136 -81.61 -13.36 -9.31
CA LEU T 136 -82.95 -13.34 -8.74
C LEU T 136 -83.71 -12.08 -9.13
N LEU T 137 -83.00 -10.98 -9.36
CA LEU T 137 -83.61 -9.72 -9.75
C LEU T 137 -83.34 -9.35 -11.21
N ILE T 138 -82.88 -10.31 -12.02
CA ILE T 138 -82.54 -10.01 -13.41
C ILE T 138 -83.73 -9.47 -14.20
N PRO T 139 -84.92 -10.09 -14.18
CA PRO T 139 -86.04 -9.52 -14.96
C PRO T 139 -86.39 -8.10 -14.53
N MET T 140 -86.36 -7.83 -13.22
CA MET T 140 -86.66 -6.49 -12.75
C MET T 140 -85.62 -5.48 -13.26
N LEU T 141 -84.34 -5.84 -13.19
CA LEU T 141 -83.30 -4.96 -13.69
C LEU T 141 -83.46 -4.71 -15.19
N VAL T 142 -83.80 -5.76 -15.94
CA VAL T 142 -83.93 -5.64 -17.39
C VAL T 142 -85.09 -4.71 -17.74
N ILE T 143 -86.24 -4.90 -17.09
CA ILE T 143 -87.37 -4.03 -17.40
C ILE T 143 -87.09 -2.60 -16.96
N ILE T 144 -86.41 -2.42 -15.83
CA ILE T 144 -86.06 -1.08 -15.37
C ILE T 144 -85.16 -0.39 -16.39
N GLU T 145 -84.13 -1.09 -16.85
CA GLU T 145 -83.16 -0.45 -17.74
C GLU T 145 -83.76 -0.19 -19.12
N THR T 146 -84.62 -1.08 -19.61
CA THR T 146 -85.25 -0.81 -20.90
C THR T 146 -86.26 0.34 -20.80
N ILE T 147 -86.98 0.44 -19.68
CA ILE T 147 -87.87 1.58 -19.51
C ILE T 147 -87.07 2.86 -19.39
N SER T 148 -85.88 2.81 -18.76
CA SER T 148 -85.04 3.99 -18.68
C SER T 148 -84.51 4.38 -20.07
N LEU T 149 -84.13 3.38 -20.87
CA LEU T 149 -83.65 3.66 -22.22
C LEU T 149 -84.74 4.31 -23.07
N PHE T 150 -85.97 3.81 -22.97
CA PHE T 150 -87.07 4.45 -23.67
C PHE T 150 -87.43 5.81 -23.09
N ILE T 151 -87.18 6.02 -21.79
CA ILE T 151 -87.40 7.32 -21.18
C ILE T 151 -86.40 8.34 -21.69
N GLN T 152 -85.17 7.90 -21.95
CA GLN T 152 -84.06 8.82 -22.22
C GLN T 152 -84.35 9.90 -23.25
N PRO T 153 -84.97 9.62 -24.40
CA PRO T 153 -85.26 10.74 -25.34
C PRO T 153 -86.18 11.80 -24.76
N VAL T 154 -87.26 11.37 -24.11
CA VAL T 154 -88.18 12.32 -23.49
C VAL T 154 -87.48 13.10 -22.39
N ALA T 155 -86.64 12.41 -21.61
CA ALA T 155 -85.87 13.08 -20.57
C ALA T 155 -84.97 14.15 -21.17
N LEU T 156 -84.27 13.81 -22.26
CA LEU T 156 -83.36 14.75 -22.89
C LEU T 156 -84.11 15.97 -23.42
N ALA T 157 -85.28 15.75 -24.01
CA ALA T 157 -86.06 16.88 -24.53
C ALA T 157 -86.57 17.76 -23.39
N VAL T 158 -87.12 17.14 -22.34
CA VAL T 158 -87.75 17.90 -21.28
C VAL T 158 -86.72 18.68 -20.48
N ARG T 159 -85.57 18.06 -20.18
CA ARG T 159 -84.57 18.72 -19.36
C ARG T 159 -84.01 19.97 -20.02
N LEU T 160 -84.27 20.17 -21.30
CA LEU T 160 -83.96 21.40 -22.01
C LEU T 160 -85.18 22.33 -22.09
N THR T 161 -86.31 21.81 -22.56
CA THR T 161 -87.47 22.65 -22.79
C THR T 161 -87.97 23.28 -21.50
N ALA T 162 -88.10 22.48 -20.43
CA ALA T 162 -88.73 22.95 -19.22
C ALA T 162 -87.96 24.09 -18.58
N ASN T 163 -86.64 23.92 -18.42
CA ASN T 163 -85.86 25.00 -17.79
C ASN T 163 -85.64 26.18 -18.73
N ILE T 164 -85.55 25.95 -20.04
CA ILE T 164 -85.47 27.10 -20.96
C ILE T 164 -86.73 27.95 -20.84
N THR T 165 -87.89 27.32 -20.79
CA THR T 165 -89.12 28.08 -20.58
C THR T 165 -89.17 28.70 -19.20
N ALA T 166 -88.69 27.98 -18.19
CA ALA T 166 -88.80 28.46 -16.80
C ALA T 166 -87.94 29.69 -16.56
N GLY T 167 -86.79 29.79 -17.22
CA GLY T 167 -85.99 31.00 -17.09
C GLY T 167 -86.74 32.24 -17.55
N HIS T 168 -87.35 32.16 -18.74
CA HIS T 168 -88.15 33.27 -19.23
C HIS T 168 -89.37 33.52 -18.35
N LEU T 169 -89.97 32.44 -17.83
CA LEU T 169 -91.13 32.59 -16.95
C LEU T 169 -90.77 33.36 -15.69
N LEU T 170 -89.65 33.00 -15.06
CA LEU T 170 -89.20 33.71 -13.87
C LEU T 170 -88.84 35.15 -14.18
N ILE T 171 -88.17 35.38 -15.31
CA ILE T 171 -87.83 36.75 -15.70
C ILE T 171 -89.09 37.58 -15.85
N HIS T 172 -90.09 37.04 -16.55
CA HIS T 172 -91.35 37.76 -16.73
C HIS T 172 -92.04 38.02 -15.40
N LEU T 173 -92.07 37.02 -14.51
CA LEU T 173 -92.76 37.19 -13.24
C LEU T 173 -92.11 38.27 -12.39
N ILE T 174 -90.79 38.22 -12.24
CA ILE T 174 -90.13 39.20 -11.39
C ILE T 174 -90.16 40.58 -12.05
N GLY T 175 -90.09 40.66 -13.37
CA GLY T 175 -90.21 41.94 -14.04
C GLY T 175 -91.58 42.56 -13.87
N GLY T 176 -92.63 41.74 -13.99
CA GLY T 176 -93.97 42.24 -13.72
C GLY T 176 -94.14 42.66 -12.28
N ALA T 177 -93.51 41.96 -11.35
CA ALA T 177 -93.54 42.37 -9.95
C ALA T 177 -92.89 43.74 -9.77
N THR T 178 -91.73 43.95 -10.41
CA THR T 178 -91.06 45.24 -10.32
C THR T 178 -91.91 46.35 -10.93
N LEU T 179 -92.49 46.10 -12.12
CA LEU T 179 -93.29 47.12 -12.77
C LEU T 179 -94.54 47.47 -11.96
N ALA T 180 -95.20 46.45 -11.40
CA ALA T 180 -96.38 46.68 -10.59
C ALA T 180 -96.04 47.25 -9.21
N LEU T 181 -94.78 47.17 -8.80
CA LEU T 181 -94.36 47.65 -7.48
C LEU T 181 -94.18 49.16 -7.55
N LEU T 182 -95.29 49.88 -7.40
CA LEU T 182 -95.27 51.34 -7.30
C LEU T 182 -95.10 51.80 -5.86
N ASN T 183 -94.84 50.87 -4.95
CA ASN T 183 -94.67 51.16 -3.52
C ASN T 183 -93.26 51.66 -3.25
N ILE T 184 -92.83 51.57 -1.99
CA ILE T 184 -91.52 52.03 -1.53
C ILE T 184 -90.43 51.64 -2.53
N ASN T 185 -89.62 52.62 -2.92
CA ASN T 185 -88.64 52.40 -3.99
C ASN T 185 -87.52 51.48 -3.55
N THR T 186 -87.29 51.37 -2.24
CA THR T 186 -86.25 50.47 -1.75
C THR T 186 -86.56 49.02 -2.13
N MET T 187 -87.82 48.61 -1.95
CA MET T 187 -88.22 47.26 -2.34
C MET T 187 -88.07 47.07 -3.85
N THR T 188 -88.42 48.09 -4.62
CA THR T 188 -88.27 48.00 -6.07
C THR T 188 -86.81 47.80 -6.47
N ALA T 189 -85.92 48.56 -5.82
CA ALA T 189 -84.49 48.43 -6.11
C ALA T 189 -83.97 47.05 -5.72
N PHE T 190 -84.43 46.54 -4.58
CA PHE T 190 -84.01 45.19 -4.16
C PHE T 190 -84.50 44.14 -5.14
N ILE T 191 -85.74 44.26 -5.61
CA ILE T 191 -86.26 43.30 -6.58
C ILE T 191 -85.51 43.42 -7.91
N THR T 192 -85.13 44.63 -8.30
CA THR T 192 -84.34 44.80 -9.53
C THR T 192 -82.96 44.16 -9.38
N PHE T 193 -82.36 44.28 -8.20
CA PHE T 193 -81.11 43.57 -7.94
C PHE T 193 -81.30 42.07 -8.05
N THR T 194 -82.41 41.56 -7.50
CA THR T 194 -82.72 40.15 -7.67
C THR T 194 -82.87 39.78 -9.14
N ILE T 195 -83.47 40.68 -9.93
CA ILE T 195 -83.64 40.43 -11.36
C ILE T 195 -82.28 40.30 -12.04
N LEU T 196 -81.37 41.23 -11.75
CA LEU T 196 -80.06 41.18 -12.40
C LEU T 196 -79.29 39.95 -11.95
N ILE T 197 -79.39 39.57 -10.68
CA ILE T 197 -78.73 38.35 -10.21
C ILE T 197 -79.30 37.13 -10.92
N LEU T 198 -80.62 37.08 -11.07
CA LEU T 198 -81.24 35.95 -11.77
C LEU T 198 -80.78 35.90 -13.23
N LEU T 199 -80.73 37.05 -13.89
CA LEU T 199 -80.32 37.06 -15.29
C LEU T 199 -78.87 36.65 -15.45
N THR T 200 -78.02 37.01 -14.49
CA THR T 200 -76.66 36.48 -14.49
C THR T 200 -76.67 34.97 -14.35
N ILE T 201 -77.56 34.44 -13.49
CA ILE T 201 -77.72 33.00 -13.39
C ILE T 201 -78.33 32.43 -14.66
N LEU T 202 -79.26 33.17 -15.27
CA LEU T 202 -79.88 32.71 -16.51
C LEU T 202 -78.88 32.64 -17.67
N GLU T 203 -77.74 33.30 -17.55
CA GLU T 203 -76.69 33.14 -18.55
C GLU T 203 -76.05 31.77 -18.51
N PHE T 204 -76.31 30.98 -17.47
CA PHE T 204 -75.84 29.60 -17.36
C PHE T 204 -76.63 28.65 -18.23
N ALA T 205 -77.48 29.16 -19.13
CA ALA T 205 -78.12 28.28 -20.10
C ALA T 205 -77.10 27.58 -20.98
N VAL T 206 -75.89 28.15 -21.09
CA VAL T 206 -74.81 27.47 -21.81
C VAL T 206 -74.48 26.15 -21.13
N ALA T 207 -74.50 26.13 -19.80
CA ALA T 207 -74.30 24.87 -19.08
C ALA T 207 -75.38 23.86 -19.43
N LEU T 208 -76.59 24.32 -19.73
CA LEU T 208 -77.63 23.42 -20.20
C LEU T 208 -77.28 22.82 -21.55
N ILE T 209 -76.70 23.63 -22.45
CA ILE T 209 -76.21 23.11 -23.72
C ILE T 209 -75.16 22.05 -23.48
N GLN T 210 -74.22 22.33 -22.57
CA GLN T 210 -73.18 21.36 -22.25
C GLN T 210 -73.77 20.07 -21.73
N ALA T 211 -74.76 20.16 -20.83
CA ALA T 211 -75.38 18.97 -20.27
C ALA T 211 -76.08 18.15 -21.34
N TYR T 212 -76.86 18.82 -22.20
CA TYR T 212 -77.56 18.12 -23.28
C TYR T 212 -76.58 17.39 -24.19
N VAL T 213 -75.58 18.11 -24.69
CA VAL T 213 -74.66 17.52 -25.65
C VAL T 213 -73.81 16.44 -25.01
N PHE T 214 -73.44 16.64 -23.73
CA PHE T 214 -72.62 15.64 -23.05
C PHE T 214 -73.41 14.37 -22.78
N THR T 215 -74.69 14.49 -22.43
CA THR T 215 -75.53 13.31 -22.27
C THR T 215 -75.68 12.58 -23.60
N LEU T 216 -75.86 13.32 -24.68
CA LEU T 216 -75.93 12.68 -26.00
C LEU T 216 -74.63 11.96 -26.32
N LEU T 217 -73.49 12.59 -26.04
CA LEU T 217 -72.20 11.98 -26.28
C LEU T 217 -72.02 10.71 -25.44
N VAL T 218 -72.43 10.75 -24.18
CA VAL T 218 -72.31 9.59 -23.31
C VAL T 218 -73.17 8.45 -23.85
N SER T 219 -74.39 8.75 -24.28
CA SER T 219 -75.24 7.71 -24.86
C SER T 219 -74.60 7.11 -26.11
N LEU T 220 -74.09 7.96 -27.00
CA LEU T 220 -73.48 7.46 -28.22
C LEU T 220 -72.25 6.60 -27.92
N TYR T 221 -71.42 7.04 -26.97
CA TYR T 221 -70.23 6.28 -26.60
C TYR T 221 -70.61 4.95 -25.97
N LEU T 222 -71.65 4.94 -25.13
CA LEU T 222 -72.12 3.69 -24.54
C LEU T 222 -72.59 2.72 -25.61
N HIS T 223 -73.35 3.22 -26.59
CA HIS T 223 -73.82 2.35 -27.65
C HIS T 223 -72.86 2.26 -28.83
N ASP T 224 -71.76 3.01 -28.82
CA ASP T 224 -70.77 2.94 -29.88
C ASP T 224 -69.43 3.49 -29.42
N ARG U 37 -65.73 62.43 -12.22
CA ARG U 37 -67.14 62.08 -12.30
C ARG U 37 -68.01 63.34 -12.27
N LEU U 38 -68.26 63.85 -11.06
CA LEU U 38 -69.05 65.06 -10.92
C LEU U 38 -68.37 66.25 -11.58
N GLY U 39 -67.06 66.38 -11.40
CA GLY U 39 -66.33 67.45 -12.07
C GLY U 39 -66.33 67.30 -13.58
N LEU U 40 -66.16 66.08 -14.07
CA LEU U 40 -66.25 65.84 -15.51
C LEU U 40 -67.65 66.14 -16.03
N ILE U 41 -68.69 65.79 -15.25
CA ILE U 41 -70.05 66.14 -15.63
C ILE U 41 -70.23 67.64 -15.76
N PRO U 42 -69.74 68.48 -14.84
CA PRO U 42 -69.83 69.92 -15.06
C PRO U 42 -69.11 70.40 -16.31
N GLU U 43 -67.94 69.81 -16.60
CA GLU U 43 -67.21 70.19 -17.81
C GLU U 43 -67.99 69.80 -19.07
N GLU U 44 -68.57 68.61 -19.08
CA GLU U 44 -69.38 68.19 -20.23
C GLU U 44 -70.61 69.07 -20.37
N PHE U 45 -71.22 69.45 -19.24
CA PHE U 45 -72.38 70.34 -19.30
C PHE U 45 -72.00 71.71 -19.87
N PHE U 46 -70.83 72.23 -19.46
CA PHE U 46 -70.36 73.50 -20.01
C PHE U 46 -70.10 73.39 -21.50
N GLN U 47 -69.48 72.28 -21.93
CA GLN U 47 -69.22 72.08 -23.35
C GLN U 47 -70.53 72.00 -24.14
N PHE U 48 -71.52 71.30 -23.60
CA PHE U 48 -72.82 71.21 -24.26
C PHE U 48 -73.50 72.57 -24.33
N LEU U 49 -73.43 73.34 -23.24
CA LEU U 49 -74.02 74.68 -23.25
C LEU U 49 -73.35 75.57 -24.29
N TYR U 50 -72.02 75.49 -24.40
CA TYR U 50 -71.33 76.19 -25.48
C TYR U 50 -71.81 75.74 -26.84
N PRO U 51 -71.89 74.44 -27.14
CA PRO U 51 -72.49 74.02 -28.42
C PRO U 51 -73.95 74.40 -28.55
N LYS U 52 -74.70 74.41 -27.45
CA LYS U 52 -76.13 74.74 -27.52
C LYS U 52 -76.34 76.21 -27.90
N THR U 53 -75.53 77.10 -27.34
CA THR U 53 -75.67 78.52 -27.66
C THR U 53 -75.43 78.79 -29.14
N GLY U 54 -74.39 78.17 -29.70
CA GLY U 54 -74.10 78.31 -31.12
C GLY U 54 -74.38 77.04 -31.89
N VAL U 55 -73.45 76.63 -32.75
CA VAL U 55 -73.59 75.38 -33.49
C VAL U 55 -72.39 74.49 -33.20
N THR U 56 -71.21 74.90 -33.66
CA THR U 56 -69.95 74.16 -33.44
C THR U 56 -70.01 72.74 -34.01
N GLY U 57 -70.98 72.48 -34.89
CA GLY U 57 -71.14 71.19 -35.49
C GLY U 57 -72.26 71.17 -36.51
N PRO U 58 -72.37 70.09 -37.28
CA PRO U 58 -73.43 70.01 -38.31
C PRO U 58 -74.75 69.46 -37.77
N TYR U 59 -75.42 70.29 -36.95
CA TYR U 59 -76.71 69.95 -36.37
C TYR U 59 -76.64 68.63 -35.58
N VAL U 60 -76.04 68.72 -34.38
CA VAL U 60 -75.82 67.55 -33.54
C VAL U 60 -77.13 66.78 -33.37
N LEU U 61 -77.08 65.48 -33.66
CA LEU U 61 -78.25 64.62 -33.67
C LEU U 61 -78.53 63.97 -32.32
N GLY U 62 -77.69 64.21 -31.31
CA GLY U 62 -77.95 63.64 -29.99
C GLY U 62 -79.28 64.10 -29.42
N THR U 63 -79.59 65.39 -29.56
CA THR U 63 -80.89 65.89 -29.16
C THR U 63 -81.99 65.23 -29.96
N GLY U 64 -81.73 64.94 -31.24
CA GLY U 64 -82.71 64.21 -32.04
C GLY U 64 -82.98 62.83 -31.49
N LEU U 65 -81.93 62.10 -31.10
CA LEU U 65 -82.12 60.78 -30.52
C LEU U 65 -82.88 60.87 -29.20
N ILE U 66 -82.55 61.86 -28.37
CA ILE U 66 -83.24 62.02 -27.09
C ILE U 66 -84.72 62.31 -27.31
N LEU U 67 -85.03 63.22 -28.25
CA LEU U 67 -86.43 63.55 -28.53
C LEU U 67 -87.17 62.36 -29.11
N TYR U 68 -86.52 61.58 -29.98
CA TYR U 68 -87.16 60.39 -30.53
C TYR U 68 -87.45 59.38 -29.44
N LEU U 69 -86.50 59.19 -28.52
CA LEU U 69 -86.74 58.28 -27.40
C LEU U 69 -87.89 58.77 -26.52
N LEU U 70 -87.95 60.08 -26.28
CA LEU U 70 -89.04 60.64 -25.48
C LEU U 70 -90.39 60.41 -26.15
N SER U 71 -90.46 60.65 -27.46
CA SER U 71 -91.71 60.43 -28.19
C SER U 71 -92.10 58.95 -28.18
N LYS U 72 -91.12 58.06 -28.34
CA LYS U 72 -91.40 56.63 -28.30
C LYS U 72 -91.93 56.22 -26.92
N GLU U 73 -91.32 56.73 -25.85
CA GLU U 73 -91.81 56.42 -24.52
C GLU U 73 -93.22 56.98 -24.31
N ILE U 74 -93.50 58.16 -24.87
CA ILE U 74 -94.82 58.77 -24.71
C ILE U 74 -95.89 57.95 -25.41
N TYR U 75 -95.62 57.52 -26.64
CA TYR U 75 -96.66 56.93 -27.47
C TYR U 75 -96.44 55.46 -27.79
N VAL U 76 -95.30 55.10 -28.38
CA VAL U 76 -95.14 53.76 -28.93
C VAL U 76 -94.66 52.79 -27.86
N ILE U 77 -93.53 53.10 -27.22
CA ILE U 77 -92.92 52.18 -26.27
C ILE U 77 -93.84 51.98 -25.07
N THR U 78 -94.03 50.73 -24.67
CA THR U 78 -94.85 50.37 -23.54
C THR U 78 -93.97 49.87 -22.40
N ALA U 79 -94.11 50.48 -21.23
CA ALA U 79 -93.29 50.13 -20.06
C ALA U 79 -93.93 48.95 -19.33
N GLU U 80 -93.87 47.79 -19.97
CA GLU U 80 -94.36 46.54 -19.41
C GLU U 80 -93.30 45.48 -19.59
N THR U 81 -92.88 44.85 -18.48
CA THR U 81 -91.81 43.86 -18.46
C THR U 81 -90.50 44.40 -19.03
N PHE U 82 -90.37 45.73 -19.09
CA PHE U 82 -89.13 46.33 -19.60
C PHE U 82 -87.97 46.12 -18.62
N SER U 83 -88.21 46.41 -17.33
CA SER U 83 -87.18 46.19 -16.33
C SER U 83 -86.82 44.72 -16.17
N ALA U 84 -87.66 43.81 -16.66
CA ALA U 84 -87.39 42.38 -16.59
C ALA U 84 -86.13 42.02 -17.35
N ILE U 85 -86.11 42.29 -18.66
CA ILE U 85 -84.99 41.90 -19.50
C ILE U 85 -84.42 43.05 -20.32
N SER U 86 -85.22 44.06 -20.68
CA SER U 86 -84.69 45.15 -21.50
C SER U 86 -83.63 45.94 -20.74
N THR U 87 -83.83 46.16 -19.45
CA THR U 87 -82.84 46.84 -18.64
C THR U 87 -81.80 45.88 -18.07
N ILE U 88 -82.25 44.77 -17.48
CA ILE U 88 -81.34 43.88 -16.78
C ILE U 88 -80.36 43.22 -17.75
N GLY U 89 -80.88 42.68 -18.86
CA GLY U 89 -80.02 42.02 -19.82
C GLY U 89 -79.02 42.97 -20.45
N VAL U 90 -79.48 44.16 -20.84
CA VAL U 90 -78.58 45.15 -21.42
C VAL U 90 -77.53 45.58 -20.40
N LEU U 91 -77.94 45.73 -19.14
CA LEU U 91 -76.97 46.09 -18.10
C LEU U 91 -75.91 45.01 -17.91
N VAL U 92 -76.33 43.74 -17.94
CA VAL U 92 -75.36 42.64 -17.83
C VAL U 92 -74.41 42.66 -19.01
N TYR U 93 -74.94 42.89 -20.21
CA TYR U 93 -74.07 42.97 -21.39
C TYR U 93 -73.10 44.13 -21.28
N ILE U 94 -73.56 45.27 -20.76
CA ILE U 94 -72.69 46.42 -20.58
C ILE U 94 -71.58 46.11 -19.59
N VAL U 95 -71.92 45.44 -18.49
CA VAL U 95 -70.89 45.06 -17.52
C VAL U 95 -69.89 44.10 -18.15
N LYS U 96 -70.36 43.16 -18.96
CA LYS U 96 -69.47 42.24 -19.64
C LYS U 96 -68.53 42.96 -20.60
N LYS U 97 -69.08 43.90 -21.38
CA LYS U 97 -68.27 44.58 -22.39
C LYS U 97 -67.26 45.52 -21.75
N TYR U 98 -67.71 46.34 -20.80
CA TYR U 98 -66.81 47.25 -20.11
C TYR U 98 -65.85 46.53 -19.17
N GLY U 99 -66.06 45.25 -18.92
CA GLY U 99 -65.27 44.46 -18.00
C GLY U 99 -64.35 43.53 -18.78
N ALA U 100 -64.72 42.25 -18.86
CA ALA U 100 -63.80 41.23 -19.35
C ALA U 100 -63.58 41.28 -20.85
N SER U 101 -64.35 42.08 -21.59
CA SER U 101 -64.15 42.14 -23.04
C SER U 101 -62.83 42.80 -23.40
N ILE U 102 -62.34 43.71 -22.57
CA ILE U 102 -61.01 44.28 -22.80
C ILE U 102 -59.95 43.19 -22.80
N GLY U 103 -60.04 42.28 -21.83
CA GLY U 103 -59.14 41.14 -21.82
C GLY U 103 -59.44 40.13 -22.91
N ALA U 104 -60.70 40.04 -23.33
CA ALA U 104 -61.06 39.12 -24.41
C ALA U 104 -60.43 39.55 -25.73
N PHE U 105 -60.37 40.86 -25.97
CA PHE U 105 -59.70 41.36 -27.16
C PHE U 105 -58.23 40.96 -27.17
N ALA U 106 -57.56 41.06 -26.01
CA ALA U 106 -56.19 40.58 -25.91
C ALA U 106 -56.10 39.09 -26.14
N ASP U 107 -56.99 38.32 -25.50
CA ASP U 107 -56.98 36.87 -25.66
C ASP U 107 -57.19 36.46 -27.12
N LYS U 108 -57.87 37.30 -27.90
CA LYS U 108 -57.99 37.04 -29.32
C LYS U 108 -56.70 37.41 -30.06
N LEU U 109 -56.32 38.69 -30.01
CA LEU U 109 -55.22 39.17 -30.83
C LEU U 109 -53.89 38.57 -30.39
N ASN U 110 -53.47 38.86 -29.16
CA ASN U 110 -52.13 38.50 -28.71
C ASN U 110 -51.98 37.03 -28.38
N GLU U 111 -53.03 36.23 -28.50
CA GLU U 111 -52.92 34.79 -28.28
C GLU U 111 -53.20 33.98 -29.55
N GLN U 112 -54.34 34.20 -30.20
CA GLN U 112 -54.70 33.36 -31.34
C GLN U 112 -53.83 33.69 -32.55
N LYS U 113 -53.64 34.97 -32.84
CA LYS U 113 -52.88 35.36 -34.04
C LYS U 113 -51.40 34.99 -33.89
N ILE U 114 -50.80 35.37 -32.76
CA ILE U 114 -49.36 35.18 -32.62
C ILE U 114 -49.00 33.70 -32.58
N ALA U 115 -49.89 32.85 -32.10
CA ALA U 115 -49.59 31.42 -32.05
C ALA U 115 -49.40 30.85 -33.46
N GLN U 116 -50.36 31.11 -34.35
CA GLN U 116 -50.24 30.60 -35.71
C GLN U 116 -49.13 31.33 -36.46
N LEU U 117 -48.90 32.60 -36.15
CA LEU U 117 -47.76 33.30 -36.75
C LEU U 117 -46.45 32.63 -36.39
N GLU U 118 -46.25 32.31 -35.11
CA GLU U 118 -45.05 31.62 -34.69
C GLU U 118 -44.95 30.24 -35.32
N GLU U 119 -46.08 29.54 -35.42
CA GLU U 119 -46.07 28.21 -36.03
C GLU U 119 -45.61 28.27 -37.47
N VAL U 120 -46.19 29.17 -38.27
CA VAL U 120 -45.84 29.23 -39.68
C VAL U 120 -44.41 29.73 -39.85
N LYS U 121 -43.97 30.68 -39.01
CA LYS U 121 -42.59 31.15 -39.09
C LYS U 121 -41.60 30.04 -38.78
N GLN U 122 -41.89 29.25 -37.74
CA GLN U 122 -41.02 28.13 -37.40
C GLN U 122 -41.00 27.09 -38.51
N ALA U 123 -42.16 26.82 -39.12
CA ALA U 123 -42.18 25.88 -40.23
C ALA U 123 -41.33 26.38 -41.40
N SER U 124 -41.44 27.66 -41.73
CA SER U 124 -40.68 28.22 -42.84
C SER U 124 -39.17 28.16 -42.57
N ILE U 125 -38.77 28.54 -41.36
CA ILE U 125 -37.33 28.54 -41.06
C ILE U 125 -36.81 27.12 -41.01
N LYS U 126 -37.61 26.17 -40.52
CA LYS U 126 -37.19 24.78 -40.54
C LYS U 126 -37.01 24.28 -41.97
N GLN U 127 -37.93 24.63 -42.86
CA GLN U 127 -37.81 24.21 -44.25
C GLN U 127 -36.55 24.78 -44.89
N ILE U 128 -36.29 26.07 -44.67
CA ILE U 128 -35.14 26.69 -45.33
C ILE U 128 -33.83 26.14 -44.77
N GLN U 129 -33.76 25.92 -43.45
CA GLN U 129 -32.53 25.36 -42.90
C GLN U 129 -32.34 23.91 -43.34
N ASP U 130 -33.42 23.14 -43.49
CA ASP U 130 -33.31 21.79 -44.02
C ASP U 130 -32.75 21.81 -45.43
N ALA U 131 -33.26 22.73 -46.28
CA ALA U 131 -32.72 22.84 -47.63
C ALA U 131 -31.24 23.20 -47.61
N ILE U 132 -30.85 24.13 -46.74
CA ILE U 132 -29.46 24.58 -46.68
C ILE U 132 -28.56 23.42 -46.27
N ASP U 133 -28.94 22.68 -45.24
CA ASP U 133 -28.07 21.59 -44.77
C ASP U 133 -28.02 20.45 -45.79
N LEU U 134 -29.12 20.18 -46.49
CA LEU U 134 -29.07 19.19 -47.57
C LEU U 134 -28.12 19.62 -48.67
N GLU U 135 -28.15 20.92 -49.01
CA GLU U 135 -27.22 21.43 -50.01
C GLU U 135 -25.78 21.24 -49.58
N LYS U 136 -25.48 21.56 -48.32
CA LYS U 136 -24.11 21.39 -47.82
C LYS U 136 -23.70 19.93 -47.81
N SER U 137 -24.61 19.04 -47.41
CA SER U 137 -24.30 17.61 -47.40
C SER U 137 -23.98 17.11 -48.80
N GLN U 138 -24.77 17.53 -49.79
CA GLN U 138 -24.49 17.11 -51.17
C GLN U 138 -23.18 17.72 -51.67
N GLN U 139 -22.86 18.94 -51.23
CA GLN U 139 -21.59 19.55 -51.62
C GLN U 139 -20.41 18.74 -51.11
N ALA U 140 -20.51 18.23 -49.88
CA ALA U 140 -19.46 17.34 -49.38
C ALA U 140 -19.45 16.02 -50.13
N LEU U 141 -20.63 15.47 -50.40
CA LEU U 141 -20.74 14.14 -50.99
C LEU U 141 -20.14 14.10 -52.39
N VAL U 142 -20.37 15.14 -53.19
CA VAL U 142 -19.87 15.14 -54.57
C VAL U 142 -18.34 15.13 -54.57
N GLN U 143 -17.72 15.80 -53.60
CA GLN U 143 -16.26 15.85 -53.54
C GLN U 143 -15.67 14.53 -53.06
N LYS U 144 -16.30 13.93 -52.04
CA LYS U 144 -15.67 12.83 -51.31
C LYS U 144 -15.34 11.66 -52.22
N ARG U 145 -16.24 11.32 -53.16
CA ARG U 145 -16.05 10.11 -53.96
C ARG U 145 -14.79 10.18 -54.80
N HIS U 146 -14.62 11.25 -55.58
CA HIS U 146 -13.42 11.34 -56.40
C HIS U 146 -12.19 11.62 -55.55
N TYR U 147 -12.34 12.34 -54.43
CA TYR U 147 -11.19 12.55 -53.55
C TYR U 147 -10.63 11.23 -53.04
N LEU U 148 -11.51 10.29 -52.69
CA LEU U 148 -11.03 8.99 -52.23
C LEU U 148 -10.54 8.12 -53.39
N PHE U 149 -11.20 8.22 -54.55
CA PHE U 149 -10.80 7.40 -55.70
C PHE U 149 -9.40 7.75 -56.16
N ASP U 150 -9.04 9.04 -56.16
CA ASP U 150 -7.70 9.43 -56.58
C ASP U 150 -6.65 8.81 -55.67
N VAL U 151 -6.88 8.83 -54.35
CA VAL U 151 -5.92 8.26 -53.42
C VAL U 151 -5.85 6.74 -53.56
N GLN U 152 -6.99 6.10 -53.84
CA GLN U 152 -6.96 4.66 -54.09
C GLN U 152 -6.09 4.34 -55.30
N ARG U 153 -6.26 5.11 -56.38
CA ARG U 153 -5.44 4.90 -57.57
C ARG U 153 -3.96 5.12 -57.25
N ASN U 154 -3.65 6.14 -56.45
CA ASN U 154 -2.27 6.40 -56.08
C ASN U 154 -1.68 5.25 -55.27
N ASN U 155 -2.44 4.72 -54.32
CA ASN U 155 -1.97 3.60 -53.51
C ASN U 155 -1.75 2.34 -54.35
N ILE U 156 -2.56 2.18 -55.40
CA ILE U 156 -2.35 1.05 -56.32
C ILE U 156 -0.93 1.09 -56.88
N ALA U 157 -0.48 2.27 -57.29
CA ALA U 157 0.90 2.41 -57.76
C ALA U 157 1.90 2.15 -56.64
N MET U 158 1.57 2.56 -55.40
CA MET U 158 2.48 2.33 -54.28
C MET U 158 2.73 0.85 -54.07
N ALA U 159 1.70 0.03 -54.24
CA ALA U 159 1.84 -1.41 -53.98
C ALA U 159 2.82 -2.06 -54.95
N LEU U 160 3.04 -1.47 -56.12
CA LEU U 160 3.77 -2.12 -57.19
C LEU U 160 5.29 -1.90 -57.10
N GLU U 161 5.75 -1.04 -56.20
CA GLU U 161 7.11 -0.50 -56.30
C GLU U 161 8.18 -1.57 -56.07
N VAL U 162 8.03 -2.38 -55.02
CA VAL U 162 9.16 -3.14 -54.47
C VAL U 162 9.48 -4.42 -55.23
N THR U 163 8.90 -4.63 -56.41
CA THR U 163 9.06 -5.90 -57.11
C THR U 163 10.52 -6.15 -57.52
N TYR U 164 11.03 -5.35 -58.45
CA TYR U 164 12.31 -5.64 -59.09
C TYR U 164 13.49 -5.46 -58.14
N ARG U 165 13.30 -4.68 -57.07
CA ARG U 165 14.39 -4.37 -56.16
C ARG U 165 14.91 -5.63 -55.48
N GLU U 166 14.01 -6.56 -55.13
CA GLU U 166 14.42 -7.77 -54.43
C GLU U 166 15.42 -8.56 -55.26
N ARG U 167 15.06 -8.86 -56.52
CA ARG U 167 15.95 -9.62 -57.39
C ARG U 167 17.24 -8.87 -57.66
N LEU U 168 17.12 -7.56 -57.93
CA LEU U 168 18.31 -6.77 -58.24
C LEU U 168 19.30 -6.80 -57.09
N HIS U 169 18.81 -6.70 -55.85
CA HIS U 169 19.70 -6.69 -54.70
C HIS U 169 20.24 -8.09 -54.39
N ARG U 170 19.42 -9.12 -54.59
CA ARG U 170 19.86 -10.46 -54.19
C ARG U 170 20.85 -11.09 -55.16
N VAL U 171 20.75 -10.79 -56.46
CA VAL U 171 21.61 -11.48 -57.43
C VAL U 171 23.07 -11.13 -57.20
N TYR U 172 23.36 -9.84 -56.98
CA TYR U 172 24.74 -9.42 -56.76
C TYR U 172 25.30 -10.01 -55.47
N LYS U 173 24.48 -10.05 -54.42
CA LYS U 173 24.92 -10.66 -53.17
C LYS U 173 25.25 -12.13 -53.36
N GLU U 174 24.41 -12.85 -54.11
CA GLU U 174 24.66 -14.26 -54.37
C GLU U 174 25.97 -14.47 -55.13
N ILE U 175 26.20 -13.66 -56.17
CA ILE U 175 27.43 -13.81 -56.96
C ILE U 175 28.65 -13.46 -56.12
N LYS U 176 28.55 -12.41 -55.30
CA LYS U 176 29.65 -12.04 -54.43
C LYS U 176 29.95 -13.13 -53.41
N ASN U 177 28.90 -13.78 -52.88
CA ASN U 177 29.11 -14.91 -51.98
C ASN U 177 29.80 -16.06 -52.70
N ARG U 178 29.41 -16.32 -53.95
CA ARG U 178 30.05 -17.37 -54.73
C ARG U 178 31.54 -17.09 -54.88
N LEU U 179 31.90 -15.83 -55.18
CA LEU U 179 33.31 -15.47 -55.30
C LEU U 179 34.03 -15.61 -53.96
N ASP U 180 33.40 -15.13 -52.89
CA ASP U 180 34.03 -15.15 -51.57
C ASP U 180 34.25 -16.58 -51.08
N TYR U 181 33.42 -17.51 -51.52
CA TYR U 181 33.66 -18.92 -51.21
C TYR U 181 35.05 -19.35 -51.67
N HIS U 182 35.35 -19.11 -52.95
CA HIS U 182 36.65 -19.48 -53.49
C HIS U 182 37.76 -18.70 -52.81
N ILE U 183 37.53 -17.40 -52.56
CA ILE U 183 38.56 -16.58 -51.94
C ILE U 183 38.92 -17.12 -50.56
N SER U 184 37.90 -17.44 -49.76
CA SER U 184 38.13 -17.96 -48.41
C SER U 184 38.78 -19.33 -48.44
N VAL U 185 38.36 -20.19 -49.37
CA VAL U 185 38.99 -21.50 -49.48
C VAL U 185 40.47 -21.37 -49.82
N GLN U 186 40.80 -20.49 -50.76
CA GLN U 186 42.20 -20.27 -51.13
C GLN U 186 42.99 -19.71 -49.96
N ASN U 187 42.42 -18.77 -49.21
CA ASN U 187 43.12 -18.22 -48.06
C ASN U 187 43.38 -19.28 -47.00
N MET U 188 42.38 -20.12 -46.74
CA MET U 188 42.55 -21.19 -45.75
C MET U 188 43.61 -22.19 -46.20
N MET U 189 43.61 -22.55 -47.48
CA MET U 189 44.65 -23.45 -47.98
C MET U 189 46.03 -22.81 -47.87
N ARG U 190 46.14 -21.52 -48.16
CA ARG U 190 47.41 -20.83 -48.01
C ARG U 190 47.89 -20.88 -46.56
N GLN U 191 46.99 -20.63 -45.61
CA GLN U 191 47.38 -20.66 -44.20
C GLN U 191 47.81 -22.06 -43.78
N LYS U 192 47.09 -23.09 -44.23
CA LYS U 192 47.46 -24.46 -43.88
C LYS U 192 48.82 -24.83 -44.44
N GLU U 193 49.07 -24.44 -45.70
CA GLU U 193 50.38 -24.70 -46.29
C GLU U 193 51.48 -23.96 -45.53
N GLN U 194 51.21 -22.72 -45.13
CA GLN U 194 52.20 -21.96 -44.37
C GLN U 194 52.53 -22.64 -43.05
N GLU U 195 51.50 -23.06 -42.32
CA GLU U 195 51.77 -23.69 -41.01
C GLU U 195 52.47 -25.02 -41.18
N HIS U 196 52.12 -25.80 -42.22
CA HIS U 196 52.81 -27.05 -42.45
C HIS U 196 54.28 -26.83 -42.79
N MET U 197 54.55 -25.84 -43.64
CA MET U 197 55.93 -25.54 -44.02
C MET U 197 56.75 -25.09 -42.81
N ILE U 198 56.19 -24.20 -41.99
CA ILE U 198 56.95 -23.73 -40.83
C ILE U 198 57.12 -24.87 -39.82
N ARG U 199 56.14 -25.77 -39.70
CA ARG U 199 56.30 -26.91 -38.82
C ARG U 199 57.46 -27.79 -39.26
N TRP U 200 57.53 -28.11 -40.55
CA TRP U 200 58.64 -28.92 -41.05
C TRP U 200 59.97 -28.21 -40.84
N VAL U 201 60.01 -26.90 -41.11
CA VAL U 201 61.25 -26.15 -40.97
C VAL U 201 61.74 -26.17 -39.52
N GLU U 202 60.82 -25.92 -38.58
CA GLU U 202 61.21 -25.84 -37.18
C GLU U 202 61.52 -27.21 -36.61
N LYS U 203 60.94 -28.28 -37.16
CA LYS U 203 61.28 -29.61 -36.69
C LYS U 203 62.52 -30.18 -37.36
N HIS U 204 62.98 -29.58 -38.46
CA HIS U 204 64.18 -30.06 -39.14
C HIS U 204 65.44 -29.27 -38.82
N VAL U 205 65.35 -27.94 -38.67
CA VAL U 205 66.53 -27.12 -38.49
C VAL U 205 67.26 -27.49 -37.20
N VAL U 206 66.50 -27.66 -36.12
CA VAL U 206 67.12 -27.91 -34.81
C VAL U 206 67.89 -29.22 -34.84
N GLN U 207 67.29 -30.29 -35.35
CA GLN U 207 67.99 -31.58 -35.40
C GLN U 207 69.16 -31.54 -36.36
N SER U 208 69.01 -30.85 -37.50
CA SER U 208 70.11 -30.75 -38.45
C SER U 208 71.31 -30.06 -37.82
N ILE U 209 71.10 -28.90 -37.21
CA ILE U 209 72.21 -28.16 -36.60
C ILE U 209 72.74 -28.88 -35.37
N SER U 210 71.91 -29.67 -34.68
CA SER U 210 72.42 -30.51 -33.60
C SER U 210 73.35 -31.58 -34.15
N ALA U 211 73.07 -32.08 -35.35
CA ALA U 211 73.94 -33.06 -35.99
C ALA U 211 75.07 -32.41 -36.79
N GLN U 212 75.15 -31.09 -36.83
CA GLN U 212 76.17 -30.39 -37.61
C GLN U 212 77.26 -29.88 -36.67
N GLN U 213 78.32 -30.69 -36.53
CA GLN U 213 79.48 -30.25 -35.76
C GLN U 213 80.34 -29.27 -36.55
N GLU U 214 80.43 -29.47 -37.86
CA GLU U 214 81.23 -28.56 -38.69
C GLU U 214 80.64 -27.16 -38.71
N LYS U 215 79.33 -27.03 -38.50
CA LYS U 215 78.73 -25.72 -38.34
C LYS U 215 78.72 -25.27 -36.88
N GLU U 216 78.75 -26.22 -35.94
CA GLU U 216 78.84 -25.86 -34.53
C GLU U 216 80.18 -25.21 -34.20
N THR U 217 81.27 -25.70 -34.80
CA THR U 217 82.58 -25.15 -34.50
C THR U 217 82.72 -23.72 -35.00
N ILE U 218 82.12 -23.39 -36.14
CA ILE U 218 82.13 -22.01 -36.62
C ILE U 218 81.09 -21.16 -35.89
N ALA U 219 79.97 -21.76 -35.45
CA ALA U 219 79.03 -21.05 -34.60
C ALA U 219 79.64 -20.74 -33.24
N LYS U 220 80.68 -21.46 -32.84
CA LYS U 220 81.46 -21.08 -31.68
C LYS U 220 82.25 -19.80 -31.90
N CYS U 221 82.37 -19.35 -33.15
CA CYS U 221 83.11 -18.13 -33.46
C CYS U 221 82.32 -17.16 -34.33
N ILE U 222 81.01 -17.36 -34.50
CA ILE U 222 80.21 -16.36 -35.17
C ILE U 222 80.08 -15.12 -34.30
N ALA U 223 80.16 -15.28 -32.98
CA ALA U 223 79.90 -14.20 -32.05
C ALA U 223 81.14 -13.70 -31.33
N ASP U 224 82.26 -14.43 -31.39
CA ASP U 224 83.47 -13.95 -30.71
C ASP U 224 83.96 -12.64 -31.33
N LEU U 225 83.95 -12.56 -32.66
CA LEU U 225 84.18 -11.27 -33.32
C LEU U 225 83.04 -10.30 -33.02
N LYS U 226 81.81 -10.79 -32.96
CA LYS U 226 80.69 -9.95 -32.57
C LYS U 226 80.84 -9.50 -31.12
N LEU U 227 81.32 -10.39 -30.25
CA LEU U 227 81.59 -10.00 -28.87
C LEU U 227 82.66 -8.92 -28.81
N LEU U 228 83.72 -9.07 -29.60
CA LEU U 228 84.78 -8.05 -29.61
C LEU U 228 84.24 -6.71 -30.09
N ALA U 229 83.40 -6.73 -31.14
CA ALA U 229 82.79 -5.49 -31.62
C ALA U 229 81.89 -4.88 -30.54
N LYS U 230 81.12 -5.71 -29.85
CA LYS U 230 80.23 -5.20 -28.80
C LYS U 230 81.02 -4.58 -27.66
N LYS U 231 82.14 -5.22 -27.27
CA LYS U 231 82.97 -4.65 -26.21
C LYS U 231 83.64 -3.36 -26.66
N ALA U 232 84.03 -3.28 -27.93
CA ALA U 232 84.57 -2.03 -28.46
C ALA U 232 83.51 -0.93 -28.42
N GLN U 233 82.26 -1.29 -28.72
CA GLN U 233 81.17 -0.33 -28.57
C GLN U 233 81.03 0.11 -27.13
N ALA U 234 81.12 -0.83 -26.19
CA ALA U 234 81.09 -0.49 -24.78
C ALA U 234 82.27 0.38 -24.39
N GLN U 235 83.46 0.06 -24.91
CA GLN U 235 84.65 0.83 -24.60
C GLN U 235 84.99 1.80 -25.73
N GLN V 8 76.04 -15.04 -38.06
CA GLN V 8 75.20 -15.04 -39.24
C GLN V 8 75.29 -16.39 -39.96
N LYS V 9 76.36 -17.13 -39.68
CA LYS V 9 76.55 -18.43 -40.31
C LYS V 9 75.43 -19.38 -39.96
N LEU V 10 74.98 -19.36 -38.70
CA LEU V 10 73.80 -20.13 -38.32
C LEU V 10 72.57 -19.63 -39.07
N PHE V 11 72.44 -18.32 -39.22
CA PHE V 11 71.35 -17.76 -40.00
C PHE V 11 71.46 -18.16 -41.47
N VAL V 12 72.68 -18.26 -42.00
CA VAL V 12 72.86 -18.72 -43.37
C VAL V 12 72.46 -20.18 -43.51
N ASP V 13 72.77 -21.00 -42.50
CA ASP V 13 72.32 -22.40 -42.52
C ASP V 13 70.80 -22.48 -42.48
N LYS V 14 70.17 -21.63 -41.67
CA LYS V 14 68.72 -21.54 -41.66
C LYS V 14 68.18 -21.18 -43.04
N ILE V 15 68.81 -20.20 -43.69
CA ILE V 15 68.41 -19.81 -45.04
C ILE V 15 68.55 -20.97 -46.01
N ARG V 16 69.62 -21.75 -45.87
CA ARG V 16 69.80 -22.92 -46.72
C ARG V 16 68.67 -23.92 -46.51
N GLU V 17 68.28 -24.15 -45.26
CA GLU V 17 67.18 -25.07 -44.99
C GLU V 17 65.87 -24.54 -45.59
N TYR V 18 65.64 -23.24 -45.46
CA TYR V 18 64.44 -22.64 -46.05
C TYR V 18 64.43 -22.82 -47.56
N ARG V 19 65.59 -22.61 -48.21
CA ARG V 19 65.68 -22.79 -49.65
C ARG V 19 65.43 -24.24 -50.04
N THR V 20 65.97 -25.19 -49.27
CA THR V 20 65.73 -26.60 -49.57
C THR V 20 64.24 -26.93 -49.45
N LYS V 21 63.57 -26.38 -48.45
CA LYS V 21 62.13 -26.58 -48.34
C LYS V 21 61.40 -25.92 -49.51
N ARG V 22 61.92 -24.78 -49.98
CA ARG V 22 61.31 -24.10 -51.13
C ARG V 22 61.38 -24.96 -52.38
N GLN V 23 62.52 -25.63 -52.60
CA GLN V 23 62.75 -26.40 -53.81
C GLN V 23 62.12 -27.79 -53.76
N THR V 24 61.39 -28.12 -52.69
CA THR V 24 60.74 -29.41 -52.59
C THR V 24 59.73 -29.58 -53.71
N SER V 25 59.92 -30.61 -54.54
CA SER V 25 59.02 -30.86 -55.66
C SER V 25 57.62 -31.19 -55.17
N GLY V 26 57.51 -31.92 -54.06
CA GLY V 26 56.22 -32.19 -53.47
C GLY V 26 55.59 -31.01 -52.76
N GLY V 27 56.34 -29.92 -52.59
CA GLY V 27 55.82 -28.72 -51.96
C GLY V 27 55.48 -28.93 -50.51
N PRO V 28 54.21 -28.73 -50.15
CA PRO V 28 53.75 -28.87 -48.77
C PRO V 28 53.49 -30.31 -48.34
N VAL V 29 54.45 -31.19 -48.64
CA VAL V 29 54.33 -32.59 -48.23
C VAL V 29 54.99 -32.82 -46.87
N ASP V 30 56.24 -32.41 -46.73
CA ASP V 30 56.99 -32.47 -45.46
C ASP V 30 57.04 -33.87 -44.87
N ALA V 31 56.74 -34.89 -45.68
CA ALA V 31 56.67 -36.27 -45.19
C ALA V 31 55.67 -36.42 -44.05
N GLY V 32 54.58 -35.66 -44.14
CA GLY V 32 53.59 -35.64 -43.09
C GLY V 32 52.42 -36.54 -43.40
N PRO V 33 52.36 -37.70 -42.73
CA PRO V 33 51.21 -38.60 -42.94
C PRO V 33 49.88 -37.97 -42.57
N GLU V 34 49.85 -37.11 -41.54
CA GLU V 34 48.63 -36.46 -41.10
C GLU V 34 48.34 -35.16 -41.85
N TYR V 35 49.23 -34.74 -42.74
CA TYR V 35 48.98 -33.51 -43.49
C TYR V 35 47.74 -33.63 -44.36
N GLN V 36 47.58 -34.77 -45.04
CA GLN V 36 46.38 -34.97 -45.86
C GLN V 36 45.12 -34.99 -45.01
N GLN V 37 45.16 -35.69 -43.88
CA GLN V 37 43.98 -35.75 -43.01
C GLN V 37 43.65 -34.39 -42.43
N ASP V 38 44.66 -33.64 -41.99
CA ASP V 38 44.41 -32.31 -41.44
C ASP V 38 43.86 -31.37 -42.51
N LEU V 39 44.42 -31.42 -43.72
CA LEU V 39 43.91 -30.58 -44.80
C LEU V 39 42.47 -30.95 -45.16
N ASP V 40 42.16 -32.23 -45.20
CA ASP V 40 40.80 -32.66 -45.49
C ASP V 40 39.83 -32.19 -44.41
N ARG V 41 40.23 -32.31 -43.14
CA ARG V 41 39.37 -31.85 -42.05
C ARG V 41 39.15 -30.35 -42.12
N GLU V 42 40.21 -29.59 -42.40
CA GLU V 42 40.07 -28.14 -42.51
C GLU V 42 39.16 -27.77 -43.68
N LEU V 43 39.31 -28.45 -44.82
CA LEU V 43 38.46 -28.18 -45.97
C LEU V 43 37.00 -28.50 -45.67
N PHE V 44 36.76 -29.64 -45.00
CA PHE V 44 35.39 -30.00 -44.64
C PHE V 44 34.79 -28.98 -43.68
N LYS V 45 35.57 -28.53 -42.69
CA LYS V 45 35.06 -27.52 -41.76
C LYS V 45 34.75 -26.21 -42.48
N LEU V 46 35.62 -25.79 -43.40
CA LEU V 46 35.37 -24.57 -44.15
C LEU V 46 34.12 -24.69 -45.01
N LYS V 47 33.95 -25.84 -45.68
CA LYS V 47 32.76 -26.05 -46.50
C LYS V 47 31.50 -26.05 -45.65
N GLN V 48 31.54 -26.69 -44.49
CA GLN V 48 30.38 -26.69 -43.61
C GLN V 48 30.06 -25.29 -43.12
N MET V 49 31.08 -24.52 -42.75
CA MET V 49 30.85 -23.16 -42.27
C MET V 49 30.28 -22.27 -43.36
N TYR V 50 30.81 -22.37 -44.58
CA TYR V 50 30.32 -21.57 -45.69
C TYR V 50 29.06 -22.15 -46.33
N GLY V 51 28.75 -23.42 -46.06
CA GLY V 51 27.61 -24.06 -46.66
C GLY V 51 27.89 -24.60 -48.05
N LYS V 52 26.83 -25.14 -48.66
CA LYS V 52 26.96 -25.72 -49.99
C LYS V 52 27.23 -24.65 -51.02
N ALA V 53 28.15 -24.93 -51.94
CA ALA V 53 28.52 -23.99 -52.98
C ALA V 53 29.19 -24.75 -54.12
N ASP V 54 29.34 -24.07 -55.25
CA ASP V 54 29.96 -24.65 -56.43
C ASP V 54 31.20 -23.84 -56.81
N MET V 55 32.26 -24.55 -57.20
CA MET V 55 33.51 -23.87 -57.54
C MET V 55 33.39 -23.09 -58.84
N ASN V 56 32.63 -23.58 -59.80
CA ASN V 56 32.46 -22.93 -61.11
C ASN V 56 30.97 -22.92 -61.45
N THR V 57 30.28 -21.86 -61.04
CA THR V 57 28.87 -21.71 -61.33
C THR V 57 28.49 -20.25 -61.15
N PHE V 58 27.29 -19.91 -61.65
CA PHE V 58 26.78 -18.55 -61.55
C PHE V 58 25.39 -18.57 -60.90
N PRO V 59 25.05 -17.51 -60.16
CA PRO V 59 23.74 -17.47 -59.47
C PRO V 59 22.67 -16.90 -60.39
N ASN V 60 21.66 -17.71 -60.71
CA ASN V 60 20.54 -17.30 -61.53
C ASN V 60 19.25 -17.76 -60.88
N PHE V 61 18.29 -16.85 -60.72
CA PHE V 61 17.01 -17.17 -60.10
C PHE V 61 15.99 -16.13 -60.54
N THR V 62 14.72 -16.47 -60.35
CA THR V 62 13.61 -15.58 -60.66
C THR V 62 12.52 -15.74 -59.61
N PHE V 63 11.74 -14.70 -59.42
CA PHE V 63 10.67 -14.68 -58.43
C PHE V 63 9.53 -13.80 -58.92
N GLU V 64 8.38 -13.97 -58.28
CA GLU V 64 7.19 -13.19 -58.59
C GLU V 64 6.56 -12.67 -57.32
N ASP V 65 5.80 -11.59 -57.45
CA ASP V 65 5.15 -10.95 -56.31
C ASP V 65 3.69 -10.68 -56.67
N PRO V 66 2.73 -11.27 -55.96
CA PRO V 66 1.32 -10.97 -56.24
C PRO V 66 0.83 -9.76 -55.46
N LYS V 67 0.19 -8.82 -56.14
CA LYS V 67 -0.29 -7.62 -55.48
C LYS V 67 -1.52 -7.93 -54.63
N PHE V 68 -2.07 -6.89 -54.00
CA PHE V 68 -3.24 -7.06 -53.16
C PHE V 68 -4.46 -7.43 -54.01
N GLU V 69 -5.15 -8.49 -53.60
CA GLU V 69 -6.32 -8.95 -54.33
C GLU V 69 -7.49 -7.98 -54.14
N ALA V 70 -8.30 -7.86 -55.19
CA ALA V 70 -9.47 -7.00 -55.12
C ALA V 70 -10.50 -7.55 -54.13
N VAL V 71 -11.09 -6.64 -53.36
CA VAL V 71 -12.10 -7.00 -52.37
C VAL V 71 -13.39 -6.26 -52.71
N GLU V 72 -14.49 -7.00 -52.77
CA GLU V 72 -15.78 -6.41 -53.12
C GLU V 72 -16.21 -5.42 -52.06
N LYS V 73 -16.62 -4.23 -52.49
CA LYS V 73 -17.08 -3.19 -51.59
C LYS V 73 -18.04 -2.26 -52.31
N PRO V 74 -19.34 -2.37 -52.09
CA PRO V 74 -20.30 -1.48 -52.78
C PRO V 74 -20.57 -0.23 -51.97
N GLN V 75 -20.63 0.90 -52.69
CA GLN V 75 -20.86 2.19 -52.06
C GLN V 75 -21.39 3.15 -53.12
N SER V 76 -21.94 4.27 -52.64
CA SER V 76 -22.48 5.30 -53.53
C SER V 76 -21.38 5.92 -54.38
N ARG W 9 16.71 2.61 -60.68
CA ARG W 9 15.34 2.30 -60.29
C ARG W 9 14.70 3.46 -59.55
N LYS W 10 14.29 4.48 -60.31
CA LYS W 10 13.66 5.65 -59.70
C LYS W 10 12.29 5.28 -59.15
N LEU W 11 12.00 5.79 -57.95
CA LEU W 11 10.73 5.50 -57.30
C LEU W 11 9.58 6.16 -58.04
N ALA W 12 8.46 5.45 -58.15
CA ALA W 12 7.28 5.98 -58.80
C ALA W 12 6.64 7.06 -57.93
N LEU W 13 6.30 8.18 -58.54
CA LEU W 13 5.67 9.28 -57.82
C LEU W 13 4.29 8.89 -57.32
N LYS W 14 3.94 9.36 -56.12
CA LYS W 14 2.65 9.06 -55.52
C LYS W 14 2.23 10.21 -54.64
N ALA W 15 0.91 10.37 -54.49
CA ALA W 15 0.38 11.42 -53.64
C ALA W 15 0.50 11.04 -52.17
N ILE W 16 0.44 12.06 -51.30
CA ILE W 16 0.56 11.82 -49.88
C ILE W 16 -0.69 11.10 -49.37
N ASP W 17 -0.49 10.18 -48.43
CA ASP W 17 -1.60 9.44 -47.83
C ASP W 17 -2.28 10.33 -46.80
N TRP W 18 -3.05 11.30 -47.30
CA TRP W 18 -3.73 12.26 -46.47
C TRP W 18 -5.00 11.65 -45.89
N VAL W 19 -5.85 12.49 -45.29
CA VAL W 19 -7.12 12.02 -44.74
C VAL W 19 -8.03 11.47 -45.82
N ALA W 20 -7.82 11.87 -47.08
CA ALA W 20 -8.61 11.31 -48.18
C ALA W 20 -8.38 9.81 -48.33
N PHE W 21 -7.21 9.33 -47.89
CA PHE W 21 -6.97 7.89 -47.90
C PHE W 21 -7.97 7.17 -47.00
N GLY W 22 -8.22 7.73 -45.80
CA GLY W 22 -9.25 7.20 -44.93
C GLY W 22 -10.66 7.60 -45.30
N GLU W 23 -10.81 8.52 -46.24
CA GLU W 23 -12.13 8.94 -46.68
C GLU W 23 -12.82 7.92 -47.58
N ILE W 24 -12.11 6.86 -47.97
CA ILE W 24 -12.72 5.84 -48.82
C ILE W 24 -13.90 5.18 -48.12
N ILE W 25 -13.69 4.74 -46.88
CA ILE W 25 -14.72 4.11 -46.06
C ILE W 25 -15.40 2.98 -46.83
N PRO W 26 -14.64 2.06 -47.42
CA PRO W 26 -15.27 0.98 -48.18
C PRO W 26 -16.11 0.08 -47.28
N ARG W 27 -17.21 -0.44 -47.85
CA ARG W 27 -18.08 -1.34 -47.12
C ARG W 27 -17.34 -2.60 -46.71
N ASN W 28 -17.11 -2.77 -45.41
CA ASN W 28 -16.27 -3.84 -44.88
C ASN W 28 -14.87 -3.83 -45.50
N GLN W 29 -14.40 -2.63 -45.85
CA GLN W 29 -13.10 -2.47 -46.50
C GLN W 29 -12.19 -1.51 -45.76
N LYS W 30 -12.58 -1.04 -44.58
CA LYS W 30 -11.68 -0.22 -43.77
C LYS W 30 -10.43 -1.01 -43.39
N ALA W 31 -10.60 -2.29 -43.11
CA ALA W 31 -9.44 -3.16 -42.88
C ALA W 31 -8.59 -3.25 -44.14
N ILE W 32 -9.22 -3.27 -45.32
CA ILE W 32 -8.46 -3.28 -46.57
C ILE W 32 -7.66 -2.00 -46.72
N ALA W 33 -8.25 -0.86 -46.38
CA ALA W 33 -7.53 0.41 -46.46
C ALA W 33 -6.38 0.45 -45.46
N ASN W 34 -6.59 -0.06 -44.25
CA ASN W 34 -5.51 -0.13 -43.28
C ASN W 34 -4.38 -1.04 -43.76
N SER W 35 -4.74 -2.16 -44.39
CA SER W 35 -3.73 -3.06 -44.96
C SER W 35 -2.97 -2.37 -46.07
N LEU W 36 -3.65 -1.58 -46.90
CA LEU W 36 -2.98 -0.83 -47.95
C LEU W 36 -2.01 0.19 -47.37
N LYS W 37 -2.42 0.87 -46.29
CA LYS W 37 -1.51 1.81 -45.63
C LYS W 37 -0.29 1.09 -45.06
N SER W 38 -0.51 -0.10 -44.48
CA SER W 38 0.60 -0.90 -43.99
C SER W 38 1.53 -1.31 -45.12
N TRP W 39 0.96 -1.69 -46.27
CA TRP W 39 1.77 -2.02 -47.44
C TRP W 39 2.59 -0.83 -47.89
N ASN W 40 2.00 0.36 -47.88
CA ASN W 40 2.75 1.55 -48.27
C ASN W 40 3.89 1.83 -47.30
N GLU W 41 3.65 1.68 -46.00
CA GLU W 41 4.71 1.88 -45.02
C GLU W 41 5.82 0.86 -45.20
N THR W 42 5.46 -0.40 -45.42
CA THR W 42 6.45 -1.45 -45.64
C THR W 42 7.25 -1.19 -46.91
N LEU W 43 6.59 -0.72 -47.96
CA LEU W 43 7.29 -0.41 -49.20
C LEU W 43 8.27 0.74 -49.00
N SER W 44 7.86 1.76 -48.24
CA SER W 44 8.78 2.86 -47.94
C SER W 44 9.98 2.36 -47.14
N THR W 45 9.74 1.50 -46.16
CA THR W 45 10.84 0.95 -45.37
C THR W 45 11.78 0.12 -46.24
N ARG W 46 11.22 -0.70 -47.13
CA ARG W 46 12.06 -1.51 -48.01
C ARG W 46 12.87 -0.64 -48.96
N LEU W 47 12.26 0.42 -49.50
CA LEU W 47 12.99 1.34 -50.37
C LEU W 47 14.13 2.01 -49.62
N ALA W 48 13.88 2.44 -48.37
CA ALA W 48 14.94 3.03 -47.58
C ALA W 48 15.99 2.02 -47.13
N ALA W 49 15.65 0.73 -47.13
CA ALA W 49 16.56 -0.28 -46.62
C ALA W 49 17.83 -0.39 -47.48
N LEU W 50 17.67 -0.37 -48.80
CA LEU W 50 18.77 -0.58 -49.71
C LEU W 50 18.77 0.48 -50.80
N PRO W 51 19.91 0.68 -51.47
CA PRO W 51 19.96 1.71 -52.53
C PRO W 51 19.15 1.32 -53.76
N GLU W 52 19.19 2.18 -54.79
CA GLU W 52 18.44 1.91 -56.00
C GLU W 52 18.96 0.68 -56.72
N LYS W 53 20.28 0.52 -56.77
CA LYS W 53 20.92 -0.61 -57.43
C LYS W 53 21.92 -1.26 -56.49
N PRO W 54 22.23 -2.53 -56.72
CA PRO W 54 23.20 -3.22 -55.86
C PRO W 54 24.60 -2.70 -56.10
N PRO W 55 25.52 -2.94 -55.16
CA PRO W 55 26.89 -2.44 -55.34
C PRO W 55 27.59 -3.09 -56.52
N ALA W 56 28.56 -2.38 -57.08
CA ALA W 56 29.32 -2.89 -58.20
C ALA W 56 30.25 -4.01 -57.76
N ILE W 57 30.69 -4.80 -58.73
CA ILE W 57 31.55 -5.96 -58.48
C ILE W 57 32.98 -5.56 -58.85
N ASP W 58 33.90 -5.73 -57.90
CA ASP W 58 35.33 -5.44 -58.12
C ASP W 58 35.95 -6.64 -58.83
N TRP W 59 35.73 -6.71 -60.14
CA TRP W 59 36.19 -7.85 -60.92
C TRP W 59 37.72 -7.92 -60.95
N ALA W 60 38.39 -6.76 -61.05
CA ALA W 60 39.85 -6.76 -61.09
C ALA W 60 40.43 -7.26 -59.77
N TYR W 61 39.94 -6.72 -58.65
CA TYR W 61 40.41 -7.18 -57.34
C TYR W 61 40.04 -8.65 -57.11
N TYR W 62 38.87 -9.06 -57.59
CA TYR W 62 38.48 -10.46 -57.47
C TYR W 62 39.46 -11.38 -58.20
N LYS W 63 39.78 -11.03 -59.45
CA LYS W 63 40.73 -11.83 -60.22
C LYS W 63 42.11 -11.81 -59.59
N ALA W 64 42.52 -10.68 -59.03
CA ALA W 64 43.79 -10.61 -58.31
C ALA W 64 43.78 -11.54 -57.10
N THR W 65 42.64 -11.65 -56.43
CA THR W 65 42.50 -12.49 -55.25
C THR W 65 41.98 -13.89 -55.58
N VAL W 66 41.78 -14.21 -56.85
CA VAL W 66 41.27 -15.52 -57.27
C VAL W 66 42.46 -16.33 -57.76
N ALA W 67 42.85 -17.34 -56.98
CA ALA W 67 43.93 -18.23 -57.41
C ALA W 67 43.44 -19.24 -58.45
N LYS W 68 42.15 -19.58 -58.42
CA LYS W 68 41.61 -20.56 -59.35
C LYS W 68 41.67 -20.04 -60.78
N ALA W 69 41.92 -20.95 -61.72
CA ALA W 69 41.99 -20.62 -63.14
C ALA W 69 40.76 -21.18 -63.85
N GLY W 70 40.11 -20.34 -64.65
CA GLY W 70 38.91 -20.75 -65.36
C GLY W 70 37.61 -20.62 -64.59
N LEU W 71 37.57 -21.15 -63.36
CA LEU W 71 36.37 -21.06 -62.55
C LEU W 71 36.07 -19.63 -62.12
N VAL W 72 37.05 -18.75 -62.17
CA VAL W 72 36.87 -17.36 -61.75
C VAL W 72 36.60 -16.45 -62.95
N ASP W 73 37.40 -16.55 -64.00
CA ASP W 73 37.19 -15.72 -65.19
C ASP W 73 35.85 -16.01 -65.84
N ASP W 74 35.50 -17.30 -65.96
CA ASP W 74 34.20 -17.65 -66.54
C ASP W 74 33.07 -17.20 -65.63
N PHE W 75 33.27 -17.23 -64.31
CA PHE W 75 32.25 -16.74 -63.39
C PHE W 75 32.03 -15.24 -63.58
N GLU W 76 33.10 -14.47 -63.74
CA GLU W 76 32.96 -13.04 -63.98
C GLU W 76 32.31 -12.78 -65.33
N LYS W 77 32.65 -13.58 -66.35
CA LYS W 77 32.03 -13.42 -67.66
C LYS W 77 30.53 -13.70 -67.58
N LYS W 78 30.14 -14.74 -66.86
CA LYS W 78 28.72 -15.04 -66.69
C LYS W 78 28.01 -13.95 -65.90
N PHE W 79 28.65 -13.42 -64.86
CA PHE W 79 28.05 -12.34 -64.08
C PHE W 79 27.83 -11.10 -64.94
N ASN W 80 28.81 -10.77 -65.79
CA ASN W 80 28.62 -9.69 -66.75
C ASN W 80 27.49 -10.00 -67.72
N ALA W 81 27.42 -11.25 -68.19
CA ALA W 81 26.35 -11.65 -69.09
C ALA W 81 25.03 -11.85 -68.36
N LEU W 82 25.08 -11.99 -67.04
CA LEU W 82 23.85 -12.15 -66.26
C LEU W 82 22.99 -10.89 -66.37
N LYS W 83 21.70 -11.10 -66.64
CA LYS W 83 20.75 -9.99 -66.79
C LYS W 83 19.43 -10.42 -66.13
N VAL W 84 19.27 -10.06 -64.87
CA VAL W 84 18.04 -10.38 -64.14
C VAL W 84 16.88 -9.60 -64.76
N PRO W 85 15.72 -10.21 -64.98
CA PRO W 85 14.59 -9.47 -65.56
C PRO W 85 13.89 -8.60 -64.54
N VAL W 86 12.79 -7.97 -64.95
CA VAL W 86 12.01 -7.13 -64.06
C VAL W 86 10.56 -7.59 -64.08
N PRO W 87 9.81 -7.43 -63.00
CA PRO W 87 8.42 -7.91 -62.97
C PRO W 87 7.51 -7.03 -63.81
N GLU W 88 6.39 -7.64 -64.22
CA GLU W 88 5.37 -6.95 -64.98
C GLU W 88 4.33 -6.33 -64.04
N ASP W 89 3.57 -5.37 -64.57
CA ASP W 89 2.58 -4.64 -63.80
C ASP W 89 1.24 -4.60 -64.52
N LYS W 90 0.81 -5.76 -65.03
CA LYS W 90 -0.51 -5.83 -65.65
C LYS W 90 -1.62 -5.57 -64.64
N TYR W 91 -1.45 -6.08 -63.41
CA TYR W 91 -2.44 -5.82 -62.37
C TYR W 91 -2.56 -4.34 -62.07
N THR W 92 -1.46 -3.60 -62.19
CA THR W 92 -1.53 -2.15 -62.01
C THR W 92 -2.42 -1.50 -63.05
N ALA W 93 -2.28 -1.90 -64.32
CA ALA W 93 -3.14 -1.37 -65.37
C ALA W 93 -4.59 -1.76 -65.15
N LEU W 94 -4.84 -3.00 -64.73
CA LEU W 94 -6.21 -3.44 -64.47
C LEU W 94 -6.84 -2.64 -63.34
N VAL W 95 -6.09 -2.40 -62.26
CA VAL W 95 -6.60 -1.61 -61.15
C VAL W 95 -6.81 -0.17 -61.57
N ASP W 96 -5.94 0.36 -62.44
CA ASP W 96 -6.14 1.71 -62.96
C ASP W 96 -7.42 1.80 -63.78
N ALA W 97 -7.70 0.79 -64.60
CA ALA W 97 -8.94 0.78 -65.36
C ALA W 97 -10.16 0.69 -64.44
N GLU W 98 -10.06 -0.13 -63.40
CA GLU W 98 -11.16 -0.22 -62.43
C GLU W 98 -11.38 1.11 -61.72
N GLU W 99 -10.28 1.79 -61.37
CA GLU W 99 -10.39 3.10 -60.73
C GLU W 99 -11.01 4.11 -61.69
N GLN W 100 -10.67 4.02 -62.98
CA GLN W 100 -11.27 4.92 -63.97
C GLN W 100 -12.77 4.69 -64.08
N GLU W 101 -13.19 3.42 -64.09
CA GLU W 101 -14.62 3.12 -64.11
C GLU W 101 -15.31 3.65 -62.86
N ASP W 102 -14.68 3.46 -61.70
CA ASP W 102 -15.24 3.99 -60.46
C ASP W 102 -15.34 5.52 -60.50
N VAL W 103 -14.34 6.17 -61.10
CA VAL W 103 -14.35 7.63 -61.21
C VAL W 103 -15.47 8.08 -62.14
N LYS W 104 -15.71 7.32 -63.22
CA LYS W 104 -16.84 7.64 -64.10
C LYS W 104 -18.17 7.52 -63.36
N ARG W 105 -18.31 6.45 -62.57
CA ARG W 105 -19.53 6.29 -61.77
C ARG W 105 -19.67 7.43 -60.77
N CYS W 106 -18.57 7.83 -60.14
CA CYS W 106 -18.59 8.94 -59.20
C CYS W 106 -18.97 10.24 -59.89
N ALA W 107 -18.49 10.45 -61.11
CA ALA W 107 -18.85 11.64 -61.86
C ALA W 107 -20.33 11.65 -62.19
N GLU W 108 -20.88 10.50 -62.59
CA GLU W 108 -22.31 10.43 -62.84
C GLU W 108 -23.12 10.72 -61.58
N PHE W 109 -22.69 10.15 -60.45
CA PHE W 109 -23.38 10.41 -59.19
C PHE W 109 -23.27 11.88 -58.80
N LEU W 110 -22.12 12.50 -59.03
CA LEU W 110 -21.94 13.91 -58.73
C LEU W 110 -22.82 14.79 -59.60
N SER W 111 -22.97 14.44 -60.88
CA SER W 111 -23.87 15.19 -61.75
C SER W 111 -25.31 15.06 -61.29
N LEU W 112 -25.73 13.85 -60.91
CA LEU W 112 -27.09 13.67 -60.40
C LEU W 112 -27.30 14.45 -59.11
N SER W 113 -26.31 14.45 -58.22
CA SER W 113 -26.41 15.19 -56.98
C SER W 113 -26.43 16.70 -57.23
N LYS W 114 -25.68 17.17 -58.23
CA LYS W 114 -25.72 18.59 -58.58
C LYS W 114 -27.09 18.98 -59.12
N ALA W 115 -27.70 18.12 -59.93
CA ALA W 115 -29.06 18.40 -60.40
C ALA W 115 -30.04 18.43 -59.24
N ARG W 116 -29.92 17.48 -58.30
CA ARG W 116 -30.77 17.48 -57.13
C ARG W 116 -30.56 18.73 -56.29
N ILE W 117 -29.31 19.18 -56.19
CA ILE W 117 -29.00 20.39 -55.43
C ILE W 117 -29.61 21.61 -56.08
N GLU W 118 -29.56 21.69 -57.42
CA GLU W 118 -30.20 22.78 -58.12
C GLU W 118 -31.71 22.78 -57.88
N ALA W 119 -32.33 21.59 -57.92
CA ALA W 119 -33.76 21.51 -57.64
C ALA W 119 -34.06 21.94 -56.22
N TYR W 120 -33.25 21.52 -55.25
CA TYR W 120 -33.47 21.90 -53.86
C TYR W 120 -33.30 23.40 -53.66
N GLU W 121 -32.29 23.99 -54.30
CA GLU W 121 -32.10 25.43 -54.20
C GLU W 121 -33.27 26.19 -54.81
N LYS W 122 -33.76 25.73 -55.95
CA LYS W 122 -34.94 26.35 -56.55
C LYS W 122 -36.14 26.25 -55.63
N GLU W 123 -36.34 25.09 -55.01
CA GLU W 123 -37.45 24.92 -54.08
C GLU W 123 -37.31 25.84 -52.87
N LEU W 124 -36.09 25.97 -52.34
CA LEU W 124 -35.86 26.85 -51.20
C LEU W 124 -36.12 28.30 -51.57
N GLU W 125 -35.67 28.73 -52.75
CA GLU W 125 -35.92 30.10 -53.20
C GLU W 125 -37.42 30.33 -53.38
N LYS W 126 -38.13 29.36 -53.95
CA LYS W 126 -39.57 29.50 -54.12
C LYS W 126 -40.28 29.60 -52.78
N MET W 127 -39.85 28.80 -51.81
CA MET W 127 -40.45 28.86 -50.47
C MET W 127 -40.17 30.21 -49.82
N LYS W 128 -38.96 30.72 -49.95
CA LYS W 128 -38.62 32.01 -49.36
C LYS W 128 -39.41 33.14 -50.00
N ASN W 129 -39.57 33.12 -51.32
CA ASN W 129 -40.25 34.21 -52.00
C ASN W 129 -41.76 34.13 -51.81
N ILE W 130 -42.31 32.91 -51.79
CA ILE W 130 -43.76 32.71 -51.74
C ILE W 130 -44.36 33.00 -50.38
N ILE W 131 -43.53 33.28 -49.37
CA ILE W 131 -44.06 33.60 -48.04
C ILE W 131 -44.99 34.81 -48.09
N PRO W 132 -44.65 35.92 -48.80
CA PRO W 132 -45.55 37.07 -48.89
C PRO W 132 -46.08 37.56 -47.55
N PHE W 133 -47.37 37.91 -47.52
CA PHE W 133 -48.00 38.39 -46.30
C PHE W 133 -48.51 37.20 -45.49
N ASP W 134 -48.49 37.37 -44.16
CA ASP W 134 -49.01 36.33 -43.28
C ASP W 134 -50.51 36.11 -43.50
N GLN W 135 -51.21 37.17 -43.92
CA GLN W 135 -52.64 37.08 -44.20
C GLN W 135 -52.87 36.45 -45.58
N MET W 136 -52.53 35.16 -45.67
CA MET W 136 -52.70 34.41 -46.90
C MET W 136 -54.02 33.62 -46.84
N THR W 137 -54.21 32.72 -47.79
CA THR W 137 -55.40 31.89 -47.83
C THR W 137 -55.13 30.54 -47.18
N ILE W 138 -56.19 29.93 -46.64
CA ILE W 138 -56.05 28.61 -46.03
C ILE W 138 -55.60 27.59 -47.06
N GLU W 139 -56.20 27.63 -48.26
CA GLU W 139 -55.75 26.75 -49.34
C GLU W 139 -54.35 27.10 -49.80
N ASP W 140 -53.97 28.38 -49.74
CA ASP W 140 -52.62 28.78 -50.12
C ASP W 140 -51.58 28.18 -49.18
N LEU W 141 -51.90 28.05 -47.89
CA LEU W 141 -50.97 27.48 -46.93
C LEU W 141 -50.70 26.00 -47.19
N ASN W 142 -51.51 25.34 -48.02
CA ASN W 142 -51.29 23.94 -48.34
C ASN W 142 -50.02 23.74 -49.17
N GLU W 143 -49.44 24.81 -49.70
CA GLU W 143 -48.21 24.68 -50.48
C GLU W 143 -47.08 24.16 -49.61
N VAL W 144 -47.04 24.56 -48.34
CA VAL W 144 -45.98 24.14 -47.43
C VAL W 144 -46.57 23.37 -46.25
N PHE W 145 -47.90 23.34 -46.16
CA PHE W 145 -48.56 22.68 -45.04
C PHE W 145 -49.99 22.31 -45.41
N PRO W 146 -50.20 21.20 -46.12
CA PRO W 146 -51.56 20.78 -46.46
C PRO W 146 -52.13 19.79 -45.46
N GLU W 147 -53.45 19.62 -45.54
CA GLU W 147 -54.16 18.67 -44.70
C GLU W 147 -54.15 17.30 -45.37
N THR W 148 -54.95 16.37 -44.84
CA THR W 148 -55.02 15.01 -45.36
C THR W 148 -56.47 14.67 -45.71
N LYS W 149 -56.70 13.40 -46.02
CA LYS W 149 -58.03 12.92 -46.41
C LYS W 149 -58.87 12.69 -45.15
N LEU W 150 -60.01 12.04 -45.32
CA LEU W 150 -60.89 11.77 -44.19
C LEU W 150 -60.26 10.77 -43.23
N ASP W 151 -60.75 10.80 -41.99
CA ASP W 151 -60.26 9.93 -40.92
C ASP W 151 -58.75 10.11 -40.70
N LYS W 152 -58.31 11.37 -40.69
CA LYS W 152 -56.90 11.70 -40.49
C LYS W 152 -56.67 12.48 -39.21
N LYS W 153 -57.42 13.56 -38.97
CA LYS W 153 -57.24 14.39 -37.79
C LYS W 153 -57.88 13.67 -36.59
N LYS W 154 -57.12 12.75 -36.00
CA LYS W 154 -57.61 11.98 -34.86
C LYS W 154 -57.87 12.89 -33.66
N TYR W 155 -56.96 13.81 -33.38
CA TYR W 155 -57.09 14.70 -32.24
C TYR W 155 -57.69 16.04 -32.65
N VAL X 5 -79.78 78.44 -42.18
CA VAL X 5 -79.51 77.77 -40.92
C VAL X 5 -80.44 78.30 -39.84
N GLN X 6 -80.75 79.60 -39.91
CA GLN X 6 -81.59 80.23 -38.89
C GLN X 6 -83.00 79.70 -38.89
N VAL X 7 -83.39 78.98 -39.94
CA VAL X 7 -84.73 78.38 -39.99
C VAL X 7 -84.89 77.34 -38.88
N SER X 8 -83.85 76.56 -38.63
CA SER X 8 -83.95 75.49 -37.64
C SER X 8 -84.20 75.99 -36.23
N PRO X 9 -83.49 77.01 -35.71
CA PRO X 9 -83.83 77.49 -34.35
C PRO X 9 -85.25 78.01 -34.24
N LEU X 10 -85.74 78.73 -35.25
CA LEU X 10 -87.11 79.23 -35.18
C LEU X 10 -88.12 78.09 -35.23
N ILE X 11 -87.87 77.08 -36.07
CA ILE X 11 -88.76 75.93 -36.13
C ILE X 11 -88.77 75.19 -34.80
N LYS X 12 -87.59 75.02 -34.20
CA LYS X 12 -87.52 74.34 -32.90
C LYS X 12 -88.26 75.12 -31.83
N LEU X 13 -88.08 76.45 -31.81
CA LEU X 13 -88.77 77.27 -30.83
C LEU X 13 -90.28 77.20 -31.02
N GLY X 14 -90.75 77.25 -32.28
CA GLY X 14 -92.17 77.09 -32.54
C GLY X 14 -92.70 75.76 -32.07
N ARG X 15 -91.92 74.69 -32.28
CA ARG X 15 -92.31 73.37 -31.78
C ARG X 15 -92.39 73.38 -30.26
N TYR X 16 -91.42 74.02 -29.60
CA TYR X 16 -91.46 74.12 -28.14
C TYR X 16 -92.69 74.90 -27.68
N SER X 17 -93.00 76.01 -28.34
CA SER X 17 -94.17 76.80 -27.99
C SER X 17 -95.47 76.07 -28.30
N ALA X 18 -95.43 75.06 -29.16
CA ALA X 18 -96.61 74.28 -29.51
C ALA X 18 -97.02 73.28 -28.43
N LEU X 19 -96.38 73.34 -27.26
CA LEU X 19 -96.77 72.45 -26.16
C LEU X 19 -98.18 72.73 -25.66
N PHE X 20 -98.72 73.92 -25.94
CA PHE X 20 -100.07 74.25 -25.52
C PHE X 20 -101.12 73.37 -26.19
N LEU X 21 -100.82 72.84 -27.38
CA LEU X 21 -101.78 71.95 -28.04
C LEU X 21 -102.05 70.72 -27.19
N GLY X 22 -101.02 70.16 -26.58
CA GLY X 22 -101.17 69.09 -25.63
C GLY X 22 -101.46 69.52 -24.22
N VAL X 23 -101.53 70.82 -23.96
CA VAL X 23 -101.77 71.33 -22.62
C VAL X 23 -103.02 72.21 -22.61
N ALA X 24 -102.99 73.30 -23.37
CA ALA X 24 -104.11 74.24 -23.38
C ALA X 24 -105.34 73.65 -24.04
N TYR X 25 -105.16 72.72 -24.98
CA TYR X 25 -106.27 72.08 -25.67
C TYR X 25 -106.38 70.60 -25.36
N GLY X 26 -105.32 69.83 -25.64
CA GLY X 26 -105.40 68.38 -25.46
C GLY X 26 -105.57 67.98 -24.00
N ALA X 27 -104.78 68.58 -23.12
CA ALA X 27 -104.86 68.21 -21.71
C ALA X 27 -106.19 68.62 -21.10
N LYS X 28 -106.70 69.81 -21.46
CA LYS X 28 -107.97 70.25 -20.93
C LYS X 28 -109.11 69.40 -21.46
N ARG X 29 -109.06 69.02 -22.74
CA ARG X 29 -110.07 68.12 -23.28
C ARG X 29 -110.04 66.76 -22.60
N TYR X 30 -108.83 66.24 -22.34
CA TYR X 30 -108.72 64.96 -21.63
C TYR X 30 -109.22 65.07 -20.21
N ASN X 31 -108.96 66.19 -19.52
CA ASN X 31 -109.50 66.40 -18.19
C ASN X 31 -111.03 66.45 -18.21
N TYR X 32 -111.60 67.14 -19.20
CA TYR X 32 -113.05 67.19 -19.32
C TYR X 32 -113.64 65.81 -19.56
N LEU X 33 -112.99 65.02 -20.43
CA LEU X 33 -113.45 63.66 -20.67
C LEU X 33 -113.24 62.75 -19.45
N LYS X 34 -112.26 63.06 -18.61
CA LYS X 34 -112.03 62.26 -17.40
C LYS X 34 -113.24 62.25 -16.49
N PRO X 35 -113.90 63.37 -16.21
CA PRO X 35 -115.17 63.29 -15.46
C PRO X 35 -116.21 62.45 -16.16
N ARG X 36 -116.27 62.51 -17.50
CA ARG X 36 -117.19 61.66 -18.24
C ARG X 36 -116.81 60.18 -18.08
N ALA X 37 -115.51 59.89 -18.10
CA ALA X 37 -115.06 58.51 -17.91
C ALA X 37 -115.42 58.02 -16.51
N GLU X 38 -115.25 58.87 -15.50
CA GLU X 38 -115.62 58.49 -14.14
C GLU X 38 -117.12 58.26 -14.02
N GLU X 39 -117.93 59.11 -14.65
CA GLU X 39 -119.37 58.92 -14.64
C GLU X 39 -119.76 57.62 -15.33
N GLU X 40 -119.12 57.31 -16.46
CA GLU X 40 -119.40 56.06 -17.15
C GLU X 40 -119.01 54.85 -16.30
N ARG X 41 -117.87 54.93 -15.61
CA ARG X 41 -117.46 53.85 -14.73
C ARG X 41 -118.44 53.67 -13.58
N ARG X 42 -118.92 54.78 -13.01
CA ARG X 42 -119.91 54.69 -11.94
C ARG X 42 -121.21 54.08 -12.45
N ILE X 43 -121.63 54.46 -13.66
CA ILE X 43 -122.85 53.89 -14.25
C ILE X 43 -122.67 52.39 -14.49
N ALA X 44 -121.47 51.98 -14.90
CA ALA X 44 -121.21 50.57 -15.11
C ALA X 44 -121.30 49.80 -13.80
N ALA X 45 -120.83 50.39 -12.71
CA ALA X 45 -120.88 49.74 -11.40
C ALA X 45 -122.32 49.61 -10.91
N PHE Y 10 -74.78 24.71 -54.88
CA PHE Y 10 -73.81 23.62 -54.88
C PHE Y 10 -73.24 23.38 -53.49
N GLN Y 11 -74.05 23.63 -52.47
CA GLN Y 11 -73.65 23.35 -51.10
C GLN Y 11 -73.83 21.89 -50.72
N PHE Y 12 -74.51 21.11 -51.57
CA PHE Y 12 -74.71 19.69 -51.29
C PHE Y 12 -73.38 18.94 -51.23
N THR Y 13 -72.51 19.19 -52.22
CA THR Y 13 -71.23 18.49 -52.26
C THR Y 13 -70.30 18.86 -51.12
N GLY Y 14 -70.57 19.97 -50.42
CA GLY Y 14 -69.75 20.34 -49.29
C GLY Y 14 -69.81 19.33 -48.16
N ILE Y 15 -71.02 18.83 -47.87
CA ILE Y 15 -71.23 17.86 -46.81
C ILE Y 15 -71.88 16.58 -47.32
N LYS Y 16 -71.72 16.29 -48.62
CA LYS Y 16 -72.30 15.06 -49.18
C LYS Y 16 -71.69 13.83 -48.54
N LYS Y 17 -70.36 13.81 -48.36
CA LYS Y 17 -69.72 12.67 -47.73
C LYS Y 17 -70.19 12.49 -46.29
N TYR Y 18 -70.29 13.59 -45.54
CA TYR Y 18 -70.77 13.50 -44.16
C TYR Y 18 -72.22 13.06 -44.12
N PHE Y 19 -73.03 13.50 -45.08
CA PHE Y 19 -74.44 13.17 -45.09
C PHE Y 19 -74.65 11.66 -45.04
N ASN Y 20 -74.23 10.95 -46.08
CA ASN Y 20 -74.36 9.49 -46.08
C ASN Y 20 -73.35 8.82 -45.16
N SER Y 21 -72.38 9.56 -44.63
CA SER Y 21 -71.44 8.98 -43.68
C SER Y 21 -72.11 8.74 -42.33
N TYR Y 22 -72.88 9.71 -41.84
CA TYR Y 22 -73.50 9.56 -40.53
C TYR Y 22 -75.01 9.36 -40.56
N THR Y 23 -75.68 9.49 -41.65
CA THR Y 23 -77.16 9.36 -41.65
C THR Y 23 -77.55 7.89 -41.84
N LEU Y 24 -76.57 7.00 -42.15
CA LEU Y 24 -76.93 5.58 -42.19
C LEU Y 24 -77.82 5.23 -41.02
N THR Y 25 -77.57 5.85 -39.86
CA THR Y 25 -78.50 5.83 -38.75
C THR Y 25 -79.00 7.21 -38.35
N GLY Y 26 -78.31 8.28 -38.77
CA GLY Y 26 -78.79 9.62 -38.48
C GLY Y 26 -80.08 9.95 -39.20
N ARG Y 27 -80.21 9.49 -40.45
CA ARG Y 27 -81.41 9.79 -41.23
C ARG Y 27 -82.54 8.85 -40.86
N MET Y 28 -82.83 8.73 -39.58
CA MET Y 28 -84.01 8.05 -39.08
C MET Y 28 -85.04 9.05 -38.59
N ASN Y 29 -85.06 10.24 -39.20
CA ASN Y 29 -86.07 11.23 -38.91
C ASN Y 29 -87.45 10.78 -39.37
N CYS Y 30 -87.52 9.71 -40.16
CA CYS Y 30 -88.83 9.13 -40.51
C CYS Y 30 -89.58 8.69 -39.27
N VAL Y 31 -88.86 8.18 -38.26
CA VAL Y 31 -89.51 7.82 -37.00
C VAL Y 31 -90.11 9.06 -36.35
N LEU Y 32 -89.35 10.16 -36.35
CA LEU Y 32 -89.87 11.41 -35.80
C LEU Y 32 -91.10 11.89 -36.56
N ALA Y 33 -91.06 11.80 -37.90
CA ALA Y 33 -92.20 12.22 -38.71
C ALA Y 33 -93.42 11.36 -38.42
N THR Y 34 -93.23 10.05 -38.29
CA THR Y 34 -94.33 9.16 -37.96
C THR Y 34 -94.92 9.49 -36.60
N TYR Y 35 -94.06 9.72 -35.61
CA TYR Y 35 -94.56 10.08 -34.28
C TYR Y 35 -95.33 11.38 -34.31
N GLY Y 36 -94.80 12.39 -35.00
CA GLY Y 36 -95.50 13.66 -35.10
C GLY Y 36 -96.83 13.55 -35.82
N GLY Y 37 -96.87 12.77 -36.90
CA GLY Y 37 -98.12 12.58 -37.62
C GLY Y 37 -99.16 11.84 -36.80
N ILE Y 38 -98.72 10.81 -36.06
CA ILE Y 38 -99.66 10.09 -35.21
C ILE Y 38 -100.17 10.98 -34.10
N ALA Y 39 -99.29 11.79 -33.49
CA ALA Y 39 -99.73 12.71 -32.45
C ALA Y 39 -100.71 13.73 -33.00
N LEU Y 40 -100.44 14.26 -34.20
CA LEU Y 40 -101.36 15.22 -34.81
C LEU Y 40 -102.70 14.58 -35.11
N LEU Y 41 -102.70 13.34 -35.59
CA LEU Y 41 -103.96 12.64 -35.84
C LEU Y 41 -104.74 12.43 -34.54
N VAL Y 42 -104.04 12.07 -33.47
CA VAL Y 42 -104.70 11.86 -32.18
C VAL Y 42 -105.30 13.18 -31.68
N LEU Y 43 -104.56 14.27 -31.80
CA LEU Y 43 -105.07 15.58 -31.39
C LEU Y 43 -106.23 16.05 -32.26
N TYR Y 44 -106.18 15.78 -33.56
CA TYR Y 44 -107.31 16.10 -34.44
C TYR Y 44 -108.54 15.29 -34.07
N PHE Y 45 -108.35 14.03 -33.67
CA PHE Y 45 -109.46 13.26 -33.12
C PHE Y 45 -110.01 13.93 -31.87
N LYS Y 46 -109.13 14.42 -31.01
CA LYS Y 46 -109.56 15.26 -29.89
C LYS Y 46 -110.17 16.56 -30.40
N LEU Y 47 -109.57 17.15 -31.43
CA LEU Y 47 -110.08 18.38 -32.03
C LEU Y 47 -111.38 18.09 -32.79
N UNK Z 1 -74.89 -21.56 -16.80
CA UNK Z 1 -75.05 -22.21 -18.10
C UNK Z 1 -75.06 -21.17 -19.22
N UNK Z 2 -76.25 -20.68 -19.55
CA UNK Z 2 -76.40 -19.68 -20.60
C UNK Z 2 -76.72 -18.31 -20.00
N UNK Z 3 -77.28 -18.32 -18.79
CA UNK Z 3 -77.63 -17.08 -18.11
C UNK Z 3 -76.40 -16.45 -17.46
N UNK Z 4 -76.41 -15.12 -17.38
CA UNK Z 4 -75.32 -14.35 -16.80
C UNK Z 4 -73.99 -14.68 -17.47
N UNK Z 5 -74.02 -14.85 -18.78
CA UNK Z 5 -72.82 -15.18 -19.54
C UNK Z 5 -72.40 -14.02 -20.44
N UNK Z 6 -73.00 -12.86 -20.20
CA UNK Z 6 -72.75 -11.64 -20.98
C UNK Z 6 -72.98 -11.88 -22.46
N UNK Z 7 -73.96 -12.71 -22.78
CA UNK Z 7 -74.28 -13.05 -24.16
C UNK Z 7 -75.78 -13.16 -24.38
N UNK Z 8 -76.46 -12.03 -24.30
CA UNK Z 8 -77.91 -11.94 -24.52
C UNK Z 8 -78.68 -12.88 -23.59
N UNK Z 9 -78.29 -12.89 -22.31
CA UNK Z 9 -78.97 -13.71 -21.32
C UNK Z 9 -80.27 -13.03 -20.90
N UNK Z 10 -80.43 -11.78 -21.28
CA UNK Z 10 -81.63 -11.01 -20.96
C UNK Z 10 -82.62 -11.03 -22.11
N UNK Z 11 -82.23 -11.68 -23.20
CA UNK Z 11 -83.07 -11.77 -24.39
C UNK Z 11 -84.36 -12.54 -24.08
N UNK Z 12 -84.24 -13.58 -23.27
CA UNK Z 12 -85.39 -14.37 -22.86
C UNK Z 12 -86.30 -13.56 -21.96
N UNK Z 13 -85.69 -12.82 -21.02
CA UNK Z 13 -86.44 -12.00 -20.09
C UNK Z 13 -87.10 -10.83 -20.83
N UNK Z 14 -86.47 -10.37 -21.91
CA UNK Z 14 -87.00 -9.28 -22.71
C UNK Z 14 -88.18 -9.76 -23.53
N UNK Z 15 -88.08 -10.97 -24.07
CA UNK Z 15 -89.14 -11.54 -24.89
C UNK Z 15 -90.16 -12.28 -24.04
N UNK Z 16 -89.96 -12.26 -22.73
CA UNK Z 16 -90.86 -12.94 -21.81
C UNK Z 16 -92.21 -12.23 -21.71
N UNK Z 17 -92.22 -10.95 -22.07
CA UNK Z 17 -93.43 -10.14 -21.99
C UNK Z 17 -94.41 -10.50 -23.10
N UNK Z 18 -93.89 -10.99 -24.22
CA UNK Z 18 -94.72 -11.31 -25.38
C UNK Z 18 -95.73 -12.41 -25.07
N UNK Z 19 -95.24 -13.52 -24.53
CA UNK Z 19 -96.10 -14.65 -24.18
C UNK Z 19 -97.12 -14.25 -23.12
N UNK Z 20 -96.65 -13.52 -22.12
CA UNK Z 20 -97.51 -13.07 -21.02
C UNK Z 20 -98.60 -12.14 -21.55
N UNK Z 21 -98.23 -11.20 -22.41
CA UNK Z 21 -99.19 -10.27 -22.99
C UNK Z 21 -100.21 -11.00 -23.86
N UNK Z 22 -99.74 -11.99 -24.62
CA UNK Z 22 -100.62 -12.77 -25.48
C UNK Z 22 -101.61 -13.58 -24.65
N UNK Z 23 -101.14 -14.12 -23.52
CA UNK Z 23 -102.00 -14.89 -22.63
C UNK Z 23 -103.01 -14.00 -21.93
N UNK Z 24 -102.59 -12.78 -21.61
CA UNK Z 24 -103.46 -11.82 -20.93
C UNK Z 24 -104.55 -11.30 -21.86
N UNK Z 25 -104.18 -10.96 -23.08
CA UNK Z 25 -105.13 -10.45 -24.07
C UNK Z 25 -106.14 -11.53 -24.44
N UNK Z 26 -105.64 -12.72 -24.78
CA UNK Z 26 -106.46 -13.86 -25.15
C UNK Z 26 -107.43 -13.53 -26.29
N VAL AA 63 73.81 -39.87 21.81
CA VAL AA 63 72.42 -40.30 21.89
C VAL AA 63 71.82 -40.41 20.50
N ASP AA 64 70.93 -41.38 20.31
CA ASP AA 64 70.27 -41.57 19.03
C ASP AA 64 69.35 -40.41 18.73
N LEU AA 65 69.32 -40.00 17.46
CA LEU AA 65 68.44 -38.93 17.00
C LEU AA 65 67.54 -39.37 15.85
N GLU AA 66 67.43 -40.68 15.61
CA GLU AA 66 66.59 -41.20 14.55
C GLU AA 66 65.38 -41.97 15.09
N GLU AA 67 65.57 -42.72 16.16
CA GLU AA 67 64.46 -43.43 16.81
C GLU AA 67 64.09 -42.81 18.15
N THR AA 68 64.68 -41.67 18.51
CA THR AA 68 64.34 -40.98 19.73
C THR AA 68 64.77 -39.53 19.62
N GLY AA 69 64.26 -38.70 20.53
CA GLY AA 69 64.56 -37.29 20.51
C GLY AA 69 64.24 -36.65 21.84
N ARG AA 70 64.54 -35.36 21.94
CA ARG AA 70 64.30 -34.60 23.15
C ARG AA 70 63.35 -33.43 22.87
N VAL AA 71 62.68 -32.97 23.92
CA VAL AA 71 61.71 -31.89 23.79
C VAL AA 71 62.47 -30.57 23.74
N LEU AA 72 62.33 -29.85 22.63
CA LEU AA 72 62.89 -28.50 22.53
C LEU AA 72 62.09 -27.52 23.37
N SER AA 73 60.77 -27.57 23.27
CA SER AA 73 59.90 -26.62 23.94
C SER AA 73 58.52 -27.23 24.09
N ILE AA 74 57.97 -27.17 25.30
CA ILE AA 74 56.65 -27.69 25.60
C ILE AA 74 55.79 -26.54 26.11
N GLY AA 75 54.65 -26.33 25.46
CA GLY AA 75 53.75 -25.27 25.88
C GLY AA 75 52.33 -25.47 25.38
N ASP AA 76 51.37 -25.39 26.29
CA ASP AA 76 49.94 -25.50 25.95
C ASP AA 76 49.62 -26.83 25.28
N GLY AA 77 50.30 -27.90 25.68
CA GLY AA 77 50.05 -29.21 25.13
C GLY AA 77 50.78 -29.50 23.83
N ILE AA 78 51.64 -28.60 23.35
CA ILE AA 78 52.41 -28.80 22.14
C ILE AA 78 53.87 -28.89 22.53
N ALA AA 79 54.54 -29.96 22.10
CA ALA AA 79 55.93 -30.22 22.47
C ALA AA 79 56.75 -30.31 21.19
N ARG AA 80 57.59 -29.31 20.96
CA ARG AA 80 58.55 -29.36 19.86
C ARG AA 80 59.68 -30.30 20.21
N VAL AA 81 59.98 -31.22 19.30
CA VAL AA 81 60.94 -32.29 19.56
C VAL AA 81 62.10 -32.16 18.58
N HIS AA 82 63.32 -32.24 19.09
CA HIS AA 82 64.53 -32.26 18.28
C HIS AA 82 64.96 -33.71 18.13
N GLY AA 83 65.05 -34.17 16.88
CA GLY AA 83 65.36 -35.55 16.62
C GLY AA 83 64.21 -36.24 15.92
N LEU AA 84 63.99 -37.52 16.25
CA LEU AA 84 62.94 -38.32 15.62
C LEU AA 84 63.05 -38.25 14.10
N ARG AA 85 64.26 -38.44 13.60
CA ARG AA 85 64.49 -38.35 12.16
C ARG AA 85 63.75 -39.42 11.38
N ASN AA 86 63.33 -40.50 12.04
CA ASN AA 86 62.58 -41.56 11.39
C ASN AA 86 61.14 -41.65 11.90
N VAL AA 87 60.62 -40.57 12.48
CA VAL AA 87 59.22 -40.57 12.91
C VAL AA 87 58.33 -40.33 11.70
N GLN AA 88 57.16 -40.96 11.71
CA GLN AA 88 56.24 -40.83 10.59
C GLN AA 88 55.16 -39.81 10.90
N ALA AA 89 54.47 -39.38 9.85
CA ALA AA 89 53.35 -38.46 10.03
C ALA AA 89 52.22 -39.15 10.77
N GLU AA 90 51.65 -38.45 11.74
CA GLU AA 90 50.56 -38.95 12.57
C GLU AA 90 50.96 -40.18 13.38
N GLU AA 91 52.27 -40.38 13.58
CA GLU AA 91 52.75 -41.52 14.35
C GLU AA 91 52.66 -41.22 15.84
N MET AA 92 52.18 -42.20 16.61
CA MET AA 92 52.11 -42.03 18.05
C MET AA 92 53.49 -42.15 18.67
N VAL AA 93 53.89 -41.14 19.42
CA VAL AA 93 55.18 -41.12 20.11
C VAL AA 93 54.92 -41.20 21.61
N GLU AA 94 55.98 -41.54 22.35
CA GLU AA 94 55.88 -41.78 23.78
C GLU AA 94 56.89 -40.91 24.51
N PHE AA 95 56.43 -40.19 25.52
CA PHE AA 95 57.27 -39.29 26.30
C PHE AA 95 57.93 -40.03 27.46
N SER AA 96 58.87 -39.34 28.11
CA SER AA 96 59.56 -39.92 29.24
C SER AA 96 58.62 -40.19 30.41
N SER AA 97 57.69 -39.28 30.67
CA SER AA 97 56.82 -39.39 31.84
C SER AA 97 55.70 -40.41 31.65
N GLY AA 98 55.61 -41.06 30.50
CA GLY AA 98 54.56 -42.00 30.21
C GLY AA 98 53.45 -41.44 29.35
N LEU AA 99 53.39 -40.12 29.20
CA LEU AA 99 52.40 -39.52 28.31
C LEU AA 99 52.69 -39.90 26.86
N LYS AA 100 51.64 -40.12 26.09
CA LYS AA 100 51.75 -40.44 24.68
C LYS AA 100 51.43 -39.22 23.83
N GLY AA 101 51.94 -39.23 22.60
CA GLY AA 101 51.80 -38.09 21.73
C GLY AA 101 51.44 -38.52 20.32
N MET AA 102 51.35 -37.53 19.44
CA MET AA 102 51.03 -37.75 18.03
C MET AA 102 51.76 -36.70 17.21
N SER AA 103 52.67 -37.15 16.36
CA SER AA 103 53.50 -36.24 15.56
C SER AA 103 52.68 -35.74 14.38
N LEU AA 104 52.27 -34.47 14.45
CA LEU AA 104 51.48 -33.86 13.40
C LEU AA 104 52.31 -33.01 12.45
N ASN AA 105 53.15 -32.13 12.99
CA ASN AA 105 54.00 -31.26 12.18
C ASN AA 105 55.40 -31.86 12.10
N LEU AA 106 55.78 -32.31 10.91
CA LEU AA 106 57.14 -32.78 10.66
C LEU AA 106 57.94 -31.65 10.01
N GLU AA 107 58.28 -30.66 10.82
CA GLU AA 107 59.03 -29.52 10.33
C GLU AA 107 60.48 -29.92 10.04
N PRO AA 108 61.19 -29.15 9.21
CA PRO AA 108 62.54 -29.55 8.81
C PRO AA 108 63.50 -29.77 9.97
N ASP AA 109 63.41 -28.97 11.03
CA ASP AA 109 64.33 -29.07 12.15
C ASP AA 109 63.67 -29.45 13.46
N ASN AA 110 62.37 -29.75 13.46
CA ASN AA 110 61.68 -30.13 14.70
C ASN AA 110 60.41 -30.87 14.35
N VAL AA 111 59.84 -31.53 15.35
CA VAL AA 111 58.61 -32.29 15.21
C VAL AA 111 57.59 -31.73 16.19
N GLY AA 112 56.42 -31.35 15.68
CA GLY AA 112 55.35 -30.85 16.53
C GLY AA 112 54.44 -31.96 17.01
N VAL AA 113 54.54 -32.31 18.28
CA VAL AA 113 53.81 -33.43 18.86
C VAL AA 113 52.71 -32.89 19.75
N VAL AA 114 51.48 -33.34 19.51
CA VAL AA 114 50.36 -33.01 20.39
C VAL AA 114 50.32 -34.04 21.50
N VAL AA 115 50.14 -33.56 22.74
CA VAL AA 115 50.24 -34.42 23.90
C VAL AA 115 48.86 -34.96 24.27
N PHE AA 116 48.77 -36.28 24.44
CA PHE AA 116 47.54 -36.93 24.85
C PHE AA 116 47.40 -36.93 26.37
N GLY AA 117 47.24 -35.74 26.93
CA GLY AA 117 47.07 -35.60 28.36
C GLY AA 117 47.65 -34.29 28.85
N ASN AA 118 47.78 -34.20 30.17
CA ASN AA 118 48.30 -33.00 30.80
C ASN AA 118 49.79 -32.86 30.52
N ASP AA 119 50.20 -31.64 30.19
CA ASP AA 119 51.57 -31.36 29.79
C ASP AA 119 52.44 -30.88 30.94
N LYS AA 120 51.93 -30.86 32.18
CA LYS AA 120 52.74 -30.43 33.30
C LYS AA 120 53.87 -31.41 33.59
N LEU AA 121 53.73 -32.65 33.16
CA LEU AA 121 54.74 -33.69 33.37
C LEU AA 121 55.79 -33.72 32.28
N ILE AA 122 55.68 -32.86 31.26
CA ILE AA 122 56.63 -32.81 30.15
C ILE AA 122 57.44 -31.54 30.27
N LYS AA 123 58.76 -31.66 30.20
CA LYS AA 123 59.64 -30.52 30.34
C LYS AA 123 60.79 -30.64 29.34
N GLU AA 124 61.47 -29.52 29.12
CA GLU AA 124 62.55 -29.47 28.15
C GLU AA 124 63.64 -30.48 28.49
N GLY AA 125 64.11 -31.20 27.48
CA GLY AA 125 65.14 -32.20 27.65
C GLY AA 125 64.64 -33.61 27.83
N ASP AA 126 63.33 -33.80 28.02
CA ASP AA 126 62.79 -35.14 28.21
C ASP AA 126 62.95 -35.96 26.93
N ILE AA 127 63.19 -37.25 27.09
CA ILE AA 127 63.45 -38.14 25.96
C ILE AA 127 62.11 -38.56 25.36
N VAL AA 128 61.95 -38.31 24.06
CA VAL AA 128 60.76 -38.73 23.33
C VAL AA 128 61.13 -39.91 22.44
N LYS AA 129 60.38 -41.01 22.56
CA LYS AA 129 60.67 -42.23 21.84
C LYS AA 129 59.52 -42.58 20.90
N ARG AA 130 59.86 -43.16 19.76
CA ARG AA 130 58.87 -43.58 18.79
C ARG AA 130 58.18 -44.87 19.25
N THR AA 131 57.03 -45.14 18.62
CA THR AA 131 56.36 -46.42 18.78
C THR AA 131 56.35 -47.24 17.50
N GLY AA 132 56.62 -46.62 16.35
CA GLY AA 132 56.71 -47.34 15.10
C GLY AA 132 55.40 -47.59 14.40
N ALA AA 133 54.28 -47.18 14.99
CA ALA AA 133 52.97 -47.45 14.42
C ALA AA 133 52.11 -46.19 14.48
N ILE AA 134 51.33 -45.96 13.41
CA ILE AA 134 50.38 -44.87 13.42
C ILE AA 134 49.35 -45.10 14.53
N VAL AA 135 48.90 -43.99 15.13
CA VAL AA 135 47.96 -44.02 16.25
C VAL AA 135 46.79 -44.94 15.94
N ASP AA 136 46.56 -45.91 16.82
CA ASP AA 136 45.53 -46.92 16.64
C ASP AA 136 44.83 -47.18 17.97
N VAL AA 137 43.63 -47.76 17.87
CA VAL AA 137 42.76 -47.91 19.03
C VAL AA 137 42.41 -49.37 19.21
N PRO AA 138 42.40 -49.88 20.45
CA PRO AA 138 41.97 -51.27 20.67
C PRO AA 138 40.52 -51.46 20.24
N VAL AA 139 40.29 -52.49 19.42
CA VAL AA 139 39.00 -52.69 18.77
C VAL AA 139 38.57 -54.13 18.94
N GLY AA 140 37.27 -54.34 18.88
CA GLY AA 140 36.70 -55.67 19.01
C GLY AA 140 35.35 -55.62 19.69
N GLU AA 141 34.80 -56.81 19.93
CA GLU AA 141 33.53 -56.94 20.62
C GLU AA 141 33.68 -57.00 22.13
N GLU AA 142 34.92 -57.03 22.65
CA GLU AA 142 35.12 -57.02 24.08
C GLU AA 142 34.79 -55.67 24.68
N LEU AA 143 34.82 -54.61 23.87
CA LEU AA 143 34.53 -53.27 24.34
C LEU AA 143 33.06 -53.04 24.63
N LEU AA 144 32.18 -53.98 24.23
CA LEU AA 144 30.77 -53.84 24.54
C LEU AA 144 30.56 -53.81 26.05
N GLY AA 145 29.77 -52.84 26.51
CA GLY AA 145 29.54 -52.68 27.93
C GLY AA 145 30.64 -51.95 28.67
N ARG AA 146 31.60 -51.38 27.95
CA ARG AA 146 32.75 -50.71 28.57
C ARG AA 146 32.74 -49.24 28.20
N VAL AA 147 33.12 -48.39 29.15
CA VAL AA 147 33.26 -46.97 28.91
C VAL AA 147 34.76 -46.67 28.79
N VAL AA 148 35.19 -46.30 27.58
CA VAL AA 148 36.60 -46.10 27.30
C VAL AA 148 36.84 -44.63 26.96
N ASP AA 149 38.11 -44.28 26.84
CA ASP AA 149 38.53 -42.93 26.47
C ASP AA 149 38.89 -42.91 24.99
N ALA AA 150 39.46 -41.78 24.55
CA ALA AA 150 39.82 -41.64 23.14
C ALA AA 150 40.85 -42.67 22.71
N LEU AA 151 41.80 -42.98 23.59
CA LEU AA 151 42.85 -43.94 23.27
C LEU AA 151 42.44 -45.38 23.52
N GLY AA 152 41.23 -45.62 24.01
CA GLY AA 152 40.74 -46.96 24.23
C GLY AA 152 40.95 -47.49 25.63
N ASN AA 153 41.64 -46.76 26.50
CA ASN AA 153 41.85 -47.21 27.87
C ASN AA 153 40.54 -47.23 28.63
N ALA AA 154 40.36 -48.27 29.44
CA ALA AA 154 39.16 -48.38 30.25
C ALA AA 154 39.19 -47.39 31.40
N ILE AA 155 38.08 -46.68 31.60
CA ILE AA 155 37.97 -45.68 32.65
C ILE AA 155 36.82 -45.95 33.60
N ASP AA 156 36.10 -47.05 33.44
CA ASP AA 156 35.00 -47.40 34.33
C ASP AA 156 35.44 -48.31 35.47
N GLY AA 157 36.73 -48.58 35.59
CA GLY AA 157 37.20 -49.41 36.69
C GLY AA 157 36.65 -50.82 36.69
N LYS AA 158 36.38 -51.36 35.50
CA LYS AA 158 35.92 -52.74 35.35
C LYS AA 158 37.04 -53.69 35.00
N GLY AA 159 38.27 -53.21 34.94
CA GLY AA 159 39.40 -54.02 34.53
C GLY AA 159 39.85 -53.69 33.13
N PRO AA 160 40.90 -54.36 32.68
CA PRO AA 160 41.44 -54.08 31.34
C PRO AA 160 40.54 -54.60 30.23
N ILE AA 161 40.71 -54.02 29.05
CA ILE AA 161 39.97 -54.47 27.87
C ILE AA 161 40.68 -55.67 27.27
N GLY AA 162 39.90 -56.69 26.92
CA GLY AA 162 40.47 -57.93 26.41
C GLY AA 162 40.58 -57.99 24.90
N SER AA 163 40.53 -56.83 24.25
CA SER AA 163 40.60 -56.76 22.80
C SER AA 163 41.92 -57.35 22.30
N LYS AA 164 41.83 -58.17 21.26
CA LYS AA 164 42.99 -58.82 20.68
C LYS AA 164 43.48 -58.15 19.40
N THR AA 165 42.73 -57.19 18.87
CA THR AA 165 43.07 -56.55 17.60
C THR AA 165 43.08 -55.03 17.76
N ARG AA 166 43.86 -54.38 16.90
CA ARG AA 166 43.96 -52.94 16.87
C ARG AA 166 43.70 -52.43 15.46
N ARG AA 167 43.19 -51.21 15.37
CA ARG AA 167 42.80 -50.62 14.10
C ARG AA 167 43.17 -49.15 14.09
N ARG AA 168 43.71 -48.69 12.97
CA ARG AA 168 44.08 -47.28 12.84
C ARG AA 168 42.85 -46.39 12.93
N VAL AA 169 43.04 -45.21 13.50
CA VAL AA 169 41.93 -44.25 13.62
C VAL AA 169 41.73 -43.43 12.36
N GLY AA 170 42.66 -43.48 11.41
CA GLY AA 170 42.54 -42.70 10.21
C GLY AA 170 42.45 -43.53 8.94
N LEU AA 171 41.82 -44.71 9.04
CA LEU AA 171 41.69 -45.58 7.89
C LEU AA 171 40.79 -44.96 6.83
N LYS AA 172 41.09 -45.26 5.57
CA LYS AA 172 40.32 -44.70 4.47
C LYS AA 172 38.92 -45.28 4.44
N ALA AA 173 37.97 -44.45 3.99
CA ALA AA 173 36.58 -44.86 3.88
C ALA AA 173 36.41 -45.83 2.71
N PRO AA 174 35.38 -46.68 2.77
CA PRO AA 174 35.14 -47.62 1.66
C PRO AA 174 34.83 -46.87 0.37
N GLY AA 175 35.22 -47.48 -0.74
CA GLY AA 175 35.04 -46.89 -2.06
C GLY AA 175 33.65 -47.14 -2.60
N ILE AA 176 33.51 -46.84 -3.89
CA ILE AA 176 32.22 -47.00 -4.57
C ILE AA 176 31.82 -48.48 -4.59
N ILE AA 177 32.76 -49.36 -4.94
CA ILE AA 177 32.42 -50.76 -5.16
C ILE AA 177 31.91 -51.45 -3.89
N PRO AA 178 32.58 -51.36 -2.74
CA PRO AA 178 32.12 -52.14 -1.57
C PRO AA 178 30.74 -51.75 -1.07
N ARG AA 179 30.26 -50.56 -1.38
CA ARG AA 179 28.99 -50.11 -0.83
C ARG AA 179 27.81 -50.69 -1.61
N ILE AA 180 26.66 -50.73 -0.94
CA ILE AA 180 25.40 -51.12 -1.54
C ILE AA 180 24.32 -50.17 -1.03
N SER AA 181 23.15 -50.21 -1.67
CA SER AA 181 22.07 -49.29 -1.31
C SER AA 181 21.61 -49.52 0.12
N VAL AA 182 21.05 -48.47 0.71
CA VAL AA 182 20.58 -48.52 2.09
C VAL AA 182 19.20 -49.18 2.10
N ARG AA 183 19.12 -50.37 2.69
CA ARG AA 183 17.88 -51.16 2.62
C ARG AA 183 17.24 -51.35 3.98
N GLU AA 184 18.00 -51.85 4.94
CA GLU AA 184 17.43 -52.16 6.25
C GLU AA 184 17.08 -50.87 6.98
N PRO AA 185 15.92 -50.79 7.64
CA PRO AA 185 15.62 -49.60 8.44
C PRO AA 185 16.39 -49.59 9.74
N MET AA 186 16.63 -48.39 10.26
CA MET AA 186 17.32 -48.20 11.55
C MET AA 186 16.29 -47.63 12.52
N GLN AA 187 15.57 -48.52 13.20
CA GLN AA 187 14.50 -48.10 14.09
C GLN AA 187 15.06 -47.32 15.28
N THR AA 188 14.50 -46.15 15.52
CA THR AA 188 14.92 -45.28 16.61
C THR AA 188 13.96 -45.29 17.78
N GLY AA 189 12.74 -45.79 17.60
CA GLY AA 189 11.74 -45.73 18.64
C GLY AA 189 11.03 -44.40 18.75
N ILE AA 190 11.33 -43.45 17.86
CA ILE AA 190 10.69 -42.14 17.86
C ILE AA 190 9.67 -42.12 16.74
N LYS AA 191 8.43 -41.75 17.07
CA LYS AA 191 7.37 -41.74 16.08
C LYS AA 191 7.69 -40.76 14.95
N ALA AA 192 8.17 -39.57 15.29
CA ALA AA 192 8.46 -38.57 14.26
C ALA AA 192 9.56 -39.05 13.33
N VAL AA 193 10.64 -39.59 13.89
CA VAL AA 193 11.76 -40.05 13.06
C VAL AA 193 11.34 -41.27 12.24
N ASP AA 194 10.76 -42.27 12.90
CA ASP AA 194 10.41 -43.50 12.19
C ASP AA 194 9.24 -43.32 11.22
N SER AA 195 8.53 -42.19 11.28
CA SER AA 195 7.41 -41.95 10.38
C SER AA 195 7.74 -40.97 9.28
N LEU AA 196 8.21 -39.78 9.62
CA LEU AA 196 8.36 -38.71 8.64
C LEU AA 196 9.79 -38.47 8.19
N VAL AA 197 10.78 -38.85 9.00
CA VAL AA 197 12.18 -38.70 8.63
C VAL AA 197 12.87 -40.04 8.83
N PRO AA 198 12.53 -41.07 8.07
CA PRO AA 198 13.08 -42.40 8.33
C PRO AA 198 14.59 -42.43 8.15
N ILE AA 199 15.25 -43.22 8.98
CA ILE AA 199 16.70 -43.38 8.94
C ILE AA 199 17.01 -44.83 8.58
N GLY AA 200 17.77 -45.01 7.51
CA GLY AA 200 18.19 -46.32 7.09
C GLY AA 200 19.46 -46.78 7.79
N ARG AA 201 19.81 -48.04 7.56
CA ARG AA 201 21.01 -48.60 8.15
C ARG AA 201 22.18 -48.37 7.21
N GLY AA 202 23.20 -47.65 7.69
CA GLY AA 202 24.29 -47.17 6.87
C GLY AA 202 24.18 -45.71 6.51
N GLN AA 203 23.01 -45.11 6.70
CA GLN AA 203 22.82 -43.68 6.46
C GLN AA 203 23.46 -42.87 7.58
N ARG AA 204 23.68 -41.59 7.31
CA ARG AA 204 24.24 -40.66 8.29
C ARG AA 204 23.31 -39.47 8.40
N GLU AA 205 22.62 -39.36 9.53
CA GLU AA 205 21.64 -38.31 9.77
C GLU AA 205 22.19 -37.34 10.81
N LEU AA 206 22.08 -36.05 10.54
CA LEU AA 206 22.58 -35.02 11.43
C LEU AA 206 21.46 -34.58 12.37
N ILE AA 207 21.68 -34.76 13.68
CA ILE AA 207 20.75 -34.28 14.68
C ILE AA 207 21.14 -32.85 15.04
N ILE AA 208 20.66 -31.89 14.28
CA ILE AA 208 21.10 -30.51 14.44
C ILE AA 208 20.07 -29.71 15.25
N GLY AA 209 20.56 -28.71 15.97
CA GLY AA 209 19.69 -27.89 16.77
C GLY AA 209 20.50 -27.02 17.71
N ASP AA 210 19.77 -26.33 18.59
CA ASP AA 210 20.39 -25.47 19.58
C ASP AA 210 20.59 -26.22 20.89
N ARG AA 211 21.16 -25.54 21.87
CA ARG AA 211 21.40 -26.16 23.18
C ARG AA 211 20.09 -26.43 23.89
N GLN AA 212 20.02 -27.58 24.56
CA GLN AA 212 18.85 -27.99 25.34
C GLN AA 212 17.60 -28.05 24.47
N THR AA 213 17.71 -28.77 23.36
CA THR AA 213 16.58 -28.99 22.47
C THR AA 213 16.19 -30.46 22.34
N GLY AA 214 17.06 -31.38 22.74
CA GLY AA 214 16.74 -32.79 22.73
C GLY AA 214 17.59 -33.65 21.82
N LYS AA 215 18.75 -33.15 21.38
CA LYS AA 215 19.61 -33.95 20.49
C LYS AA 215 20.11 -35.19 21.21
N THR AA 216 20.71 -35.02 22.39
CA THR AA 216 21.17 -36.17 23.16
C THR AA 216 20.03 -37.06 23.57
N SER AA 217 18.84 -36.49 23.81
CA SER AA 217 17.68 -37.29 24.11
C SER AA 217 17.31 -38.19 22.94
N ILE AA 218 17.33 -37.65 21.72
CA ILE AA 218 17.06 -38.46 20.53
C ILE AA 218 18.10 -39.55 20.39
N ALA AA 219 19.37 -39.21 20.61
CA ALA AA 219 20.43 -40.19 20.49
C ALA AA 219 20.24 -41.34 21.48
N ILE AA 220 19.99 -41.00 22.75
CA ILE AA 220 19.89 -42.03 23.78
C ILE AA 220 18.62 -42.85 23.59
N ASP AA 221 17.54 -42.23 23.12
CA ASP AA 221 16.33 -42.99 22.81
C ASP AA 221 16.58 -43.98 21.68
N THR AA 222 17.36 -43.56 20.67
CA THR AA 222 17.76 -44.49 19.62
C THR AA 222 18.59 -45.63 20.19
N ILE AA 223 19.47 -45.31 21.15
CA ILE AA 223 20.27 -46.35 21.81
C ILE AA 223 19.38 -47.36 22.49
N ILE AA 224 18.40 -46.89 23.25
CA ILE AA 224 17.57 -47.78 24.06
C ILE AA 224 16.67 -48.64 23.18
N ASN AA 225 16.18 -48.07 22.08
CA ASN AA 225 15.22 -48.77 21.23
C ASN AA 225 15.80 -50.06 20.67
N GLN AA 226 17.13 -50.12 20.51
CA GLN AA 226 17.74 -51.29 19.90
C GLN AA 226 17.73 -52.51 20.81
N LYS AA 227 17.33 -52.34 22.08
CA LYS AA 227 17.38 -53.45 23.02
C LYS AA 227 16.51 -54.62 22.56
N ARG AA 228 15.33 -54.32 22.03
CA ARG AA 228 14.42 -55.37 21.60
C ARG AA 228 15.05 -56.24 20.51
N PHE AA 229 15.80 -55.62 19.60
CA PHE AA 229 16.47 -56.39 18.56
C PHE AA 229 17.70 -57.12 19.10
N ASN AA 230 18.46 -56.47 19.98
CA ASN AA 230 19.74 -57.03 20.41
C ASN AA 230 19.55 -58.30 21.23
N ASP AA 231 18.55 -58.34 22.10
CA ASP AA 231 18.28 -59.54 22.88
C ASP AA 231 17.41 -60.55 22.12
N GLY AA 232 17.05 -60.24 20.88
CA GLY AA 232 16.26 -61.15 20.08
C GLY AA 232 17.09 -62.27 19.48
N THR AA 233 16.48 -62.98 18.54
CA THR AA 233 17.11 -64.18 17.98
C THR AA 233 17.90 -63.85 16.71
N ASP AA 234 17.25 -63.21 15.73
CA ASP AA 234 17.87 -63.02 14.43
C ASP AA 234 19.09 -62.12 14.51
N GLU AA 235 20.13 -62.48 13.76
CA GLU AA 235 21.38 -61.74 13.74
C GLU AA 235 21.36 -60.55 12.79
N LYS AA 236 20.35 -60.44 11.93
CA LYS AA 236 20.31 -59.38 10.93
C LYS AA 236 19.67 -58.10 11.43
N LYS AA 237 19.08 -58.11 12.63
CA LYS AA 237 18.49 -56.92 13.21
C LYS AA 237 19.29 -56.34 14.36
N LYS AA 238 20.29 -57.06 14.86
CA LYS AA 238 21.11 -56.55 15.95
C LYS AA 238 21.89 -55.31 15.51
N LEU AA 239 21.84 -54.27 16.35
CA LEU AA 239 22.56 -53.03 16.10
C LEU AA 239 23.41 -52.72 17.31
N TYR AA 240 24.73 -52.79 17.16
CA TYR AA 240 25.65 -52.57 18.27
C TYR AA 240 25.98 -51.09 18.34
N CYS AA 241 25.33 -50.40 19.28
CA CYS AA 241 25.45 -48.95 19.38
C CYS AA 241 26.81 -48.54 19.91
N ILE AA 242 27.25 -47.34 19.53
CA ILE AA 242 28.45 -46.71 20.06
C ILE AA 242 28.14 -45.24 20.30
N TYR AA 243 28.55 -44.71 21.45
CA TYR AA 243 28.32 -43.32 21.79
C TYR AA 243 29.66 -42.64 22.05
N VAL AA 244 29.86 -41.48 21.45
CA VAL AA 244 31.09 -40.71 21.61
C VAL AA 244 30.73 -39.38 22.25
N ALA AA 245 31.31 -39.12 23.41
CA ALA AA 245 31.07 -37.89 24.15
C ALA AA 245 32.27 -36.98 23.99
N ILE AA 246 32.08 -35.86 23.31
CA ILE AA 246 33.15 -34.91 23.01
C ILE AA 246 32.82 -33.61 23.70
N GLY AA 247 33.66 -33.20 24.65
CA GLY AA 247 33.53 -31.91 25.30
C GLY AA 247 32.53 -31.87 26.43
N GLN AA 248 31.72 -32.91 26.62
CA GLN AA 248 30.77 -32.92 27.71
C GLN AA 248 31.49 -33.14 29.03
N LYS AA 249 30.90 -32.63 30.11
CA LYS AA 249 31.48 -32.84 31.43
C LYS AA 249 31.22 -34.28 31.88
N ARG AA 250 32.06 -34.75 32.80
CA ARG AA 250 32.01 -36.14 33.21
C ARG AA 250 30.70 -36.47 33.93
N SER AA 251 30.08 -35.47 34.56
CA SER AA 251 28.80 -35.70 35.22
C SER AA 251 27.73 -36.09 34.22
N THR AA 252 27.68 -35.40 33.09
CA THR AA 252 26.70 -35.73 32.05
C THR AA 252 26.92 -37.12 31.50
N VAL AA 253 28.17 -37.49 31.27
CA VAL AA 253 28.47 -38.83 30.74
C VAL AA 253 28.11 -39.89 31.76
N ALA AA 254 28.38 -39.64 33.04
CA ALA AA 254 28.00 -40.57 34.09
C ALA AA 254 26.49 -40.75 34.15
N GLN AA 255 25.75 -39.63 34.04
CA GLN AA 255 24.29 -39.73 34.04
C GLN AA 255 23.80 -40.50 32.82
N LEU AA 256 24.42 -40.29 31.67
CA LEU AA 256 24.03 -41.02 30.46
C LEU AA 256 24.27 -42.52 30.61
N VAL AA 257 25.44 -42.91 31.14
CA VAL AA 257 25.70 -44.33 31.29
C VAL AA 257 24.80 -44.93 32.37
N LYS AA 258 24.43 -44.14 33.39
CA LYS AA 258 23.47 -44.63 34.37
C LYS AA 258 22.11 -44.86 33.72
N ARG AA 259 21.70 -43.95 32.82
CA ARG AA 259 20.46 -44.14 32.08
C ARG AA 259 20.51 -45.39 31.23
N LEU AA 260 21.64 -45.61 30.55
CA LEU AA 260 21.78 -46.79 29.71
C LEU AA 260 21.74 -48.07 30.53
N THR AA 261 22.40 -48.07 31.69
CA THR AA 261 22.38 -49.24 32.56
C THR AA 261 20.98 -49.49 33.12
N ASP AA 262 20.26 -48.42 33.45
CA ASP AA 262 18.90 -48.55 33.94
C ASP AA 262 18.00 -49.21 32.89
N ALA AA 263 18.17 -48.83 31.63
CA ALA AA 263 17.43 -49.44 30.52
C ALA AA 263 18.09 -50.71 30.01
N ASP AA 264 19.20 -51.12 30.62
CA ASP AA 264 19.93 -52.33 30.22
C ASP AA 264 20.41 -52.23 28.78
N ALA AA 265 20.74 -51.02 28.35
CA ALA AA 265 21.29 -50.79 27.02
C ALA AA 265 22.81 -50.81 26.98
N MET AA 266 23.47 -50.89 28.14
CA MET AA 266 24.92 -50.88 28.17
C MET AA 266 25.51 -52.16 27.60
N LYS AA 267 24.77 -53.28 27.69
CA LYS AA 267 25.34 -54.58 27.36
C LYS AA 267 25.76 -54.68 25.89
N TYR AA 268 25.26 -53.77 25.04
CA TYR AA 268 25.58 -53.80 23.62
C TYR AA 268 26.07 -52.44 23.11
N THR AA 269 26.51 -51.56 24.00
CA THR AA 269 26.96 -50.24 23.59
C THR AA 269 28.37 -49.98 24.11
N ILE AA 270 29.07 -49.07 23.45
CA ILE AA 270 30.42 -48.66 23.80
C ILE AA 270 30.41 -47.15 23.94
N VAL AA 271 30.76 -46.64 25.11
CA VAL AA 271 30.74 -45.20 25.38
C VAL AA 271 32.19 -44.74 25.36
N VAL AA 272 32.57 -44.05 24.29
CA VAL AA 272 33.89 -43.46 24.17
C VAL AA 272 33.79 -41.99 24.60
N SER AA 273 34.42 -41.66 25.72
CA SER AA 273 34.28 -40.32 26.29
C SER AA 273 35.61 -39.58 26.22
N ALA AA 274 35.59 -38.40 25.60
CA ALA AA 274 36.70 -37.45 25.63
C ALA AA 274 36.10 -36.16 26.20
N THR AA 275 36.14 -36.05 27.52
CA THR AA 275 35.42 -34.99 28.21
C THR AA 275 36.16 -33.66 28.06
N ALA AA 276 35.59 -32.62 28.70
CA ALA AA 276 36.17 -31.29 28.59
C ALA AA 276 37.51 -31.20 29.30
N SER AA 277 37.66 -31.92 30.41
CA SER AA 277 38.93 -31.89 31.14
C SER AA 277 40.04 -32.55 30.32
N ASP AA 278 39.69 -33.52 29.49
CA ASP AA 278 40.68 -34.20 28.66
C ASP AA 278 41.28 -33.24 27.66
N ALA AA 279 42.53 -33.52 27.27
CA ALA AA 279 43.26 -32.63 26.39
C ALA AA 279 42.58 -32.53 25.02
N ALA AA 280 42.85 -31.42 24.35
CA ALA AA 280 42.28 -31.20 23.02
C ALA AA 280 42.59 -32.32 22.03
N PRO AA 281 43.81 -32.88 21.98
CA PRO AA 281 44.04 -34.01 21.06
C PRO AA 281 43.13 -35.20 21.32
N LEU AA 282 42.81 -35.49 22.58
CA LEU AA 282 41.90 -36.58 22.88
C LEU AA 282 40.51 -36.30 22.32
N GLN AA 283 40.03 -35.07 22.50
CA GLN AA 283 38.72 -34.71 21.97
C GLN AA 283 38.70 -34.71 20.44
N TYR AA 284 39.85 -34.43 19.83
CA TYR AA 284 39.94 -34.47 18.37
C TYR AA 284 39.99 -35.90 17.86
N LEU AA 285 40.59 -36.80 18.63
CA LEU AA 285 40.75 -38.19 18.22
C LEU AA 285 39.56 -39.06 18.59
N ALA AA 286 38.71 -38.63 19.51
CA ALA AA 286 37.60 -39.46 19.99
C ALA AA 286 36.65 -39.91 18.88
N PRO AA 287 36.17 -39.05 17.98
CA PRO AA 287 35.25 -39.55 16.94
C PRO AA 287 35.88 -40.63 16.08
N TYR AA 288 37.17 -40.53 15.79
CA TYR AA 288 37.82 -41.52 14.94
C TYR AA 288 37.97 -42.85 15.66
N SER AA 289 38.18 -42.82 16.98
CA SER AA 289 38.25 -44.05 17.75
C SER AA 289 36.93 -44.81 17.70
N GLY AA 290 35.83 -44.11 17.98
CA GLY AA 290 34.52 -44.74 17.88
C GLY AA 290 34.20 -45.17 16.47
N CYS AA 291 34.67 -44.40 15.48
CA CYS AA 291 34.45 -44.78 14.09
C CYS AA 291 35.16 -46.08 13.76
N SER AA 292 36.38 -46.26 14.26
CA SER AA 292 37.09 -47.52 14.06
C SER AA 292 36.38 -48.67 14.77
N MET AA 293 35.90 -48.41 15.99
CA MET AA 293 35.18 -49.45 16.73
C MET AA 293 33.93 -49.89 15.96
N GLY AA 294 33.22 -48.93 15.36
CA GLY AA 294 32.10 -49.29 14.51
C GLY AA 294 32.51 -49.99 13.23
N GLU AA 295 33.64 -49.57 12.64
CA GLU AA 295 34.12 -50.20 11.42
C GLU AA 295 34.44 -51.66 11.63
N TYR AA 296 34.88 -52.02 12.85
CA TYR AA 296 35.12 -53.42 13.14
C TYR AA 296 33.86 -54.25 12.93
N PHE AA 297 32.73 -53.77 13.47
CA PHE AA 297 31.46 -54.46 13.26
C PHE AA 297 31.05 -54.41 11.79
N ARG AA 298 31.30 -53.28 11.13
CA ARG AA 298 30.86 -53.11 9.75
C ARG AA 298 31.51 -54.11 8.82
N ASP AA 299 32.80 -54.37 9.00
CA ASP AA 299 33.53 -55.27 8.12
C ASP AA 299 33.39 -56.73 8.50
N ASN AA 300 32.64 -57.06 9.55
CA ASN AA 300 32.46 -58.43 9.99
C ASN AA 300 31.00 -58.87 9.95
N GLY AA 301 30.20 -58.30 9.06
CA GLY AA 301 28.83 -58.75 8.90
C GLY AA 301 27.87 -58.31 9.98
N LYS AA 302 28.29 -57.40 10.86
CA LYS AA 302 27.44 -56.91 11.93
C LYS AA 302 27.11 -55.44 11.71
N HIS AA 303 25.98 -55.02 12.24
CA HIS AA 303 25.49 -53.66 12.07
C HIS AA 303 25.76 -52.85 13.33
N ALA AA 304 26.30 -51.65 13.15
CA ALA AA 304 26.70 -50.81 14.28
C ALA AA 304 26.14 -49.41 14.09
N LEU AA 305 25.95 -48.72 15.21
CA LEU AA 305 25.45 -47.36 15.24
C LEU AA 305 26.42 -46.50 16.03
N ILE AA 306 26.81 -45.36 15.47
CA ILE AA 306 27.80 -44.47 16.09
C ILE AA 306 27.18 -43.09 16.22
N ILE AA 307 27.29 -42.50 17.41
CA ILE AA 307 26.76 -41.18 17.69
C ILE AA 307 27.94 -40.28 18.08
N TYR AA 308 28.13 -39.21 17.32
CA TYR AA 308 29.13 -38.20 17.65
C TYR AA 308 28.42 -37.03 18.31
N ASP AA 309 28.63 -36.88 19.61
CA ASP AA 309 27.94 -35.85 20.40
C ASP AA 309 28.98 -35.09 21.21
N ASP AA 310 29.41 -33.94 20.70
CA ASP AA 310 28.96 -33.37 19.43
C ASP AA 310 30.16 -32.93 18.60
N LEU AA 311 30.00 -32.97 17.27
CA LEU AA 311 31.11 -32.67 16.37
C LEU AA 311 31.57 -31.22 16.44
N SER AA 312 30.71 -30.31 16.90
CA SER AA 312 31.13 -28.91 17.04
C SER AA 312 32.26 -28.76 18.03
N LYS AA 313 32.17 -29.46 19.17
CA LYS AA 313 33.25 -29.41 20.14
C LYS AA 313 34.51 -30.10 19.63
N GLN AA 314 34.36 -31.14 18.83
CA GLN AA 314 35.53 -31.73 18.18
C GLN AA 314 36.18 -30.72 17.24
N ALA AA 315 35.37 -29.96 16.50
CA ALA AA 315 35.92 -28.92 15.64
C ALA AA 315 36.65 -27.86 16.46
N VAL AA 316 36.11 -27.49 17.61
CA VAL AA 316 36.76 -26.53 18.48
C VAL AA 316 38.11 -27.08 18.96
N ALA AA 317 38.14 -28.35 19.35
CA ALA AA 317 39.39 -28.97 19.80
C ALA AA 317 40.42 -29.00 18.68
N TYR AA 318 40.00 -29.35 17.47
CA TYR AA 318 40.91 -29.36 16.33
C TYR AA 318 41.42 -27.96 16.03
N ARG AA 319 40.55 -26.96 16.15
CA ARG AA 319 40.97 -25.58 15.96
C ARG AA 319 42.04 -25.20 16.98
N GLN AA 320 41.85 -25.59 18.24
CA GLN AA 320 42.85 -25.30 19.26
C GLN AA 320 44.18 -25.99 18.93
N MET AA 321 44.11 -27.26 18.53
CA MET AA 321 45.33 -27.98 18.17
C MET AA 321 46.06 -27.29 17.03
N SER AA 322 45.33 -26.92 15.97
CA SER AA 322 45.95 -26.33 14.80
C SER AA 322 46.54 -24.96 15.13
N LEU AA 323 45.81 -24.14 15.87
CA LEU AA 323 46.30 -22.81 16.22
C LEU AA 323 47.54 -22.90 17.11
N LEU AA 324 47.54 -23.86 18.05
CA LEU AA 324 48.72 -24.03 18.89
C LEU AA 324 49.89 -24.59 18.10
N LEU AA 325 49.62 -25.28 16.99
CA LEU AA 325 50.67 -25.76 16.10
C LEU AA 325 51.15 -24.70 15.11
N ARG AA 326 50.79 -23.44 15.33
CA ARG AA 326 51.18 -22.30 14.50
C ARG AA 326 50.63 -22.40 13.08
N ARG AA 327 49.67 -23.28 12.83
CA ARG AA 327 49.05 -23.33 11.51
C ARG AA 327 48.12 -22.12 11.34
N PRO AA 328 48.11 -21.51 10.16
CA PRO AA 328 47.34 -20.27 9.96
C PRO AA 328 45.86 -20.49 10.19
N PRO AA 329 45.19 -19.53 10.81
CA PRO AA 329 43.74 -19.63 10.99
C PRO AA 329 42.98 -19.35 9.69
N GLY AA 330 41.74 -19.81 9.67
CA GLY AA 330 40.88 -19.58 8.53
C GLY AA 330 39.59 -18.88 8.91
N ARG AA 331 38.47 -19.33 8.36
CA ARG AA 331 37.18 -18.75 8.69
C ARG AA 331 36.83 -19.07 10.13
N GLU AA 332 36.49 -18.03 10.90
CA GLU AA 332 36.17 -18.16 12.33
C GLU AA 332 37.30 -18.84 13.10
N ALA AA 333 38.54 -18.57 12.70
CA ALA AA 333 39.75 -19.08 13.35
C ALA AA 333 39.89 -20.59 13.17
N TYR AA 334 38.93 -21.22 12.52
CA TYR AA 334 39.03 -22.66 12.29
C TYR AA 334 40.10 -22.94 11.24
N PRO AA 335 40.68 -24.14 11.24
CA PRO AA 335 41.64 -24.48 10.20
C PRO AA 335 40.96 -24.57 8.84
N GLY AA 336 41.78 -24.57 7.79
CA GLY AA 336 41.23 -24.66 6.45
C GLY AA 336 40.51 -25.97 6.18
N ASP AA 337 40.97 -27.06 6.80
CA ASP AA 337 40.44 -28.39 6.54
C ASP AA 337 39.47 -28.88 7.62
N VAL AA 338 38.65 -27.98 8.16
CA VAL AA 338 37.59 -28.40 9.07
C VAL AA 338 36.57 -29.24 8.33
N PHE AA 339 36.27 -28.90 7.08
CA PHE AA 339 35.38 -29.72 6.27
C PHE AA 339 35.96 -31.11 6.06
N TYR AA 340 37.26 -31.18 5.79
CA TYR AA 340 37.91 -32.48 5.63
C TYR AA 340 37.86 -33.28 6.92
N LEU AA 341 38.01 -32.61 8.07
CA LEU AA 341 38.03 -33.28 9.36
C LEU AA 341 36.79 -34.12 9.58
N HIS AA 342 35.62 -33.58 9.20
CA HIS AA 342 34.38 -34.32 9.37
C HIS AA 342 34.08 -35.21 8.15
N SER AA 343 34.45 -34.75 6.95
CA SER AA 343 34.14 -35.50 5.75
C SER AA 343 34.86 -36.84 5.73
N ARG AA 344 36.14 -36.86 6.10
CA ARG AA 344 36.87 -38.13 6.16
C ARG AA 344 36.38 -39.01 7.29
N LEU AA 345 35.57 -38.48 8.20
CA LEU AA 345 34.99 -39.25 9.30
C LEU AA 345 33.61 -39.80 8.96
N LEU AA 346 32.71 -38.93 8.51
CA LEU AA 346 31.35 -39.37 8.19
C LEU AA 346 31.28 -40.21 6.94
N GLU AA 347 32.27 -40.11 6.05
CA GLU AA 347 32.28 -40.94 4.85
C GLU AA 347 32.62 -42.40 5.17
N ARG AA 348 33.05 -42.68 6.39
CA ARG AA 348 33.31 -44.05 6.80
C ARG AA 348 32.06 -44.76 7.29
N ALA AA 349 30.91 -44.08 7.25
CA ALA AA 349 29.62 -44.69 7.56
C ALA AA 349 29.04 -45.23 6.26
N ALA AA 350 29.11 -46.54 6.07
CA ALA AA 350 28.72 -47.14 4.80
C ALA AA 350 27.89 -48.38 5.05
N LYS AA 351 27.29 -48.88 3.97
CA LYS AA 351 26.53 -50.12 3.98
C LYS AA 351 27.22 -51.09 3.01
N MET AA 352 28.02 -52.01 3.57
CA MET AA 352 28.73 -52.96 2.75
C MET AA 352 27.78 -53.95 2.10
N ASN AA 353 28.15 -54.42 0.91
CA ASN AA 353 27.36 -55.42 0.22
C ASN AA 353 27.73 -56.81 0.72
N ASP AA 354 27.12 -57.83 0.09
CA ASP AA 354 27.33 -59.21 0.54
C ASP AA 354 28.78 -59.65 0.33
N ALA AA 355 29.46 -59.06 -0.65
CA ALA AA 355 30.84 -59.44 -0.92
C ALA AA 355 31.77 -59.05 0.22
N PHE AA 356 31.35 -58.11 1.07
CA PHE AA 356 32.17 -57.64 2.18
C PHE AA 356 31.53 -57.93 3.53
N GLY AA 357 30.62 -58.90 3.60
CA GLY AA 357 29.99 -59.34 4.83
C GLY AA 357 28.60 -58.78 5.04
N GLY AA 358 28.24 -57.71 4.34
CA GLY AA 358 26.92 -57.15 4.47
C GLY AA 358 26.72 -56.27 5.69
N GLY AA 359 27.79 -55.85 6.35
CA GLY AA 359 27.67 -55.03 7.52
C GLY AA 359 27.35 -53.58 7.20
N SER AA 360 27.25 -52.77 8.26
CA SER AA 360 26.88 -51.37 8.11
C SER AA 360 27.35 -50.60 9.32
N LEU AA 361 27.37 -49.27 9.19
CA LEU AA 361 27.73 -48.36 10.27
C LEU AA 361 26.89 -47.09 10.12
N THR AA 362 25.78 -47.03 10.85
CA THR AA 362 24.94 -45.84 10.82
C THR AA 362 25.53 -44.77 11.73
N ALA AA 363 25.58 -43.53 11.22
CA ALA AA 363 26.18 -42.42 11.93
C ALA AA 363 25.11 -41.41 12.30
N LEU AA 364 25.22 -40.86 13.51
CA LEU AA 364 24.30 -39.83 14.00
C LEU AA 364 25.10 -38.67 14.57
N PRO AA 365 25.73 -37.87 13.72
CA PRO AA 365 26.43 -36.69 14.21
C PRO AA 365 25.49 -35.67 14.82
N VAL AA 366 26.00 -34.93 15.79
CA VAL AA 366 25.23 -33.90 16.50
C VAL AA 366 25.96 -32.57 16.34
N ILE AA 367 25.23 -31.54 15.96
CA ILE AA 367 25.78 -30.21 15.73
C ILE AA 367 25.02 -29.21 16.60
N GLU AA 368 25.77 -28.38 17.33
CA GLU AA 368 25.20 -27.33 18.17
C GLU AA 368 25.24 -26.02 17.41
N THR AA 369 24.08 -25.38 17.24
CA THR AA 369 23.95 -24.14 16.51
C THR AA 369 23.64 -23.02 17.48
N GLN AA 370 24.32 -21.88 17.34
CA GLN AA 370 24.10 -20.74 18.21
C GLN AA 370 22.90 -19.94 17.72
N ALA AA 371 21.86 -19.88 18.55
CA ALA AA 371 20.65 -19.10 18.27
C ALA AA 371 20.02 -19.53 16.94
N GLY AA 372 20.08 -20.82 16.67
CA GLY AA 372 19.45 -21.36 15.46
C GLY AA 372 20.07 -20.88 14.17
N ASP AA 373 21.34 -20.48 14.20
CA ASP AA 373 22.03 -20.02 12.99
C ASP AA 373 22.54 -21.23 12.23
N VAL AA 374 21.62 -21.88 11.50
CA VAL AA 374 21.96 -23.06 10.72
C VAL AA 374 22.88 -22.74 9.55
N SER AA 375 23.07 -21.46 9.24
CA SER AA 375 23.92 -21.05 8.13
C SER AA 375 25.36 -20.77 8.57
N ALA AA 376 25.77 -21.31 9.71
CA ALA AA 376 27.12 -21.11 10.19
C ALA AA 376 28.08 -22.07 9.48
N TYR AA 377 29.37 -21.87 9.72
CA TYR AA 377 30.43 -22.58 9.01
C TYR AA 377 30.35 -24.09 9.24
N ILE AA 378 30.57 -24.52 10.48
CA ILE AA 378 30.55 -25.95 10.79
C ILE AA 378 29.18 -26.59 10.53
N PRO AA 379 28.06 -25.98 10.95
CA PRO AA 379 26.76 -26.59 10.60
C PRO AA 379 26.55 -26.76 9.11
N THR AA 380 26.95 -25.78 8.30
CA THR AA 380 26.80 -25.94 6.85
C THR AA 380 27.69 -27.05 6.31
N ASN AA 381 28.92 -27.13 6.81
CA ASN AA 381 29.80 -28.22 6.38
C ASN AA 381 29.18 -29.57 6.69
N VAL AA 382 28.71 -29.75 7.92
CA VAL AA 382 28.17 -31.04 8.33
C VAL AA 382 26.88 -31.36 7.59
N ILE AA 383 26.06 -30.35 7.33
CA ILE AA 383 24.83 -30.56 6.56
C ILE AA 383 25.16 -31.00 5.15
N SER AA 384 26.16 -30.36 4.53
CA SER AA 384 26.56 -30.75 3.19
C SER AA 384 27.12 -32.17 3.17
N ILE AA 385 27.83 -32.55 4.23
CA ILE AA 385 28.39 -33.90 4.28
C ILE AA 385 27.31 -34.95 4.44
N THR AA 386 26.37 -34.72 5.35
CA THR AA 386 25.42 -35.76 5.74
C THR AA 386 24.36 -35.97 4.66
N ASP AA 387 23.58 -37.04 4.83
CA ASP AA 387 22.48 -37.36 3.93
C ASP AA 387 21.16 -36.73 4.35
N GLY AA 388 20.98 -36.49 5.64
CA GLY AA 388 19.74 -35.91 6.13
C GLY AA 388 19.99 -35.12 7.39
N GLN AA 389 18.99 -34.30 7.74
CA GLN AA 389 19.09 -33.42 8.91
C GLN AA 389 17.83 -33.57 9.74
N ILE AA 390 17.98 -33.60 11.05
CA ILE AA 390 16.86 -33.63 11.99
C ILE AA 390 16.91 -32.30 12.73
N PHE AA 391 16.15 -31.33 12.24
CA PHE AA 391 16.18 -29.99 12.81
C PHE AA 391 15.39 -29.96 14.10
N LEU AA 392 16.05 -29.65 15.21
CA LEU AA 392 15.41 -29.42 16.48
C LEU AA 392 15.35 -27.92 16.75
N GLU AA 393 14.15 -27.42 17.03
CA GLU AA 393 13.91 -25.99 17.16
C GLU AA 393 13.38 -25.69 18.56
N THR AA 394 13.95 -24.67 19.21
CA THR AA 394 13.55 -24.35 20.57
C THR AA 394 12.11 -23.84 20.61
N GLU AA 395 11.67 -23.14 19.57
CA GLU AA 395 10.30 -22.65 19.53
C GLU AA 395 9.31 -23.81 19.58
N LEU AA 396 9.55 -24.86 18.81
CA LEU AA 396 8.68 -26.03 18.86
C LEU AA 396 8.85 -26.76 20.20
N PHE AA 397 10.05 -26.70 20.79
CA PHE AA 397 10.26 -27.35 22.07
C PHE AA 397 9.40 -26.72 23.15
N TYR AA 398 9.36 -25.39 23.21
CA TYR AA 398 8.60 -24.73 24.26
C TYR AA 398 7.09 -24.74 23.96
N LYS AA 399 6.71 -24.87 22.70
CA LYS AA 399 5.29 -24.96 22.37
C LYS AA 399 4.68 -26.31 22.73
N GLY AA 400 5.43 -27.18 23.42
CA GLY AA 400 4.93 -28.48 23.81
C GLY AA 400 5.25 -29.60 22.85
N ILE AA 401 5.78 -29.29 21.66
CA ILE AA 401 6.15 -30.31 20.69
C ILE AA 401 7.49 -30.90 21.08
N ARG AA 402 7.48 -32.05 21.76
CA ARG AA 402 8.70 -32.72 22.19
C ARG AA 402 8.61 -34.19 21.79
N PRO AA 403 9.55 -34.71 20.99
CA PRO AA 403 10.77 -34.05 20.49
C PRO AA 403 10.47 -32.94 19.49
N ALA AA 404 11.24 -31.86 19.53
CA ALA AA 404 10.99 -30.68 18.71
C ALA AA 404 11.53 -30.86 17.29
N ILE AA 405 11.11 -31.94 16.64
CA ILE AA 405 11.60 -32.25 15.30
C ILE AA 405 10.79 -31.43 14.30
N ASN AA 406 11.45 -30.46 13.66
CA ASN AA 406 10.78 -29.64 12.65
C ASN AA 406 10.61 -30.44 11.38
N VAL AA 407 9.46 -31.13 11.24
CA VAL AA 407 9.24 -32.01 10.11
C VAL AA 407 9.16 -31.25 8.80
N GLY AA 408 8.95 -29.93 8.85
CA GLY AA 408 8.95 -29.16 7.62
C GLY AA 408 10.32 -29.14 6.95
N LEU AA 409 11.37 -28.95 7.73
CA LEU AA 409 12.72 -28.89 7.21
C LEU AA 409 13.49 -30.19 7.38
N SER AA 410 13.06 -31.08 8.27
CA SER AA 410 13.76 -32.34 8.45
C SER AA 410 13.57 -33.23 7.24
N VAL AA 411 14.68 -33.72 6.68
CA VAL AA 411 14.67 -34.51 5.46
C VAL AA 411 15.52 -35.76 5.66
N SER AA 412 15.33 -36.73 4.76
CA SER AA 412 16.10 -37.96 4.75
C SER AA 412 16.33 -38.34 3.29
N ARG AA 413 17.58 -38.31 2.85
CA ARG AA 413 17.89 -38.59 1.44
C ARG AA 413 17.48 -40.00 1.06
N VAL AA 414 17.75 -40.98 1.94
CA VAL AA 414 17.31 -42.34 1.69
C VAL AA 414 15.78 -42.40 1.65
N GLY AA 415 15.13 -41.75 2.60
CA GLY AA 415 13.68 -41.63 2.55
C GLY AA 415 12.99 -42.99 2.64
N SER AA 416 12.05 -43.21 1.72
CA SER AA 416 11.23 -44.42 1.76
C SER AA 416 12.00 -45.67 1.39
N ALA AA 417 13.24 -45.54 0.90
CA ALA AA 417 14.01 -46.71 0.49
C ALA AA 417 14.22 -47.68 1.63
N ALA AA 418 14.46 -47.17 2.84
CA ALA AA 418 14.68 -48.00 4.02
C ALA AA 418 13.59 -47.69 5.04
N GLN AA 419 12.47 -48.41 4.92
CA GLN AA 419 11.33 -48.21 5.81
C GLN AA 419 10.38 -49.37 5.63
N THR AA 420 9.83 -49.88 6.73
CA THR AA 420 8.92 -51.01 6.67
C THR AA 420 7.64 -50.60 5.93
N ARG AA 421 7.00 -51.59 5.29
CA ARG AA 421 5.95 -51.29 4.33
C ARG AA 421 4.73 -50.66 4.98
N ALA AA 422 4.27 -51.21 6.10
CA ALA AA 422 3.09 -50.67 6.77
C ALA AA 422 3.34 -49.24 7.24
N MET AA 423 4.52 -49.01 7.81
CA MET AA 423 4.87 -47.68 8.28
C MET AA 423 4.89 -46.69 7.11
N LYS AA 424 5.44 -47.10 5.97
CA LYS AA 424 5.43 -46.23 4.79
C LYS AA 424 4.01 -45.96 4.33
N GLN AA 425 3.17 -46.99 4.31
CA GLN AA 425 1.80 -46.85 3.83
C GLN AA 425 1.03 -45.84 4.65
N VAL AA 426 1.17 -45.90 5.98
CA VAL AA 426 0.44 -44.94 6.82
C VAL AA 426 1.17 -43.60 6.88
N ALA AA 427 2.49 -43.60 6.71
CA ALA AA 427 3.26 -42.37 6.85
C ALA AA 427 3.09 -41.47 5.64
N GLY AA 428 2.81 -42.05 4.47
CA GLY AA 428 2.49 -41.20 3.33
C GLY AA 428 1.27 -40.35 3.59
N THR AA 429 0.20 -40.96 4.08
CA THR AA 429 -1.01 -40.21 4.41
C THR AA 429 -0.75 -39.21 5.53
N MET AA 430 -0.02 -39.63 6.57
CA MET AA 430 0.28 -38.72 7.66
C MET AA 430 1.09 -37.52 7.19
N LYS AA 431 2.09 -37.77 6.33
CA LYS AA 431 2.93 -36.70 5.81
C LYS AA 431 2.13 -35.73 4.96
N LEU AA 432 1.24 -36.25 4.10
CA LEU AA 432 0.41 -35.36 3.29
C LEU AA 432 -0.51 -34.52 4.17
N GLU AA 433 -1.14 -35.14 5.15
CA GLU AA 433 -2.06 -34.40 6.03
C GLU AA 433 -1.30 -33.34 6.82
N LEU AA 434 -0.11 -33.68 7.32
CA LEU AA 434 0.65 -32.72 8.10
C LEU AA 434 1.18 -31.58 7.22
N ALA AA 435 1.53 -31.89 5.98
CA ALA AA 435 1.95 -30.83 5.05
C ALA AA 435 0.80 -29.86 4.80
N GLN AA 436 -0.41 -30.40 4.57
CA GLN AA 436 -1.56 -29.53 4.37
C GLN AA 436 -1.84 -28.70 5.62
N TYR AA 437 -1.74 -29.33 6.80
CA TYR AA 437 -1.96 -28.60 8.04
C TYR AA 437 -0.97 -27.45 8.20
N ARG AA 438 0.31 -27.72 7.92
CA ARG AA 438 1.32 -26.66 7.99
C ARG AA 438 1.02 -25.57 6.98
N GLU AA 439 0.46 -25.94 5.83
CA GLU AA 439 0.03 -24.93 4.86
C GLU AA 439 -1.06 -24.04 5.45
N VAL AA 440 -1.97 -24.64 6.22
CA VAL AA 440 -3.09 -23.88 6.81
C VAL AA 440 -2.99 -23.74 8.32
N ALA AA 441 -1.78 -23.81 8.89
CA ALA AA 441 -1.66 -23.81 10.35
C ALA AA 441 -1.83 -22.41 10.92
N ALA AA 442 -0.94 -21.49 10.56
CA ALA AA 442 -0.87 -20.21 11.23
C ALA AA 442 -2.09 -19.35 10.90
N PHE AA 443 -2.23 -18.25 11.64
CA PHE AA 443 -3.31 -17.29 11.42
C PHE AA 443 -2.83 -15.87 11.67
N ASP AA 449 -12.76 -20.43 6.40
CA ASP AA 449 -13.36 -21.03 7.59
C ASP AA 449 -14.24 -22.22 7.23
N LEU AA 450 -13.86 -22.94 6.17
CA LEU AA 450 -14.59 -24.12 5.74
C LEU AA 450 -14.47 -25.22 6.78
N ASP AA 451 -15.61 -25.60 7.38
CA ASP AA 451 -15.60 -26.69 8.36
C ASP AA 451 -15.17 -28.00 7.71
N ALA AA 452 -15.59 -28.23 6.46
CA ALA AA 452 -15.25 -29.48 5.78
C ALA AA 452 -13.84 -29.46 5.21
N ALA AA 453 -13.34 -28.30 4.81
CA ALA AA 453 -12.07 -28.24 4.08
C ALA AA 453 -10.92 -27.78 4.96
N THR AA 454 -11.09 -26.64 5.64
CA THR AA 454 -9.98 -26.09 6.42
C THR AA 454 -10.04 -26.50 7.88
N GLN AA 455 -11.21 -26.33 8.52
CA GLN AA 455 -11.34 -26.65 9.93
C GLN AA 455 -11.14 -28.13 10.19
N GLN AA 456 -11.70 -28.99 9.33
CA GLN AA 456 -11.45 -30.42 9.45
C GLN AA 456 -9.96 -30.74 9.26
N LEU AA 457 -9.35 -30.12 8.25
CA LEU AA 457 -7.93 -30.32 8.00
C LEU AA 457 -7.10 -29.80 9.18
N LEU AA 458 -7.47 -28.64 9.71
CA LEU AA 458 -6.76 -28.09 10.86
C LEU AA 458 -6.85 -29.02 12.06
N SER AA 459 -8.05 -29.56 12.32
CA SER AA 459 -8.23 -30.47 13.44
C SER AA 459 -7.42 -31.75 13.24
N ARG AA 460 -7.45 -32.30 12.03
CA ARG AA 460 -6.67 -33.51 11.76
C ARG AA 460 -5.18 -33.26 11.95
N GLY AA 461 -4.69 -32.11 11.49
CA GLY AA 461 -3.30 -31.77 11.69
C GLY AA 461 -2.95 -31.63 13.16
N VAL AA 462 -3.84 -31.03 13.95
CA VAL AA 462 -3.59 -30.91 15.38
C VAL AA 462 -3.54 -32.29 16.03
N ARG AA 463 -4.44 -33.18 15.64
CA ARG AA 463 -4.43 -34.54 16.17
C ARG AA 463 -3.14 -35.25 15.83
N LEU AA 464 -2.68 -35.12 14.58
CA LEU AA 464 -1.43 -35.75 14.18
C LEU AA 464 -0.24 -35.15 14.92
N THR AA 465 -0.24 -33.84 15.13
CA THR AA 465 0.84 -33.18 15.85
C THR AA 465 0.90 -33.70 17.29
N GLU AA 466 -0.25 -33.82 17.93
CA GLU AA 466 -0.28 -34.39 19.28
C GLU AA 466 0.14 -35.85 19.26
N LEU AA 467 -0.12 -36.54 18.16
CA LEU AA 467 0.33 -37.92 18.02
C LEU AA 467 1.85 -38.00 17.97
N LEU AA 468 2.48 -37.05 17.27
CA LEU AA 468 3.94 -37.08 17.10
C LEU AA 468 4.66 -36.88 18.42
N LYS AA 469 4.04 -36.16 19.36
CA LYS AA 469 4.64 -35.95 20.67
C LYS AA 469 4.87 -37.27 21.38
N GLN AA 470 6.04 -37.42 21.98
CA GLN AA 470 6.41 -38.65 22.66
C GLN AA 470 7.23 -38.33 23.89
N GLY AA 471 7.07 -39.15 24.93
CA GLY AA 471 7.82 -38.96 26.15
C GLY AA 471 9.29 -39.33 25.99
N GLN AA 472 10.06 -38.98 27.00
CA GLN AA 472 11.50 -39.20 26.96
C GLN AA 472 11.84 -40.58 27.51
N TYR AA 473 12.89 -41.18 26.95
CA TYR AA 473 13.41 -42.48 27.37
C TYR AA 473 12.37 -43.58 27.24
N ALA AA 474 11.39 -43.40 26.34
CA ALA AA 474 10.33 -44.39 26.12
C ALA AA 474 10.18 -44.63 24.63
N PRO AA 475 11.14 -45.31 24.00
CA PRO AA 475 10.99 -45.65 22.59
C PRO AA 475 9.89 -46.68 22.38
N MET AA 476 9.27 -46.60 21.20
CA MET AA 476 8.14 -47.46 20.87
C MET AA 476 8.55 -48.50 19.84
N ALA AA 477 7.94 -49.67 19.95
CA ALA AA 477 8.09 -50.70 18.92
C ALA AA 477 7.48 -50.24 17.61
N ILE AA 478 8.04 -50.72 16.50
CA ILE AA 478 7.65 -50.22 15.19
C ILE AA 478 6.18 -50.54 14.91
N GLU AA 479 5.74 -51.76 15.24
CA GLU AA 479 4.36 -52.14 14.98
C GLU AA 479 3.39 -51.31 15.82
N GLU AA 480 3.76 -51.01 17.06
CA GLU AA 480 2.90 -50.17 17.89
C GLU AA 480 2.81 -48.76 17.31
N GLN AA 481 3.92 -48.23 16.79
CA GLN AA 481 3.88 -46.95 16.11
C GLN AA 481 2.97 -47.00 14.90
N VAL AA 482 3.03 -48.10 14.14
CA VAL AA 482 2.17 -48.26 12.97
C VAL AA 482 0.71 -48.25 13.38
N ALA AA 483 0.39 -48.97 14.46
CA ALA AA 483 -0.99 -49.01 14.94
C ALA AA 483 -1.47 -47.63 15.38
N VAL AA 484 -0.64 -46.90 16.12
CA VAL AA 484 -1.02 -45.58 16.60
C VAL AA 484 -1.23 -44.62 15.43
N ILE AA 485 -0.31 -44.63 14.47
CA ILE AA 485 -0.43 -43.73 13.33
C ILE AA 485 -1.63 -44.10 12.47
N TYR AA 486 -1.94 -45.40 12.37
CA TYR AA 486 -3.14 -45.83 11.68
C TYR AA 486 -4.39 -45.30 12.37
N ALA AA 487 -4.41 -45.38 13.71
CA ALA AA 487 -5.54 -44.85 14.46
C ALA AA 487 -5.71 -43.36 14.23
N GLY AA 488 -4.60 -42.63 14.22
CA GLY AA 488 -4.68 -41.19 13.99
C GLY AA 488 -5.10 -40.83 12.58
N VAL AA 489 -4.59 -41.55 11.59
CA VAL AA 489 -4.82 -41.20 10.19
C VAL AA 489 -6.26 -41.46 9.79
N ARG AA 490 -6.83 -42.58 10.24
CA ARG AA 490 -8.14 -43.02 9.78
C ARG AA 490 -9.29 -42.38 10.58
N GLY AA 491 -9.07 -41.21 11.16
CA GLY AA 491 -10.13 -40.45 11.80
C GLY AA 491 -10.77 -41.11 13.00
N TYR AA 492 -9.96 -41.62 13.93
CA TYR AA 492 -10.47 -42.14 15.19
C TYR AA 492 -10.16 -41.22 16.37
N LEU AA 493 -9.50 -40.09 16.14
CA LEU AA 493 -9.18 -39.15 17.19
C LEU AA 493 -9.75 -37.76 16.95
N ASP AA 494 -10.42 -37.53 15.82
CA ASP AA 494 -11.03 -36.24 15.56
C ASP AA 494 -12.13 -35.93 16.56
N LYS AA 495 -12.77 -36.97 17.10
CA LYS AA 495 -13.84 -36.77 18.07
C LYS AA 495 -13.30 -36.37 19.44
N LEU AA 496 -12.16 -36.94 19.83
CA LEU AA 496 -11.60 -36.66 21.14
C LEU AA 496 -10.98 -35.28 21.19
N GLU AA 497 -10.87 -34.72 22.39
CA GLU AA 497 -10.22 -33.44 22.58
C GLU AA 497 -8.72 -33.56 22.31
N PRO AA 498 -8.08 -32.51 21.81
CA PRO AA 498 -6.63 -32.58 21.57
C PRO AA 498 -5.82 -32.85 22.84
N SER AA 499 -6.29 -32.36 23.98
CA SER AA 499 -5.56 -32.57 25.23
C SER AA 499 -5.50 -34.05 25.61
N LYS AA 500 -6.59 -34.78 25.38
CA LYS AA 500 -6.70 -36.17 25.82
C LYS AA 500 -6.06 -37.15 24.85
N ILE AA 501 -5.45 -36.67 23.77
CA ILE AA 501 -4.88 -37.56 22.77
C ILE AA 501 -3.75 -38.38 23.36
N THR AA 502 -2.89 -37.75 24.16
CA THR AA 502 -1.76 -38.48 24.77
C THR AA 502 -2.27 -39.56 25.72
N LYS AA 503 -3.29 -39.23 26.52
CA LYS AA 503 -3.86 -40.23 27.43
C LYS AA 503 -4.47 -41.39 26.65
N PHE AA 504 -5.20 -41.08 25.58
CA PHE AA 504 -5.75 -42.12 24.73
C PHE AA 504 -4.64 -42.99 24.15
N GLU AA 505 -3.55 -42.36 23.72
CA GLU AA 505 -2.45 -43.11 23.12
C GLU AA 505 -1.81 -44.05 24.13
N ASN AA 506 -1.60 -43.57 25.36
CA ASN AA 506 -1.04 -44.44 26.39
C ASN AA 506 -1.96 -45.61 26.69
N ALA AA 507 -3.26 -45.33 26.85
CA ALA AA 507 -4.21 -46.40 27.15
C ALA AA 507 -4.31 -47.41 26.00
N PHE AA 508 -4.33 -46.91 24.76
CA PHE AA 508 -4.39 -47.79 23.60
C PHE AA 508 -3.12 -48.62 23.48
N LEU AA 509 -1.96 -48.02 23.76
CA LEU AA 509 -0.71 -48.77 23.80
C LEU AA 509 -0.82 -49.92 24.80
N SER AA 510 -1.29 -49.63 26.00
CA SER AA 510 -1.41 -50.67 27.02
C SER AA 510 -2.35 -51.78 26.55
N HIS AA 511 -3.52 -51.40 26.03
CA HIS AA 511 -4.51 -52.39 25.63
C HIS AA 511 -3.99 -53.27 24.51
N VAL AA 512 -3.36 -52.67 23.50
CA VAL AA 512 -2.87 -53.44 22.36
C VAL AA 512 -1.70 -54.32 22.76
N ILE AA 513 -0.79 -53.80 23.58
CA ILE AA 513 0.35 -54.61 24.02
C ILE AA 513 -0.07 -55.70 24.99
N SER AA 514 -1.25 -55.59 25.59
CA SER AA 514 -1.74 -56.61 26.51
C SER AA 514 -2.57 -57.68 25.80
N GLN AA 515 -3.68 -57.29 25.18
CA GLN AA 515 -4.63 -58.25 24.63
C GLN AA 515 -4.30 -58.64 23.19
N HIS AA 516 -3.98 -57.66 22.35
CA HIS AA 516 -3.83 -57.87 20.92
C HIS AA 516 -2.37 -58.08 20.50
N GLN AA 517 -1.56 -58.71 21.36
CA GLN AA 517 -0.17 -58.97 21.00
C GLN AA 517 -0.07 -59.84 19.75
N ALA AA 518 -1.07 -60.67 19.49
CA ALA AA 518 -1.08 -61.47 18.28
C ALA AA 518 -1.15 -60.59 17.04
N LEU AA 519 -1.97 -59.53 17.08
CA LEU AA 519 -2.06 -58.62 15.95
C LEU AA 519 -0.73 -57.92 15.70
N LEU AA 520 -0.08 -57.46 16.78
CA LEU AA 520 1.22 -56.81 16.63
C LEU AA 520 2.26 -57.79 16.08
N GLY AA 521 2.22 -59.03 16.54
CA GLY AA 521 3.13 -60.04 16.00
C GLY AA 521 2.90 -60.28 14.52
N LYS AA 522 1.64 -60.33 14.11
CA LYS AA 522 1.31 -60.48 12.69
C LYS AA 522 1.84 -59.30 11.89
N ILE AA 523 1.66 -58.09 12.40
CA ILE AA 523 2.15 -56.89 11.70
C ILE AA 523 3.67 -56.93 11.59
N ARG AA 524 4.34 -57.28 12.69
CA ARG AA 524 5.80 -57.31 12.70
C ARG AA 524 6.34 -58.36 11.74
N ALA AA 525 5.72 -59.55 11.72
CA ALA AA 525 6.20 -60.61 10.85
C ALA AA 525 5.93 -60.30 9.38
N ASP AA 526 4.71 -59.87 9.06
CA ASP AA 526 4.38 -59.57 7.67
C ASP AA 526 5.18 -58.37 7.16
N GLY AA 527 5.32 -57.33 7.98
CA GLY AA 527 5.96 -56.10 7.56
C GLY AA 527 5.04 -55.12 6.88
N LYS AA 528 3.80 -55.51 6.61
CA LYS AA 528 2.81 -54.62 6.02
C LYS AA 528 1.44 -54.95 6.60
N ILE AA 529 0.55 -53.97 6.57
CA ILE AA 529 -0.81 -54.14 7.07
C ILE AA 529 -1.69 -54.52 5.89
N SER AA 530 -2.26 -55.71 5.94
CA SER AA 530 -3.08 -56.23 4.85
C SER AA 530 -4.56 -55.97 5.14
N GLU AA 531 -5.41 -56.47 4.23
CA GLU AA 531 -6.85 -56.23 4.35
C GLU AA 531 -7.41 -56.80 5.64
N GLU AA 532 -7.05 -58.04 5.96
CA GLU AA 532 -7.51 -58.65 7.21
C GLU AA 532 -6.96 -57.89 8.41
N THR AA 533 -5.67 -57.56 8.37
CA THR AA 533 -5.05 -56.81 9.45
C THR AA 533 -5.68 -55.43 9.57
N ASP AA 534 -5.94 -54.77 8.44
CA ASP AA 534 -6.57 -53.46 8.47
C ASP AA 534 -7.96 -53.53 9.09
N ALA AA 535 -8.75 -54.54 8.72
CA ALA AA 535 -10.09 -54.69 9.27
C ALA AA 535 -10.05 -54.96 10.76
N LYS AA 536 -9.13 -55.83 11.19
CA LYS AA 536 -9.02 -56.14 12.62
C LYS AA 536 -8.59 -54.91 13.41
N LEU AA 537 -7.64 -54.14 12.87
CA LEU AA 537 -7.19 -52.93 13.54
C LEU AA 537 -8.32 -51.90 13.62
N LYS AA 538 -9.10 -51.77 12.55
CA LYS AA 538 -10.27 -50.89 12.59
C LYS AA 538 -11.24 -51.34 13.67
N GLU AA 539 -11.49 -52.64 13.77
CA GLU AA 539 -12.40 -53.16 14.78
C GLU AA 539 -11.92 -52.81 16.18
N ILE AA 540 -10.64 -53.09 16.47
CA ILE AA 540 -10.14 -52.88 17.83
C ILE AA 540 -10.09 -51.39 18.15
N VAL AA 541 -9.71 -50.56 17.19
CA VAL AA 541 -9.64 -49.13 17.47
C VAL AA 541 -11.03 -48.55 17.69
N THR AA 542 -12.03 -49.04 16.95
CA THR AA 542 -13.40 -48.59 17.18
C THR AA 542 -13.88 -49.01 18.56
N ASN AA 543 -13.61 -50.25 18.94
CA ASN AA 543 -14.04 -50.74 20.25
C ASN AA 543 -13.38 -49.94 21.37
N PHE AA 544 -12.08 -49.67 21.24
CA PHE AA 544 -11.37 -48.93 22.28
C PHE AA 544 -11.80 -47.47 22.32
N LEU AA 545 -12.11 -46.89 21.17
CA LEU AA 545 -12.64 -45.53 21.15
C LEU AA 545 -13.99 -45.47 21.85
N ALA AA 546 -14.85 -46.46 21.60
CA ALA AA 546 -16.15 -46.50 22.26
C ALA AA 546 -15.98 -46.66 23.78
N GLY AA 547 -15.07 -47.54 24.19
CA GLY AA 547 -14.86 -47.75 25.61
C GLY AA 547 -14.26 -46.55 26.32
N PHE AA 548 -13.28 -45.90 25.69
CA PHE AA 548 -12.54 -44.83 26.35
C PHE AA 548 -13.41 -43.58 26.52
N GLU AA 549 -14.12 -43.19 25.47
CA GLU AA 549 -14.94 -41.99 25.51
C GLU AA 549 -16.41 -42.34 25.71
N ALA BA 2 -82.61 40.67 -56.65
CA ALA BA 2 -83.09 41.16 -55.36
C ALA BA 2 -82.27 40.58 -54.22
N SER BA 3 -82.22 39.24 -54.15
CA SER BA 3 -81.44 38.57 -53.12
C SER BA 3 -79.95 38.87 -53.27
N VAL BA 4 -79.49 39.15 -54.49
CA VAL BA 4 -78.10 39.54 -54.70
C VAL BA 4 -77.82 40.84 -53.97
N VAL BA 5 -78.76 41.79 -54.03
CA VAL BA 5 -78.61 43.02 -53.24
C VAL BA 5 -78.55 42.72 -51.76
N PRO BA 6 -79.41 41.86 -51.19
CA PRO BA 6 -79.27 41.52 -49.77
C PRO BA 6 -77.93 40.88 -49.43
N LEU BA 7 -77.42 40.02 -50.31
CA LEU BA 7 -76.12 39.41 -50.07
C LEU BA 7 -75.01 40.46 -50.10
N LYS BA 8 -75.09 41.40 -51.04
CA LYS BA 8 -74.11 42.48 -51.09
C LYS BA 8 -74.19 43.35 -49.85
N ASP BA 9 -75.40 43.62 -49.37
CA ASP BA 9 -75.55 44.40 -48.14
C ASP BA 9 -74.96 43.68 -46.95
N ARG BA 10 -75.19 42.37 -46.86
CA ARG BA 10 -74.61 41.59 -45.76
C ARG BA 10 -73.08 41.59 -45.84
N ARG BA 11 -72.54 41.45 -47.05
CA ARG BA 11 -71.09 41.49 -47.21
C ARG BA 11 -70.52 42.86 -46.82
N LEU BA 12 -71.22 43.93 -47.21
CA LEU BA 12 -70.78 45.27 -46.85
C LEU BA 12 -70.83 45.48 -45.33
N LEU BA 13 -71.88 44.98 -44.68
CA LEU BA 13 -71.97 45.08 -43.22
C LEU BA 13 -70.84 44.29 -42.56
N GLU BA 14 -70.53 43.10 -43.09
CA GLU BA 14 -69.42 42.32 -42.55
C GLU BA 14 -68.10 43.04 -42.72
N VAL BA 15 -67.88 43.66 -43.89
CA VAL BA 15 -66.63 44.37 -44.13
C VAL BA 15 -66.51 45.57 -43.20
N LYS BA 16 -67.61 46.32 -43.04
CA LYS BA 16 -67.56 47.50 -42.17
C LYS BA 16 -67.33 47.11 -40.72
N LEU BA 17 -67.95 46.03 -40.26
CA LEU BA 17 -67.84 45.59 -38.87
C LEU BA 17 -67.59 44.09 -38.85
N GLY BA 18 -66.52 43.68 -38.18
CA GLY BA 18 -66.14 42.28 -38.16
C GLY BA 18 -65.68 41.78 -39.51
N GLU BA 19 -64.80 42.53 -40.16
CA GLU BA 19 -64.28 42.18 -41.49
C GLU BA 19 -63.54 40.85 -41.45
N ILE BA 24 -52.61 37.18 -48.92
CA ILE BA 24 -53.41 37.18 -50.14
C ILE BA 24 -54.26 38.45 -50.19
N LEU BA 25 -55.37 38.38 -50.94
CA LEU BA 25 -56.28 39.51 -51.02
C LEU BA 25 -56.93 39.82 -49.68
N MET BA 26 -56.97 38.83 -48.77
CA MET BA 26 -57.53 39.06 -47.46
C MET BA 26 -56.71 40.04 -46.63
N ARG BA 27 -55.48 40.34 -47.08
CA ARG BA 27 -54.65 41.30 -46.36
C ARG BA 27 -55.30 42.67 -46.34
N ASP BA 28 -55.91 43.08 -47.45
CA ASP BA 28 -56.68 44.33 -47.46
C ASP BA 28 -57.87 44.22 -46.52
N PHE BA 29 -58.58 43.08 -46.55
CA PHE BA 29 -59.70 42.88 -45.64
C PHE BA 29 -59.22 42.82 -44.19
N THR BA 30 -58.09 42.17 -43.95
CA THR BA 30 -57.50 42.17 -42.61
C THR BA 30 -57.13 43.58 -42.15
N PRO BA 31 -56.47 44.40 -42.97
CA PRO BA 31 -56.23 45.79 -42.55
C PRO BA 31 -57.51 46.57 -42.34
N SER BA 32 -58.55 46.32 -43.13
CA SER BA 32 -59.82 47.00 -42.94
C SER BA 32 -60.44 46.63 -41.60
N GLY BA 33 -60.38 45.35 -41.23
CA GLY BA 33 -60.83 44.94 -39.92
C GLY BA 33 -59.99 45.51 -38.80
N ILE BA 34 -58.68 45.63 -39.02
CA ILE BA 34 -57.79 46.21 -38.01
C ILE BA 34 -58.12 47.67 -37.78
N ALA BA 35 -58.43 48.40 -38.85
CA ALA BA 35 -58.83 49.79 -38.70
C ALA BA 35 -60.09 49.92 -37.86
N GLY BA 36 -61.06 49.04 -38.09
CA GLY BA 36 -62.26 49.00 -37.27
C GLY BA 36 -63.13 50.23 -37.41
N ALA BA 37 -63.73 50.42 -38.59
CA ALA BA 37 -64.62 51.55 -38.80
C ALA BA 37 -65.79 51.51 -37.82
N PHE BA 38 -66.23 50.30 -37.44
CA PHE BA 38 -67.23 50.17 -36.40
C PHE BA 38 -66.69 50.67 -35.06
N GLN BA 39 -65.42 50.40 -34.77
CA GLN BA 39 -64.82 50.86 -33.52
C GLN BA 39 -64.79 52.38 -33.45
N ARG BA 40 -64.48 53.04 -34.56
CA ARG BA 40 -64.46 54.50 -34.59
C ARG BA 40 -65.83 55.06 -34.28
N GLY BA 41 -66.82 54.75 -35.11
CA GLY BA 41 -68.20 55.09 -34.80
C GLY BA 41 -69.03 53.88 -34.42
N TYR BA 42 -69.31 53.72 -33.13
CA TYR BA 42 -70.12 52.59 -32.70
C TYR BA 42 -71.60 52.83 -33.03
N TYR BA 43 -72.02 54.09 -33.11
CA TYR BA 43 -73.37 54.45 -33.51
C TYR BA 43 -73.39 55.12 -34.87
N ARG BA 44 -72.61 54.60 -35.83
CA ARG BA 44 -72.50 55.12 -37.19
C ARG BA 44 -71.86 56.51 -37.21
N TYR BA 45 -71.65 57.03 -38.42
CA TYR BA 45 -71.00 58.33 -38.55
C TYR BA 45 -71.88 59.47 -38.04
N TYR BA 46 -73.20 59.31 -38.12
CA TYR BA 46 -74.10 60.38 -37.71
C TYR BA 46 -73.96 60.69 -36.23
N ASN BA 47 -73.87 59.66 -35.40
CA ASN BA 47 -73.76 59.82 -33.96
C ASN BA 47 -72.31 59.62 -33.53
N LYS BA 48 -72.11 59.53 -32.21
CA LYS BA 48 -70.77 59.39 -31.65
C LYS BA 48 -70.40 57.92 -31.45
N TYR BA 49 -71.09 57.23 -30.55
CA TYR BA 49 -70.77 55.85 -30.23
C TYR BA 49 -71.90 55.25 -29.40
N VAL BA 50 -71.91 53.93 -29.34
CA VAL BA 50 -72.83 53.18 -28.48
C VAL BA 50 -72.25 53.15 -27.08
N ASN BA 51 -73.07 52.73 -26.10
CA ASN BA 51 -72.68 52.73 -24.70
C ASN BA 51 -71.47 51.83 -24.45
N VAL BA 52 -71.47 50.63 -25.03
CA VAL BA 52 -70.31 49.76 -24.90
C VAL BA 52 -69.12 50.37 -25.62
N LYS BA 53 -67.97 50.39 -24.94
CA LYS BA 53 -66.77 51.06 -25.44
C LYS BA 53 -65.55 50.15 -25.27
N LYS BA 54 -65.71 48.87 -25.64
CA LYS BA 54 -64.59 47.93 -25.51
C LYS BA 54 -64.86 46.70 -26.36
N GLY BA 55 -63.78 46.03 -26.73
CA GLY BA 55 -63.85 44.75 -27.41
C GLY BA 55 -64.12 44.80 -28.90
N SER BA 56 -64.24 46.00 -29.48
CA SER BA 56 -64.57 46.16 -30.89
C SER BA 56 -65.84 45.38 -31.25
N VAL BA 57 -66.83 45.45 -30.34
CA VAL BA 57 -68.06 44.68 -30.49
C VAL BA 57 -69.19 45.50 -31.09
N ALA BA 58 -68.88 46.60 -31.77
CA ALA BA 58 -69.91 47.48 -32.30
C ALA BA 58 -70.85 46.77 -33.27
N GLY BA 59 -70.29 45.98 -34.19
CA GLY BA 59 -71.11 45.31 -35.18
C GLY BA 59 -72.05 44.29 -34.58
N LEU BA 60 -71.55 43.49 -33.63
CA LEU BA 60 -72.42 42.53 -32.95
C LEU BA 60 -73.51 43.24 -32.17
N SER BA 61 -73.18 44.37 -31.55
CA SER BA 61 -74.18 45.16 -30.85
C SER BA 61 -75.25 45.67 -31.81
N MET BA 62 -74.84 46.13 -32.99
CA MET BA 62 -75.82 46.59 -33.97
C MET BA 62 -76.73 45.45 -34.41
N VAL BA 63 -76.15 44.27 -34.67
CA VAL BA 63 -76.96 43.14 -35.10
C VAL BA 63 -77.96 42.74 -34.01
N LEU BA 64 -77.49 42.67 -32.77
CA LEU BA 64 -78.38 42.31 -31.67
C LEU BA 64 -79.47 43.35 -31.48
N ALA BA 65 -79.14 44.63 -31.61
CA ALA BA 65 -80.15 45.68 -31.49
C ALA BA 65 -81.19 45.57 -32.59
N ALA BA 66 -80.74 45.28 -33.82
CA ALA BA 66 -81.69 45.10 -34.91
C ALA BA 66 -82.61 43.92 -34.66
N TYR BA 67 -82.05 42.81 -34.16
CA TYR BA 67 -82.88 41.66 -33.83
C TYR BA 67 -83.88 41.99 -32.72
N VAL BA 68 -83.43 42.75 -31.71
CA VAL BA 68 -84.31 43.13 -30.61
C VAL BA 68 -85.45 43.99 -31.11
N VAL BA 69 -85.14 44.97 -31.96
CA VAL BA 69 -86.20 45.85 -32.44
C VAL BA 69 -87.15 45.11 -33.37
N PHE BA 70 -86.65 44.15 -34.15
CA PHE BA 70 -87.54 43.33 -34.97
C PHE BA 70 -88.48 42.51 -34.10
N ASN BA 71 -87.96 41.90 -33.04
CA ASN BA 71 -88.84 41.14 -32.14
C ASN BA 71 -89.80 42.05 -31.40
N TYR BA 72 -89.40 43.28 -31.08
CA TYR BA 72 -90.32 44.23 -30.47
C TYR BA 72 -91.44 44.59 -31.44
N CYS BA 73 -91.11 44.79 -32.71
CA CYS BA 73 -92.15 45.06 -33.71
C CYS BA 73 -93.10 43.87 -33.83
N ARG BA 74 -92.56 42.66 -33.76
CA ARG BA 74 -93.42 41.47 -33.78
C ARG BA 74 -94.33 41.42 -32.55
N SER BA 75 -93.80 41.76 -31.39
CA SER BA 75 -94.54 41.62 -30.14
C SER BA 75 -95.47 42.79 -29.86
N TYR BA 76 -95.33 43.89 -30.60
CA TYR BA 76 -96.17 45.06 -30.34
C TYR BA 76 -97.66 44.75 -30.51
N LYS BA 77 -97.99 43.76 -31.33
CA LYS BA 77 -99.39 43.41 -31.54
C LYS BA 77 -100.04 42.93 -30.25
N GLU BA 78 -99.35 42.07 -29.50
CA GLU BA 78 -99.96 41.49 -28.30
C GLU BA 78 -100.05 42.52 -27.17
N LEU BA 79 -98.98 43.28 -26.96
CA LEU BA 79 -98.94 44.20 -25.84
C LEU BA 79 -99.85 45.41 -26.08
N LYS BA 80 -100.29 46.02 -24.98
CA LYS BA 80 -101.17 47.17 -25.01
C LYS BA 80 -100.68 48.23 -24.04
N HIS BA 81 -101.01 49.49 -24.34
CA HIS BA 81 -100.54 50.60 -23.53
C HIS BA 81 -101.30 50.68 -22.21
N GLU BA 82 -100.96 51.68 -21.40
CA GLU BA 82 -101.63 51.94 -20.13
C GLU BA 82 -102.63 53.08 -20.25
N ARG BA 83 -102.19 54.25 -20.71
CA ARG BA 83 -103.04 55.42 -20.83
C ARG BA 83 -103.09 55.88 -22.27
N LEU BA 84 -104.26 56.33 -22.72
CA LEU BA 84 -104.37 56.94 -24.03
C LEU BA 84 -103.56 58.23 -24.11
N ARG BA 85 -103.55 59.01 -23.03
CA ARG BA 85 -102.70 60.18 -22.94
C ARG BA 85 -101.23 59.77 -22.91
N LYS BA 86 -100.37 60.65 -23.41
CA LYS BA 86 -98.94 60.38 -23.44
C LYS BA 86 -98.39 60.20 -22.03
N TYR BA 87 -97.48 59.24 -21.89
CA TYR BA 87 -96.91 58.94 -20.58
C TYR BA 87 -96.00 60.07 -20.11
N HIS BA 88 -95.74 60.09 -18.82
CA HIS BA 88 -94.89 61.10 -18.20
C HIS BA 88 -93.46 61.00 -18.71
N THR CA 43 65.75 -12.24 11.86
CA THR CA 43 66.58 -11.38 12.68
C THR CA 43 65.84 -10.78 13.86
N THR CA 44 66.55 -10.01 14.67
CA THR CA 44 65.98 -9.37 15.84
C THR CA 44 66.20 -7.87 15.77
N THR CA 45 65.59 -7.14 16.70
CA THR CA 45 65.67 -5.68 16.69
C THR CA 45 67.10 -5.21 16.93
N ALA CA 46 67.81 -5.86 17.84
CA ALA CA 46 69.19 -5.48 18.15
C ALA CA 46 70.21 -6.21 17.31
N GLU CA 47 69.79 -7.05 16.38
CA GLU CA 47 70.68 -7.70 15.43
C GLU CA 47 71.04 -6.80 14.26
N VAL CA 48 70.81 -5.50 14.39
CA VAL CA 48 71.11 -4.55 13.33
C VAL CA 48 72.62 -4.47 13.10
N SER CA 49 73.01 -3.94 11.95
CA SER CA 49 74.42 -3.92 11.59
C SER CA 49 75.22 -2.98 12.47
N SER CA 50 74.60 -1.88 12.92
CA SER CA 50 75.32 -0.92 13.75
C SER CA 50 75.70 -1.51 15.10
N ILE CA 51 74.76 -2.20 15.75
CA ILE CA 51 75.05 -2.82 17.04
C ILE CA 51 76.09 -3.93 16.87
N LEU CA 52 75.99 -4.69 15.79
CA LEU CA 52 76.98 -5.74 15.53
C LEU CA 52 78.36 -5.14 15.32
N GLU CA 53 78.44 -4.02 14.61
CA GLU CA 53 79.72 -3.33 14.41
C GLU CA 53 80.28 -2.83 15.74
N GLU CA 54 79.41 -2.27 16.58
CA GLU CA 54 79.85 -1.82 17.89
C GLU CA 54 80.39 -2.98 18.71
N ARG CA 55 79.75 -4.13 18.63
CA ARG CA 55 80.21 -5.30 19.39
C ARG CA 55 81.56 -5.79 18.86
N ILE CA 56 81.68 -5.99 17.56
CA ILE CA 56 82.89 -6.59 17.01
C ILE CA 56 84.07 -5.63 17.11
N LEU CA 57 83.83 -4.33 16.93
CA LEU CA 57 84.90 -3.35 17.01
C LEU CA 57 85.45 -3.23 18.44
N GLY CA 58 84.67 -3.67 19.43
CA GLY CA 58 85.08 -3.55 20.81
C GLY CA 58 84.82 -2.20 21.44
N ALA CA 59 84.08 -1.31 20.77
CA ALA CA 59 83.82 0.02 21.28
C ALA CA 59 82.54 0.04 22.12
N ASP CA 60 82.14 -1.11 22.65
CA ASP CA 60 80.97 -1.22 23.50
C ASP CA 60 81.27 -0.88 24.95
N THR CA 61 82.38 -0.20 25.20
CA THR CA 61 82.82 0.14 26.55
C THR CA 61 82.58 1.61 26.90
N SER CA 62 82.71 2.51 25.92
CA SER CA 62 82.54 3.93 26.21
C SER CA 62 81.08 4.28 26.49
N VAL CA 63 80.16 3.72 25.71
CA VAL CA 63 78.75 4.05 25.88
C VAL CA 63 78.20 3.37 27.12
N ASP CA 64 77.40 4.10 27.89
CA ASP CA 64 76.77 3.57 29.11
C ASP CA 64 75.47 2.86 28.72
N LEU CA 65 75.59 1.55 28.48
CA LEU CA 65 74.42 0.75 28.19
C LEU CA 65 73.63 0.38 29.44
N GLU CA 66 74.20 0.61 30.62
CA GLU CA 66 73.50 0.24 31.86
C GLU CA 66 72.39 1.24 32.19
N GLU CA 67 72.64 2.53 31.97
CA GLU CA 67 71.71 3.57 32.35
C GLU CA 67 71.17 4.38 31.18
N THR CA 68 71.75 4.31 30.04
CA THR CA 68 71.27 5.07 28.86
C THR CA 68 71.02 4.11 27.70
N GLY CA 69 70.45 4.57 26.63
CA GLY CA 69 70.12 3.75 25.48
C GLY CA 69 69.90 4.62 24.26
N ARG CA 70 69.98 3.99 23.09
CA ARG CA 70 69.84 4.67 21.82
C ARG CA 70 68.66 4.09 21.06
N VAL CA 71 67.87 4.96 20.44
CA VAL CA 71 66.66 4.52 19.75
C VAL CA 71 67.04 3.73 18.51
N LEU CA 72 66.54 2.50 18.42
CA LEU CA 72 66.77 1.69 17.23
C LEU CA 72 65.76 2.03 16.13
N SER CA 73 64.49 2.15 16.50
CA SER CA 73 63.44 2.37 15.51
C SER CA 73 62.27 3.07 16.18
N ILE CA 74 61.98 4.30 15.75
CA ILE CA 74 60.85 5.08 16.24
C ILE CA 74 59.79 5.08 15.17
N GLY CA 75 58.57 4.71 15.54
CA GLY CA 75 57.49 4.64 14.57
C GLY CA 75 56.29 3.97 15.20
N ASP CA 76 55.12 4.37 14.70
CA ASP CA 76 53.83 3.87 15.17
C ASP CA 76 53.58 4.20 16.64
N GLY CA 77 54.28 5.20 17.16
CA GLY CA 77 54.12 5.61 18.55
C GLY CA 77 54.88 4.79 19.56
N ILE CA 78 55.61 3.76 19.14
CA ILE CA 78 56.41 2.93 20.02
C ILE CA 78 57.86 3.01 19.56
N ALA CA 79 58.76 3.31 20.48
CA ALA CA 79 60.18 3.47 20.17
C ALA CA 79 60.95 2.31 20.79
N ARG CA 80 61.70 1.58 19.96
CA ARG CA 80 62.56 0.51 20.45
C ARG CA 80 63.91 1.09 20.83
N VAL CA 81 64.36 0.79 22.06
CA VAL CA 81 65.60 1.36 22.60
C VAL CA 81 66.57 0.23 22.88
N HIS CA 82 67.80 0.38 22.39
CA HIS CA 82 68.88 -0.56 22.68
C HIS CA 82 69.67 -0.07 23.87
N GLY CA 83 69.74 -0.90 24.92
CA GLY CA 83 70.41 -0.54 26.16
C GLY CA 83 69.43 -0.51 27.31
N LEU CA 84 69.65 0.41 28.24
CA LEU CA 84 68.82 0.54 29.44
C LEU CA 84 68.71 -0.81 30.16
N ARG CA 85 69.87 -1.45 30.33
CA ARG CA 85 69.88 -2.77 30.94
C ARG CA 85 69.36 -2.75 32.37
N ASN CA 86 69.47 -1.60 33.05
CA ASN CA 86 69.00 -1.46 34.43
C ASN CA 86 67.66 -0.75 34.50
N VAL CA 87 66.95 -0.63 33.38
CA VAL CA 87 65.64 0.01 33.39
C VAL CA 87 64.61 -0.94 33.98
N GLN CA 88 63.55 -0.37 34.54
CA GLN CA 88 62.49 -1.13 35.18
C GLN CA 88 61.25 -1.16 34.30
N ALA CA 89 60.40 -2.14 34.54
CA ALA CA 89 59.10 -2.17 33.89
C ALA CA 89 58.27 -0.99 34.36
N GLU CA 90 57.62 -0.31 33.41
CA GLU CA 90 56.82 0.89 33.60
C GLU CA 90 57.64 2.08 34.07
N GLU CA 91 58.96 1.97 34.10
CA GLU CA 91 59.80 3.10 34.48
C GLU CA 91 59.74 4.18 33.41
N MET CA 92 59.68 5.43 33.84
CA MET CA 92 59.64 6.56 32.92
C MET CA 92 61.05 6.93 32.49
N VAL CA 93 61.26 7.02 31.17
CA VAL CA 93 62.53 7.37 30.59
C VAL CA 93 62.35 8.62 29.75
N GLU CA 94 63.34 9.51 29.78
CA GLU CA 94 63.28 10.77 29.06
C GLU CA 94 64.22 10.74 27.86
N PHE CA 95 63.74 11.22 26.73
CA PHE CA 95 64.50 11.24 25.49
C PHE CA 95 65.41 12.47 25.43
N SER CA 96 66.24 12.50 24.40
CA SER CA 96 67.13 13.64 24.19
C SER CA 96 66.34 14.91 23.90
N SER CA 97 65.28 14.79 23.10
CA SER CA 97 64.51 15.97 22.72
C SER CA 97 63.81 16.60 23.91
N GLY CA 98 63.41 15.80 24.89
CA GLY CA 98 62.73 16.33 26.06
C GLY CA 98 61.49 15.54 26.41
N LEU CA 99 61.00 14.75 25.46
CA LEU CA 99 59.82 13.93 25.71
C LEU CA 99 60.15 12.82 26.70
N LYS CA 100 59.13 12.37 27.42
CA LYS CA 100 59.27 11.28 28.38
C LYS CA 100 58.48 10.07 27.91
N GLY CA 101 59.00 8.89 28.22
CA GLY CA 101 58.39 7.66 27.77
C GLY CA 101 58.37 6.61 28.86
N MET CA 102 57.48 5.65 28.69
CA MET CA 102 57.26 4.58 29.65
C MET CA 102 57.77 3.27 29.08
N SER CA 103 58.65 2.60 29.82
CA SER CA 103 59.20 1.32 29.36
C SER CA 103 58.16 0.23 29.49
N LEU CA 104 57.43 -0.04 28.40
CA LEU CA 104 56.35 -1.02 28.44
C LEU CA 104 56.89 -2.44 28.29
N ASN CA 105 57.57 -2.72 27.18
CA ASN CA 105 58.07 -4.06 26.88
C ASN CA 105 59.56 -4.10 27.14
N LEU CA 106 60.00 -5.01 27.99
CA LEU CA 106 61.43 -5.23 28.24
C LEU CA 106 61.85 -6.50 27.51
N GLU CA 107 62.17 -6.35 26.23
CA GLU CA 107 62.60 -7.48 25.43
C GLU CA 107 64.03 -7.87 25.81
N PRO CA 108 64.43 -9.10 25.49
CA PRO CA 108 65.80 -9.53 25.85
C PRO CA 108 66.89 -8.66 25.24
N ASP CA 109 66.66 -8.10 24.05
CA ASP CA 109 67.68 -7.31 23.37
C ASP CA 109 67.37 -5.83 23.30
N ASN CA 110 66.10 -5.43 23.46
CA ASN CA 110 65.71 -4.03 23.37
C ASN CA 110 64.64 -3.74 24.40
N VAL CA 111 64.18 -2.48 24.40
CA VAL CA 111 63.14 -2.02 25.30
C VAL CA 111 62.12 -1.25 24.47
N GLY CA 112 60.85 -1.66 24.56
CA GLY CA 112 59.79 -0.94 23.88
C GLY CA 112 59.25 0.20 24.71
N VAL CA 113 59.51 1.43 24.28
CA VAL CA 113 59.14 2.63 25.01
C VAL CA 113 58.02 3.34 24.26
N VAL CA 114 56.91 3.59 24.96
CA VAL CA 114 55.82 4.37 24.40
C VAL CA 114 56.09 5.84 24.69
N VAL CA 115 55.98 6.69 23.67
CA VAL CA 115 56.37 8.08 23.80
C VAL CA 115 55.14 8.91 24.18
N PHE CA 116 55.25 9.66 25.28
CA PHE CA 116 54.19 10.57 25.71
C PHE CA 116 54.33 11.90 24.98
N GLY CA 117 54.06 11.85 23.69
CA GLY CA 117 54.15 13.03 22.86
C GLY CA 117 54.21 12.65 21.39
N ASN CA 118 54.50 13.66 20.57
CA ASN CA 118 54.59 13.43 19.13
C ASN CA 118 55.88 12.70 18.81
N ASP CA 119 55.77 11.62 18.02
CA ASP CA 119 56.94 10.81 17.73
C ASP CA 119 57.84 11.48 16.69
N LYS CA 120 57.39 12.59 16.10
CA LYS CA 120 58.23 13.32 15.16
C LYS CA 120 59.53 13.78 15.79
N LEU CA 121 59.48 14.21 17.04
CA LEU CA 121 60.64 14.74 17.73
C LEU CA 121 61.67 13.68 18.11
N ILE CA 122 61.34 12.40 17.93
CA ILE CA 122 62.23 11.30 18.29
C ILE CA 122 62.78 10.70 17.00
N LYS CA 123 64.09 10.48 16.97
CA LYS CA 123 64.78 9.95 15.80
C LYS CA 123 65.59 8.73 16.19
N GLU CA 124 65.97 7.95 15.19
CA GLU CA 124 66.91 6.87 15.41
C GLU CA 124 68.26 7.43 15.81
N GLY CA 125 68.88 6.82 16.82
CA GLY CA 125 70.13 7.28 17.35
C GLY CA 125 70.00 8.26 18.51
N ASP CA 126 68.78 8.70 18.82
CA ASP CA 126 68.58 9.56 19.97
C ASP CA 126 68.92 8.82 21.26
N ILE CA 127 69.47 9.55 22.22
CA ILE CA 127 69.93 8.96 23.47
C ILE CA 127 68.79 9.00 24.48
N VAL CA 128 68.45 7.84 25.03
CA VAL CA 128 67.40 7.71 26.03
C VAL CA 128 68.05 7.40 27.36
N LYS CA 129 67.69 8.15 28.39
CA LYS CA 129 68.27 8.00 29.71
C LYS CA 129 67.19 7.75 30.76
N ARG CA 130 67.53 6.92 31.75
CA ARG CA 130 66.59 6.58 32.79
C ARG CA 130 66.34 7.77 33.72
N THR CA 131 65.15 7.77 34.33
CA THR CA 131 64.84 8.69 35.40
C THR CA 131 64.83 8.02 36.76
N GLY CA 132 64.97 6.70 36.81
CA GLY CA 132 65.00 5.97 38.07
C GLY CA 132 63.71 6.06 38.86
N ALA CA 133 62.57 5.97 38.19
CA ALA CA 133 61.29 6.07 38.86
C ALA CA 133 60.20 5.54 37.96
N ILE CA 134 59.30 4.73 38.53
CA ILE CA 134 58.08 4.36 37.83
C ILE CA 134 57.30 5.61 37.52
N VAL CA 135 56.62 5.62 36.36
CA VAL CA 135 55.91 6.80 35.86
C VAL CA 135 54.97 7.33 36.93
N ASP CA 136 55.20 8.58 37.35
CA ASP CA 136 54.43 9.22 38.39
C ASP CA 136 54.03 10.62 37.95
N VAL CA 137 53.32 11.32 38.83
CA VAL CA 137 52.78 12.64 38.52
C VAL CA 137 52.87 13.52 39.75
N PRO CA 138 53.22 14.80 39.63
CA PRO CA 138 53.20 15.70 40.78
C PRO CA 138 51.81 15.75 41.40
N VAL CA 139 51.77 15.82 42.73
CA VAL CA 139 50.53 15.70 43.47
C VAL CA 139 50.56 16.66 44.66
N GLY CA 140 49.39 17.00 45.15
CA GLY CA 140 49.27 17.84 46.33
C GLY CA 140 48.24 18.93 46.10
N GLU CA 141 48.12 19.79 47.10
CA GLU CA 141 47.22 20.93 47.02
C GLU CA 141 47.79 22.06 46.18
N GLU CA 142 49.06 21.99 45.81
CA GLU CA 142 49.65 23.01 44.96
C GLU CA 142 49.10 22.96 43.54
N LEU CA 143 48.46 21.84 43.16
CA LEU CA 143 47.84 21.72 41.85
C LEU CA 143 46.42 22.26 41.81
N LEU CA 144 45.86 22.66 42.96
CA LEU CA 144 44.52 23.23 42.98
C LEU CA 144 44.50 24.55 42.23
N GLY CA 145 43.68 24.61 41.18
CA GLY CA 145 43.61 25.79 40.34
C GLY CA 145 44.54 25.80 39.16
N ARG CA 146 45.26 24.70 38.90
CA ARG CA 146 46.24 24.63 37.84
C ARG CA 146 45.71 23.73 36.74
N VAL CA 147 45.83 24.19 35.49
CA VAL CA 147 45.48 23.37 34.34
C VAL CA 147 46.75 22.66 33.88
N VAL CA 148 46.81 21.35 34.08
CA VAL CA 148 47.98 20.55 33.79
C VAL CA 148 47.65 19.58 32.67
N ASP CA 149 48.70 19.05 32.05
CA ASP CA 149 48.57 18.02 31.02
C ASP CA 149 48.60 16.65 31.68
N ALA CA 150 48.76 15.60 30.88
CA ALA CA 150 48.77 14.24 31.42
C ALA CA 150 49.93 14.03 32.38
N LEU CA 151 51.08 14.65 32.11
CA LEU CA 151 52.28 14.45 32.90
C LEU CA 151 52.39 15.43 34.06
N GLY CA 152 51.40 16.29 34.27
CA GLY CA 152 51.44 17.25 35.34
C GLY CA 152 52.07 18.58 35.00
N ASN CA 153 52.60 18.73 33.78
CA ASN CA 153 53.19 20.00 33.39
C ASN CA 153 52.11 21.05 33.23
N ALA CA 154 52.34 22.23 33.81
CA ALA CA 154 51.36 23.30 33.72
C ALA CA 154 51.25 23.81 32.29
N ILE CA 155 50.01 23.98 31.82
CA ILE CA 155 49.74 24.50 30.49
C ILE CA 155 48.94 25.79 30.54
N ASP CA 156 48.70 26.33 31.74
CA ASP CA 156 48.01 27.60 31.90
C ASP CA 156 48.95 28.79 31.98
N GLY CA 157 50.26 28.56 31.93
CA GLY CA 157 51.22 29.65 31.92
C GLY CA 157 51.27 30.43 33.21
N LYS CA 158 50.88 29.83 34.33
CA LYS CA 158 50.91 30.49 35.62
C LYS CA 158 52.14 30.15 36.44
N GLY CA 159 53.12 29.49 35.84
CA GLY CA 159 54.35 29.15 36.53
C GLY CA 159 54.47 27.68 36.80
N PRO CA 160 55.59 27.27 37.41
CA PRO CA 160 55.80 25.85 37.70
C PRO CA 160 54.93 25.39 38.86
N ILE CA 161 54.61 24.10 38.85
CA ILE CA 161 53.86 23.50 39.94
C ILE CA 161 54.77 23.35 41.16
N GLY CA 162 54.30 23.83 42.31
CA GLY CA 162 55.09 23.78 43.52
C GLY CA 162 54.90 22.51 44.31
N SER CA 163 54.71 21.40 43.61
CA SER CA 163 54.48 20.12 44.27
C SER CA 163 55.72 19.68 45.04
N LYS CA 164 55.49 18.98 46.15
CA LYS CA 164 56.57 18.43 46.95
C LYS CA 164 56.58 16.90 46.96
N THR CA 165 55.50 16.25 46.56
CA THR CA 165 55.42 14.80 46.54
C THR CA 165 54.91 14.34 45.18
N ARG CA 166 55.42 13.22 44.71
CA ARG CA 166 54.99 12.60 43.47
C ARG CA 166 54.42 11.23 43.78
N ARG CA 167 53.30 10.90 43.13
CA ARG CA 167 52.60 9.65 43.37
C ARG CA 167 52.51 8.85 42.08
N ARG CA 168 52.73 7.55 42.18
CA ARG CA 168 52.69 6.69 41.00
C ARG CA 168 51.31 6.69 40.39
N VAL CA 169 51.26 6.67 39.06
CA VAL CA 169 49.98 6.69 38.34
C VAL CA 169 49.33 5.32 38.24
N GLY CA 170 50.02 4.26 38.64
CA GLY CA 170 49.49 2.92 38.50
C GLY CA 170 49.41 2.15 39.80
N LEU CA 171 49.16 2.85 40.90
CA LEU CA 171 49.01 2.18 42.18
C LEU CA 171 47.77 1.29 42.19
N LYS CA 172 47.86 0.18 42.92
CA LYS CA 172 46.73 -0.73 43.05
C LYS CA 172 45.62 -0.08 43.88
N ALA CA 173 44.38 -0.42 43.54
CA ALA CA 173 43.24 0.08 44.28
C ALA CA 173 43.22 -0.53 45.69
N PRO CA 174 42.65 0.19 46.66
CA PRO CA 174 42.59 -0.34 48.03
C PRO CA 174 41.76 -1.61 48.09
N GLY CA 175 42.12 -2.47 49.04
CA GLY CA 175 41.49 -3.77 49.20
C GLY CA 175 40.18 -3.69 49.94
N ILE CA 176 39.69 -4.86 50.36
CA ILE CA 176 38.40 -4.96 51.02
C ILE CA 176 38.44 -4.26 52.38
N ILE CA 177 39.47 -4.54 53.17
CA ILE CA 177 39.52 -4.01 54.54
C ILE CA 177 39.58 -2.50 54.59
N PRO CA 178 40.45 -1.80 53.83
CA PRO CA 178 40.53 -0.34 53.98
C PRO CA 178 39.26 0.40 53.64
N ARG CA 179 38.34 -0.20 52.88
CA ARG CA 179 37.12 0.46 52.47
C ARG CA 179 36.01 0.31 53.50
N ILE CA 180 35.10 1.29 53.51
CA ILE CA 180 33.88 1.23 54.30
C ILE CA 180 32.75 1.69 53.38
N SER CA 181 31.52 1.35 53.79
CA SER CA 181 30.37 1.68 52.96
C SER CA 181 30.22 3.18 52.78
N VAL CA 182 29.58 3.57 51.68
CA VAL CA 182 29.43 4.98 51.36
C VAL CA 182 28.40 5.60 52.28
N ARG CA 183 28.79 6.64 53.01
CA ARG CA 183 27.92 7.23 54.01
C ARG CA 183 27.58 8.69 53.71
N GLU CA 184 28.61 9.51 53.50
CA GLU CA 184 28.37 10.93 53.31
C GLU CA 184 27.76 11.20 51.94
N PRO CA 185 26.81 12.11 51.85
CA PRO CA 185 26.26 12.48 50.53
C PRO CA 185 27.22 13.34 49.75
N MET CA 186 27.04 13.32 48.43
CA MET CA 186 27.81 14.15 47.50
C MET CA 186 26.81 14.94 46.66
N GLN CA 187 26.40 16.10 47.18
CA GLN CA 187 25.39 16.91 46.51
C GLN CA 187 25.93 17.47 45.21
N THR CA 188 25.23 17.19 44.11
CA THR CA 188 25.61 17.69 42.81
C THR CA 188 24.93 19.02 42.45
N GLY CA 189 23.88 19.39 43.17
CA GLY CA 189 23.12 20.57 42.85
C GLY CA 189 22.01 20.36 41.85
N ILE CA 190 22.01 19.23 41.13
CA ILE CA 190 20.95 18.92 40.21
C ILE CA 190 19.80 18.27 40.95
N LYS CA 191 18.59 18.80 40.75
CA LYS CA 191 17.43 18.27 41.45
C LYS CA 191 17.18 16.81 41.10
N ALA CA 192 17.24 16.48 39.81
CA ALA CA 192 17.00 15.10 39.39
C ALA CA 192 18.04 14.16 39.96
N VAL CA 193 19.31 14.57 39.92
CA VAL CA 193 20.37 13.70 40.44
C VAL CA 193 20.25 13.57 41.95
N ASP CA 194 20.22 14.68 42.67
CA ASP CA 194 20.20 14.63 44.12
C ASP CA 194 18.90 14.06 44.67
N SER CA 195 17.87 13.92 43.84
CA SER CA 195 16.59 13.37 44.28
C SER CA 195 16.42 11.90 43.91
N LEU CA 196 16.50 11.57 42.62
CA LEU CA 196 16.18 10.22 42.19
C LEU CA 196 17.40 9.32 42.04
N VAL CA 197 18.56 9.89 41.76
CA VAL CA 197 19.78 9.12 41.56
C VAL CA 197 20.86 9.68 42.48
N PRO CA 198 20.73 9.55 43.79
CA PRO CA 198 21.70 10.19 44.69
C PRO CA 198 23.08 9.58 44.53
N ILE CA 199 24.10 10.44 44.56
CA ILE CA 199 25.48 10.02 44.40
C ILE CA 199 26.19 10.18 45.74
N GLY CA 200 26.75 9.09 46.25
CA GLY CA 200 27.47 9.11 47.50
C GLY CA 200 28.88 9.63 47.35
N ARG CA 201 29.54 9.78 48.50
CA ARG CA 201 30.92 10.27 48.53
C ARG CA 201 31.83 9.06 48.60
N GLY CA 202 32.51 8.76 47.49
CA GLY CA 202 33.23 7.52 47.32
C GLY CA 202 32.61 6.60 46.30
N GLN CA 203 31.42 6.92 45.80
CA GLN CA 203 30.73 6.12 44.80
C GLN CA 203 31.32 6.36 43.41
N ARG CA 204 30.96 5.48 42.48
CA ARG CA 204 31.33 5.61 41.08
C ARG CA 204 30.04 5.62 40.27
N GLU CA 205 29.65 6.79 39.78
CA GLU CA 205 28.42 6.96 39.04
C GLU CA 205 28.74 7.33 37.59
N LEU CA 206 28.22 6.55 36.66
CA LEU CA 206 28.50 6.75 35.23
C LEU CA 206 27.52 7.76 34.66
N ILE CA 207 28.02 8.70 33.88
CA ILE CA 207 27.17 9.65 33.15
C ILE CA 207 27.24 9.23 31.69
N ILE CA 208 26.23 8.52 31.25
CA ILE CA 208 26.24 7.88 29.94
C ILE CA 208 25.13 8.48 29.08
N GLY CA 209 25.46 8.72 27.82
CA GLY CA 209 24.50 9.28 26.89
C GLY CA 209 25.11 9.46 25.52
N ASP CA 210 24.35 10.10 24.65
CA ASP CA 210 24.79 10.35 23.28
C ASP CA 210 25.46 11.72 23.21
N ARG CA 211 25.78 12.16 21.99
CA ARG CA 211 26.41 13.45 21.81
C ARG CA 211 25.43 14.57 22.13
N GLN CA 212 25.97 15.66 22.70
CA GLN CA 212 25.21 16.86 23.03
C GLN CA 212 23.97 16.53 23.85
N THR CA 213 24.19 15.78 24.94
CA THR CA 213 23.12 15.39 25.84
C THR CA 213 23.30 15.92 27.25
N GLY CA 214 24.23 16.84 27.48
CA GLY CA 214 24.42 17.41 28.80
C GLY CA 214 25.28 16.61 29.74
N LYS CA 215 26.08 15.67 29.23
CA LYS CA 215 26.94 14.88 30.10
C LYS CA 215 27.99 15.77 30.77
N THR CA 216 28.59 16.68 30.01
CA THR CA 216 29.58 17.57 30.59
C THR CA 216 28.94 18.61 31.49
N SER CA 217 27.72 19.03 31.16
CA SER CA 217 27.04 20.07 31.95
C SER CA 217 26.75 19.59 33.36
N ILE CA 218 26.35 18.33 33.51
CA ILE CA 218 26.11 17.77 34.83
C ILE CA 218 27.38 17.81 35.66
N ALA CA 219 28.50 17.42 35.06
CA ALA CA 219 29.78 17.44 35.78
C ALA CA 219 30.17 18.86 36.16
N ILE CA 220 29.98 19.81 35.24
CA ILE CA 220 30.34 21.20 35.53
C ILE CA 220 29.50 21.75 36.68
N ASP CA 221 28.20 21.48 36.64
CA ASP CA 221 27.32 21.92 37.72
C ASP CA 221 27.71 21.28 39.05
N THR CA 222 28.13 20.01 39.01
CA THR CA 222 28.62 19.36 40.22
C THR CA 222 29.86 20.05 40.75
N ILE CA 223 30.76 20.45 39.85
CA ILE CA 223 31.97 21.16 40.26
C ILE CA 223 31.59 22.48 40.93
N ILE CA 224 30.66 23.22 40.32
CA ILE CA 224 30.27 24.52 40.85
C ILE CA 224 29.52 24.36 42.18
N ASN CA 225 28.71 23.31 42.28
CA ASN CA 225 27.87 23.13 43.47
C ASN CA 225 28.69 23.01 44.74
N GLN CA 226 29.91 22.47 44.63
CA GLN CA 226 30.73 22.25 45.83
C GLN CA 226 31.28 23.53 46.41
N LYS CA 227 31.10 24.67 45.73
CA LYS CA 227 31.69 25.92 46.20
C LYS CA 227 31.17 26.28 47.60
N ARG CA 228 29.88 26.05 47.85
CA ARG CA 228 29.31 26.40 49.14
C ARG CA 228 29.97 25.62 50.26
N PHE CA 229 30.31 24.36 50.02
CA PHE CA 229 30.97 23.55 51.05
C PHE CA 229 32.43 23.95 51.21
N ASN CA 230 33.10 24.26 50.10
CA ASN CA 230 34.52 24.57 50.15
C ASN CA 230 34.78 25.91 50.83
N ASP CA 231 33.90 26.89 50.62
CA ASP CA 231 34.10 28.19 51.24
C ASP CA 231 33.97 28.10 52.76
N GLY CA 232 33.04 27.30 53.25
CA GLY CA 232 32.85 27.17 54.68
C GLY CA 232 33.99 26.45 55.38
N THR CA 233 33.87 26.37 56.70
CA THR CA 233 34.89 25.75 57.55
C THR CA 233 34.45 24.38 58.07
N ASP CA 234 33.61 23.67 57.31
CA ASP CA 234 33.17 22.35 57.74
C ASP CA 234 34.32 21.36 57.82
N GLU CA 235 35.21 21.37 56.82
CA GLU CA 235 36.43 20.58 56.80
C GLU CA 235 36.15 19.09 56.61
N LYS CA 236 34.87 18.71 56.64
CA LYS CA 236 34.47 17.35 56.35
C LYS CA 236 33.48 17.27 55.20
N LYS CA 237 32.91 18.40 54.79
CA LYS CA 237 32.06 18.48 53.62
C LYS CA 237 32.77 19.08 52.42
N LYS CA 238 34.00 19.56 52.60
CA LYS CA 238 34.78 20.05 51.47
C LYS CA 238 35.04 18.93 50.49
N LEU CA 239 34.93 19.24 49.20
CA LEU CA 239 35.16 18.27 48.13
C LEU CA 239 36.06 18.92 47.09
N TYR CA 240 37.31 18.48 47.01
CA TYR CA 240 38.24 19.03 46.04
C TYR CA 240 38.07 18.33 44.70
N CYS CA 241 37.45 19.02 43.75
CA CYS CA 241 37.11 18.42 42.47
C CYS CA 241 38.33 18.29 41.56
N ILE CA 242 38.23 17.36 40.62
CA ILE CA 242 39.23 17.20 39.57
C ILE CA 242 38.49 16.89 38.27
N TYR CA 243 38.92 17.53 37.18
CA TYR CA 243 38.32 17.31 35.87
C TYR CA 243 39.40 16.86 34.90
N VAL CA 244 39.18 15.73 34.24
CA VAL CA 244 40.12 15.19 33.28
C VAL CA 244 39.47 15.20 31.90
N ALA CA 245 40.11 15.88 30.96
CA ALA CA 245 39.63 15.96 29.59
C ALA CA 245 40.41 14.98 28.72
N ILE CA 246 39.72 14.03 28.11
CA ILE CA 246 40.35 12.96 27.34
C ILE CA 246 39.84 13.08 25.90
N GLY CA 247 40.65 13.68 25.04
CA GLY CA 247 40.38 13.68 23.62
C GLY CA 247 39.44 14.75 23.12
N GLN CA 248 38.81 15.51 24.01
CA GLN CA 248 37.90 16.55 23.57
C GLN CA 248 38.66 17.80 23.16
N LYS CA 249 37.94 18.72 22.51
CA LYS CA 249 38.57 19.88 21.88
C LYS CA 249 39.24 20.78 22.92
N ARG CA 250 40.37 21.37 22.51
CA ARG CA 250 41.08 22.29 23.39
C ARG CA 250 40.23 23.53 23.69
N SER CA 251 39.48 24.00 22.69
CA SER CA 251 38.61 25.15 22.90
C SER CA 251 37.55 24.84 23.95
N THR CA 252 37.00 23.62 23.91
CA THR CA 252 36.00 23.23 24.90
C THR CA 252 36.60 23.23 26.30
N VAL CA 253 37.82 22.72 26.44
CA VAL CA 253 38.46 22.70 27.75
C VAL CA 253 38.74 24.12 28.24
N ALA CA 254 39.18 24.99 27.34
CA ALA CA 254 39.44 26.38 27.72
C ALA CA 254 38.17 27.08 28.16
N GLN CA 255 37.07 26.84 27.44
CA GLN CA 255 35.80 27.45 27.82
C GLN CA 255 35.29 26.89 29.14
N LEU CA 256 35.52 25.60 29.39
CA LEU CA 256 35.16 25.02 30.68
C LEU CA 256 35.96 25.65 31.81
N VAL CA 257 37.25 25.88 31.58
CA VAL CA 257 38.10 26.54 32.57
C VAL CA 257 37.60 27.96 32.81
N LYS CA 258 37.20 28.65 31.74
CA LYS CA 258 36.65 30.00 31.88
C LYS CA 258 35.38 29.98 32.71
N ARG CA 259 34.50 29.01 32.45
CA ARG CA 259 33.27 28.89 33.22
C ARG CA 259 33.56 28.65 34.69
N LEU CA 260 34.52 27.77 34.98
CA LEU CA 260 34.86 27.48 36.37
C LEU CA 260 35.47 28.71 37.05
N THR CA 261 36.33 29.44 36.34
CA THR CA 261 36.93 30.65 36.91
C THR CA 261 35.88 31.72 37.17
N ASP CA 262 34.95 31.90 36.23
CA ASP CA 262 33.92 32.92 36.40
C ASP CA 262 33.01 32.61 37.58
N ALA CA 263 32.73 31.32 37.81
CA ALA CA 263 31.97 30.88 38.96
C ALA CA 263 32.83 30.75 40.21
N ASP CA 264 34.10 31.16 40.13
CA ASP CA 264 35.04 31.09 41.24
C ASP CA 264 35.14 29.67 41.78
N ALA CA 265 35.18 28.70 40.86
CA ALA CA 265 35.30 27.30 41.22
C ALA CA 265 36.64 26.70 40.84
N MET CA 266 37.54 27.46 40.21
CA MET CA 266 38.84 26.92 39.84
C MET CA 266 39.73 26.75 41.06
N LYS CA 267 39.49 27.55 42.11
CA LYS CA 267 40.41 27.57 43.24
C LYS CA 267 40.45 26.24 43.99
N TYR CA 268 39.49 25.34 43.75
CA TYR CA 268 39.48 24.05 44.43
C TYR CA 268 39.37 22.88 43.44
N THR CA 269 39.74 23.08 42.19
CA THR CA 269 39.66 22.02 41.19
C THR CA 269 40.95 21.94 40.39
N ILE CA 270 41.22 20.74 39.88
CA ILE CA 270 42.40 20.48 39.06
C ILE CA 270 41.91 20.03 37.69
N VAL CA 271 42.43 20.65 36.64
CA VAL CA 271 42.03 20.35 35.27
C VAL CA 271 43.20 19.64 34.60
N VAL CA 272 43.05 18.35 34.36
CA VAL CA 272 44.04 17.58 33.63
C VAL CA 272 43.58 17.47 32.19
N SER CA 273 44.37 18.00 31.26
CA SER CA 273 43.97 18.14 29.86
C SER CA 273 44.83 17.26 28.99
N ALA CA 274 44.18 16.35 28.25
CA ALA CA 274 44.80 15.56 27.19
C ALA CA 274 43.83 15.61 26.02
N THR CA 275 43.99 16.62 25.16
CA THR CA 275 43.01 16.89 24.12
C THR CA 275 43.26 16.01 22.90
N ALA CA 276 42.50 16.29 21.85
CA ALA CA 276 42.60 15.50 20.62
C ALA CA 276 43.98 15.65 19.99
N SER CA 277 44.53 16.87 19.99
CA SER CA 277 45.84 17.10 19.39
C SER CA 277 46.92 16.31 20.12
N ASP CA 278 46.72 16.05 21.41
CA ASP CA 278 47.70 15.29 22.17
C ASP CA 278 47.80 13.86 21.66
N ALA CA 279 48.97 13.27 21.83
CA ALA CA 279 49.20 11.91 21.36
C ALA CA 279 48.34 10.91 22.14
N ALA CA 280 48.11 9.76 21.53
CA ALA CA 280 47.32 8.71 22.16
C ALA CA 280 47.84 8.29 23.53
N PRO CA 281 49.15 8.13 23.76
CA PRO CA 281 49.60 7.81 25.12
C PRO CA 281 49.20 8.85 26.16
N LEU CA 282 49.20 10.13 25.80
CA LEU CA 282 48.76 11.16 26.75
C LEU CA 282 47.30 10.98 27.13
N GLN CA 283 46.45 10.69 26.15
CA GLN CA 283 45.04 10.44 26.44
C GLN CA 283 44.86 9.17 27.26
N TYR CA 284 45.68 8.15 27.02
CA TYR CA 284 45.62 6.93 27.81
C TYR CA 284 46.05 7.17 29.24
N LEU CA 285 47.05 8.03 29.45
CA LEU CA 285 47.61 8.23 30.79
C LEU CA 285 46.82 9.25 31.59
N ALA CA 286 46.13 10.17 30.93
CA ALA CA 286 45.45 11.29 31.59
C ALA CA 286 44.51 10.84 32.70
N PRO CA 287 43.64 9.83 32.50
CA PRO CA 287 42.77 9.41 33.62
C PRO CA 287 43.54 8.97 34.84
N TYR CA 288 44.67 8.28 34.66
CA TYR CA 288 45.42 7.76 35.80
C TYR CA 288 46.10 8.88 36.57
N SER CA 289 46.54 9.92 35.85
CA SER CA 289 47.13 11.08 36.51
C SER CA 289 46.12 11.76 37.44
N GLY CA 290 44.92 12.03 36.92
CA GLY CA 290 43.89 12.61 37.76
C GLY CA 290 43.46 11.68 38.87
N CYS CA 291 43.48 10.37 38.61
CA CYS CA 291 43.14 9.39 39.63
C CYS CA 291 44.14 9.44 40.78
N SER CA 292 45.43 9.57 40.45
CA SER CA 292 46.45 9.73 41.49
C SER CA 292 46.27 11.05 42.25
N MET CA 293 45.94 12.12 41.52
CA MET CA 293 45.71 13.40 42.19
C MET CA 293 44.57 13.30 43.19
N GLY CA 294 43.51 12.58 42.83
CA GLY CA 294 42.44 12.34 43.77
C GLY CA 294 42.80 11.38 44.89
N GLU CA 295 43.64 10.39 44.59
CA GLU CA 295 44.10 9.47 45.62
C GLU CA 295 44.89 10.19 46.70
N TYR CA 296 45.59 11.26 46.33
CA TYR CA 296 46.29 12.05 47.34
C TYR CA 296 45.32 12.57 48.40
N PHE CA 297 44.22 13.17 47.95
CA PHE CA 297 43.19 13.64 48.88
C PHE CA 297 42.55 12.48 49.62
N ARG CA 298 42.33 11.37 48.91
CA ARG CA 298 41.69 10.22 49.53
C ARG CA 298 42.50 9.66 50.69
N ASP CA 299 43.82 9.62 50.55
CA ASP CA 299 44.70 9.02 51.54
C ASP CA 299 45.05 9.95 52.69
N ASN CA 300 44.63 11.22 52.64
CA ASN CA 300 44.95 12.18 53.69
C ASN CA 300 43.70 12.66 54.43
N GLY CA 301 42.64 11.85 54.45
CA GLY CA 301 41.45 12.22 55.18
C GLY CA 301 40.57 13.25 54.51
N LYS CA 302 40.87 13.62 53.28
CA LYS CA 302 40.09 14.60 52.54
C LYS CA 302 39.23 13.91 51.49
N HIS CA 303 38.24 14.64 51.00
CA HIS CA 303 37.28 14.11 50.04
C HIS CA 303 37.48 14.80 48.70
N ALA CA 304 37.55 14.01 47.63
CA ALA CA 304 37.83 14.53 46.30
C ALA CA 304 36.84 13.94 45.30
N LEU CA 305 36.67 14.65 44.19
CA LEU CA 305 35.81 14.22 43.10
C LEU CA 305 36.60 14.27 41.81
N ILE CA 306 36.52 13.20 41.03
CA ILE CA 306 37.25 13.08 39.77
C ILE CA 306 36.25 12.85 38.65
N ILE CA 307 36.38 13.62 37.57
CA ILE CA 307 35.49 13.55 36.43
C ILE CA 307 36.30 13.02 35.26
N TYR CA 308 36.14 11.72 34.95
CA TYR CA 308 36.77 11.12 33.78
C TYR CA 308 35.90 11.39 32.56
N ASP CA 309 36.04 12.59 32.01
CA ASP CA 309 35.24 12.97 30.86
C ASP CA 309 35.69 12.18 29.63
N ASP CA 310 34.72 11.54 28.97
CA ASP CA 310 34.97 10.74 27.77
C ASP CA 310 35.96 9.61 28.03
N LEU CA 311 35.60 8.67 28.90
CA LEU CA 311 36.39 7.44 29.01
C LEU CA 311 36.37 6.62 27.73
N SER CA 312 35.33 6.79 26.91
CA SER CA 312 35.29 6.10 25.62
C SER CA 312 36.42 6.57 24.71
N LYS CA 313 36.75 7.86 24.76
CA LYS CA 313 37.87 8.36 23.99
C LYS CA 313 39.19 7.82 24.51
N GLN CA 314 39.32 7.64 25.83
CA GLN CA 314 40.50 6.97 26.36
C GLN CA 314 40.59 5.53 25.86
N ALA CA 315 39.44 4.84 25.80
CA ALA CA 315 39.42 3.49 25.28
C ALA CA 315 39.85 3.46 23.81
N VAL CA 316 39.39 4.44 23.03
CA VAL CA 316 39.78 4.52 21.62
C VAL CA 316 41.27 4.75 21.50
N ALA CA 317 41.83 5.64 22.34
CA ALA CA 317 43.26 5.90 22.30
C ALA CA 317 44.05 4.65 22.67
N TYR CA 318 43.60 3.92 23.69
CA TYR CA 318 44.29 2.69 24.07
C TYR CA 318 44.17 1.63 22.99
N ARG CA 319 43.03 1.58 22.30
CA ARG CA 319 42.88 0.66 21.17
C ARG CA 319 43.87 1.00 20.08
N GLN CA 320 44.05 2.30 19.80
CA GLN CA 320 45.05 2.73 18.83
C GLN CA 320 46.44 2.28 19.26
N MET CA 321 46.78 2.49 20.53
CA MET CA 321 48.10 2.11 21.02
C MET CA 321 48.33 0.61 20.88
N SER CA 322 47.31 -0.19 21.21
CA SER CA 322 47.45 -1.63 21.15
C SER CA 322 47.57 -2.11 19.71
N LEU CA 323 46.73 -1.57 18.82
CA LEU CA 323 46.78 -1.98 17.42
C LEU CA 323 48.11 -1.59 16.77
N LEU CA 324 48.64 -0.41 17.09
CA LEU CA 324 49.96 -0.05 16.60
C LEU CA 324 51.04 -0.94 17.18
N LEU CA 325 50.78 -1.58 18.31
CA LEU CA 325 51.66 -2.59 18.88
C LEU CA 325 51.40 -3.98 18.30
N ARG CA 326 50.43 -4.10 17.39
CA ARG CA 326 50.10 -5.36 16.73
C ARG CA 326 49.66 -6.42 17.74
N ARG CA 327 48.69 -6.04 18.58
CA ARG CA 327 48.08 -6.98 19.51
C ARG CA 327 46.73 -7.44 18.99
N PRO CA 328 46.34 -8.68 19.27
CA PRO CA 328 45.13 -9.24 18.67
C PRO CA 328 43.89 -8.47 19.11
N PRO CA 329 43.19 -7.85 18.16
CA PRO CA 329 41.95 -7.15 18.51
C PRO CA 329 40.80 -8.12 18.73
N GLY CA 330 39.80 -7.64 19.47
CA GLY CA 330 38.64 -8.44 19.77
C GLY CA 330 37.35 -7.84 19.25
N ARG CA 331 36.37 -7.67 20.13
CA ARG CA 331 35.10 -7.07 19.73
C ARG CA 331 35.29 -5.59 19.41
N GLU CA 332 34.75 -5.17 18.28
CA GLU CA 332 34.91 -3.81 17.78
C GLU CA 332 36.37 -3.40 17.65
N ALA CA 333 37.22 -4.36 17.28
CA ALA CA 333 38.66 -4.18 17.12
C ALA CA 333 39.35 -3.71 18.39
N TYR CA 334 38.67 -3.78 19.53
CA TYR CA 334 39.25 -3.35 20.80
C TYR CA 334 40.22 -4.40 21.33
N PRO CA 335 41.17 -4.01 22.18
CA PRO CA 335 42.01 -5.00 22.84
C PRO CA 335 41.21 -5.81 23.85
N GLY CA 336 41.78 -6.94 24.27
CA GLY CA 336 41.12 -7.79 25.24
C GLY CA 336 41.18 -7.28 26.66
N ASP CA 337 41.95 -6.23 26.93
CA ASP CA 337 42.14 -5.72 28.28
C ASP CA 337 41.59 -4.31 28.47
N VAL CA 338 40.63 -3.90 27.65
CA VAL CA 338 40.00 -2.60 27.86
C VAL CA 338 39.20 -2.61 29.17
N PHE CA 339 38.55 -3.73 29.48
CA PHE CA 339 37.84 -3.84 30.74
C PHE CA 339 38.80 -3.66 31.92
N TYR CA 340 39.97 -4.31 31.85
CA TYR CA 340 40.98 -4.10 32.88
C TYR CA 340 41.47 -2.66 32.88
N LEU CA 341 41.60 -2.07 31.68
CA LEU CA 341 42.04 -0.68 31.56
C LEU CA 341 41.14 0.25 32.36
N HIS CA 342 39.83 0.06 32.26
CA HIS CA 342 38.90 0.90 33.01
C HIS CA 342 38.72 0.44 34.45
N SER CA 343 38.87 -0.85 34.73
CA SER CA 343 38.65 -1.35 36.08
C SER CA 343 39.76 -0.94 37.02
N ARG CA 344 41.02 -1.06 36.59
CA ARG CA 344 42.13 -0.64 37.44
C ARG CA 344 42.15 0.86 37.66
N LEU CA 345 41.36 1.62 36.89
CA LEU CA 345 41.20 3.05 37.05
C LEU CA 345 40.06 3.42 37.98
N LEU CA 346 38.86 2.87 37.73
CA LEU CA 346 37.70 3.25 38.52
C LEU CA 346 37.73 2.62 39.90
N GLU CA 347 38.39 1.45 40.04
CA GLU CA 347 38.42 0.79 41.33
C GLU CA 347 39.20 1.58 42.36
N ARG CA 348 40.05 2.50 41.91
CA ARG CA 348 40.83 3.31 42.83
C ARG CA 348 39.94 4.32 43.55
N ALA CA 349 38.82 4.70 42.94
CA ALA CA 349 37.86 5.59 43.57
C ALA CA 349 37.08 4.81 44.61
N ALA CA 350 37.21 5.19 45.88
CA ALA CA 350 36.58 4.45 46.97
C ALA CA 350 36.49 5.35 48.19
N LYS CA 351 35.75 4.86 49.19
CA LYS CA 351 35.62 5.53 50.48
C LYS CA 351 36.42 4.75 51.52
N MET CA 352 37.38 5.43 52.15
CA MET CA 352 38.20 4.78 53.16
C MET CA 352 37.57 4.89 54.54
N ASN CA 353 37.82 3.89 55.37
CA ASN CA 353 37.31 3.91 56.73
C ASN CA 353 38.16 4.82 57.60
N ASP CA 354 37.73 4.96 58.86
CA ASP CA 354 38.43 5.86 59.78
C ASP CA 354 39.83 5.37 60.09
N ALA CA 355 40.10 4.09 59.89
CA ALA CA 355 41.45 3.57 60.12
C ALA CA 355 42.45 4.16 59.13
N PHE CA 356 42.01 4.39 57.89
CA PHE CA 356 42.88 4.91 56.83
C PHE CA 356 42.65 6.39 56.56
N GLY CA 357 42.16 7.14 57.56
CA GLY CA 357 41.98 8.57 57.46
C GLY CA 357 40.56 9.00 57.18
N GLY CA 358 39.73 8.09 56.69
CA GLY CA 358 38.35 8.43 56.42
C GLY CA 358 38.13 9.25 55.17
N GLY CA 359 39.12 9.32 54.28
CA GLY CA 359 38.97 10.05 53.04
C GLY CA 359 38.12 9.31 52.02
N SER CA 360 37.96 9.93 50.87
CA SER CA 360 37.11 9.39 49.83
C SER CA 360 37.52 9.95 48.47
N LEU CA 361 37.05 9.30 47.42
CA LEU CA 361 37.31 9.72 46.04
C LEU CA 361 36.13 9.30 45.18
N THR CA 362 35.28 10.26 44.81
CA THR CA 362 34.12 9.98 43.99
C THR CA 362 34.47 10.12 42.52
N ALA CA 363 34.06 9.15 41.71
CA ALA CA 363 34.36 9.15 40.28
C ALA CA 363 33.07 9.25 39.49
N LEU CA 364 33.06 10.13 38.48
CA LEU CA 364 31.91 10.33 37.60
C LEU CA 364 32.39 10.20 36.16
N PRO CA 365 32.65 8.99 35.69
CA PRO CA 365 33.10 8.80 34.30
C PRO CA 365 31.99 9.15 33.32
N VAL CA 366 32.40 9.52 32.11
CA VAL CA 366 31.49 9.88 31.04
C VAL CA 366 31.74 8.93 29.87
N ILE CA 367 30.68 8.28 29.40
CA ILE CA 367 30.76 7.35 28.28
C ILE CA 367 29.84 7.86 27.18
N GLU CA 368 30.41 8.03 25.99
CA GLU CA 368 29.65 8.47 24.81
C GLU CA 368 29.15 7.24 24.07
N THR CA 369 27.85 7.19 23.84
CA THR CA 369 27.21 6.06 23.18
C THR CA 369 26.69 6.49 21.82
N GLN CA 370 26.76 5.58 20.85
CA GLN CA 370 26.32 5.86 19.49
C GLN CA 370 24.88 5.41 19.32
N ALA CA 371 24.00 6.35 18.98
CA ALA CA 371 22.57 6.08 18.79
C ALA CA 371 21.95 5.44 20.03
N GLY CA 372 22.45 5.84 21.19
CA GLY CA 372 21.90 5.32 22.44
C GLY CA 372 22.08 3.82 22.59
N ASP CA 373 23.22 3.29 22.19
CA ASP CA 373 23.50 1.86 22.27
C ASP CA 373 24.14 1.56 23.62
N VAL CA 374 23.28 1.27 24.60
CA VAL CA 374 23.77 0.89 25.93
C VAL CA 374 24.44 -0.47 25.87
N SER CA 375 23.90 -1.38 25.05
CA SER CA 375 24.46 -2.72 24.91
C SER CA 375 25.58 -2.70 23.87
N ALA CA 376 26.68 -2.06 24.26
CA ALA CA 376 27.88 -2.02 23.45
C ALA CA 376 29.08 -2.33 24.33
N TYR CA 377 30.20 -2.66 23.70
CA TYR CA 377 31.35 -3.20 24.41
C TYR CA 377 31.82 -2.29 25.54
N ILE CA 378 32.25 -1.08 25.21
CA ILE CA 378 32.76 -0.14 26.21
C ILE CA 378 31.67 0.28 27.20
N PRO CA 379 30.45 0.65 26.75
CA PRO CA 379 29.41 1.00 27.72
C PRO CA 379 29.09 -0.13 28.70
N THR CA 380 29.04 -1.36 28.22
CA THR CA 380 28.74 -2.49 29.10
C THR CA 380 29.91 -2.78 30.02
N ASN CA 381 31.14 -2.58 29.54
CA ASN CA 381 32.29 -2.73 30.42
C ASN CA 381 32.24 -1.73 31.56
N VAL CA 382 31.96 -0.46 31.24
CA VAL CA 382 31.95 0.57 32.28
C VAL CA 382 30.78 0.36 33.23
N ILE CA 383 29.62 -0.05 32.70
CA ILE CA 383 28.47 -0.32 33.56
C ILE CA 383 28.78 -1.44 34.53
N SER CA 384 29.53 -2.45 34.08
CA SER CA 384 29.93 -3.54 34.96
C SER CA 384 30.90 -3.11 36.03
N ILE CA 385 31.47 -1.90 35.94
CA ILE CA 385 32.42 -1.39 36.92
C ILE CA 385 31.77 -0.37 37.85
N THR CA 386 31.02 0.58 37.29
CA THR CA 386 30.47 1.66 38.10
C THR CA 386 29.34 1.16 38.99
N ASP CA 387 28.99 1.99 39.97
CA ASP CA 387 27.93 1.69 40.92
C ASP CA 387 26.60 2.34 40.53
N GLY CA 388 26.41 2.59 39.24
CA GLY CA 388 25.18 3.22 38.79
C GLY CA 388 25.40 3.85 37.42
N GLN CA 389 24.35 4.53 36.96
CA GLN CA 389 24.41 5.20 35.66
C GLN CA 389 23.35 6.27 35.62
N ILE CA 390 23.60 7.30 34.80
CA ILE CA 390 22.65 8.38 34.57
C ILE CA 390 22.44 8.52 33.07
N PHE CA 391 21.41 7.85 32.54
CA PHE CA 391 21.15 7.91 31.11
C PHE CA 391 20.60 9.27 30.73
N LEU CA 392 21.15 9.86 29.68
CA LEU CA 392 20.71 11.15 29.16
C LEU CA 392 20.21 10.93 27.75
N GLU CA 393 18.92 10.60 27.62
CA GLU CA 393 18.35 10.29 26.33
C GLU CA 393 18.32 11.53 25.44
N THR CA 394 18.70 11.35 24.18
CA THR CA 394 18.66 12.47 23.24
C THR CA 394 17.23 12.88 22.94
N GLU CA 395 16.28 11.95 23.05
CA GLU CA 395 14.87 12.28 22.82
C GLU CA 395 14.37 13.30 23.83
N LEU CA 396 14.69 13.08 25.11
CA LEU CA 396 14.28 14.03 26.15
C LEU CA 396 14.98 15.37 25.96
N PHE CA 397 16.26 15.34 25.60
CA PHE CA 397 17.01 16.59 25.41
C PHE CA 397 16.41 17.40 24.25
N TYR CA 398 16.02 16.71 23.18
CA TYR CA 398 15.39 17.41 22.06
C TYR CA 398 14.06 18.03 22.45
N LYS CA 399 13.29 17.33 23.28
CA LYS CA 399 11.98 17.83 23.69
C LYS CA 399 12.06 18.98 24.67
N GLY CA 400 13.25 19.32 25.15
CA GLY CA 400 13.42 20.41 26.08
C GLY CA 400 13.53 20.02 27.54
N ILE CA 401 13.54 18.72 27.84
CA ILE CA 401 13.70 18.25 29.21
C ILE CA 401 15.19 18.27 29.53
N ARG CA 402 15.67 19.38 30.08
CA ARG CA 402 17.07 19.53 30.46
C ARG CA 402 17.17 19.63 31.98
N PRO CA 403 17.91 18.76 32.65
CA PRO CA 403 18.73 17.66 32.12
C PRO CA 403 17.89 16.53 31.55
N ALA CA 404 18.47 15.72 30.67
CA ALA CA 404 17.73 14.68 29.96
C ALA CA 404 17.79 13.33 30.66
N ILE CA 405 17.85 13.33 31.99
CA ILE CA 405 17.99 12.09 32.75
C ILE CA 405 16.80 11.20 32.50
N ASN CA 406 17.07 9.95 32.11
CA ASN CA 406 16.03 8.93 31.97
C ASN CA 406 15.83 8.30 33.33
N VAL CA 407 14.90 8.88 34.10
CA VAL CA 407 14.70 8.45 35.48
C VAL CA 407 14.24 7.00 35.57
N GLY CA 408 13.65 6.47 34.50
CA GLY CA 408 13.26 5.07 34.51
C GLY CA 408 14.45 4.13 34.53
N LEU CA 409 15.51 4.49 33.81
CA LEU CA 409 16.68 3.63 33.67
C LEU CA 409 17.89 4.09 34.47
N SER CA 410 17.84 5.28 35.06
CA SER CA 410 18.97 5.76 35.85
C SER CA 410 18.87 5.26 37.28
N VAL CA 411 19.92 4.60 37.77
CA VAL CA 411 19.94 4.01 39.09
C VAL CA 411 21.21 4.42 39.81
N SER CA 412 21.19 4.28 41.13
CA SER CA 412 22.35 4.53 41.98
C SER CA 412 22.32 3.47 43.08
N ARG CA 413 23.18 2.46 42.96
CA ARG CA 413 23.14 1.33 43.87
C ARG CA 413 23.39 1.75 45.31
N VAL CA 414 24.60 2.23 45.62
CA VAL CA 414 24.83 2.83 46.93
C VAL CA 414 24.60 4.33 46.84
N GLY CA 415 23.33 4.74 46.83
CA GLY CA 415 23.00 6.15 46.89
C GLY CA 415 22.02 6.45 47.99
N SER CA 416 21.21 5.45 48.35
CA SER CA 416 20.16 5.66 49.34
C SER CA 416 20.74 5.93 50.72
N ALA CA 417 21.81 5.23 51.09
CA ALA CA 417 22.44 5.46 52.38
C ALA CA 417 23.03 6.86 52.46
N ALA CA 418 23.63 7.34 51.37
CA ALA CA 418 24.25 8.66 51.33
C ALA CA 418 23.29 9.73 50.83
N GLN CA 419 22.13 9.83 51.48
CA GLN CA 419 21.14 10.84 51.14
C GLN CA 419 20.58 11.42 52.43
N THR CA 420 20.43 12.75 52.48
CA THR CA 420 19.93 13.41 53.67
C THR CA 420 18.49 13.01 53.94
N ARG CA 421 18.10 13.08 55.22
CA ARG CA 421 16.81 12.54 55.63
C ARG CA 421 15.64 13.29 55.00
N ALA CA 422 15.72 14.62 54.95
CA ALA CA 422 14.63 15.38 54.34
C ALA CA 422 14.53 15.12 52.85
N MET CA 423 15.68 15.13 52.17
CA MET CA 423 15.70 14.82 50.75
C MET CA 423 15.20 13.41 50.51
N LYS CA 424 15.54 12.46 51.39
CA LYS CA 424 15.01 11.11 51.26
C LYS CA 424 13.49 11.10 51.44
N GLN CA 425 12.99 11.84 52.43
CA GLN CA 425 11.56 11.85 52.72
C GLN CA 425 10.76 12.36 51.52
N VAL CA 426 11.25 13.41 50.88
CA VAL CA 426 10.54 13.92 49.71
C VAL CA 426 10.80 13.06 48.47
N ALA CA 427 12.01 12.51 48.35
CA ALA CA 427 12.41 11.83 47.12
C ALA CA 427 11.76 10.46 47.00
N GLY CA 428 11.52 9.79 48.12
CA GLY CA 428 10.82 8.52 48.06
C GLY CA 428 9.44 8.66 47.45
N THR CA 429 8.67 9.63 47.94
CA THR CA 429 7.35 9.90 47.39
C THR CA 429 7.44 10.38 45.95
N MET CA 430 8.42 11.24 45.64
CA MET CA 430 8.58 11.71 44.27
C MET CA 430 8.86 10.55 43.32
N LYS CA 431 9.74 9.64 43.72
CA LYS CA 431 10.09 8.50 42.88
C LYS CA 431 8.89 7.59 42.69
N LEU CA 432 8.14 7.33 43.76
CA LEU CA 432 6.95 6.49 43.63
C LEU CA 432 5.94 7.11 42.67
N GLU CA 433 5.68 8.41 42.82
CA GLU CA 433 4.71 9.07 41.95
C GLU CA 433 5.19 9.09 40.51
N LEU CA 434 6.48 9.33 40.29
CA LEU CA 434 7.01 9.34 38.93
C LEU CA 434 6.93 7.95 38.30
N ALA CA 435 7.22 6.91 39.07
CA ALA CA 435 7.10 5.56 38.55
C ALA CA 435 5.67 5.24 38.17
N GLN CA 436 4.72 5.62 39.03
CA GLN CA 436 3.31 5.38 38.71
C GLN CA 436 2.88 6.17 37.47
N TYR CA 437 3.40 7.38 37.32
CA TYR CA 437 3.13 8.16 36.11
C TYR CA 437 3.67 7.46 34.87
N ARG CA 438 4.89 6.93 34.96
CA ARG CA 438 5.47 6.22 33.83
C ARG CA 438 4.67 4.96 33.48
N GLU CA 439 4.11 4.31 34.51
CA GLU CA 439 3.34 3.09 34.26
C GLU CA 439 2.11 3.37 33.41
N VAL CA 440 1.42 4.48 33.67
CA VAL CA 440 0.16 4.74 32.98
C VAL CA 440 0.35 5.49 31.67
N ALA CA 441 1.48 6.18 31.49
CA ALA CA 441 1.71 6.95 30.27
C ALA CA 441 2.06 6.03 29.11
N LEU CA 450 -8.71 7.71 31.04
CA LEU CA 450 -9.89 8.57 31.15
C LEU CA 450 -10.44 8.54 32.57
N ASP CA 451 -10.02 7.54 33.34
CA ASP CA 451 -10.43 7.43 34.73
C ASP CA 451 -9.88 8.60 35.54
N ALA CA 452 -10.62 8.98 36.59
CA ALA CA 452 -10.22 10.12 37.41
C ALA CA 452 -8.89 9.87 38.10
N ALA CA 453 -8.68 8.65 38.61
CA ALA CA 453 -7.45 8.35 39.33
C ALA CA 453 -6.24 8.42 38.40
N THR CA 454 -6.32 7.78 37.23
CA THR CA 454 -5.19 7.81 36.31
C THR CA 454 -4.98 9.21 35.73
N GLN CA 455 -6.06 9.98 35.60
CA GLN CA 455 -5.91 11.37 35.17
C GLN CA 455 -5.13 12.18 36.19
N GLN CA 456 -5.46 12.01 37.48
CA GLN CA 456 -4.72 12.68 38.53
C GLN CA 456 -3.27 12.21 38.56
N LEU CA 457 -3.05 10.92 38.36
CA LEU CA 457 -1.70 10.38 38.34
C LEU CA 457 -0.88 11.00 37.21
N LEU CA 458 -1.49 11.09 36.02
CA LEU CA 458 -0.80 11.69 34.88
C LEU CA 458 -0.51 13.16 35.12
N SER CA 459 -1.46 13.88 35.70
CA SER CA 459 -1.25 15.29 36.00
C SER CA 459 -0.10 15.48 36.98
N ARG CA 460 -0.09 14.68 38.06
CA ARG CA 460 0.97 14.79 39.05
C ARG CA 460 2.32 14.44 38.43
N GLY CA 461 2.35 13.42 37.56
CA GLY CA 461 3.59 13.07 36.89
C GLY CA 461 4.10 14.19 35.99
N VAL CA 462 3.19 14.84 35.26
CA VAL CA 462 3.59 15.97 34.42
C VAL CA 462 4.14 17.10 35.28
N ARG CA 463 3.47 17.38 36.40
CA ARG CA 463 3.94 18.44 37.29
C ARG CA 463 5.32 18.12 37.83
N LEU CA 464 5.54 16.88 38.26
CA LEU CA 464 6.86 16.50 38.77
C LEU CA 464 7.92 16.57 37.69
N THR CA 465 7.59 16.12 36.48
CA THR CA 465 8.54 16.17 35.36
C THR CA 465 8.95 17.61 35.07
N GLU CA 466 7.98 18.52 35.03
CA GLU CA 466 8.30 19.93 34.85
C GLU CA 466 9.09 20.47 36.03
N LEU CA 467 8.84 19.92 37.22
CA LEU CA 467 9.60 20.33 38.40
C LEU CA 467 11.07 19.94 38.28
N LEU CA 468 11.34 18.78 37.68
CA LEU CA 468 12.71 18.28 37.62
C LEU CA 468 13.55 19.07 36.62
N LYS CA 469 12.91 19.78 35.70
CA LYS CA 469 13.63 20.64 34.77
C LYS CA 469 14.41 21.69 35.53
N GLN CA 470 15.68 21.88 35.15
CA GLN CA 470 16.56 22.80 35.82
C GLN CA 470 17.43 23.52 34.80
N GLY CA 471 17.78 24.77 35.11
CA GLY CA 471 18.65 25.54 34.26
C GLY CA 471 20.11 25.12 34.38
N GLN CA 472 20.94 25.75 33.57
CA GLN CA 472 22.36 25.41 33.49
C GLN CA 472 23.20 26.37 34.31
N TYR CA 473 24.28 25.83 34.88
CA TYR CA 473 25.27 26.60 35.64
C TYR CA 473 24.64 27.26 36.87
N ALA CA 474 23.56 26.67 37.37
CA ALA CA 474 22.88 27.17 38.56
C ALA CA 474 22.48 26.00 39.44
N PRO CA 475 23.45 25.35 40.09
CA PRO CA 475 23.11 24.28 41.03
C PRO CA 475 22.41 24.85 42.26
N MET CA 476 21.51 24.04 42.83
CA MET CA 476 20.68 24.47 43.94
C MET CA 476 21.16 23.85 45.24
N ALA CA 477 20.93 24.57 46.33
CA ALA CA 477 21.25 24.06 47.66
C ALA CA 477 20.32 22.90 48.01
N ILE CA 478 20.79 22.05 48.93
CA ILE CA 478 20.05 20.83 49.25
C ILE CA 478 18.69 21.17 49.85
N GLU CA 479 18.65 22.12 50.78
CA GLU CA 479 17.39 22.47 51.42
C GLU CA 479 16.44 23.12 50.42
N GLU CA 480 16.97 23.93 49.50
CA GLU CA 480 16.12 24.53 48.48
C GLU CA 480 15.48 23.47 47.60
N GLN CA 481 16.26 22.47 47.20
CA GLN CA 481 15.71 21.35 46.43
C GLN CA 481 14.67 20.60 47.24
N VAL CA 482 14.93 20.41 48.54
CA VAL CA 482 13.98 19.72 49.40
C VAL CA 482 12.64 20.46 49.42
N ALA CA 483 12.70 21.78 49.58
CA ALA CA 483 11.47 22.57 49.62
C ALA CA 483 10.75 22.53 48.27
N VAL CA 484 11.50 22.62 47.17
CA VAL CA 484 10.89 22.61 45.84
C VAL CA 484 10.19 21.28 45.59
N ILE CA 485 10.85 20.18 45.93
CA ILE CA 485 10.24 18.86 45.73
C ILE CA 485 9.08 18.65 46.68
N TYR CA 486 9.17 19.22 47.89
CA TYR CA 486 8.07 19.17 48.83
C TYR CA 486 6.82 19.83 48.26
N ALA CA 487 7.01 20.99 47.61
CA ALA CA 487 5.89 21.68 47.00
C ALA CA 487 5.17 20.79 46.00
N GLY CA 488 5.92 20.16 45.10
CA GLY CA 488 5.29 19.31 44.09
C GLY CA 488 4.68 18.04 44.66
N VAL CA 489 5.37 17.42 45.61
CA VAL CA 489 4.94 16.12 46.13
C VAL CA 489 3.62 16.26 46.90
N ARG CA 490 3.51 17.28 47.74
CA ARG CA 490 2.35 17.48 48.58
C ARG CA 490 1.14 18.03 47.82
N GLY CA 491 1.17 18.00 46.50
CA GLY CA 491 0.03 18.39 45.70
C GLY CA 491 -0.30 19.87 45.74
N TYR CA 492 0.71 20.72 45.77
CA TYR CA 492 0.51 22.17 45.71
C TYR CA 492 0.71 22.74 44.31
N LEU CA 493 0.93 21.87 43.32
CA LEU CA 493 1.11 22.30 41.94
C LEU CA 493 0.07 21.72 40.98
N ASP CA 494 -0.85 20.89 41.49
CA ASP CA 494 -1.84 20.27 40.60
C ASP CA 494 -2.77 21.32 40.00
N LYS CA 495 -2.96 22.44 40.70
CA LYS CA 495 -3.86 23.47 40.21
C LYS CA 495 -3.23 24.27 39.08
N LEU CA 496 -1.91 24.47 39.13
CA LEU CA 496 -1.25 25.34 38.16
C LEU CA 496 -1.20 24.68 36.78
N GLU CA 497 -1.19 25.52 35.75
CA GLU CA 497 -0.98 25.05 34.40
C GLU CA 497 0.44 24.52 34.25
N PRO CA 498 0.65 23.43 33.51
CA PRO CA 498 2.01 22.85 33.43
C PRO CA 498 3.08 23.80 32.91
N SER CA 499 2.74 24.69 31.96
CA SER CA 499 3.74 25.60 31.43
C SER CA 499 4.15 26.69 32.42
N LYS CA 500 3.41 26.86 33.52
CA LYS CA 500 3.71 27.88 34.50
C LYS CA 500 4.49 27.35 35.69
N ILE CA 501 4.82 26.06 35.71
CA ILE CA 501 5.50 25.47 36.85
C ILE CA 501 6.91 26.02 36.99
N THR CA 502 7.62 26.16 35.87
CA THR CA 502 8.99 26.69 35.93
C THR CA 502 8.98 28.12 36.46
N LYS CA 503 8.04 28.95 36.01
CA LYS CA 503 7.90 30.30 36.54
C LYS CA 503 7.59 30.28 38.03
N PHE CA 504 6.71 29.36 38.43
CA PHE CA 504 6.37 29.24 39.85
C PHE CA 504 7.61 28.92 40.67
N GLU CA 505 8.45 27.99 40.19
CA GLU CA 505 9.66 27.65 40.91
C GLU CA 505 10.64 28.82 40.94
N ASN CA 506 10.79 29.52 39.82
CA ASN CA 506 11.71 30.66 39.78
C ASN CA 506 11.29 31.73 40.78
N ALA CA 507 9.98 31.93 40.95
CA ALA CA 507 9.51 32.89 41.94
C ALA CA 507 9.60 32.34 43.37
N PHE CA 508 9.33 31.05 43.55
CA PHE CA 508 9.28 30.46 44.88
C PHE CA 508 10.67 30.37 45.49
N LEU CA 509 11.67 30.02 44.68
CA LEU CA 509 13.04 30.03 45.15
C LEU CA 509 13.43 31.41 45.67
N SER CA 510 13.12 32.45 44.88
CA SER CA 510 13.45 33.81 45.29
C SER CA 510 12.71 34.19 46.56
N HIS CA 511 11.43 33.81 46.67
CA HIS CA 511 10.66 34.15 47.86
C HIS CA 511 11.24 33.48 49.10
N VAL CA 512 11.52 32.18 49.02
CA VAL CA 512 11.97 31.45 50.20
C VAL CA 512 13.39 31.87 50.59
N ILE CA 513 14.28 32.00 49.60
CA ILE CA 513 15.67 32.30 49.88
C ILE CA 513 15.85 33.71 50.44
N SER CA 514 14.86 34.58 50.27
CA SER CA 514 14.99 35.96 50.71
C SER CA 514 14.51 36.17 52.14
N GLN CA 515 13.25 35.84 52.42
CA GLN CA 515 12.67 36.09 53.74
C GLN CA 515 12.66 34.85 54.63
N HIS CA 516 12.32 33.69 54.08
CA HIS CA 516 12.29 32.45 54.87
C HIS CA 516 13.63 31.74 54.86
N GLN CA 517 14.68 32.47 55.23
CA GLN CA 517 16.01 31.85 55.32
C GLN CA 517 16.13 31.00 56.58
N ALA CA 518 15.39 31.36 57.64
CA ALA CA 518 15.48 30.63 58.89
C ALA CA 518 15.02 29.18 58.72
N LEU CA 519 13.95 28.97 57.97
CA LEU CA 519 13.45 27.61 57.75
C LEU CA 519 14.46 26.77 56.98
N LEU CA 520 15.06 27.35 55.95
CA LEU CA 520 16.07 26.63 55.19
C LEU CA 520 17.29 26.31 56.05
N GLY CA 521 17.71 27.26 56.88
CA GLY CA 521 18.81 26.99 57.79
C GLY CA 521 18.48 25.89 58.78
N LYS CA 522 17.25 25.87 59.30
CA LYS CA 522 16.83 24.82 60.20
C LYS CA 522 16.85 23.46 59.51
N ILE CA 523 16.38 23.42 58.26
CA ILE CA 523 16.40 22.17 57.50
C ILE CA 523 17.83 21.71 57.29
N ARG CA 524 18.72 22.64 56.92
CA ARG CA 524 20.12 22.28 56.67
C ARG CA 524 20.79 21.76 57.94
N ALA CA 525 20.52 22.40 59.07
CA ALA CA 525 21.15 21.97 60.33
C ALA CA 525 20.60 20.64 60.80
N ASP CA 526 19.27 20.48 60.77
CA ASP CA 526 18.66 19.24 61.23
C ASP CA 526 19.00 18.07 60.30
N GLY CA 527 18.98 18.31 58.99
CA GLY CA 527 19.09 17.24 58.03
C GLY CA 527 17.80 16.51 57.74
N LYS CA 528 16.71 16.90 58.41
CA LYS CA 528 15.40 16.28 58.19
C LYS CA 528 14.34 17.36 58.26
N ILE CA 529 13.17 17.05 57.71
CA ILE CA 529 12.02 17.95 57.76
C ILE CA 529 11.16 17.51 58.95
N SER CA 530 11.25 18.27 60.04
CA SER CA 530 10.50 17.93 61.24
C SER CA 530 9.02 18.24 61.06
N GLU CA 531 8.22 17.80 62.04
CA GLU CA 531 6.79 18.06 62.01
C GLU CA 531 6.51 19.56 62.06
N GLU CA 532 7.22 20.28 62.93
CA GLU CA 532 7.11 21.73 62.95
C GLU CA 532 7.63 22.32 61.64
N THR CA 533 8.73 21.80 61.14
CA THR CA 533 9.25 22.22 59.84
C THR CA 533 8.25 21.92 58.74
N ASP CA 534 7.62 20.74 58.80
CA ASP CA 534 6.62 20.38 57.81
C ASP CA 534 5.46 21.37 57.83
N ALA CA 535 4.97 21.71 59.03
CA ALA CA 535 3.86 22.64 59.13
C ALA CA 535 4.23 24.02 58.61
N LYS CA 536 5.41 24.51 58.99
CA LYS CA 536 5.82 25.85 58.54
C LYS CA 536 6.00 25.89 57.03
N LEU CA 537 6.62 24.85 56.46
CA LEU CA 537 6.81 24.81 55.02
C LEU CA 537 5.48 24.72 54.30
N LYS CA 538 4.54 23.93 54.83
CA LYS CA 538 3.21 23.84 54.26
C LYS CA 538 2.52 25.19 54.27
N GLU CA 539 2.60 25.90 55.40
CA GLU CA 539 1.96 27.21 55.50
C GLU CA 539 2.55 28.18 54.48
N ILE CA 540 3.88 28.23 54.39
CA ILE CA 540 4.50 29.23 53.52
C ILE CA 540 4.25 28.89 52.05
N VAL CA 541 4.27 27.60 51.70
CA VAL CA 541 4.03 27.24 50.30
C VAL CA 541 2.58 27.51 49.92
N THR CA 542 1.64 27.28 50.85
CA THR CA 542 0.25 27.61 50.56
C THR CA 542 0.07 29.11 50.40
N ASN CA 543 0.72 29.90 51.27
CA ASN CA 543 0.63 31.35 51.17
C ASN CA 543 1.17 31.85 49.84
N PHE CA 544 2.32 31.31 49.42
CA PHE CA 544 2.91 31.72 48.15
C PHE CA 544 2.06 31.27 46.98
N LEU CA 545 1.46 30.07 47.06
CA LEU CA 545 0.57 29.61 46.01
C LEU CA 545 -0.63 30.54 45.87
N ALA CA 546 -1.20 30.96 46.99
CA ALA CA 546 -2.29 31.93 46.95
C ALA CA 546 -1.82 33.26 46.35
N GLY CA 547 -0.61 33.70 46.74
CA GLY CA 547 -0.11 34.96 46.22
C GLY CA 547 0.27 34.90 44.75
N PHE CA 548 0.74 33.73 44.30
CA PHE CA 548 1.24 33.62 42.93
C PHE CA 548 0.14 33.90 41.91
N GLU CA 549 -1.04 33.33 42.12
CA GLU CA 549 -2.19 33.53 41.24
C GLU CA 549 -1.88 33.23 39.78
PG ATP DA . 26.46 -10.63 -16.82
O1G ATP DA . 26.23 -12.09 -17.00
O2G ATP DA . 27.81 -10.14 -17.35
O3G ATP DA . 26.30 -10.17 -15.38
PB ATP DA . 24.66 -8.38 -17.60
O1B ATP DA . 24.11 -8.08 -16.26
O2B ATP DA . 25.63 -7.36 -18.16
O3B ATP DA . 25.38 -9.79 -17.64
PA ATP DA . 23.43 -8.84 -20.24
O1A ATP DA . 24.34 -9.93 -20.66
O2A ATP DA . 23.67 -7.50 -20.92
O3A ATP DA . 23.51 -8.59 -18.68
O5' ATP DA . 21.93 -9.26 -20.45
C5' ATP DA . 21.32 -10.30 -19.66
C4' ATP DA . 20.15 -10.89 -20.40
O4' ATP DA . 19.10 -9.89 -20.54
C3' ATP DA . 20.44 -11.41 -21.82
O3' ATP DA . 19.74 -12.62 -22.07
C2' ATP DA . 19.96 -10.26 -22.70
O2' ATP DA . 19.53 -10.74 -23.97
C1' ATP DA . 18.76 -9.75 -21.90
N9 ATP DA . 18.45 -8.34 -22.15
C8 ATP DA . 19.29 -7.27 -21.98
N7 ATP DA . 18.74 -6.12 -22.28
C5 ATP DA . 17.45 -6.45 -22.65
C6 ATP DA . 16.36 -5.67 -23.08
N6 ATP DA . 16.39 -4.35 -23.20
N1 ATP DA . 15.21 -6.32 -23.37
C2 ATP DA . 15.16 -7.65 -23.25
N3 ATP DA . 16.13 -8.48 -22.85
C4 ATP DA . 17.25 -7.82 -22.58
MG MG EA . 26.98 -8.80 -18.54
PB ADP FA . 21.48 -31.71 -2.95
O1B ADP FA . 22.08 -32.43 -4.14
O2B ADP FA . 22.10 -32.05 -1.63
O3B ADP FA . 21.26 -30.23 -3.19
PA ADP FA . 19.70 -33.83 -3.27
O1A ADP FA . 20.71 -34.70 -2.58
O2A ADP FA . 19.58 -33.88 -4.77
O3A ADP FA . 19.99 -32.30 -2.85
O5' ADP FA . 18.26 -34.12 -2.62
C5' ADP FA . 17.11 -33.42 -3.08
C4' ADP FA . 15.90 -33.78 -2.23
O4' ADP FA . 14.72 -33.32 -2.87
C3' ADP FA . 15.77 -35.28 -2.04
O3' ADP FA . 16.02 -35.63 -0.69
C2' ADP FA . 14.32 -35.61 -2.38
O2' ADP FA . 13.67 -36.18 -1.25
C1' ADP FA . 13.67 -34.29 -2.76
N9 ADP FA . 12.96 -34.45 -4.05
C8 ADP FA . 11.81 -35.13 -4.24
N7 ADP FA . 11.42 -35.09 -5.53
C5 ADP FA . 12.32 -34.34 -6.20
C6 ADP FA . 12.51 -33.89 -7.60
N6 ADP FA . 11.62 -34.23 -8.57
N1 ADP FA . 13.59 -33.13 -7.88
C2 ADP FA . 14.46 -32.78 -6.92
N3 ADP FA . 14.37 -33.16 -5.64
C4 ADP FA . 13.33 -33.92 -5.22
MG MG GA . 24.09 -33.22 -3.96
PB ADP HA . 25.49 -7.19 37.47
O1B ADP HA . 26.01 -8.05 38.59
O2B ADP HA . 26.17 -5.86 37.33
O3B ADP HA . 25.29 -7.92 36.16
PA ADP HA . 23.71 -6.32 39.44
O1A ADP HA . 23.12 -7.47 40.21
O2A ADP HA . 24.93 -5.61 39.94
O3A ADP HA . 23.99 -6.82 37.93
O5' ADP HA . 22.55 -5.22 39.21
C5' ADP HA . 22.23 -4.32 40.26
C4' ADP HA . 21.16 -3.36 39.78
O4' ADP HA . 20.11 -4.09 39.12
C3' ADP HA . 20.53 -2.62 40.95
O3' ADP HA . 20.81 -1.22 40.84
C2' ADP HA . 19.05 -2.86 40.85
O2' ADP HA . 18.36 -1.62 40.62
C1' ADP HA . 18.83 -3.79 39.67
N9 ADP HA . 18.24 -5.06 40.16
C8 ADP HA . 18.81 -6.26 40.04
N7 ADP HA . 18.03 -7.23 40.59
C5 ADP HA . 16.93 -6.63 41.06
C6 ADP HA . 15.69 -7.06 41.76
N6 ADP HA . 15.48 -8.35 42.07
N1 ADP HA . 14.78 -6.11 42.08
C2 ADP HA . 14.99 -4.82 41.79
N3 ADP HA . 16.08 -4.35 41.16
C4 ADP HA . 17.06 -5.19 40.78
MG MG IA . 27.99 -7.75 39.35
PG ATP JA . 22.92 -30.07 25.59
O1G ATP JA . 23.37 -29.02 24.64
O2G ATP JA . 22.83 -29.60 27.05
O3G ATP JA . 23.75 -31.34 25.53
PB ATP JA . 20.63 -31.23 24.08
O1B ATP JA . 20.32 -30.28 22.99
O2B ATP JA . 21.40 -32.47 23.67
O3B ATP JA . 21.44 -30.55 25.25
PA ATP JA . 18.95 -32.86 25.88
O1A ATP JA . 20.06 -33.09 26.82
O2A ATP JA . 18.53 -34.08 25.07
O3A ATP JA . 19.32 -31.73 24.83
O5' ATP JA . 17.69 -32.27 26.61
C5' ATP JA . 17.59 -32.28 28.05
C4' ATP JA . 16.33 -31.56 28.47
O4' ATP JA . 15.34 -31.67 27.43
C3' ATP JA . 15.67 -32.10 29.74
O3' ATP JA . 15.06 -31.05 30.49
C2' ATP JA . 14.65 -33.09 29.19
O2' ATP JA . 13.54 -33.25 30.07
C1' ATP JA . 14.20 -32.36 27.92
N9 ATP JA . 13.71 -33.25 26.86
C8 ATP JA . 14.42 -33.72 25.79
N7 ATP JA . 13.73 -34.50 25.00
C5 ATP JA . 12.48 -34.55 25.59
C6 ATP JA . 11.28 -35.20 25.24
N6 ATP JA . 11.15 -35.98 24.15
N1 ATP JA . 10.21 -35.03 26.04
C2 ATP JA . 10.34 -34.25 27.12
N3 ATP JA . 11.40 -33.59 27.55
C4 ATP JA . 12.45 -33.77 26.74
MG MG KA . 23.06 -32.99 24.75
PG ATP LA . 29.75 16.67 24.15
O1G ATP LA . 29.56 15.25 23.74
O2G ATP LA . 29.80 17.64 22.97
O3G ATP LA . 30.98 16.89 25.04
PB ATP LA . 27.54 16.64 26.15
O1B ATP LA . 26.69 15.54 25.67
O2B ATP LA . 28.39 16.32 27.38
O3B ATP LA . 28.53 17.17 25.03
PA ATP LA . 27.02 19.43 26.96
O1A ATP LA . 28.29 19.91 26.40
O2A ATP LA . 26.93 19.43 28.49
O3A ATP LA . 26.71 17.95 26.48
O5' ATP LA . 25.80 20.26 26.39
C5' ATP LA . 25.96 21.14 25.27
C4' ATP LA . 24.68 21.90 25.02
O4' ATP LA . 23.68 21.49 25.97
C3' ATP LA . 24.80 23.43 25.15
O3' ATP LA . 24.09 24.08 24.10
C2' ATP LA . 24.18 23.70 26.52
O2' ATP LA . 23.58 25.00 26.58
C1' ATP LA . 23.10 22.63 26.58
N9 ATP LA . 22.68 22.27 27.92
C8 ATP LA . 23.29 21.40 28.78
N7 ATP LA . 22.69 21.28 29.94
C5 ATP LA . 21.60 22.14 29.83
C6 ATP LA . 20.56 22.48 30.73
N6 ATP LA . 20.45 21.96 31.96
N1 ATP LA . 19.63 23.36 30.31
C2 ATP LA . 19.74 23.88 29.08
N3 ATP LA . 20.68 23.64 28.16
C4 ATP LA . 21.58 22.76 28.59
#